data_4BL9
#
_entry.id   4BL9
#
_cell.length_a   93.430
_cell.length_b   103.280
_cell.length_c   111.510
_cell.angle_alpha   63.67
_cell.angle_beta   81.13
_cell.angle_gamma   76.03
#
_symmetry.space_group_name_H-M   'P 1'
#
loop_
_entity.id
_entity.type
_entity.pdbx_description
1 polymer 'MALTOSE-BINDING PERIPLASMIC PROTEIN, SUPPRESSOR OF FUSED HOMOLOG'
2 branched alpha-D-glucopyranose-(1-4)-alpha-D-glucopyranose
#
_entity_poly.entity_id   1
_entity_poly.type   'polypeptide(L)'
_entity_poly.pdbx_seq_one_letter_code
;MKTEEGKLVIWINGDKGYNGLAEVGKKFEKDTGIKVTVEHPDKLEEKFPQVAATGDGPDIIFWAHDRFGGYAQSGLLAEI
TPDKAFQDKLYPFTWDAVRYNGKLIAYPIAVEALSLIYNKDLLPNPPKTWEEIPALDKELKAKGKSALMFNLQEPYFTWP
LIAADGGYAFKYENGKYDIKDVGVDNAGAKAGLTFLVDLIKNKHMNADTDYSIAEAAFNKGETAMTINGPWAWSNIDTSK
VNYGVTVLPTFKGQPSKPFVGVLSAGINAASPNKELAKEFLENYLLTDEGLEAVNKDKPLGAVALKSYEEELAKDPRIAA
TMENAQKGEIMPNIPQMSAFWYAVRTAVINAASGRQTVDAALAAAQTNAAAPGLHAIYGECRRLYPDQPNPLQVTAIVKY
WLGGPDPLDYVSMYRNVGSPSANIPEHWHYISFGLSDLYGDNRVHEFTGTDGPSGFGFELTFRLKRETGESAPPTWPAEL
MQGLARYVFQSENTFCSGDHVSWHSPLDNSESRIQHMLLTEDPQMQPVQTPFGVVTFLQIVGVCTEELHSAQQWNGQGIL
ELLRTVPIAGGPWLITDMRRGETIFEIDPHLQERVDKGIETDGSNLSGVSAKCAWDDLPSRGEDPIRTRQLESVHLKFNQ
ESGALIPLCLRGRLLHGRHFTYKSITGDMAITFVSTGVEGAFATEEHPYAAHGPWLQILLTEEFVEKMLEDLEDLTSPEE
FKLPKEYSWPEKKLKVSILPDVVFDSPLVEHHHHHH
;
_entity_poly.pdbx_strand_id   A,B,C,D
#
# COMPACT_ATOMS: atom_id res chain seq x y z
N THR A 3 -5.82 1.26 -30.36
CA THR A 3 -5.01 0.16 -29.83
C THR A 3 -5.85 -1.10 -29.65
N GLU A 4 -5.41 -1.98 -28.76
CA GLU A 4 -6.12 -3.22 -28.48
C GLU A 4 -5.60 -3.86 -27.20
N GLU A 5 -6.42 -4.66 -26.54
CA GLU A 5 -6.00 -5.37 -25.32
C GLU A 5 -5.60 -6.83 -25.61
N GLY A 6 -4.44 -7.25 -25.09
CA GLY A 6 -3.96 -8.60 -25.35
C GLY A 6 -3.23 -8.72 -26.68
N LYS A 7 -3.12 -7.60 -27.39
CA LYS A 7 -2.35 -7.54 -28.62
C LYS A 7 -1.45 -6.31 -28.63
N LEU A 8 -0.32 -6.39 -29.33
CA LEU A 8 0.61 -5.29 -29.37
C LEU A 8 0.85 -4.77 -30.79
N VAL A 9 0.49 -3.51 -31.04
CA VAL A 9 0.72 -2.88 -32.34
C VAL A 9 1.89 -1.93 -32.25
N ILE A 10 2.84 -2.09 -33.17
CA ILE A 10 4.05 -1.29 -33.18
C ILE A 10 4.24 -0.55 -34.51
N TRP A 11 4.66 0.71 -34.45
CA TRP A 11 4.95 1.49 -35.66
C TRP A 11 6.42 1.84 -35.74
N ILE A 12 7.04 1.53 -36.88
CA ILE A 12 8.43 1.89 -37.11
C ILE A 12 8.63 2.21 -38.59
N ASN A 13 9.47 3.18 -38.89
CA ASN A 13 9.65 3.62 -40.27
C ASN A 13 10.10 2.47 -41.17
N GLY A 14 9.67 2.51 -42.43
CA GLY A 14 9.93 1.45 -43.39
C GLY A 14 11.39 1.24 -43.74
N ASP A 15 12.23 2.25 -43.53
CA ASP A 15 13.65 2.13 -43.84
C ASP A 15 14.43 1.48 -42.70
N LYS A 16 13.75 1.28 -41.57
CA LYS A 16 14.36 0.59 -40.44
C LYS A 16 14.14 -0.93 -40.59
N GLY A 17 14.64 -1.70 -39.63
CA GLY A 17 14.55 -3.15 -39.71
C GLY A 17 13.29 -3.72 -39.09
N TYR A 18 12.15 -3.51 -39.75
CA TYR A 18 10.89 -3.96 -39.18
C TYR A 18 10.78 -5.48 -39.09
N ASN A 19 11.41 -6.21 -40.00
CA ASN A 19 11.32 -7.66 -39.97
C ASN A 19 12.01 -8.27 -38.76
N GLY A 20 13.20 -7.79 -38.44
CA GLY A 20 13.90 -8.26 -37.26
C GLY A 20 13.02 -8.00 -36.05
N LEU A 21 12.44 -6.81 -36.00
CA LEU A 21 11.55 -6.43 -34.91
C LEU A 21 10.39 -7.40 -34.86
N ALA A 22 9.93 -7.83 -36.04
CA ALA A 22 8.83 -8.79 -36.13
C ALA A 22 9.23 -10.13 -35.55
N GLU A 23 10.49 -10.52 -35.75
CA GLU A 23 10.99 -11.79 -35.21
C GLU A 23 11.02 -11.72 -33.69
N VAL A 24 11.40 -10.57 -33.16
CA VAL A 24 11.36 -10.37 -31.72
C VAL A 24 9.93 -10.42 -31.24
N GLY A 25 9.01 -9.92 -32.07
CA GLY A 25 7.59 -10.01 -31.77
C GLY A 25 7.11 -11.44 -31.78
N LYS A 26 7.71 -12.26 -32.64
CA LYS A 26 7.36 -13.68 -32.72
C LYS A 26 7.78 -14.41 -31.45
N LYS A 27 8.99 -14.12 -31.00
CA LYS A 27 9.51 -14.73 -29.79
C LYS A 27 8.64 -14.34 -28.59
N PHE A 28 8.22 -13.07 -28.57
CA PHE A 28 7.35 -12.57 -27.53
C PHE A 28 6.01 -13.31 -27.55
N GLU A 29 5.48 -13.53 -28.75
CA GLU A 29 4.21 -14.21 -28.93
C GLU A 29 4.32 -15.67 -28.48
N LYS A 30 5.52 -16.23 -28.65
CA LYS A 30 5.77 -17.60 -28.23
C LYS A 30 5.79 -17.74 -26.72
N ASP A 31 6.53 -16.84 -26.06
CA ASP A 31 6.76 -16.93 -24.63
C ASP A 31 5.57 -16.46 -23.80
N THR A 32 4.78 -15.53 -24.35
CA THR A 32 3.70 -14.91 -23.59
C THR A 32 2.32 -15.19 -24.19
N GLY A 33 2.26 -15.48 -25.48
CA GLY A 33 1.00 -15.78 -26.13
C GLY A 33 0.33 -14.54 -26.70
N ILE A 34 0.91 -13.37 -26.43
CA ILE A 34 0.39 -12.12 -26.96
C ILE A 34 0.92 -11.88 -28.38
N LYS A 35 0.02 -11.64 -29.31
CA LYS A 35 0.39 -11.44 -30.70
C LYS A 35 1.01 -10.05 -30.88
N VAL A 36 2.13 -9.99 -31.61
CA VAL A 36 2.81 -8.72 -31.84
C VAL A 36 2.81 -8.38 -33.32
N THR A 37 2.03 -7.37 -33.70
CA THR A 37 1.96 -6.91 -35.07
C THR A 37 2.87 -5.70 -35.29
N VAL A 38 3.67 -5.75 -36.36
CA VAL A 38 4.58 -4.65 -36.69
C VAL A 38 4.27 -4.05 -38.06
N GLU A 39 3.90 -2.77 -38.04
CA GLU A 39 3.54 -2.04 -39.26
C GLU A 39 4.53 -0.90 -39.53
N HIS A 40 4.58 -0.45 -40.77
CA HIS A 40 5.51 0.59 -41.17
C HIS A 40 4.87 1.59 -42.12
N PRO A 41 3.79 2.25 -41.67
CA PRO A 41 3.01 3.17 -42.50
C PRO A 41 3.85 4.34 -42.99
N ASP A 42 3.47 4.92 -44.13
CA ASP A 42 4.16 6.10 -44.64
C ASP A 42 3.80 7.30 -43.78
N LYS A 43 4.75 8.21 -43.60
CA LYS A 43 4.51 9.43 -42.84
C LYS A 43 3.95 9.08 -41.46
N LEU A 44 4.45 8.01 -40.88
CA LEU A 44 3.89 7.53 -39.63
C LEU A 44 4.01 8.52 -38.51
N GLU A 45 5.12 9.24 -38.45
CA GLU A 45 5.33 10.11 -37.30
C GLU A 45 4.18 11.09 -37.19
N GLU A 46 3.75 11.64 -38.31
CA GLU A 46 2.62 12.55 -38.49
C GLU A 46 1.26 11.86 -38.29
N LYS A 47 1.17 10.64 -38.80
CA LYS A 47 -0.07 9.92 -38.65
C LYS A 47 -0.28 9.81 -37.17
N PHE A 48 0.82 9.60 -36.44
CA PHE A 48 0.75 9.32 -35.01
C PHE A 48 0.18 10.46 -34.17
N PRO A 49 0.63 11.70 -34.37
CA PRO A 49 0.01 12.84 -33.69
C PRO A 49 -1.45 12.97 -34.14
N GLN A 50 -1.68 12.70 -35.42
CA GLN A 50 -2.99 12.88 -36.05
C GLN A 50 -4.09 11.98 -35.49
N VAL A 51 -3.80 10.71 -35.29
CA VAL A 51 -4.82 9.77 -34.87
C VAL A 51 -4.78 9.42 -33.40
N ALA A 52 -3.71 9.79 -32.72
CA ALA A 52 -3.52 9.32 -31.37
C ALA A 52 -4.68 9.82 -30.55
N ALA A 53 -5.09 11.05 -30.82
CA ALA A 53 -6.17 11.67 -30.08
C ALA A 53 -7.52 10.96 -30.24
N THR A 54 -7.87 10.55 -31.45
CA THR A 54 -9.20 9.98 -31.66
C THR A 54 -9.31 8.73 -30.82
N GLY A 55 -8.23 7.97 -30.82
CA GLY A 55 -8.11 6.78 -30.02
C GLY A 55 -7.54 5.61 -30.80
N ASP A 56 -7.35 5.79 -32.11
CA ASP A 56 -6.57 4.84 -32.86
C ASP A 56 -5.11 5.20 -32.67
N GLY A 57 -4.22 4.28 -32.99
CA GLY A 57 -2.80 4.52 -32.87
C GLY A 57 -2.06 3.25 -32.55
N PRO A 58 -0.74 3.34 -32.44
CA PRO A 58 0.11 2.20 -32.10
C PRO A 58 0.30 2.17 -30.61
N ASP A 59 0.41 0.97 -30.04
CA ASP A 59 0.74 0.84 -28.64
C ASP A 59 2.12 1.44 -28.44
N ILE A 60 3.01 1.18 -29.40
CA ILE A 60 4.36 1.70 -29.37
C ILE A 60 4.72 2.39 -30.67
N ILE A 61 5.39 3.53 -30.57
CA ILE A 61 5.82 4.24 -31.76
C ILE A 61 7.33 4.44 -31.75
N PHE A 62 7.98 4.03 -32.84
CA PHE A 62 9.42 4.23 -32.97
C PHE A 62 9.73 5.43 -33.84
N TRP A 63 10.60 6.31 -33.35
CA TRP A 63 11.11 7.42 -34.16
C TRP A 63 12.23 8.14 -33.43
N ALA A 64 13.00 8.93 -34.15
CA ALA A 64 14.04 9.75 -33.53
C ALA A 64 13.43 10.62 -32.44
N HIS A 65 14.21 10.89 -31.39
CA HIS A 65 13.69 11.58 -30.22
C HIS A 65 13.13 12.97 -30.52
N ASP A 66 13.63 13.63 -31.56
CA ASP A 66 13.30 15.03 -31.81
C ASP A 66 11.78 15.30 -31.83
N ARG A 67 11.00 14.31 -32.23
CA ARG A 67 9.55 14.46 -32.29
C ARG A 67 8.89 14.29 -30.91
N PHE A 68 9.43 13.38 -30.12
CA PHE A 68 8.78 12.92 -28.90
C PHE A 68 8.41 14.03 -27.93
N GLY A 69 9.25 15.05 -27.82
CA GLY A 69 8.94 16.16 -26.93
C GLY A 69 7.59 16.77 -27.28
N GLY A 70 7.32 16.89 -28.58
CA GLY A 70 6.05 17.40 -29.04
C GLY A 70 4.94 16.44 -28.64
N TYR A 71 5.06 15.19 -29.08
CA TYR A 71 4.13 14.14 -28.73
C TYR A 71 3.78 14.22 -27.24
N ALA A 72 4.80 14.45 -26.41
CA ALA A 72 4.61 14.47 -24.96
C ALA A 72 3.85 15.71 -24.49
N GLN A 73 4.07 16.84 -25.16
CA GLN A 73 3.40 18.07 -24.78
C GLN A 73 1.92 17.97 -25.12
N SER A 74 1.62 17.25 -26.20
CA SER A 74 0.25 17.03 -26.62
C SER A 74 -0.46 16.03 -25.69
N GLY A 75 0.32 15.28 -24.92
CA GLY A 75 -0.23 14.32 -23.99
C GLY A 75 -0.52 12.98 -24.64
N LEU A 76 0.30 12.62 -25.62
CA LEU A 76 0.10 11.39 -26.38
C LEU A 76 0.94 10.24 -25.85
N LEU A 77 1.89 10.56 -24.97
CA LEU A 77 2.86 9.58 -24.50
C LEU A 77 2.74 9.28 -23.02
N ALA A 78 2.89 8.01 -22.68
CA ALA A 78 2.93 7.56 -21.29
C ALA A 78 4.35 7.65 -20.75
N GLU A 79 4.46 7.92 -19.46
CA GLU A 79 5.74 8.00 -18.79
C GLU A 79 6.30 6.61 -18.57
N ILE A 80 7.58 6.43 -18.86
CA ILE A 80 8.18 5.11 -18.73
C ILE A 80 8.88 5.02 -17.39
N THR A 81 8.83 3.83 -16.80
CA THR A 81 9.35 3.61 -15.45
C THR A 81 10.28 2.41 -15.38
N PRO A 82 11.57 2.67 -15.53
CA PRO A 82 12.59 1.62 -15.41
C PRO A 82 13.28 1.62 -14.06
N ASP A 83 13.42 0.44 -13.48
CA ASP A 83 14.20 0.29 -12.25
C ASP A 83 15.62 0.72 -12.57
N LYS A 84 16.36 1.15 -11.55
CA LYS A 84 17.72 1.64 -11.78
C LYS A 84 18.53 0.53 -12.40
N ALA A 85 18.07 -0.68 -12.20
CA ALA A 85 18.74 -1.84 -12.77
C ALA A 85 18.75 -1.70 -14.28
N PHE A 86 17.69 -1.12 -14.83
CA PHE A 86 17.56 -1.05 -16.28
C PHE A 86 18.21 0.21 -16.82
N GLN A 87 18.07 1.32 -16.09
CA GLN A 87 18.62 2.59 -16.54
C GLN A 87 20.15 2.53 -16.64
N ASP A 88 20.76 1.63 -15.87
CA ASP A 88 22.21 1.49 -15.90
C ASP A 88 22.66 0.67 -17.10
N LYS A 89 21.74 -0.11 -17.66
CA LYS A 89 22.04 -0.92 -18.85
C LYS A 89 22.24 -0.02 -20.07
N LEU A 90 21.62 1.15 -20.06
CA LEU A 90 21.73 2.07 -21.20
C LEU A 90 22.61 3.27 -20.85
N TYR A 91 23.23 3.85 -21.88
CA TYR A 91 24.08 5.03 -21.71
C TYR A 91 23.26 6.22 -21.22
N PRO A 92 23.79 6.97 -20.25
CA PRO A 92 23.06 8.11 -19.68
C PRO A 92 22.59 9.15 -20.72
N PHE A 93 23.40 9.44 -21.75
CA PHE A 93 23.05 10.49 -22.70
C PHE A 93 21.89 10.09 -23.63
N THR A 94 21.71 8.79 -23.83
CA THR A 94 20.56 8.31 -24.58
C THR A 94 19.29 8.51 -23.75
N TRP A 95 19.40 8.38 -22.43
CA TRP A 95 18.28 8.74 -21.55
C TRP A 95 18.04 10.24 -21.61
N ASP A 96 19.12 11.01 -21.72
CA ASP A 96 19.03 12.45 -21.84
C ASP A 96 18.18 12.83 -23.06
N ALA A 97 18.40 12.14 -24.18
CA ALA A 97 17.69 12.45 -25.41
C ALA A 97 16.18 12.23 -25.32
N VAL A 98 15.74 11.43 -24.34
CA VAL A 98 14.32 11.10 -24.20
C VAL A 98 13.73 11.61 -22.89
N ARG A 99 14.39 12.56 -22.26
CA ARG A 99 13.81 13.18 -21.06
C ARG A 99 13.21 14.54 -21.41
N TYR A 100 11.91 14.71 -21.12
CA TYR A 100 11.22 15.96 -21.43
C TYR A 100 10.45 16.48 -20.22
N ASN A 101 10.73 17.72 -19.84
CA ASN A 101 10.11 18.31 -18.66
C ASN A 101 10.30 17.43 -17.43
N GLY A 102 11.49 16.86 -17.30
CA GLY A 102 11.88 16.12 -16.12
C GLY A 102 11.48 14.65 -16.11
N LYS A 103 10.59 14.26 -17.02
CA LYS A 103 10.11 12.89 -17.07
C LYS A 103 10.71 12.14 -18.27
N LEU A 104 10.85 10.82 -18.14
CA LEU A 104 11.26 9.98 -19.25
C LEU A 104 10.05 9.57 -20.07
N ILE A 105 10.09 9.83 -21.37
CA ILE A 105 8.92 9.68 -22.23
C ILE A 105 9.13 8.66 -23.34
N ALA A 106 10.24 7.94 -23.29
CA ALA A 106 10.50 6.90 -24.28
C ALA A 106 11.75 6.10 -23.93
N TYR A 107 11.82 4.87 -24.42
CA TYR A 107 13.01 4.05 -24.27
C TYR A 107 13.98 4.32 -25.40
N PRO A 108 15.18 4.83 -25.07
CA PRO A 108 16.18 5.03 -26.12
C PRO A 108 16.64 3.69 -26.69
N ILE A 109 16.71 3.60 -28.02
CA ILE A 109 17.05 2.36 -28.69
C ILE A 109 18.43 2.43 -29.33
N ALA A 110 18.65 3.41 -30.18
CA ALA A 110 19.92 3.49 -30.91
C ALA A 110 20.29 4.91 -31.33
N VAL A 111 21.57 5.09 -31.66
CA VAL A 111 22.08 6.40 -32.04
C VAL A 111 22.35 6.45 -33.53
N GLU A 112 21.60 7.31 -34.23
CA GLU A 112 21.72 7.46 -35.68
C GLU A 112 22.47 8.74 -36.03
N ALA A 113 23.46 8.61 -36.92
CA ALA A 113 24.15 9.75 -37.49
C ALA A 113 24.52 9.49 -38.93
N LEU A 114 24.42 10.51 -39.77
CA LEU A 114 24.75 10.36 -41.19
C LEU A 114 26.24 10.28 -41.36
N SER A 115 26.66 9.51 -42.36
CA SER A 115 28.08 9.40 -42.71
C SER A 115 28.24 9.53 -44.21
N LEU A 116 29.47 9.76 -44.65
CA LEU A 116 29.77 9.75 -46.08
C LEU A 116 30.06 8.32 -46.49
N ILE A 117 29.22 7.76 -47.35
CA ILE A 117 29.44 6.42 -47.86
C ILE A 117 30.01 6.53 -49.26
N TYR A 118 31.12 5.85 -49.51
CA TYR A 118 31.78 5.96 -50.81
C TYR A 118 32.13 4.60 -51.43
N ASN A 119 32.17 4.57 -52.75
CA ASN A 119 32.55 3.37 -53.50
C ASN A 119 34.07 3.30 -53.59
N LYS A 120 34.68 2.32 -52.93
CA LYS A 120 36.13 2.19 -52.89
C LYS A 120 36.75 1.94 -54.27
N ASP A 121 36.00 1.28 -55.15
CA ASP A 121 36.51 0.97 -56.48
C ASP A 121 36.57 2.23 -57.34
N LEU A 122 35.52 3.05 -57.26
CA LEU A 122 35.45 4.28 -58.05
C LEU A 122 36.24 5.41 -57.40
N LEU A 123 36.41 5.34 -56.08
CA LEU A 123 36.99 6.45 -55.35
C LEU A 123 37.78 5.94 -54.15
N PRO A 124 39.02 5.50 -54.38
CA PRO A 124 39.91 4.90 -53.38
C PRO A 124 40.08 5.74 -52.13
N ASN A 125 40.24 7.05 -52.31
CA ASN A 125 40.38 7.98 -51.19
C ASN A 125 39.36 9.10 -51.25
N PRO A 126 38.30 9.00 -50.44
CA PRO A 126 37.23 9.99 -50.55
C PRO A 126 37.68 11.40 -50.16
N PRO A 127 36.93 12.41 -50.63
CA PRO A 127 37.26 13.81 -50.35
C PRO A 127 37.05 14.12 -48.87
N LYS A 128 37.87 15.02 -48.36
CA LYS A 128 37.71 15.50 -47.02
C LYS A 128 36.98 16.82 -47.01
N THR A 129 36.73 17.37 -48.18
CA THR A 129 36.06 18.66 -48.27
C THR A 129 35.00 18.66 -49.37
N TRP A 130 33.97 19.49 -49.20
CA TRP A 130 32.91 19.65 -50.20
C TRP A 130 33.43 20.33 -51.47
N GLU A 131 34.36 21.27 -51.29
CA GLU A 131 34.85 22.08 -52.39
C GLU A 131 35.53 21.27 -53.50
N GLU A 132 36.05 20.08 -53.18
CA GLU A 132 36.72 19.25 -54.18
C GLU A 132 35.70 18.62 -55.12
N ILE A 133 34.49 18.41 -54.61
CA ILE A 133 33.52 17.56 -55.29
C ILE A 133 33.20 18.01 -56.72
N PRO A 134 32.96 19.32 -56.92
CA PRO A 134 32.74 19.80 -58.29
C PRO A 134 33.78 19.24 -59.27
N ALA A 135 35.05 19.49 -59.00
CA ALA A 135 36.15 18.98 -59.82
C ALA A 135 36.12 17.47 -59.90
N LEU A 136 35.75 16.84 -58.80
CA LEU A 136 35.72 15.40 -58.69
C LEU A 136 34.60 14.82 -59.55
N ASP A 137 33.45 15.49 -59.53
CA ASP A 137 32.35 15.08 -60.38
C ASP A 137 32.77 15.13 -61.82
N LYS A 138 33.47 16.19 -62.19
CA LYS A 138 33.88 16.39 -63.55
C LYS A 138 34.78 15.25 -64.04
N GLU A 139 35.67 14.77 -63.17
CA GLU A 139 36.56 13.66 -63.52
C GLU A 139 35.75 12.41 -63.83
N LEU A 140 34.77 12.13 -62.98
CA LEU A 140 33.95 10.94 -63.13
C LEU A 140 32.97 11.05 -64.29
N LYS A 141 32.35 12.22 -64.47
CA LYS A 141 31.43 12.42 -65.58
C LYS A 141 32.12 12.02 -66.89
N ALA A 142 33.45 12.12 -66.92
CA ALA A 142 34.23 11.77 -68.11
C ALA A 142 34.06 10.30 -68.45
N LYS A 143 33.91 9.47 -67.42
CA LYS A 143 33.68 8.04 -67.62
C LYS A 143 32.29 7.63 -67.17
N GLY A 144 31.30 8.47 -67.45
CA GLY A 144 29.90 8.12 -67.28
C GLY A 144 29.50 7.79 -65.86
N LYS A 145 30.09 8.50 -64.90
CA LYS A 145 29.71 8.35 -63.50
C LYS A 145 29.47 9.72 -62.88
N SER A 146 28.83 9.74 -61.72
CA SER A 146 28.66 10.98 -60.98
C SER A 146 29.34 10.85 -59.62
N ALA A 147 29.72 11.98 -59.04
CA ALA A 147 30.44 11.98 -57.78
C ALA A 147 29.52 11.71 -56.60
N LEU A 148 28.41 12.46 -56.53
CA LEU A 148 27.57 12.43 -55.34
C LEU A 148 26.08 12.46 -55.63
N MET A 149 25.33 11.66 -54.89
CA MET A 149 23.88 11.66 -54.97
C MET A 149 23.30 11.28 -53.60
N PHE A 150 22.43 12.12 -53.06
CA PHE A 150 21.76 11.84 -51.81
C PHE A 150 20.41 12.54 -51.74
N ASN A 151 19.57 12.11 -50.81
CA ASN A 151 18.21 12.61 -50.71
C ASN A 151 18.19 14.12 -50.48
N LEU A 152 17.62 14.85 -51.44
CA LEU A 152 17.50 16.31 -51.32
C LEU A 152 16.11 16.73 -50.88
N GLN A 153 15.23 15.76 -50.66
CA GLN A 153 13.85 16.07 -50.33
C GLN A 153 13.63 16.22 -48.82
N GLU A 154 14.54 15.64 -48.04
CA GLU A 154 14.47 15.78 -46.59
C GLU A 154 15.64 16.61 -46.08
N PRO A 155 15.35 17.65 -45.29
CA PRO A 155 16.40 18.54 -44.80
C PRO A 155 17.38 17.84 -43.87
N TYR A 156 17.05 16.62 -43.48
CA TYR A 156 17.90 15.86 -42.57
C TYR A 156 19.26 15.65 -43.23
N PHE A 157 19.24 15.50 -44.55
CA PHE A 157 20.43 15.11 -45.30
C PHE A 157 21.27 16.30 -45.73
N THR A 158 20.66 17.48 -45.79
CA THR A 158 21.40 18.68 -46.18
C THR A 158 21.73 19.56 -44.98
N TRP A 159 21.23 19.18 -43.81
CA TRP A 159 21.48 19.97 -42.62
C TRP A 159 22.95 19.96 -42.20
N PRO A 160 23.65 18.83 -42.38
CA PRO A 160 25.06 18.80 -41.97
C PRO A 160 25.87 19.91 -42.64
N LEU A 161 25.63 20.08 -43.94
CA LEU A 161 26.30 21.09 -44.73
C LEU A 161 25.90 22.50 -44.29
N ILE A 162 24.62 22.68 -44.00
CA ILE A 162 24.10 24.00 -43.63
C ILE A 162 24.60 24.47 -42.27
N ALA A 163 24.81 23.52 -41.36
CA ALA A 163 25.23 23.85 -40.00
C ALA A 163 26.73 24.11 -39.94
N ALA A 164 27.46 23.52 -40.88
CA ALA A 164 28.92 23.53 -40.85
C ALA A 164 29.51 24.91 -40.63
N ASP A 165 29.03 25.90 -41.38
CA ASP A 165 29.63 27.23 -41.31
C ASP A 165 28.92 28.18 -40.35
N GLY A 166 27.95 27.68 -39.59
CA GLY A 166 27.33 28.48 -38.56
C GLY A 166 25.84 28.25 -38.38
N GLY A 167 25.21 27.56 -39.31
CA GLY A 167 23.78 27.32 -39.22
C GLY A 167 23.42 26.58 -37.95
N TYR A 168 22.23 26.88 -37.41
CA TYR A 168 21.71 26.17 -36.24
C TYR A 168 20.20 26.27 -36.18
N ALA A 169 19.57 25.43 -35.38
CA ALA A 169 18.12 25.48 -35.27
C ALA A 169 17.69 26.48 -34.19
N PHE A 170 18.08 26.19 -32.96
CA PHE A 170 17.75 27.06 -31.85
C PHE A 170 18.98 27.20 -31.01
N LYS A 171 19.22 28.39 -30.47
CA LYS A 171 20.46 28.61 -29.75
C LYS A 171 20.34 28.01 -28.38
N TYR A 172 21.26 27.14 -28.01
CA TYR A 172 21.18 26.50 -26.72
C TYR A 172 22.22 27.15 -25.85
N GLU A 173 21.78 27.77 -24.77
CA GLU A 173 22.71 28.31 -23.80
C GLU A 173 22.18 27.97 -22.43
N ASN A 174 23.05 27.44 -21.57
CA ASN A 174 22.64 27.19 -20.19
C ASN A 174 21.49 26.21 -20.09
N GLY A 175 21.41 25.26 -21.01
CA GLY A 175 20.43 24.20 -20.88
C GLY A 175 19.06 24.60 -21.36
N LYS A 176 18.97 25.78 -21.95
CA LYS A 176 17.70 26.27 -22.43
C LYS A 176 17.82 26.57 -23.90
N TYR A 177 16.83 26.14 -24.68
CA TYR A 177 16.81 26.47 -26.10
C TYR A 177 15.93 27.68 -26.26
N ASP A 178 16.45 28.69 -26.93
CA ASP A 178 15.71 29.91 -27.18
C ASP A 178 14.97 29.74 -28.49
N ILE A 179 13.68 29.52 -28.41
CA ILE A 179 12.91 29.25 -29.60
C ILE A 179 12.84 30.47 -30.53
N LYS A 180 12.91 31.66 -29.96
CA LYS A 180 13.03 32.88 -30.74
C LYS A 180 14.35 33.05 -31.49
N ASP A 181 15.46 32.54 -30.93
CA ASP A 181 16.73 32.63 -31.64
C ASP A 181 16.88 31.46 -32.57
N VAL A 182 16.49 31.64 -33.83
CA VAL A 182 16.70 30.63 -34.86
C VAL A 182 17.86 31.05 -35.75
N GLY A 183 18.63 30.08 -36.25
CA GLY A 183 19.84 30.39 -36.99
C GLY A 183 19.93 29.79 -38.38
N VAL A 184 18.81 29.73 -39.10
CA VAL A 184 18.80 29.18 -40.44
C VAL A 184 18.96 30.29 -41.46
N ASP A 185 18.99 31.52 -40.98
CA ASP A 185 18.99 32.70 -41.82
C ASP A 185 20.36 33.39 -41.87
N ASN A 186 21.29 32.91 -41.06
CA ASN A 186 22.58 33.56 -40.92
C ASN A 186 23.55 33.18 -42.04
N ALA A 187 24.66 33.91 -42.10
CA ALA A 187 25.59 33.76 -43.21
C ALA A 187 26.02 32.32 -43.38
N GLY A 188 26.21 31.61 -42.27
CA GLY A 188 26.62 30.22 -42.31
C GLY A 188 25.62 29.38 -43.08
N ALA A 189 24.37 29.43 -42.65
CA ALA A 189 23.32 28.66 -43.30
C ALA A 189 23.25 29.04 -44.77
N LYS A 190 23.38 30.34 -45.04
CA LYS A 190 23.35 30.81 -46.42
C LYS A 190 24.52 30.24 -47.20
N ALA A 191 25.65 30.05 -46.54
CA ALA A 191 26.85 29.58 -47.21
C ALA A 191 26.68 28.13 -47.65
N GLY A 192 26.27 27.28 -46.72
CA GLY A 192 26.07 25.87 -47.00
C GLY A 192 25.01 25.63 -48.06
N LEU A 193 23.85 26.26 -47.88
CA LEU A 193 22.74 26.08 -48.80
C LEU A 193 23.07 26.67 -50.16
N THR A 194 23.84 27.75 -50.18
CA THR A 194 24.26 28.34 -51.45
C THR A 194 25.18 27.37 -52.18
N PHE A 195 26.02 26.67 -51.43
CA PHE A 195 26.93 25.70 -52.03
C PHE A 195 26.19 24.52 -52.65
N LEU A 196 25.16 24.03 -51.96
CA LEU A 196 24.33 22.95 -52.49
C LEU A 196 23.66 23.40 -53.79
N VAL A 197 23.08 24.58 -53.74
CA VAL A 197 22.40 25.17 -54.89
C VAL A 197 23.36 25.28 -56.07
N ASP A 198 24.60 25.70 -55.80
CA ASP A 198 25.59 25.87 -56.86
C ASP A 198 25.96 24.53 -57.48
N LEU A 199 26.01 23.49 -56.64
CA LEU A 199 26.26 22.14 -57.13
C LEU A 199 25.20 21.78 -58.17
N ILE A 200 23.94 22.09 -57.85
CA ILE A 200 22.85 21.80 -58.77
C ILE A 200 22.93 22.66 -60.04
N LYS A 201 23.31 23.93 -59.89
CA LYS A 201 23.41 24.83 -61.03
C LYS A 201 24.45 24.30 -62.01
N ASN A 202 25.59 23.87 -61.47
CA ASN A 202 26.67 23.37 -62.32
C ASN A 202 26.50 21.88 -62.62
N LYS A 203 25.27 21.40 -62.49
CA LYS A 203 24.91 20.07 -62.93
C LYS A 203 25.83 19.00 -62.37
N HIS A 204 26.20 19.15 -61.10
CA HIS A 204 26.88 18.10 -60.36
C HIS A 204 25.87 17.31 -59.53
N MET A 205 24.68 17.88 -59.37
CA MET A 205 23.58 17.21 -58.69
C MET A 205 22.25 17.62 -59.32
N ASN A 206 21.19 16.89 -59.02
CA ASN A 206 19.86 17.20 -59.53
C ASN A 206 18.85 17.39 -58.40
N ALA A 207 18.13 18.52 -58.45
CA ALA A 207 17.22 18.88 -57.38
C ALA A 207 16.12 17.85 -57.16
N ASP A 208 15.77 17.10 -58.21
CA ASP A 208 14.70 16.11 -58.11
C ASP A 208 15.11 14.91 -57.25
N THR A 209 16.42 14.64 -57.16
CA THR A 209 16.90 13.43 -56.51
C THR A 209 16.30 13.25 -55.13
N ASP A 210 15.94 12.01 -54.81
CA ASP A 210 15.35 11.72 -53.51
C ASP A 210 16.06 10.52 -52.89
N TYR A 211 15.50 9.99 -51.81
CA TYR A 211 16.10 8.85 -51.14
C TYR A 211 16.26 7.65 -52.07
N SER A 212 15.19 7.27 -52.75
CA SER A 212 15.22 6.04 -53.56
C SER A 212 16.14 6.14 -54.77
N ILE A 213 16.20 7.30 -55.40
CA ILE A 213 17.07 7.48 -56.56
C ILE A 213 18.53 7.46 -56.13
N ALA A 214 18.80 8.05 -54.98
CA ALA A 214 20.16 8.09 -54.46
C ALA A 214 20.63 6.68 -54.11
N GLU A 215 19.76 5.91 -53.47
CA GLU A 215 20.12 4.56 -53.04
C GLU A 215 20.33 3.65 -54.24
N ALA A 216 19.47 3.79 -55.24
CA ALA A 216 19.57 2.97 -56.43
C ALA A 216 20.84 3.32 -57.19
N ALA A 217 21.14 4.61 -57.24
CA ALA A 217 22.28 5.08 -58.02
C ALA A 217 23.58 4.55 -57.43
N PHE A 218 23.76 4.73 -56.12
CA PHE A 218 24.98 4.33 -55.47
C PHE A 218 25.14 2.82 -55.48
N ASN A 219 24.05 2.11 -55.20
CA ASN A 219 24.13 0.67 -55.06
C ASN A 219 24.34 -0.04 -56.39
N LYS A 220 23.88 0.58 -57.47
CA LYS A 220 24.14 0.05 -58.80
C LYS A 220 25.55 0.42 -59.27
N GLY A 221 26.16 1.37 -58.57
CA GLY A 221 27.51 1.79 -58.89
C GLY A 221 27.55 2.88 -59.95
N GLU A 222 26.51 3.70 -59.97
CA GLU A 222 26.41 4.80 -60.93
C GLU A 222 27.02 6.08 -60.35
N THR A 223 27.00 6.21 -59.03
CA THR A 223 27.58 7.38 -58.37
C THR A 223 28.62 6.96 -57.34
N ALA A 224 29.61 7.81 -57.14
CA ALA A 224 30.77 7.47 -56.33
C ALA A 224 30.48 7.56 -54.83
N MET A 225 29.60 8.48 -54.47
CA MET A 225 29.30 8.71 -53.05
C MET A 225 27.82 8.92 -52.80
N THR A 226 27.43 8.79 -51.54
CA THR A 226 26.08 9.10 -51.09
C THR A 226 26.16 9.47 -49.61
N ILE A 227 25.04 9.94 -49.06
CA ILE A 227 25.00 10.28 -47.65
C ILE A 227 23.80 9.60 -47.01
N ASN A 228 24.04 8.85 -45.94
CA ASN A 228 22.97 8.09 -45.29
C ASN A 228 23.34 7.58 -43.91
N GLY A 229 22.35 6.98 -43.25
CA GLY A 229 22.57 6.38 -41.95
C GLY A 229 22.74 4.87 -42.01
N PRO A 230 23.10 4.26 -40.87
CA PRO A 230 23.42 2.83 -40.75
C PRO A 230 22.37 1.88 -41.35
N TRP A 231 21.10 2.26 -41.34
CA TRP A 231 20.06 1.40 -41.89
C TRP A 231 20.36 0.99 -43.33
N ALA A 232 20.99 1.91 -44.05
CA ALA A 232 21.26 1.75 -45.48
C ALA A 232 22.22 0.63 -45.82
N TRP A 233 23.12 0.32 -44.90
CA TRP A 233 24.26 -0.52 -45.20
C TRP A 233 23.86 -1.89 -45.69
N SER A 234 22.80 -2.42 -45.10
CA SER A 234 22.43 -3.78 -45.37
C SER A 234 22.19 -3.91 -46.86
N ASN A 235 21.48 -2.94 -47.42
CA ASN A 235 21.17 -2.96 -48.84
C ASN A 235 22.42 -2.84 -49.68
N ILE A 236 23.39 -2.08 -49.21
CA ILE A 236 24.61 -1.90 -49.97
C ILE A 236 25.37 -3.21 -49.96
N ASP A 237 25.26 -3.95 -48.87
CA ASP A 237 26.03 -5.19 -48.73
C ASP A 237 25.61 -6.18 -49.80
N THR A 238 24.31 -6.21 -50.08
CA THR A 238 23.75 -7.06 -51.12
C THR A 238 24.24 -6.66 -52.50
N SER A 239 24.50 -5.37 -52.68
CA SER A 239 24.95 -4.85 -53.96
C SER A 239 26.37 -5.28 -54.27
N LYS A 240 26.75 -5.12 -55.52
CA LYS A 240 28.07 -5.46 -56.00
C LYS A 240 29.15 -4.49 -55.50
N VAL A 241 28.70 -3.34 -55.01
CA VAL A 241 29.61 -2.28 -54.61
C VAL A 241 30.38 -2.57 -53.34
N ASN A 242 31.68 -2.31 -53.37
CA ASN A 242 32.52 -2.38 -52.19
C ASN A 242 32.61 -0.99 -51.58
N TYR A 243 32.03 -0.82 -50.40
CA TYR A 243 31.86 0.53 -49.86
C TYR A 243 32.56 0.75 -48.53
N GLY A 244 32.85 2.02 -48.26
CA GLY A 244 33.41 2.43 -46.99
C GLY A 244 32.57 3.51 -46.35
N VAL A 245 32.57 3.55 -45.02
CA VAL A 245 31.83 4.57 -44.29
C VAL A 245 32.81 5.47 -43.55
N THR A 246 32.74 6.77 -43.81
CA THR A 246 33.74 7.70 -43.29
C THR A 246 33.15 9.03 -42.89
N VAL A 247 34.01 9.88 -42.34
CA VAL A 247 33.63 11.21 -41.89
C VAL A 247 33.14 12.07 -43.05
N LEU A 248 32.13 12.89 -42.79
CA LEU A 248 31.57 13.74 -43.83
C LEU A 248 32.59 14.79 -44.23
N PRO A 249 32.45 15.33 -45.44
CA PRO A 249 33.39 16.34 -45.91
C PRO A 249 33.25 17.62 -45.11
N THR A 250 34.33 18.37 -44.97
CA THR A 250 34.28 19.65 -44.31
C THR A 250 33.78 20.71 -45.29
N PHE A 251 33.19 21.77 -44.77
CA PHE A 251 32.81 22.91 -45.59
C PHE A 251 33.47 24.17 -45.04
N LYS A 252 34.16 24.90 -45.92
CA LYS A 252 34.91 26.08 -45.50
C LYS A 252 35.78 25.79 -44.27
N GLY A 253 36.37 24.60 -44.24
CA GLY A 253 37.35 24.27 -43.23
C GLY A 253 36.76 23.75 -41.93
N GLN A 254 35.46 23.56 -41.90
CA GLN A 254 34.78 23.16 -40.69
C GLN A 254 34.00 21.88 -40.92
N PRO A 255 33.84 21.05 -39.86
CA PRO A 255 33.14 19.78 -39.99
C PRO A 255 31.69 19.96 -40.37
N SER A 256 31.16 19.02 -41.15
CA SER A 256 29.72 18.95 -41.36
C SER A 256 29.12 18.53 -40.04
N LYS A 257 27.99 19.13 -39.68
CA LYS A 257 27.38 18.87 -38.39
C LYS A 257 25.99 18.25 -38.58
N PRO A 258 25.94 16.91 -38.68
CA PRO A 258 24.67 16.23 -38.82
C PRO A 258 23.86 16.28 -37.55
N PHE A 259 22.55 16.45 -37.67
CA PHE A 259 21.68 16.46 -36.50
C PHE A 259 21.46 15.03 -36.05
N VAL A 260 22.18 14.62 -35.02
CA VAL A 260 22.11 13.25 -34.54
C VAL A 260 20.75 12.94 -33.94
N GLY A 261 20.20 11.77 -34.30
CA GLY A 261 18.95 11.34 -33.74
C GLY A 261 19.18 10.17 -32.79
N VAL A 262 18.19 9.90 -31.96
CA VAL A 262 18.23 8.73 -31.10
C VAL A 262 16.95 7.96 -31.29
N LEU A 263 17.04 6.87 -32.05
CA LEU A 263 15.88 6.05 -32.32
C LEU A 263 15.31 5.62 -30.98
N SER A 264 14.06 6.00 -30.73
CA SER A 264 13.43 5.78 -29.44
C SER A 264 12.05 5.13 -29.62
N ALA A 265 11.59 4.46 -28.56
CA ALA A 265 10.28 3.83 -28.57
C ALA A 265 9.40 4.42 -27.46
N GLY A 266 8.26 4.96 -27.86
CA GLY A 266 7.33 5.56 -26.90
C GLY A 266 6.08 4.72 -26.75
N ILE A 267 5.42 4.87 -25.60
CA ILE A 267 4.20 4.13 -25.33
C ILE A 267 2.99 5.05 -25.41
N ASN A 268 2.00 4.66 -26.22
CA ASN A 268 0.81 5.46 -26.42
C ASN A 268 0.04 5.63 -25.11
N ALA A 269 -0.23 6.88 -24.74
CA ALA A 269 -0.95 7.17 -23.50
C ALA A 269 -2.34 6.56 -23.52
N ALA A 270 -2.87 6.33 -24.73
CA ALA A 270 -4.21 5.77 -24.88
C ALA A 270 -4.17 4.26 -25.05
N SER A 271 -3.06 3.65 -24.67
CA SER A 271 -2.89 2.21 -24.82
C SER A 271 -3.35 1.46 -23.59
N PRO A 272 -4.17 0.42 -23.80
CA PRO A 272 -4.56 -0.49 -22.72
C PRO A 272 -3.38 -1.28 -22.16
N ASN A 273 -2.48 -1.67 -23.04
CA ASN A 273 -1.55 -2.73 -22.74
C ASN A 273 -0.23 -2.23 -22.19
N LYS A 274 -0.20 -1.01 -21.69
CA LYS A 274 1.03 -0.38 -21.33
C LYS A 274 2.03 -1.26 -20.62
N GLU A 275 1.60 -2.11 -19.74
CA GLU A 275 2.51 -3.02 -19.07
C GLU A 275 3.06 -4.09 -19.99
N LEU A 276 2.25 -4.50 -20.96
CA LEU A 276 2.72 -5.46 -21.95
C LEU A 276 3.81 -4.80 -22.76
N ALA A 277 3.60 -3.53 -23.10
CA ALA A 277 4.58 -2.75 -23.85
C ALA A 277 5.90 -2.66 -23.09
N LYS A 278 5.81 -2.40 -21.79
CA LYS A 278 7.01 -2.29 -20.96
C LYS A 278 7.75 -3.61 -20.94
N GLU A 279 7.01 -4.71 -20.82
CA GLU A 279 7.62 -6.04 -20.84
C GLU A 279 8.38 -6.32 -22.12
N PHE A 280 7.76 -5.99 -23.25
CA PHE A 280 8.35 -6.24 -24.56
C PHE A 280 9.62 -5.43 -24.77
N LEU A 281 9.55 -4.12 -24.52
CA LEU A 281 10.68 -3.24 -24.78
C LEU A 281 11.86 -3.51 -23.84
N GLU A 282 11.58 -3.59 -22.55
CA GLU A 282 12.64 -3.75 -21.56
C GLU A 282 13.25 -5.15 -21.54
N ASN A 283 12.42 -6.17 -21.74
CA ASN A 283 12.90 -7.54 -21.56
C ASN A 283 13.05 -8.35 -22.83
N TYR A 284 12.60 -7.80 -23.96
CA TYR A 284 12.72 -8.49 -25.23
C TYR A 284 13.48 -7.70 -26.28
N LEU A 285 13.07 -6.46 -26.53
CA LEU A 285 13.75 -5.65 -27.54
C LEU A 285 15.11 -5.21 -27.05
N LEU A 286 15.14 -4.54 -25.89
CA LEU A 286 16.38 -4.00 -25.37
C LEU A 286 17.24 -5.07 -24.68
N THR A 287 17.58 -6.09 -25.45
CA THR A 287 18.48 -7.13 -24.99
C THR A 287 19.45 -7.44 -26.11
N ASP A 288 20.59 -8.02 -25.77
CA ASP A 288 21.58 -8.35 -26.78
C ASP A 288 20.92 -9.13 -27.91
N GLU A 289 20.03 -10.05 -27.54
CA GLU A 289 19.36 -10.90 -28.52
C GLU A 289 18.38 -10.13 -29.40
N GLY A 290 17.55 -9.29 -28.78
CA GLY A 290 16.56 -8.51 -29.51
C GLY A 290 17.19 -7.51 -30.47
N LEU A 291 18.16 -6.76 -29.96
CA LEU A 291 18.87 -5.78 -30.77
C LEU A 291 19.61 -6.44 -31.92
N GLU A 292 20.21 -7.59 -31.68
CA GLU A 292 20.90 -8.30 -32.75
C GLU A 292 19.90 -8.70 -33.84
N ALA A 293 18.76 -9.23 -33.41
CA ALA A 293 17.73 -9.66 -34.34
C ALA A 293 17.40 -8.52 -35.30
N VAL A 294 17.06 -7.37 -34.74
CA VAL A 294 16.72 -6.19 -35.53
C VAL A 294 17.91 -5.74 -36.37
N ASN A 295 19.11 -5.85 -35.82
CA ASN A 295 20.30 -5.30 -36.44
C ASN A 295 20.74 -6.10 -37.67
N LYS A 296 20.43 -7.40 -37.70
CA LYS A 296 20.73 -8.23 -38.86
C LYS A 296 19.96 -7.72 -40.05
N ASP A 297 18.70 -7.40 -39.81
CA ASP A 297 17.81 -6.95 -40.87
C ASP A 297 18.29 -5.62 -41.43
N LYS A 298 18.37 -4.60 -40.57
CA LYS A 298 18.91 -3.29 -40.95
C LYS A 298 19.69 -2.72 -39.77
N PRO A 299 20.95 -2.36 -39.99
CA PRO A 299 21.76 -1.88 -38.86
C PRO A 299 21.15 -0.67 -38.17
N LEU A 300 21.20 -0.67 -36.84
CA LEU A 300 20.58 0.38 -36.06
C LEU A 300 21.51 1.55 -35.83
N GLY A 301 22.81 1.32 -36.01
CA GLY A 301 23.82 2.31 -35.67
C GLY A 301 24.44 1.98 -34.33
N ALA A 302 24.81 3.02 -33.58
CA ALA A 302 25.42 2.83 -32.28
C ALA A 302 24.33 2.69 -31.22
N VAL A 303 24.18 1.48 -30.70
CA VAL A 303 23.05 1.18 -29.82
C VAL A 303 23.20 1.82 -28.44
N ALA A 304 22.10 1.83 -27.69
CA ALA A 304 22.11 2.43 -26.37
C ALA A 304 22.36 1.40 -25.28
N LEU A 305 22.25 0.12 -25.63
CA LEU A 305 22.49 -0.95 -24.67
C LEU A 305 23.98 -1.24 -24.56
N LYS A 306 24.58 -0.81 -23.45
CA LYS A 306 26.02 -0.91 -23.24
C LYS A 306 26.60 -2.25 -23.69
N SER A 307 26.03 -3.34 -23.19
CA SER A 307 26.55 -4.68 -23.47
C SER A 307 26.72 -4.93 -24.96
N TYR A 308 25.67 -4.69 -25.74
CA TYR A 308 25.71 -4.96 -27.18
C TYR A 308 26.58 -3.94 -27.90
N GLU A 309 26.55 -2.69 -27.45
CA GLU A 309 27.31 -1.65 -28.12
C GLU A 309 28.80 -1.92 -28.05
N GLU A 310 29.26 -2.50 -26.94
CA GLU A 310 30.68 -2.84 -26.80
C GLU A 310 31.11 -3.76 -27.93
N GLU A 311 30.25 -4.69 -28.32
CA GLU A 311 30.52 -5.50 -29.50
C GLU A 311 30.53 -4.67 -30.78
N LEU A 312 29.54 -3.80 -30.92
CA LEU A 312 29.36 -3.05 -32.15
C LEU A 312 30.43 -2.00 -32.40
N ALA A 313 30.95 -1.43 -31.32
CA ALA A 313 31.83 -0.28 -31.41
C ALA A 313 33.09 -0.62 -32.18
N LYS A 314 33.39 -1.91 -32.25
CA LYS A 314 34.55 -2.40 -32.97
C LYS A 314 34.45 -2.19 -34.47
N ASP A 315 33.24 -2.35 -35.00
CA ASP A 315 32.93 -2.10 -36.41
C ASP A 315 33.42 -0.72 -36.84
N PRO A 316 34.30 -0.67 -37.84
CA PRO A 316 34.81 0.63 -38.29
C PRO A 316 33.71 1.55 -38.80
N ARG A 317 32.63 0.96 -39.32
CA ARG A 317 31.51 1.75 -39.82
C ARG A 317 30.83 2.47 -38.65
N ILE A 318 30.72 1.78 -37.52
CA ILE A 318 30.12 2.39 -36.32
C ILE A 318 31.03 3.48 -35.80
N ALA A 319 32.34 3.25 -35.88
CA ALA A 319 33.29 4.25 -35.43
C ALA A 319 33.03 5.53 -36.20
N ALA A 320 33.02 5.43 -37.53
CA ALA A 320 32.81 6.59 -38.38
C ALA A 320 31.47 7.21 -38.04
N THR A 321 30.49 6.38 -37.76
CA THR A 321 29.16 6.85 -37.40
C THR A 321 29.27 7.77 -36.19
N MET A 322 30.08 7.35 -35.21
CA MET A 322 30.19 8.09 -33.96
C MET A 322 31.10 9.31 -34.10
N GLU A 323 32.00 9.30 -35.07
CA GLU A 323 32.84 10.47 -35.32
C GLU A 323 31.97 11.58 -35.89
N ASN A 324 31.15 11.23 -36.89
CA ASN A 324 30.19 12.18 -37.45
C ASN A 324 29.22 12.63 -36.37
N ALA A 325 28.83 11.71 -35.50
CA ALA A 325 27.90 12.04 -34.43
C ALA A 325 28.43 13.06 -33.43
N GLN A 326 29.68 12.91 -33.06
CA GLN A 326 30.34 13.81 -32.15
C GLN A 326 30.51 15.20 -32.71
N LYS A 327 30.88 15.28 -33.98
CA LYS A 327 31.12 16.53 -34.67
C LYS A 327 29.83 17.28 -34.84
N GLY A 328 28.76 16.54 -35.12
CA GLY A 328 27.45 17.14 -35.17
C GLY A 328 26.89 17.31 -33.78
N GLU A 329 25.67 17.84 -33.71
CA GLU A 329 24.97 17.99 -32.44
C GLU A 329 23.81 17.00 -32.35
N ILE A 330 23.41 16.66 -31.13
CA ILE A 330 22.21 15.85 -30.93
C ILE A 330 20.96 16.72 -31.02
N MET A 331 19.94 16.22 -31.72
CA MET A 331 18.74 17.02 -31.95
C MET A 331 18.08 17.40 -30.64
N PRO A 332 17.56 18.63 -30.57
CA PRO A 332 16.68 18.97 -29.45
C PRO A 332 15.40 18.15 -29.55
N ASN A 333 14.72 17.91 -28.43
CA ASN A 333 13.47 17.16 -28.46
C ASN A 333 12.25 18.03 -28.21
N ILE A 334 12.47 19.35 -28.09
CA ILE A 334 11.36 20.28 -27.86
C ILE A 334 10.30 20.17 -28.95
N PRO A 335 9.11 20.70 -28.68
CA PRO A 335 8.00 20.57 -29.65
C PRO A 335 8.24 21.37 -30.93
N GLN A 336 9.07 22.40 -30.85
CA GLN A 336 9.29 23.31 -31.97
C GLN A 336 10.11 22.70 -33.11
N MET A 337 10.73 21.55 -32.85
CA MET A 337 11.52 20.88 -33.87
C MET A 337 10.74 20.65 -35.16
N SER A 338 9.57 20.02 -35.04
CA SER A 338 8.78 19.69 -36.23
C SER A 338 8.59 20.91 -37.12
N ALA A 339 8.30 22.06 -36.51
CA ALA A 339 8.08 23.28 -37.27
C ALA A 339 9.38 23.70 -37.93
N PHE A 340 10.48 23.57 -37.19
CA PHE A 340 11.80 23.86 -37.73
C PHE A 340 12.10 23.02 -38.96
N TRP A 341 11.91 21.70 -38.83
CA TRP A 341 12.17 20.78 -39.93
C TRP A 341 11.35 21.13 -41.18
N TYR A 342 10.11 21.55 -40.97
CA TYR A 342 9.24 21.86 -42.09
C TYR A 342 9.73 23.13 -42.81
N ALA A 343 10.07 24.15 -42.02
CA ALA A 343 10.62 25.39 -42.57
C ALA A 343 11.82 25.12 -43.45
N VAL A 344 12.76 24.34 -42.92
CA VAL A 344 13.99 24.04 -43.63
C VAL A 344 13.72 23.18 -44.87
N ARG A 345 12.79 22.24 -44.77
CA ARG A 345 12.48 21.37 -45.90
C ARG A 345 11.99 22.16 -47.09
N THR A 346 11.10 23.12 -46.82
CA THR A 346 10.60 24.00 -47.86
C THR A 346 11.73 24.86 -48.40
N ALA A 347 12.57 25.37 -47.52
CA ALA A 347 13.64 26.28 -47.93
C ALA A 347 14.63 25.60 -48.88
N VAL A 348 15.08 24.40 -48.51
CA VAL A 348 16.02 23.64 -49.32
C VAL A 348 15.45 23.32 -50.69
N ILE A 349 14.23 22.77 -50.71
CA ILE A 349 13.58 22.37 -51.96
C ILE A 349 13.38 23.55 -52.91
N ASN A 350 12.85 24.65 -52.38
CA ASN A 350 12.63 25.84 -53.20
C ASN A 350 13.92 26.46 -53.69
N ALA A 351 14.96 26.42 -52.85
CA ALA A 351 16.24 26.99 -53.22
C ALA A 351 16.94 26.10 -54.27
N ALA A 352 16.75 24.80 -54.15
CA ALA A 352 17.40 23.84 -55.04
C ALA A 352 16.68 23.73 -56.39
N SER A 353 15.38 24.03 -56.41
CA SER A 353 14.60 23.95 -57.64
C SER A 353 14.61 25.27 -58.42
N GLY A 354 15.05 26.34 -57.76
CA GLY A 354 15.06 27.65 -58.38
C GLY A 354 13.79 28.46 -58.14
N ARG A 355 12.84 27.90 -57.40
CA ARG A 355 11.60 28.59 -57.08
C ARG A 355 11.92 29.85 -56.30
N GLN A 356 12.94 29.75 -55.46
CA GLN A 356 13.36 30.88 -54.63
C GLN A 356 14.88 31.00 -54.55
N THR A 357 15.34 32.17 -54.15
CA THR A 357 16.75 32.39 -53.88
C THR A 357 17.07 31.83 -52.52
N VAL A 358 18.36 31.59 -52.25
CA VAL A 358 18.78 31.09 -50.95
C VAL A 358 18.36 32.06 -49.85
N ASP A 359 18.56 33.36 -50.09
CA ASP A 359 18.29 34.37 -49.06
C ASP A 359 16.81 34.46 -48.73
N ALA A 360 15.98 34.38 -49.75
CA ALA A 360 14.54 34.51 -49.57
C ALA A 360 13.94 33.26 -48.95
N ALA A 361 14.44 32.10 -49.36
CA ALA A 361 13.93 30.83 -48.85
C ALA A 361 14.27 30.71 -47.38
N LEU A 362 15.51 31.07 -47.04
CA LEU A 362 16.00 30.92 -45.69
C LEU A 362 15.42 31.99 -44.78
N ALA A 363 15.10 33.14 -45.34
CA ALA A 363 14.43 34.19 -44.56
C ALA A 363 13.03 33.74 -44.19
N ALA A 364 12.35 33.10 -45.14
CA ALA A 364 11.02 32.57 -44.91
C ALA A 364 11.05 31.44 -43.90
N ALA A 365 12.07 30.58 -44.00
CA ALA A 365 12.22 29.44 -43.09
C ALA A 365 12.52 29.93 -41.68
N GLN A 366 13.27 31.02 -41.61
CA GLN A 366 13.66 31.63 -40.35
C GLN A 366 12.43 32.16 -39.62
N THR A 367 11.61 32.89 -40.33
CA THR A 367 10.40 33.40 -39.73
C THR A 367 9.42 32.26 -39.42
N ASN A 368 9.37 31.26 -40.29
CA ASN A 368 8.38 30.20 -40.17
C ASN A 368 8.77 29.14 -39.16
N ALA A 369 10.04 29.12 -38.79
CA ALA A 369 10.52 28.17 -37.79
C ALA A 369 9.93 28.51 -36.42
N ALA A 370 9.53 29.76 -36.25
CA ALA A 370 9.03 30.24 -34.97
C ALA A 370 7.69 30.96 -35.13
N ALA A 371 6.81 30.36 -35.93
CA ALA A 371 5.49 30.92 -36.16
C ALA A 371 4.40 29.91 -35.83
N PRO A 372 4.11 29.75 -34.54
CA PRO A 372 3.22 28.67 -34.07
C PRO A 372 1.88 28.63 -34.80
N GLY A 373 1.36 29.78 -35.19
CA GLY A 373 0.09 29.83 -35.89
C GLY A 373 0.22 29.33 -37.31
N LEU A 374 1.18 29.88 -38.03
CA LEU A 374 1.45 29.43 -39.39
C LEU A 374 1.72 27.93 -39.38
N HIS A 375 2.36 27.45 -38.31
CA HIS A 375 2.74 26.04 -38.21
C HIS A 375 1.55 25.15 -37.86
N ALA A 376 0.66 25.66 -37.01
CA ALA A 376 -0.50 24.88 -36.58
C ALA A 376 -1.50 24.72 -37.72
N ILE A 377 -1.51 25.69 -38.64
CA ILE A 377 -2.30 25.56 -39.86
C ILE A 377 -1.61 24.59 -40.82
N TYR A 378 -0.32 24.80 -41.07
CA TYR A 378 0.44 23.90 -41.92
C TYR A 378 0.22 22.45 -41.50
N GLY A 379 0.00 22.23 -40.20
CA GLY A 379 -0.31 20.89 -39.71
C GLY A 379 -1.54 20.30 -40.36
N GLU A 380 -2.65 21.03 -40.27
CA GLU A 380 -3.91 20.58 -40.85
C GLU A 380 -3.80 20.43 -42.35
N CYS A 381 -3.06 21.34 -42.98
CA CYS A 381 -2.81 21.26 -44.41
C CYS A 381 -2.05 19.99 -44.72
N ARG A 382 -1.10 19.67 -43.85
CA ARG A 382 -0.32 18.45 -44.00
C ARG A 382 -1.18 17.22 -43.83
N ARG A 383 -2.14 17.27 -42.92
CA ARG A 383 -3.04 16.17 -42.71
C ARG A 383 -3.91 15.89 -43.93
N LEU A 384 -4.41 16.95 -44.57
CA LEU A 384 -5.25 16.81 -45.77
C LEU A 384 -4.46 16.38 -46.97
N TYR A 385 -3.24 16.87 -47.06
CA TYR A 385 -2.42 16.69 -48.22
C TYR A 385 -1.05 16.19 -47.79
N PRO A 386 -0.99 14.95 -47.33
CA PRO A 386 0.27 14.29 -46.97
C PRO A 386 1.12 14.14 -48.22
N ASP A 387 0.45 14.05 -49.35
CA ASP A 387 1.07 13.98 -50.66
C ASP A 387 1.89 15.22 -51.04
N GLN A 388 1.41 16.41 -50.67
CA GLN A 388 2.04 17.65 -51.10
C GLN A 388 2.67 18.42 -49.95
N PRO A 389 3.97 18.22 -49.76
CA PRO A 389 4.80 18.98 -48.83
C PRO A 389 5.04 20.43 -49.26
N ASN A 390 5.31 20.66 -50.54
CA ASN A 390 5.49 22.04 -51.03
C ASN A 390 4.64 22.37 -52.24
N PRO A 391 3.44 22.89 -52.01
CA PRO A 391 2.60 23.33 -53.13
C PRO A 391 3.05 24.67 -53.67
N LEU A 392 2.68 24.98 -54.91
CA LEU A 392 2.92 26.32 -55.40
C LEU A 392 2.34 27.26 -54.37
N GLN A 393 3.06 28.32 -54.05
CA GLN A 393 2.64 29.22 -52.99
C GLN A 393 2.96 30.67 -53.33
N VAL A 394 1.94 31.52 -53.35
CA VAL A 394 2.12 32.93 -53.63
C VAL A 394 2.54 33.63 -52.34
N THR A 395 3.69 34.31 -52.39
CA THR A 395 4.20 35.03 -51.24
C THR A 395 4.12 36.53 -51.46
N ALA A 396 3.67 37.25 -50.44
CA ALA A 396 3.69 38.71 -50.47
C ALA A 396 5.10 39.17 -50.13
N ILE A 397 5.81 39.69 -51.12
CA ILE A 397 7.23 40.02 -50.95
C ILE A 397 7.46 41.24 -50.08
N VAL A 398 6.59 42.23 -50.21
CA VAL A 398 6.56 43.33 -49.27
C VAL A 398 5.51 42.99 -48.22
N LYS A 399 5.97 42.53 -47.06
CA LYS A 399 5.09 42.12 -45.99
C LYS A 399 4.19 43.26 -45.52
N TYR A 400 2.97 42.90 -45.14
CA TYR A 400 1.96 43.87 -44.73
C TYR A 400 2.46 44.77 -43.61
N TRP A 401 3.09 44.16 -42.60
CA TRP A 401 3.51 44.91 -41.41
C TRP A 401 4.74 45.78 -41.68
N LEU A 402 5.15 45.88 -42.94
CA LEU A 402 6.19 46.83 -43.30
C LEU A 402 5.62 47.89 -44.24
N GLY A 403 4.30 47.95 -44.33
CA GLY A 403 3.63 48.94 -45.16
C GLY A 403 3.06 48.33 -46.43
N GLY A 404 3.28 47.03 -46.62
CA GLY A 404 2.82 46.36 -47.82
C GLY A 404 1.31 46.46 -47.99
N PRO A 405 0.84 46.36 -49.23
CA PRO A 405 -0.60 46.42 -49.55
C PRO A 405 -1.33 45.09 -49.32
N ASP A 406 -0.64 43.96 -49.47
CA ASP A 406 -1.26 42.64 -49.35
C ASP A 406 -1.13 42.08 -47.95
N PRO A 407 -2.25 41.96 -47.23
CA PRO A 407 -2.26 41.46 -45.84
C PRO A 407 -2.12 39.93 -45.73
N LEU A 408 -2.28 39.22 -46.82
CA LEU A 408 -2.04 37.78 -46.79
C LEU A 408 -0.57 37.46 -47.12
N ASP A 409 0.17 37.02 -46.10
CA ASP A 409 1.59 36.72 -46.26
C ASP A 409 1.78 35.60 -47.27
N TYR A 410 0.97 34.56 -47.15
CA TYR A 410 1.08 33.42 -48.06
C TYR A 410 -0.30 32.96 -48.51
N VAL A 411 -0.38 32.44 -49.73
CA VAL A 411 -1.58 31.75 -50.18
C VAL A 411 -1.14 30.46 -50.87
N SER A 412 -1.38 29.34 -50.21
CA SER A 412 -0.98 28.03 -50.73
C SER A 412 -2.01 27.49 -51.70
N MET A 413 -1.55 26.78 -52.73
CA MET A 413 -2.44 26.28 -53.77
C MET A 413 -2.27 24.78 -53.96
N TYR A 414 -3.30 24.03 -53.60
CA TYR A 414 -3.24 22.58 -53.61
C TYR A 414 -4.02 21.99 -54.76
N ARG A 415 -3.68 20.78 -55.17
CA ARG A 415 -4.55 20.05 -56.07
C ARG A 415 -5.36 19.06 -55.26
N ASN A 416 -6.67 19.25 -55.25
CA ASN A 416 -7.53 18.28 -54.59
C ASN A 416 -8.11 17.32 -55.61
N VAL A 417 -7.99 16.02 -55.33
CA VAL A 417 -8.44 15.00 -56.27
C VAL A 417 -9.94 14.79 -56.24
N GLY A 418 -10.58 15.14 -55.12
CA GLY A 418 -12.03 15.02 -55.00
C GLY A 418 -12.44 13.65 -54.50
N SER A 419 -13.71 13.31 -54.72
CA SER A 419 -14.22 11.99 -54.35
C SER A 419 -14.96 11.38 -55.53
N PRO A 420 -14.31 10.45 -56.24
CA PRO A 420 -15.01 9.81 -57.36
C PRO A 420 -16.32 9.21 -56.90
N SER A 421 -16.33 8.63 -55.71
CA SER A 421 -17.51 7.95 -55.19
C SER A 421 -18.66 8.91 -54.92
N ALA A 422 -18.34 10.17 -54.65
CA ALA A 422 -19.37 11.16 -54.38
C ALA A 422 -19.60 12.09 -55.57
N ASN A 423 -18.98 11.77 -56.70
CA ASN A 423 -19.09 12.61 -57.88
C ASN A 423 -18.60 14.04 -57.64
N ILE A 424 -17.50 14.17 -56.91
CA ILE A 424 -16.90 15.46 -56.62
C ILE A 424 -15.64 15.67 -57.47
N PRO A 425 -15.68 16.65 -58.39
CA PRO A 425 -14.60 16.85 -59.38
C PRO A 425 -13.28 17.29 -58.78
N GLU A 426 -12.19 17.07 -59.51
CA GLU A 426 -10.89 17.63 -59.11
C GLU A 426 -10.91 19.14 -59.16
N HIS A 427 -10.25 19.76 -58.18
CA HIS A 427 -10.21 21.21 -58.08
C HIS A 427 -8.91 21.69 -57.44
N TRP A 428 -8.72 23.00 -57.47
CA TRP A 428 -7.61 23.62 -56.76
C TRP A 428 -8.13 24.19 -55.45
N HIS A 429 -7.38 23.97 -54.38
CA HIS A 429 -7.79 24.41 -53.05
C HIS A 429 -6.81 25.45 -52.52
N TYR A 430 -7.24 26.70 -52.51
CA TYR A 430 -6.43 27.81 -52.02
C TYR A 430 -6.66 28.01 -50.53
N ILE A 431 -5.56 28.12 -49.78
CA ILE A 431 -5.61 28.44 -48.35
C ILE A 431 -4.76 29.68 -48.12
N SER A 432 -5.27 30.60 -47.31
CA SER A 432 -4.59 31.88 -47.11
C SER A 432 -3.91 31.93 -45.76
N PHE A 433 -2.94 32.83 -45.63
CA PHE A 433 -2.22 32.97 -44.38
C PHE A 433 -1.93 34.42 -44.01
N GLY A 434 -2.56 34.89 -42.94
CA GLY A 434 -2.38 36.25 -42.48
C GLY A 434 -3.58 36.83 -41.75
N LEU A 435 -4.75 36.26 -41.98
CA LEU A 435 -5.95 36.74 -41.30
C LEU A 435 -5.91 36.32 -39.84
N SER A 436 -5.25 35.20 -39.58
CA SER A 436 -5.06 34.73 -38.22
C SER A 436 -3.72 35.24 -37.71
N ASP A 437 -3.45 35.03 -36.43
CA ASP A 437 -2.18 35.40 -35.85
C ASP A 437 -1.15 34.32 -36.15
N LEU A 438 -0.27 34.59 -37.10
CA LEU A 438 0.75 33.62 -37.50
C LEU A 438 1.95 33.68 -36.56
N TYR A 439 2.32 34.88 -36.15
CA TYR A 439 3.59 35.08 -35.44
C TYR A 439 3.39 35.39 -33.95
N GLY A 440 2.26 36.00 -33.60
CA GLY A 440 1.91 36.22 -32.21
C GLY A 440 2.89 37.10 -31.48
N ASP A 441 3.54 38.02 -32.19
CA ASP A 441 4.44 38.96 -31.55
C ASP A 441 3.99 40.41 -31.77
N ASN A 442 2.73 40.57 -32.15
CA ASN A 442 2.13 41.89 -32.30
C ASN A 442 2.59 42.70 -33.51
N ARG A 443 3.17 42.02 -34.50
CA ARG A 443 3.58 42.73 -35.71
C ARG A 443 2.37 43.06 -36.59
N VAL A 444 1.29 42.29 -36.48
CA VAL A 444 0.06 42.57 -37.24
C VAL A 444 -1.16 42.58 -36.33
N HIS A 445 -1.28 41.54 -35.53
CA HIS A 445 -2.45 41.34 -34.70
C HIS A 445 -2.04 41.39 -33.27
N GLU A 446 -2.89 41.98 -32.43
CA GLU A 446 -2.64 41.97 -31.01
C GLU A 446 -2.71 40.54 -30.51
N PHE A 447 -1.79 40.17 -29.64
CA PHE A 447 -1.87 38.85 -29.05
C PHE A 447 -3.02 38.85 -28.07
N THR A 448 -3.75 37.75 -28.02
CA THR A 448 -4.92 37.66 -27.19
C THR A 448 -4.92 36.46 -26.24
N GLY A 449 -4.11 35.46 -26.54
CA GLY A 449 -4.03 34.26 -25.73
C GLY A 449 -4.64 33.07 -26.45
N THR A 450 -4.59 31.90 -25.81
CA THR A 450 -5.12 30.68 -26.42
C THR A 450 -6.63 30.71 -26.58
N ASP A 451 -7.35 31.13 -25.55
CA ASP A 451 -8.79 31.29 -25.64
C ASP A 451 -9.10 32.46 -26.57
N GLY A 452 -10.22 32.36 -27.28
CA GLY A 452 -10.59 33.39 -28.23
C GLY A 452 -9.89 33.23 -29.55
N PRO A 453 -10.30 34.04 -30.54
CA PRO A 453 -9.85 33.94 -31.94
C PRO A 453 -8.42 34.41 -32.17
N SER A 454 -7.64 33.58 -32.85
CA SER A 454 -6.34 34.00 -33.34
C SER A 454 -6.57 35.02 -34.44
N GLY A 455 -6.09 36.24 -34.24
CA GLY A 455 -6.28 37.29 -35.22
C GLY A 455 -7.76 37.57 -35.40
N PHE A 456 -8.24 37.52 -36.64
CA PHE A 456 -9.65 37.66 -36.93
C PHE A 456 -10.38 36.35 -36.70
N GLY A 457 -9.64 35.30 -36.39
CA GLY A 457 -10.23 34.03 -36.02
C GLY A 457 -10.46 33.10 -37.20
N PHE A 458 -10.03 33.51 -38.38
CA PHE A 458 -10.21 32.64 -39.52
C PHE A 458 -9.21 32.94 -40.64
N GLU A 459 -9.10 31.97 -41.54
CA GLU A 459 -8.35 32.16 -42.76
C GLU A 459 -9.29 31.85 -43.91
N LEU A 460 -8.98 32.37 -45.10
CA LEU A 460 -9.82 32.14 -46.26
C LEU A 460 -9.34 30.95 -47.07
N THR A 461 -10.30 30.22 -47.63
CA THR A 461 -9.99 29.15 -48.56
C THR A 461 -10.86 29.30 -49.79
N PHE A 462 -10.55 28.57 -50.85
CA PHE A 462 -11.31 28.66 -52.09
C PHE A 462 -11.16 27.38 -52.90
N ARG A 463 -12.22 26.97 -53.60
CA ARG A 463 -12.15 25.76 -54.40
C ARG A 463 -12.56 26.04 -55.84
N LEU A 464 -11.57 26.01 -56.73
CA LEU A 464 -11.79 26.36 -58.13
C LEU A 464 -11.75 25.12 -59.01
N LYS A 465 -12.89 24.79 -59.60
CA LYS A 465 -12.96 23.60 -60.45
C LYS A 465 -11.81 23.58 -61.45
N ARG A 466 -11.08 22.47 -61.46
CA ARG A 466 -9.93 22.35 -62.34
C ARG A 466 -10.35 22.10 -63.79
N GLU A 467 -9.76 22.87 -64.71
CA GLU A 467 -10.09 22.74 -66.12
C GLU A 467 -9.28 21.62 -66.78
N THR A 468 -9.71 21.21 -67.97
CA THR A 468 -9.06 20.12 -68.71
C THR A 468 -7.64 20.43 -69.20
N GLY A 469 -6.66 19.77 -68.57
CA GLY A 469 -5.26 19.88 -68.97
C GLY A 469 -4.49 20.89 -68.14
N GLU A 470 -5.12 21.41 -67.09
CA GLU A 470 -4.51 22.42 -66.26
C GLU A 470 -3.43 21.80 -65.38
N SER A 471 -2.18 21.96 -65.79
CA SER A 471 -1.03 21.45 -65.06
C SER A 471 -0.88 22.12 -63.69
N ALA A 472 -1.12 23.43 -63.66
CA ALA A 472 -0.88 24.22 -62.47
C ALA A 472 -2.08 25.11 -62.14
N PRO A 473 -2.32 25.34 -60.85
CA PRO A 473 -3.42 26.21 -60.44
C PRO A 473 -3.18 27.65 -60.88
N PRO A 474 -4.22 28.32 -61.37
CA PRO A 474 -4.08 29.75 -61.69
C PRO A 474 -3.89 30.56 -60.42
N THR A 475 -3.39 31.78 -60.53
CA THR A 475 -3.07 32.57 -59.34
C THR A 475 -4.10 33.65 -59.00
N TRP A 476 -5.07 33.88 -59.88
CA TRP A 476 -6.00 34.98 -59.68
C TRP A 476 -6.80 34.85 -58.38
N PRO A 477 -7.05 33.61 -57.94
CA PRO A 477 -7.79 33.47 -56.68
C PRO A 477 -7.01 33.99 -55.49
N ALA A 478 -5.70 34.07 -55.59
CA ALA A 478 -4.91 34.64 -54.53
C ALA A 478 -5.12 36.15 -54.48
N GLU A 479 -5.19 36.79 -55.64
CA GLU A 479 -5.42 38.23 -55.70
C GLU A 479 -6.80 38.56 -55.17
N LEU A 480 -7.76 37.71 -55.48
CA LEU A 480 -9.11 37.86 -54.96
C LEU A 480 -9.03 37.85 -53.44
N MET A 481 -8.35 36.83 -52.93
CA MET A 481 -8.26 36.65 -51.48
C MET A 481 -7.58 37.85 -50.84
N GLN A 482 -6.64 38.47 -51.55
CA GLN A 482 -5.99 39.68 -51.04
C GLN A 482 -7.00 40.82 -50.97
N GLY A 483 -7.91 40.88 -51.96
CA GLY A 483 -8.94 41.90 -51.95
C GLY A 483 -9.86 41.78 -50.74
N LEU A 484 -10.36 40.58 -50.50
CA LEU A 484 -11.21 40.34 -49.34
C LEU A 484 -10.44 40.64 -48.07
N ALA A 485 -9.18 40.21 -48.02
CA ALA A 485 -8.41 40.34 -46.80
C ALA A 485 -8.31 41.81 -46.46
N ARG A 486 -8.08 42.63 -47.48
CA ARG A 486 -7.98 44.07 -47.28
C ARG A 486 -9.28 44.61 -46.72
N TYR A 487 -10.39 44.23 -47.32
CA TYR A 487 -11.68 44.64 -46.80
C TYR A 487 -11.82 44.34 -45.31
N VAL A 488 -11.41 43.14 -44.90
CA VAL A 488 -11.52 42.77 -43.49
C VAL A 488 -10.61 43.65 -42.63
N PHE A 489 -9.40 43.91 -43.13
CA PHE A 489 -8.39 44.63 -42.37
C PHE A 489 -8.70 46.12 -42.22
N GLN A 490 -9.34 46.70 -43.22
CA GLN A 490 -9.64 48.13 -43.20
C GLN A 490 -10.97 48.41 -42.51
N SER A 491 -11.94 47.53 -42.72
CA SER A 491 -13.22 47.65 -42.07
C SER A 491 -13.15 47.15 -40.62
N GLU A 492 -12.20 46.25 -40.35
CA GLU A 492 -12.12 45.59 -39.07
C GLU A 492 -13.35 44.71 -38.87
N ASN A 493 -13.86 44.20 -39.98
CA ASN A 493 -15.14 43.50 -40.01
C ASN A 493 -14.98 42.00 -40.23
N THR A 494 -15.37 41.20 -39.26
CA THR A 494 -15.22 39.75 -39.41
C THR A 494 -16.30 39.14 -40.27
N PHE A 495 -16.11 37.88 -40.64
CA PHE A 495 -17.13 37.15 -41.36
C PHE A 495 -17.48 35.88 -40.60
N CYS A 496 -18.66 35.36 -40.89
CA CYS A 496 -19.12 34.12 -40.29
C CYS A 496 -19.70 33.26 -41.39
N SER A 497 -19.74 31.95 -41.16
CA SER A 497 -20.37 31.07 -42.12
C SER A 497 -21.78 31.59 -42.33
N GLY A 498 -22.12 31.85 -43.59
CA GLY A 498 -23.45 32.31 -43.94
C GLY A 498 -23.43 33.71 -44.53
N ASP A 499 -22.46 34.52 -44.09
CA ASP A 499 -22.36 35.89 -44.60
C ASP A 499 -22.19 35.91 -46.11
N HIS A 500 -22.50 37.05 -46.71
CA HIS A 500 -22.36 37.20 -48.15
C HIS A 500 -21.48 38.39 -48.44
N VAL A 501 -20.84 38.39 -49.59
CA VAL A 501 -20.01 39.52 -49.98
C VAL A 501 -20.47 39.98 -51.35
N SER A 502 -20.79 41.27 -51.45
CA SER A 502 -21.26 41.82 -52.71
C SER A 502 -20.11 42.44 -53.47
N TRP A 503 -19.89 41.96 -54.68
CA TRP A 503 -18.68 42.28 -55.41
C TRP A 503 -19.04 42.84 -56.78
N HIS A 504 -19.91 42.17 -57.51
CA HIS A 504 -20.40 42.70 -58.78
C HIS A 504 -19.31 42.91 -59.82
N SER A 505 -18.23 42.13 -59.73
CA SER A 505 -17.27 42.03 -60.81
C SER A 505 -16.87 40.57 -60.97
N PRO A 506 -16.62 40.14 -62.22
CA PRO A 506 -16.17 38.75 -62.36
C PRO A 506 -14.98 38.47 -61.46
N LEU A 507 -15.09 37.44 -60.63
CA LEU A 507 -14.06 37.14 -59.65
C LEU A 507 -12.71 37.00 -60.31
N ASP A 508 -12.70 36.44 -61.52
CA ASP A 508 -11.46 36.17 -62.21
C ASP A 508 -11.16 37.18 -63.31
N ASN A 509 -11.87 38.31 -63.29
CA ASN A 509 -11.55 39.38 -64.21
C ASN A 509 -11.69 38.91 -65.65
N SER A 510 -12.70 38.07 -65.84
CA SER A 510 -13.10 37.61 -67.14
C SER A 510 -14.55 38.05 -67.32
N GLU A 511 -15.27 37.43 -68.25
CA GLU A 511 -16.62 37.84 -68.56
C GLU A 511 -17.65 36.97 -67.84
N SER A 512 -17.17 36.23 -66.86
CA SER A 512 -17.96 35.21 -66.16
C SER A 512 -19.13 35.75 -65.37
N ARG A 513 -20.14 34.93 -65.18
CA ARG A 513 -21.35 35.36 -64.50
C ARG A 513 -21.19 35.29 -63.00
N ILE A 514 -20.07 34.73 -62.55
CA ILE A 514 -19.80 34.59 -61.13
C ILE A 514 -19.11 35.85 -60.61
N GLN A 515 -19.88 36.77 -60.00
CA GLN A 515 -19.33 38.06 -59.60
C GLN A 515 -19.58 38.39 -58.12
N HIS A 516 -19.99 37.40 -57.34
CA HIS A 516 -20.27 37.64 -55.93
C HIS A 516 -19.83 36.42 -55.13
N MET A 517 -19.84 36.56 -53.81
CA MET A 517 -19.33 35.52 -52.94
C MET A 517 -20.24 35.24 -51.75
N LEU A 518 -20.30 33.98 -51.36
CA LEU A 518 -20.90 33.58 -50.09
C LEU A 518 -19.80 32.88 -49.30
N LEU A 519 -19.95 32.86 -47.99
CA LEU A 519 -18.93 32.27 -47.13
C LEU A 519 -19.52 31.12 -46.35
N THR A 520 -18.79 30.00 -46.32
CA THR A 520 -19.22 28.83 -45.58
C THR A 520 -18.01 28.15 -44.94
N GLU A 521 -18.27 27.30 -43.95
CA GLU A 521 -17.22 26.50 -43.31
C GLU A 521 -16.61 25.59 -44.36
N ASP A 522 -15.28 25.54 -44.40
CA ASP A 522 -14.59 24.67 -45.33
C ASP A 522 -14.99 23.22 -45.02
N PRO A 523 -15.44 22.48 -46.05
CA PRO A 523 -15.92 21.11 -45.83
C PRO A 523 -14.86 20.18 -45.24
N GLN A 524 -13.60 20.36 -45.60
CA GLN A 524 -12.54 19.43 -45.19
C GLN A 524 -11.65 19.95 -44.06
N MET A 525 -11.34 21.25 -44.06
CA MET A 525 -10.40 21.82 -43.08
C MET A 525 -11.00 21.93 -41.68
N GLN A 526 -10.50 21.14 -40.74
CA GLN A 526 -10.90 21.28 -39.34
C GLN A 526 -10.26 22.52 -38.72
N PRO A 527 -10.97 23.17 -37.80
CA PRO A 527 -10.37 24.28 -37.06
C PRO A 527 -9.17 23.82 -36.25
N VAL A 528 -8.29 24.76 -35.86
CA VAL A 528 -7.06 24.38 -35.18
C VAL A 528 -6.81 25.21 -33.92
N GLN A 529 -6.14 24.59 -32.94
CA GLN A 529 -5.77 25.29 -31.73
C GLN A 529 -4.40 25.93 -31.84
N THR A 530 -4.39 27.26 -31.87
CA THR A 530 -3.17 28.02 -32.01
C THR A 530 -2.89 28.65 -30.64
N PRO A 531 -1.62 28.69 -30.22
CA PRO A 531 -1.33 29.21 -28.88
C PRO A 531 -1.86 30.63 -28.82
N PHE A 532 -1.87 31.24 -29.99
CA PHE A 532 -2.34 32.61 -30.15
C PHE A 532 -3.85 32.65 -30.30
N GLY A 533 -4.50 31.50 -30.36
CA GLY A 533 -5.96 31.47 -30.47
C GLY A 533 -6.45 30.30 -31.30
N VAL A 534 -7.74 30.33 -31.63
CA VAL A 534 -8.33 29.29 -32.47
C VAL A 534 -8.60 29.81 -33.88
N VAL A 535 -8.35 28.97 -34.88
CA VAL A 535 -8.53 29.39 -36.27
C VAL A 535 -9.53 28.51 -36.99
N THR A 536 -10.48 29.13 -37.66
CA THR A 536 -11.46 28.39 -38.46
C THR A 536 -11.22 28.77 -39.92
N PHE A 537 -11.75 27.98 -40.85
CA PHE A 537 -11.49 28.24 -42.25
C PHE A 537 -12.75 28.49 -43.06
N LEU A 538 -12.88 29.73 -43.55
CA LEU A 538 -14.05 30.16 -44.31
C LEU A 538 -13.80 30.01 -45.80
N GLN A 539 -14.47 29.05 -46.43
CA GLN A 539 -14.40 28.91 -47.88
C GLN A 539 -15.28 29.93 -48.62
N ILE A 540 -14.70 30.50 -49.67
CA ILE A 540 -15.37 31.41 -50.59
C ILE A 540 -16.09 30.62 -51.66
N VAL A 541 -17.34 30.99 -51.94
CA VAL A 541 -18.15 30.32 -52.93
C VAL A 541 -18.67 31.34 -53.93
N GLY A 542 -18.27 31.20 -55.18
CA GLY A 542 -18.67 32.14 -56.21
C GLY A 542 -20.12 31.97 -56.59
N VAL A 543 -20.87 33.07 -56.62
CA VAL A 543 -22.29 33.00 -56.95
C VAL A 543 -22.66 34.05 -58.00
N CYS A 544 -23.80 33.84 -58.64
CA CYS A 544 -24.37 34.81 -59.57
C CYS A 544 -25.11 35.92 -58.85
N THR A 545 -25.40 37.00 -59.52
CA THR A 545 -26.01 38.11 -58.82
C THR A 545 -27.34 37.70 -58.29
N GLU A 546 -28.06 36.91 -59.04
CA GLU A 546 -29.34 36.37 -58.58
C GLU A 546 -29.30 35.54 -57.28
N GLU A 547 -28.28 34.71 -57.17
CA GLU A 547 -28.06 33.86 -56.00
C GLU A 547 -27.72 34.67 -54.74
N LEU A 548 -26.93 35.73 -54.93
CA LEU A 548 -26.63 36.66 -53.86
C LEU A 548 -27.90 37.33 -53.37
N HIS A 549 -28.75 37.69 -54.33
CA HIS A 549 -30.01 38.33 -53.99
C HIS A 549 -30.87 37.37 -53.19
N SER A 550 -30.87 36.10 -53.58
CA SER A 550 -31.69 35.15 -52.86
C SER A 550 -31.21 35.10 -51.43
N ALA A 551 -29.89 35.14 -51.29
CA ALA A 551 -29.26 35.02 -49.99
C ALA A 551 -29.65 36.19 -49.09
N GLN A 552 -29.71 37.38 -49.66
CA GLN A 552 -30.09 38.54 -48.87
C GLN A 552 -31.54 38.46 -48.45
N GLN A 553 -32.37 37.98 -49.35
CA GLN A 553 -33.80 37.90 -49.12
C GLN A 553 -34.16 36.84 -48.12
N TRP A 554 -33.44 35.74 -48.15
CA TRP A 554 -33.70 34.66 -47.22
C TRP A 554 -32.55 34.58 -46.23
N ASN A 555 -31.63 33.66 -46.45
CA ASN A 555 -30.41 33.65 -45.65
C ASN A 555 -29.29 32.95 -46.41
N GLY A 556 -28.05 33.17 -46.00
CA GLY A 556 -26.93 32.62 -46.73
C GLY A 556 -26.90 31.11 -46.67
N GLN A 557 -27.27 30.61 -45.52
CA GLN A 557 -27.14 29.23 -45.20
C GLN A 557 -27.96 28.35 -46.08
N GLY A 558 -29.18 28.80 -46.33
CA GLY A 558 -30.13 28.08 -47.14
C GLY A 558 -29.70 28.02 -48.59
N ILE A 559 -29.14 29.13 -49.06
CA ILE A 559 -28.73 29.20 -50.45
C ILE A 559 -27.47 28.37 -50.68
N LEU A 560 -26.61 28.31 -49.66
CA LEU A 560 -25.44 27.45 -49.76
C LEU A 560 -25.90 26.02 -49.94
N GLU A 561 -26.84 25.58 -49.12
CA GLU A 561 -27.34 24.20 -49.24
C GLU A 561 -27.92 23.94 -50.64
N LEU A 562 -28.70 24.90 -51.16
CA LEU A 562 -29.21 24.79 -52.52
C LEU A 562 -28.05 24.59 -53.49
N LEU A 563 -26.95 25.29 -53.24
CA LEU A 563 -25.76 25.16 -54.08
C LEU A 563 -25.16 23.76 -53.94
N ARG A 564 -25.26 23.19 -52.75
CA ARG A 564 -24.72 21.85 -52.53
C ARG A 564 -25.50 20.84 -53.35
N THR A 565 -26.81 21.01 -53.45
CA THR A 565 -27.63 20.07 -54.21
C THR A 565 -27.38 20.15 -55.71
N VAL A 566 -27.09 21.35 -56.23
CA VAL A 566 -26.74 21.50 -57.64
C VAL A 566 -25.23 21.38 -57.81
N PRO A 567 -24.77 20.18 -58.23
CA PRO A 567 -23.34 19.89 -58.20
C PRO A 567 -22.62 20.84 -59.15
N ILE A 568 -23.27 21.18 -60.25
CA ILE A 568 -22.62 22.00 -61.27
C ILE A 568 -22.28 23.37 -60.69
N ALA A 569 -23.07 23.81 -59.75
CA ALA A 569 -22.93 25.13 -59.16
C ALA A 569 -22.17 25.14 -57.83
N GLY A 570 -21.61 24.01 -57.44
CA GLY A 570 -20.89 23.92 -56.18
C GLY A 570 -20.79 22.48 -55.73
N GLY A 571 -21.95 21.89 -55.43
CA GLY A 571 -21.99 20.53 -54.92
C GLY A 571 -21.62 20.45 -53.46
N PRO A 572 -21.42 19.23 -52.96
CA PRO A 572 -21.20 18.95 -51.54
C PRO A 572 -20.06 19.75 -50.93
N TRP A 573 -19.02 20.01 -51.72
CA TRP A 573 -17.89 20.79 -51.22
C TRP A 573 -17.91 22.23 -51.72
N LEU A 574 -18.96 22.60 -52.44
CA LEU A 574 -19.15 23.97 -52.88
C LEU A 574 -17.97 24.48 -53.71
N ILE A 575 -17.73 23.79 -54.82
CA ILE A 575 -16.65 24.14 -55.74
C ILE A 575 -17.11 25.15 -56.77
N THR A 576 -16.39 26.25 -56.87
CA THR A 576 -16.76 27.33 -57.77
C THR A 576 -16.33 27.02 -59.19
N ASP A 577 -17.29 27.11 -60.11
CA ASP A 577 -16.99 26.98 -61.53
C ASP A 577 -17.21 28.33 -62.18
N MET A 578 -16.13 28.99 -62.56
CA MET A 578 -16.24 30.32 -63.16
C MET A 578 -16.96 30.29 -64.49
N ARG A 579 -16.95 29.13 -65.12
CA ARG A 579 -17.60 28.90 -66.40
C ARG A 579 -19.12 28.85 -66.35
N ARG A 580 -19.66 28.57 -65.20
CA ARG A 580 -21.07 28.28 -65.06
C ARG A 580 -21.83 29.41 -65.74
N GLY A 581 -22.90 29.06 -66.45
CA GLY A 581 -23.65 30.04 -67.21
C GLY A 581 -25.06 30.27 -66.72
N GLU A 582 -25.57 29.35 -65.90
CA GLU A 582 -26.94 29.43 -65.41
C GLU A 582 -26.98 29.56 -63.88
N THR A 583 -28.02 30.20 -63.37
CA THR A 583 -28.26 30.24 -61.94
C THR A 583 -28.86 28.92 -61.51
N ILE A 584 -28.83 28.62 -60.22
CA ILE A 584 -29.38 27.36 -59.73
C ILE A 584 -30.89 27.34 -60.01
N PHE A 585 -31.48 28.52 -60.18
CA PHE A 585 -32.91 28.62 -60.41
C PHE A 585 -33.28 28.36 -61.86
N GLU A 586 -32.38 28.73 -62.77
CA GLU A 586 -32.57 28.41 -64.17
C GLU A 586 -32.34 26.93 -64.39
N ILE A 587 -31.56 26.32 -63.51
CA ILE A 587 -31.24 24.89 -63.60
C ILE A 587 -32.34 24.03 -62.98
N ASP A 588 -32.99 24.56 -61.94
CA ASP A 588 -34.07 23.85 -61.27
C ASP A 588 -35.02 24.82 -60.56
N PRO A 589 -36.05 25.30 -61.27
CA PRO A 589 -37.04 26.22 -60.71
C PRO A 589 -37.69 25.79 -59.40
N HIS A 590 -37.84 24.49 -59.15
CA HIS A 590 -38.39 24.03 -57.88
C HIS A 590 -37.54 24.54 -56.72
N LEU A 591 -36.32 24.97 -57.02
CA LEU A 591 -35.45 25.53 -55.99
C LEU A 591 -35.99 26.88 -55.51
N GLN A 592 -36.53 27.68 -56.41
CA GLN A 592 -37.14 28.94 -56.02
C GLN A 592 -38.21 28.65 -54.98
N GLU A 593 -39.01 27.63 -55.26
CA GLU A 593 -40.05 27.21 -54.35
C GLU A 593 -39.48 26.95 -52.95
N ARG A 594 -38.35 26.26 -52.89
CA ARG A 594 -37.70 25.97 -51.62
C ARG A 594 -37.32 27.24 -50.86
N VAL A 595 -36.86 28.25 -51.60
CA VAL A 595 -36.51 29.53 -51.02
C VAL A 595 -37.73 30.23 -50.44
N ASP A 596 -38.86 30.17 -51.13
CA ASP A 596 -40.07 30.81 -50.64
C ASP A 596 -40.55 30.16 -49.35
N LYS A 597 -40.44 28.83 -49.29
CA LYS A 597 -40.83 28.11 -48.09
C LYS A 597 -39.95 28.53 -46.92
N GLY A 598 -38.67 28.71 -47.20
CA GLY A 598 -37.71 29.13 -46.19
C GLY A 598 -37.98 30.52 -45.65
N ILE A 599 -38.27 31.46 -46.54
CA ILE A 599 -38.57 32.82 -46.11
C ILE A 599 -39.81 32.81 -45.23
N GLU A 600 -40.78 31.96 -45.58
CA GLU A 600 -42.02 31.85 -44.82
C GLU A 600 -41.75 31.36 -43.41
N THR A 601 -40.91 30.34 -43.30
CA THR A 601 -40.70 29.67 -42.02
C THR A 601 -39.46 30.14 -41.26
N ASP A 602 -38.62 30.96 -41.90
CA ASP A 602 -37.43 31.52 -41.25
C ASP A 602 -37.47 33.04 -41.17
N GLY A 603 -38.31 33.64 -42.00
CA GLY A 603 -38.28 35.08 -42.17
C GLY A 603 -37.17 35.36 -43.15
N SER A 604 -36.95 36.63 -43.45
CA SER A 604 -35.90 36.99 -44.38
C SER A 604 -34.98 37.93 -43.69
N ASN A 605 -33.76 37.97 -44.19
CA ASN A 605 -32.72 38.75 -43.56
C ASN A 605 -32.64 40.13 -44.17
N LEU A 606 -33.58 40.43 -45.07
CA LEU A 606 -33.62 41.72 -45.74
C LEU A 606 -34.38 42.73 -44.89
N SER A 607 -33.70 43.77 -44.41
CA SER A 607 -34.34 44.71 -43.52
C SER A 607 -34.90 45.93 -44.26
N GLY A 608 -34.47 46.12 -45.50
CA GLY A 608 -34.88 47.29 -46.26
C GLY A 608 -34.29 47.28 -47.64
N VAL A 609 -34.83 48.11 -48.52
CA VAL A 609 -34.33 48.19 -49.88
C VAL A 609 -34.29 49.64 -50.35
N SER A 610 -33.37 49.94 -51.26
CA SER A 610 -33.35 51.21 -51.94
C SER A 610 -34.16 51.02 -53.20
N ALA A 611 -35.26 51.75 -53.32
CA ALA A 611 -36.21 51.51 -54.41
C ALA A 611 -36.90 52.76 -54.90
N LYS A 612 -37.51 52.64 -56.08
CA LYS A 612 -38.42 53.67 -56.58
C LYS A 612 -39.73 53.53 -55.83
N CYS A 613 -40.07 54.53 -55.02
CA CYS A 613 -41.29 54.47 -54.23
C CYS A 613 -41.60 55.83 -53.61
N ALA A 614 -42.80 55.97 -53.09
CA ALA A 614 -43.21 57.22 -52.46
C ALA A 614 -44.52 57.09 -51.69
N TRP A 615 -44.65 57.92 -50.65
CA TRP A 615 -45.88 58.05 -49.90
C TRP A 615 -46.30 59.51 -49.89
N ILE A 626 -38.61 69.66 -36.72
CA ILE A 626 -39.36 68.53 -37.26
C ILE A 626 -40.39 68.05 -36.25
N ARG A 627 -41.47 67.48 -36.76
CA ARG A 627 -42.63 67.16 -35.92
C ARG A 627 -43.21 65.81 -36.30
N THR A 628 -43.59 65.02 -35.30
CA THR A 628 -44.14 63.70 -35.55
C THR A 628 -45.63 63.82 -35.84
N ARG A 629 -45.97 63.89 -37.13
CA ARG A 629 -47.36 63.99 -37.57
C ARG A 629 -48.11 62.67 -37.41
N GLN A 630 -49.44 62.72 -37.44
CA GLN A 630 -50.27 61.50 -37.48
C GLN A 630 -51.23 61.59 -38.65
N LEU A 631 -51.50 60.44 -39.25
CA LEU A 631 -52.35 60.38 -40.43
C LEU A 631 -53.36 59.26 -40.27
N GLU A 632 -54.56 59.46 -40.81
CA GLU A 632 -55.55 58.40 -40.80
C GLU A 632 -55.69 57.79 -42.20
N SER A 633 -55.13 58.48 -43.19
CA SER A 633 -55.09 57.96 -44.55
C SER A 633 -53.66 57.97 -45.05
N VAL A 634 -53.30 56.96 -45.84
CA VAL A 634 -51.96 56.83 -46.37
C VAL A 634 -52.02 56.20 -47.76
N HIS A 635 -51.30 56.77 -48.72
CA HIS A 635 -51.24 56.22 -50.06
C HIS A 635 -49.79 55.97 -50.46
N LEU A 636 -49.44 54.70 -50.64
CA LEU A 636 -48.09 54.33 -51.02
C LEU A 636 -48.00 54.17 -52.53
N LYS A 637 -46.84 54.48 -53.10
CA LYS A 637 -46.58 54.24 -54.51
C LYS A 637 -45.34 53.36 -54.62
N PHE A 638 -45.37 52.38 -55.53
CA PHE A 638 -44.23 51.51 -55.72
C PHE A 638 -43.89 51.28 -57.17
N ASN A 639 -42.60 51.04 -57.41
CA ASN A 639 -42.16 50.52 -58.68
C ASN A 639 -42.50 49.04 -58.68
N GLN A 640 -42.55 48.44 -59.86
CA GLN A 640 -42.82 47.01 -60.01
C GLN A 640 -41.82 46.23 -59.25
N GLU A 641 -40.62 46.73 -59.28
CA GLU A 641 -39.48 46.08 -58.66
C GLU A 641 -39.57 46.08 -57.14
N SER A 642 -39.97 47.21 -56.57
CA SER A 642 -40.14 47.28 -55.12
C SER A 642 -41.51 46.74 -54.72
N GLY A 643 -42.46 46.83 -55.63
CA GLY A 643 -43.77 46.24 -55.41
C GLY A 643 -43.61 44.73 -55.27
N ALA A 644 -42.63 44.18 -55.95
CA ALA A 644 -42.38 42.75 -55.91
C ALA A 644 -42.02 42.27 -54.50
N LEU A 645 -41.43 43.14 -53.70
CA LEU A 645 -40.93 42.75 -52.38
C LEU A 645 -41.96 42.87 -51.27
N ILE A 646 -43.16 43.35 -51.58
CA ILE A 646 -44.17 43.55 -50.56
C ILE A 646 -44.55 42.24 -49.85
N PRO A 647 -44.79 41.17 -50.63
CA PRO A 647 -45.01 39.87 -49.98
C PRO A 647 -43.86 39.52 -49.05
N LEU A 648 -42.62 39.76 -49.48
CA LEU A 648 -41.46 39.50 -48.63
C LEU A 648 -41.52 40.35 -47.36
N CYS A 649 -41.91 41.61 -47.55
CA CYS A 649 -42.03 42.56 -46.45
C CYS A 649 -43.05 42.08 -45.41
N LEU A 650 -44.13 41.47 -45.87
CA LEU A 650 -45.19 41.04 -44.97
C LEU A 650 -45.00 39.60 -44.52
N ARG A 651 -44.94 38.68 -45.48
CA ARG A 651 -44.72 37.27 -45.18
C ARG A 651 -43.38 37.05 -44.50
N GLY A 652 -42.34 37.69 -45.05
CA GLY A 652 -40.99 37.45 -44.60
C GLY A 652 -40.61 38.19 -43.32
N ARG A 653 -41.23 39.34 -43.07
CA ARG A 653 -40.82 40.16 -41.93
C ARG A 653 -41.91 40.46 -40.91
N LEU A 654 -43.04 41.02 -41.32
CA LEU A 654 -44.07 41.40 -40.35
C LEU A 654 -44.67 40.19 -39.62
N LEU A 655 -44.81 39.08 -40.32
CA LEU A 655 -45.33 37.85 -39.71
C LEU A 655 -44.30 37.23 -38.77
N HIS A 656 -43.08 37.76 -38.80
CA HIS A 656 -42.05 37.36 -37.85
C HIS A 656 -41.75 38.50 -36.87
N GLY A 657 -42.65 39.47 -36.79
CA GLY A 657 -42.47 40.62 -35.91
C GLY A 657 -41.20 41.38 -36.24
N ARG A 658 -40.91 41.46 -37.54
CA ARG A 658 -39.73 42.16 -38.02
C ARG A 658 -40.14 43.32 -38.93
N HIS A 659 -39.56 44.48 -38.65
CA HIS A 659 -39.83 45.69 -39.43
C HIS A 659 -39.11 45.73 -40.74
N PHE A 660 -39.66 46.45 -41.72
CA PHE A 660 -39.05 46.57 -43.03
C PHE A 660 -39.03 48.03 -43.48
N THR A 661 -37.98 48.43 -44.20
CA THR A 661 -37.86 49.82 -44.64
C THR A 661 -37.54 50.01 -46.13
N TYR A 662 -38.47 50.62 -46.85
CA TYR A 662 -38.21 51.13 -48.19
C TYR A 662 -37.66 52.53 -48.07
N LYS A 663 -36.56 52.83 -48.77
CA LYS A 663 -36.10 54.21 -48.86
C LYS A 663 -36.06 54.63 -50.31
N SER A 664 -36.68 55.76 -50.61
CA SER A 664 -36.68 56.28 -51.97
C SER A 664 -35.25 56.56 -52.37
N ILE A 665 -34.92 56.17 -53.58
CA ILE A 665 -33.62 56.41 -54.14
C ILE A 665 -33.33 57.89 -54.30
N THR A 666 -34.34 58.65 -54.63
CA THR A 666 -34.16 60.08 -54.72
C THR A 666 -34.52 60.77 -53.46
N GLY A 667 -35.68 60.42 -52.95
CA GLY A 667 -36.34 61.22 -51.94
C GLY A 667 -35.61 61.08 -50.63
N ASP A 668 -35.99 61.88 -49.67
CA ASP A 668 -35.55 61.70 -48.34
C ASP A 668 -36.64 60.92 -47.69
N MET A 669 -37.56 60.43 -48.50
CA MET A 669 -38.71 59.69 -48.04
C MET A 669 -38.35 58.26 -47.64
N ALA A 670 -39.18 57.69 -46.76
CA ALA A 670 -38.96 56.35 -46.25
C ALA A 670 -40.28 55.79 -45.73
N ILE A 671 -40.46 54.49 -45.89
CA ILE A 671 -41.67 53.81 -45.46
C ILE A 671 -41.25 52.59 -44.68
N THR A 672 -41.55 52.59 -43.39
CA THR A 672 -41.17 51.46 -42.56
C THR A 672 -42.39 50.70 -42.07
N PHE A 673 -42.58 49.50 -42.61
CA PHE A 673 -43.64 48.62 -42.18
C PHE A 673 -43.28 48.04 -40.82
N VAL A 674 -44.18 48.22 -39.88
CA VAL A 674 -43.96 47.80 -38.53
C VAL A 674 -44.98 46.78 -38.09
N SER A 675 -44.52 45.64 -37.58
CA SER A 675 -45.41 44.67 -36.98
C SER A 675 -45.92 45.20 -35.67
N THR A 676 -47.10 44.75 -35.27
CA THR A 676 -47.54 44.99 -33.91
C THR A 676 -46.52 44.23 -33.07
N GLY A 677 -46.05 44.86 -32.00
CA GLY A 677 -45.03 44.22 -31.17
C GLY A 677 -43.58 44.51 -31.49
N VAL A 678 -43.29 45.34 -32.48
CA VAL A 678 -41.91 45.79 -32.65
C VAL A 678 -41.69 46.87 -31.61
N GLU A 679 -40.44 47.19 -31.31
CA GLU A 679 -40.17 48.16 -30.26
C GLU A 679 -39.59 49.46 -30.82
N GLY A 680 -40.04 50.58 -30.28
CA GLY A 680 -39.46 51.87 -30.62
C GLY A 680 -40.10 52.61 -31.77
N ALA A 681 -41.20 52.06 -32.29
CA ALA A 681 -41.92 52.75 -33.35
C ALA A 681 -42.75 53.87 -32.75
N PHE A 682 -43.01 54.92 -33.54
CA PHE A 682 -43.92 55.97 -33.10
C PHE A 682 -45.31 55.76 -33.70
N ALA A 683 -45.52 54.58 -34.26
CA ALA A 683 -46.84 54.17 -34.72
C ALA A 683 -47.42 53.23 -33.68
N THR A 684 -48.68 53.49 -33.33
CA THR A 684 -49.39 52.69 -32.35
C THR A 684 -50.58 52.10 -33.02
N GLU A 685 -51.16 51.08 -32.39
CA GLU A 685 -52.36 50.46 -32.91
C GLU A 685 -53.42 51.56 -32.95
N GLU A 686 -53.40 52.41 -31.93
CA GLU A 686 -54.33 53.52 -31.87
C GLU A 686 -54.10 54.44 -33.06
N HIS A 687 -52.83 54.65 -33.38
CA HIS A 687 -52.46 55.53 -34.48
C HIS A 687 -51.42 54.89 -35.36
N PRO A 688 -51.87 53.92 -36.17
CA PRO A 688 -50.98 53.09 -36.98
C PRO A 688 -50.13 53.86 -37.97
N TYR A 689 -50.70 54.86 -38.63
CA TYR A 689 -49.94 55.62 -39.61
C TYR A 689 -49.43 56.91 -39.01
N ALA A 690 -48.11 57.03 -38.89
CA ALA A 690 -47.50 58.24 -38.34
C ALA A 690 -46.23 58.54 -39.12
N ALA A 691 -45.80 59.80 -39.11
CA ALA A 691 -44.61 60.18 -39.85
C ALA A 691 -43.80 61.22 -39.10
N HIS A 692 -42.47 61.10 -39.17
CA HIS A 692 -41.57 62.13 -38.68
C HIS A 692 -40.83 62.72 -39.88
N GLY A 693 -41.31 63.88 -40.33
CA GLY A 693 -40.79 64.46 -41.56
C GLY A 693 -41.10 63.57 -42.73
N PRO A 694 -40.07 63.16 -43.48
CA PRO A 694 -40.29 62.32 -44.65
C PRO A 694 -40.35 60.85 -44.32
N TRP A 695 -40.16 60.52 -43.06
CA TRP A 695 -40.05 59.14 -42.67
C TRP A 695 -41.38 58.65 -42.16
N LEU A 696 -41.90 57.61 -42.78
CA LEU A 696 -43.22 57.13 -42.44
C LEU A 696 -43.17 55.73 -41.88
N GLN A 697 -43.88 55.55 -40.77
CA GLN A 697 -44.02 54.25 -40.17
C GLN A 697 -45.49 53.88 -40.15
N ILE A 698 -45.81 52.69 -40.63
CA ILE A 698 -47.19 52.20 -40.57
C ILE A 698 -47.23 50.83 -39.90
N LEU A 699 -48.10 50.71 -38.91
CA LEU A 699 -48.22 49.46 -38.16
C LEU A 699 -49.40 48.64 -38.65
N LEU A 700 -49.14 47.39 -39.00
CA LEU A 700 -50.18 46.50 -39.49
C LEU A 700 -50.36 45.33 -38.56
N THR A 701 -51.59 45.16 -38.09
CA THR A 701 -51.90 44.01 -37.25
C THR A 701 -51.86 42.77 -38.11
N GLU A 702 -51.58 41.65 -37.48
CA GLU A 702 -51.26 40.43 -38.22
C GLU A 702 -52.39 40.00 -39.11
N GLU A 703 -53.62 40.14 -38.62
CA GLU A 703 -54.76 39.66 -39.39
C GLU A 703 -54.86 40.44 -40.66
N PHE A 704 -54.69 41.74 -40.55
CA PHE A 704 -54.83 42.59 -41.71
C PHE A 704 -53.73 42.27 -42.67
N VAL A 705 -52.56 41.91 -42.15
CA VAL A 705 -51.43 41.59 -42.97
C VAL A 705 -51.74 40.37 -43.82
N GLU A 706 -52.35 39.37 -43.21
CA GLU A 706 -52.68 38.15 -43.93
C GLU A 706 -53.68 38.46 -45.01
N LYS A 707 -54.63 39.34 -44.70
CA LYS A 707 -55.67 39.67 -45.64
C LYS A 707 -55.05 40.33 -46.85
N MET A 708 -54.07 41.17 -46.56
CA MET A 708 -53.44 42.00 -47.56
C MET A 708 -52.68 41.07 -48.49
N LEU A 709 -52.08 40.05 -47.90
CA LEU A 709 -51.32 39.08 -48.66
C LEU A 709 -52.22 38.29 -49.59
N GLU A 710 -53.43 37.95 -49.11
CA GLU A 710 -54.33 37.18 -49.96
C GLU A 710 -54.76 38.05 -51.12
N ASP A 711 -54.94 39.34 -50.82
CA ASP A 711 -55.38 40.28 -51.81
C ASP A 711 -54.33 40.39 -52.88
N LEU A 712 -53.07 40.23 -52.47
CA LEU A 712 -51.99 40.25 -53.44
C LEU A 712 -51.75 38.86 -54.03
N GLU A 713 -52.50 37.88 -53.55
CA GLU A 713 -52.46 36.53 -54.12
C GLU A 713 -51.33 36.35 -55.14
N LYS A 722 -50.59 43.39 -64.34
CA LYS A 722 -49.46 43.49 -63.46
C LYS A 722 -49.20 44.98 -63.26
N LEU A 723 -49.32 45.74 -64.34
CA LEU A 723 -49.28 47.20 -64.20
C LEU A 723 -50.27 47.87 -65.15
N PRO A 724 -50.84 49.00 -64.74
CA PRO A 724 -50.70 49.55 -63.38
C PRO A 724 -51.50 48.77 -62.37
N LYS A 725 -51.06 48.76 -61.12
CA LYS A 725 -51.77 48.04 -60.05
C LYS A 725 -52.25 48.98 -58.95
N GLU A 726 -53.54 48.89 -58.61
CA GLU A 726 -54.11 49.73 -57.56
C GLU A 726 -54.83 48.88 -56.51
N TYR A 727 -54.57 49.16 -55.23
CA TYR A 727 -55.20 48.43 -54.15
C TYR A 727 -55.82 49.39 -53.17
N SER A 728 -56.96 49.01 -52.59
CA SER A 728 -57.62 49.84 -51.60
C SER A 728 -58.19 49.01 -50.48
N TRP A 729 -58.19 49.59 -49.29
CA TRP A 729 -58.77 49.00 -48.10
C TRP A 729 -59.50 50.11 -47.34
N PRO A 730 -60.23 49.78 -46.28
CA PRO A 730 -60.85 50.91 -45.61
C PRO A 730 -59.85 51.95 -45.20
N GLU A 731 -58.73 51.51 -44.62
CA GLU A 731 -57.71 52.42 -44.10
C GLU A 731 -56.85 53.18 -45.13
N LYS A 732 -56.36 52.48 -46.15
CA LYS A 732 -55.20 52.93 -46.91
C LYS A 732 -55.18 52.45 -48.35
N LYS A 733 -54.45 53.17 -49.20
CA LYS A 733 -54.33 52.80 -50.61
C LYS A 733 -52.90 52.46 -50.98
N LEU A 734 -52.75 51.53 -51.92
CA LEU A 734 -51.44 51.16 -52.46
C LEU A 734 -51.45 51.16 -54.00
N LYS A 735 -50.46 51.82 -54.59
CA LYS A 735 -50.31 51.85 -56.05
C LYS A 735 -49.02 51.22 -56.54
N VAL A 736 -49.12 50.38 -57.57
CA VAL A 736 -47.93 49.89 -58.27
C VAL A 736 -47.88 50.49 -59.65
N SER A 737 -46.73 51.05 -60.02
CA SER A 737 -46.60 51.92 -61.18
C SER A 737 -45.27 51.67 -61.88
N ILE A 738 -45.00 52.39 -62.96
CA ILE A 738 -43.79 52.12 -63.74
C ILE A 738 -42.80 53.27 -63.98
N LEU A 739 -43.28 54.36 -64.56
CA LEU A 739 -42.45 55.55 -64.77
C LEU A 739 -42.88 56.88 -64.15
N PRO A 740 -43.78 56.91 -63.17
CA PRO A 740 -44.03 58.17 -62.48
C PRO A 740 -42.78 58.63 -61.79
N ASP A 741 -42.10 57.66 -61.20
CA ASP A 741 -40.86 57.90 -60.51
C ASP A 741 -39.89 58.34 -61.60
N VAL A 742 -39.17 59.43 -61.36
CA VAL A 742 -38.36 60.01 -62.44
C VAL A 742 -38.01 58.92 -63.43
N GLU B 5 -6.98 38.84 -9.18
CA GLU B 5 -6.47 40.02 -9.89
C GLU B 5 -6.56 41.25 -9.00
N GLY B 6 -5.99 42.35 -9.49
CA GLY B 6 -6.17 43.65 -8.85
C GLY B 6 -5.30 43.96 -7.64
N LYS B 7 -4.48 43.00 -7.21
CA LYS B 7 -3.59 43.23 -6.07
C LYS B 7 -2.40 42.27 -6.08
N LEU B 8 -1.39 42.57 -5.28
CA LEU B 8 -0.22 41.70 -5.14
C LEU B 8 -0.04 41.22 -3.70
N VAL B 9 0.23 39.93 -3.54
CA VAL B 9 0.46 39.34 -2.23
C VAL B 9 1.84 38.71 -2.20
N ILE B 10 2.53 38.81 -1.06
CA ILE B 10 3.87 38.26 -0.93
C ILE B 10 4.01 37.42 0.33
N TRP B 11 4.71 36.30 0.20
CA TRP B 11 5.09 35.50 1.35
C TRP B 11 6.60 35.49 1.51
N ILE B 12 7.07 35.79 2.72
CA ILE B 12 8.49 35.71 3.02
C ILE B 12 8.66 35.31 4.48
N ASN B 13 9.65 34.46 4.76
CA ASN B 13 9.81 33.92 6.10
C ASN B 13 9.92 35.03 7.16
N GLY B 14 9.46 34.72 8.36
CA GLY B 14 9.37 35.71 9.42
C GLY B 14 10.70 36.15 9.99
N ASP B 15 11.75 35.37 9.75
CA ASP B 15 13.08 35.74 10.21
C ASP B 15 13.72 36.76 9.26
N LYS B 16 13.10 36.96 8.10
CA LYS B 16 13.59 37.91 7.11
C LYS B 16 13.06 39.30 7.39
N GLY B 17 13.53 40.27 6.62
CA GLY B 17 13.09 41.65 6.77
C GLY B 17 11.86 41.95 5.94
N TYR B 18 10.70 41.49 6.42
CA TYR B 18 9.45 41.72 5.71
C TYR B 18 8.93 43.15 5.90
N ASN B 19 9.44 43.85 6.90
CA ASN B 19 9.07 45.25 7.10
C ASN B 19 9.72 46.18 6.08
N GLY B 20 10.97 45.90 5.75
CA GLY B 20 11.65 46.62 4.68
C GLY B 20 10.99 46.30 3.35
N LEU B 21 10.75 45.02 3.12
CA LEU B 21 10.01 44.58 1.94
C LEU B 21 8.67 45.31 1.88
N ALA B 22 8.07 45.52 3.05
CA ALA B 22 6.79 46.21 3.14
C ALA B 22 6.92 47.66 2.70
N GLU B 23 8.01 48.31 3.10
CA GLU B 23 8.29 49.69 2.69
C GLU B 23 8.39 49.81 1.17
N VAL B 24 9.11 48.89 0.55
CA VAL B 24 9.19 48.86 -0.91
C VAL B 24 7.78 48.63 -1.48
N GLY B 25 6.99 47.84 -0.77
CA GLY B 25 5.62 47.57 -1.17
C GLY B 25 4.72 48.78 -1.17
N LYS B 26 4.90 49.66 -0.20
CA LYS B 26 4.09 50.87 -0.16
C LYS B 26 4.58 51.87 -1.20
N LYS B 27 5.89 51.93 -1.44
CA LYS B 27 6.37 52.77 -2.51
C LYS B 27 5.68 52.35 -3.80
N PHE B 28 5.54 51.04 -3.97
CA PHE B 28 4.89 50.51 -5.16
C PHE B 28 3.43 50.96 -5.20
N GLU B 29 2.76 50.90 -4.07
CA GLU B 29 1.37 51.34 -3.98
C GLU B 29 1.26 52.82 -4.31
N LYS B 30 2.26 53.60 -3.93
CA LYS B 30 2.29 55.01 -4.27
C LYS B 30 2.44 55.29 -5.76
N ASP B 31 3.38 54.60 -6.40
CA ASP B 31 3.66 54.88 -7.81
C ASP B 31 2.48 54.54 -8.70
N THR B 32 1.89 53.38 -8.47
CA THR B 32 0.68 53.02 -9.20
C THR B 32 -0.55 52.87 -8.32
N GLY B 33 -0.45 53.10 -7.02
CA GLY B 33 -1.65 53.06 -6.20
C GLY B 33 -2.14 51.68 -5.80
N ILE B 34 -1.36 50.64 -6.11
CA ILE B 34 -1.82 49.28 -5.83
C ILE B 34 -1.20 48.77 -4.54
N LYS B 35 -2.02 48.22 -3.64
CA LYS B 35 -1.51 47.74 -2.37
C LYS B 35 -0.70 46.45 -2.51
N VAL B 36 0.40 46.39 -1.77
CA VAL B 36 1.19 45.18 -1.71
C VAL B 36 1.16 44.65 -0.28
N THR B 37 0.48 43.52 -0.09
CA THR B 37 0.40 42.89 1.21
C THR B 37 1.56 41.91 1.39
N VAL B 38 2.27 42.04 2.50
CA VAL B 38 3.39 41.16 2.79
C VAL B 38 3.11 40.35 4.06
N GLU B 39 3.02 39.03 3.91
CA GLU B 39 2.72 38.15 5.02
C GLU B 39 3.90 37.22 5.31
N HIS B 40 3.94 36.70 6.52
CA HIS B 40 5.05 35.84 6.94
C HIS B 40 4.56 34.64 7.75
N PRO B 41 3.64 33.84 7.16
CA PRO B 41 3.08 32.68 7.84
C PRO B 41 4.18 31.69 8.20
N ASP B 42 3.98 30.91 9.25
CA ASP B 42 4.97 29.91 9.61
C ASP B 42 4.90 28.75 8.61
N LYS B 43 6.03 28.08 8.42
CA LYS B 43 6.08 26.94 7.51
C LYS B 43 5.52 27.32 6.15
N LEU B 44 5.81 28.53 5.70
CA LEU B 44 5.31 28.99 4.42
C LEU B 44 5.84 28.13 3.28
N GLU B 45 7.02 27.57 3.48
CA GLU B 45 7.63 26.73 2.45
C GLU B 45 6.81 25.44 2.27
N GLU B 46 6.07 25.08 3.31
CA GLU B 46 5.18 23.92 3.26
C GLU B 46 3.78 24.33 2.81
N LYS B 47 3.30 25.45 3.34
CA LYS B 47 1.94 25.90 3.04
C LYS B 47 1.74 26.19 1.55
N PHE B 48 2.72 26.82 0.91
CA PHE B 48 2.56 27.24 -0.47
C PHE B 48 2.11 26.10 -1.38
N PRO B 49 2.90 25.03 -1.46
CA PRO B 49 2.52 23.91 -2.33
C PRO B 49 1.18 23.30 -1.93
N GLN B 50 0.84 23.41 -0.65
CA GLN B 50 -0.45 22.91 -0.17
C GLN B 50 -1.63 23.64 -0.80
N VAL B 51 -1.59 24.97 -0.81
CA VAL B 51 -2.75 25.76 -1.17
C VAL B 51 -2.79 26.08 -2.64
N ALA B 52 -1.62 26.06 -3.26
CA ALA B 52 -1.48 26.57 -4.61
C ALA B 52 -2.38 25.80 -5.57
N ALA B 53 -2.54 24.51 -5.30
CA ALA B 53 -3.31 23.65 -6.19
C ALA B 53 -4.77 24.07 -6.30
N THR B 54 -5.38 24.43 -5.18
CA THR B 54 -6.79 24.81 -5.17
C THR B 54 -7.01 26.08 -5.98
N GLY B 55 -6.08 27.02 -5.86
CA GLY B 55 -6.23 28.34 -6.45
C GLY B 55 -6.05 29.42 -5.41
N ASP B 56 -5.70 29.00 -4.19
CA ASP B 56 -5.26 29.92 -3.16
C ASP B 56 -3.78 30.17 -3.38
N GLY B 57 -3.09 30.69 -2.36
CA GLY B 57 -1.67 30.94 -2.48
C GLY B 57 -1.35 32.35 -2.92
N PRO B 58 -0.20 32.87 -2.47
CA PRO B 58 0.27 34.21 -2.79
C PRO B 58 0.74 34.39 -4.23
N ASP B 59 0.79 35.63 -4.69
CA ASP B 59 1.26 35.94 -6.03
C ASP B 59 2.76 35.70 -6.13
N ILE B 60 3.47 36.04 -5.07
CA ILE B 60 4.92 35.92 -5.02
C ILE B 60 5.36 35.21 -3.75
N ILE B 61 6.27 34.24 -3.89
CA ILE B 61 6.77 33.52 -2.73
C ILE B 61 8.29 33.61 -2.63
N PHE B 62 8.77 33.96 -1.44
CA PHE B 62 10.20 34.06 -1.19
C PHE B 62 10.73 32.87 -0.40
N TRP B 63 11.81 32.27 -0.90
CA TRP B 63 12.49 31.20 -0.19
C TRP B 63 13.79 30.82 -0.90
N ALA B 64 14.67 30.13 -0.20
CA ALA B 64 15.89 29.61 -0.82
C ALA B 64 15.53 28.79 -2.04
N HIS B 65 16.42 28.75 -3.02
CA HIS B 65 16.13 28.10 -4.30
C HIS B 65 15.87 26.60 -4.18
N ASP B 66 16.45 25.96 -3.16
CA ASP B 66 16.42 24.50 -3.06
C ASP B 66 15.01 23.92 -3.15
N ARG B 67 14.00 24.69 -2.74
CA ARG B 67 12.62 24.23 -2.83
C ARG B 67 12.07 24.39 -4.25
N PHE B 68 12.41 25.51 -4.87
CA PHE B 68 11.75 25.96 -6.09
C PHE B 68 11.69 24.93 -7.21
N GLY B 69 12.74 24.11 -7.34
CA GLY B 69 12.70 23.05 -8.32
C GLY B 69 11.46 22.20 -8.13
N GLY B 70 11.25 21.74 -6.90
CA GLY B 70 10.08 20.93 -6.60
C GLY B 70 8.82 21.67 -7.02
N TYR B 71 8.65 22.86 -6.46
CA TYR B 71 7.53 23.73 -6.82
C TYR B 71 7.31 23.78 -8.33
N ALA B 72 8.40 23.75 -9.09
CA ALA B 72 8.32 23.93 -10.55
C ALA B 72 7.86 22.66 -11.24
N GLN B 73 8.22 21.52 -10.68
CA GLN B 73 7.86 20.24 -11.27
C GLN B 73 6.41 19.94 -10.91
N SER B 74 5.93 20.57 -9.83
CA SER B 74 4.55 20.43 -9.41
C SER B 74 3.65 21.37 -10.23
N GLY B 75 4.26 22.23 -11.03
CA GLY B 75 3.52 23.15 -11.87
C GLY B 75 2.92 24.30 -11.08
N LEU B 76 3.65 24.77 -10.07
CA LEU B 76 3.15 25.82 -9.20
C LEU B 76 3.81 27.17 -9.52
N LEU B 77 4.81 27.14 -10.38
CA LEU B 77 5.55 28.36 -10.73
C LEU B 77 5.45 28.71 -12.19
N ALA B 78 5.42 30.01 -12.47
CA ALA B 78 5.36 30.52 -13.84
C ALA B 78 6.77 30.73 -14.37
N GLU B 79 6.90 30.75 -15.69
CA GLU B 79 8.17 31.08 -16.32
C GLU B 79 8.41 32.55 -16.08
N ILE B 80 9.67 32.94 -15.93
CA ILE B 80 9.98 34.34 -15.72
C ILE B 80 10.70 34.90 -16.94
N THR B 81 10.26 36.05 -17.42
CA THR B 81 10.90 36.65 -18.59
C THR B 81 11.72 37.88 -18.24
N PRO B 82 13.04 37.76 -18.27
CA PRO B 82 13.87 38.94 -18.10
C PRO B 82 14.43 39.38 -19.44
N ASP B 83 14.66 40.68 -19.60
CA ASP B 83 15.44 41.17 -20.71
C ASP B 83 16.87 40.69 -20.46
N LYS B 84 17.62 40.43 -21.52
CA LYS B 84 18.95 39.85 -21.37
C LYS B 84 19.85 40.77 -20.56
N ALA B 85 19.75 42.07 -20.84
CA ALA B 85 20.52 43.07 -20.10
C ALA B 85 20.17 43.03 -18.62
N PHE B 86 18.88 42.88 -18.31
CA PHE B 86 18.47 42.81 -16.91
C PHE B 86 19.14 41.61 -16.28
N GLN B 87 19.24 40.53 -17.04
CA GLN B 87 19.90 39.36 -16.54
C GLN B 87 21.34 39.75 -16.25
N ASP B 88 21.80 40.79 -16.94
CA ASP B 88 23.19 41.25 -16.80
C ASP B 88 23.39 42.06 -15.52
N LYS B 89 22.29 42.52 -14.94
CA LYS B 89 22.35 43.24 -13.68
C LYS B 89 22.67 42.30 -12.53
N LEU B 90 22.29 41.02 -12.69
CA LEU B 90 22.55 40.03 -11.64
C LEU B 90 23.66 39.07 -12.06
N TYR B 91 24.33 38.49 -11.07
CA TYR B 91 25.43 37.56 -11.33
C TYR B 91 24.91 36.28 -11.99
N PRO B 92 25.71 35.70 -12.90
CA PRO B 92 25.29 34.47 -13.59
C PRO B 92 25.10 33.24 -12.69
N PHE B 93 25.98 33.05 -11.71
CA PHE B 93 25.87 31.88 -10.84
C PHE B 93 24.62 31.93 -9.97
N THR B 94 24.15 33.14 -9.66
CA THR B 94 22.89 33.29 -8.95
C THR B 94 21.75 32.82 -9.84
N TRP B 95 21.83 33.15 -11.13
CA TRP B 95 20.83 32.71 -12.09
C TRP B 95 20.81 31.18 -12.19
N ASP B 96 21.99 30.58 -12.16
CA ASP B 96 22.10 29.13 -12.19
C ASP B 96 21.23 28.48 -11.11
N ALA B 97 21.16 29.12 -9.95
CA ALA B 97 20.48 28.57 -8.79
C ALA B 97 18.96 28.49 -8.98
N VAL B 98 18.43 29.33 -9.87
CA VAL B 98 16.99 29.37 -10.12
C VAL B 98 16.67 28.80 -11.49
N ARG B 99 17.60 28.00 -12.02
CA ARG B 99 17.43 27.37 -13.31
C ARG B 99 17.04 25.91 -13.12
N TYR B 100 15.84 25.55 -13.56
CA TYR B 100 15.35 24.18 -13.44
C TYR B 100 14.78 23.67 -14.76
N ASN B 101 15.34 22.55 -15.24
CA ASN B 101 14.93 21.98 -16.52
C ASN B 101 15.10 22.97 -17.66
N GLY B 102 16.19 23.74 -17.60
CA GLY B 102 16.50 24.72 -18.62
C GLY B 102 15.45 25.81 -18.71
N LYS B 103 15.00 26.24 -17.54
CA LYS B 103 14.07 27.36 -17.43
C LYS B 103 14.46 28.18 -16.23
N LEU B 104 14.00 29.43 -16.17
CA LEU B 104 14.24 30.23 -14.98
C LEU B 104 12.92 30.32 -14.23
N ILE B 105 12.92 29.85 -13.00
CA ILE B 105 11.67 29.73 -12.25
C ILE B 105 11.61 30.72 -11.10
N ALA B 106 12.60 31.61 -11.01
CA ALA B 106 12.62 32.58 -9.94
C ALA B 106 13.59 33.71 -10.22
N TYR B 107 13.37 34.84 -9.57
CA TYR B 107 14.33 35.94 -9.61
C TYR B 107 15.27 35.79 -8.41
N PRO B 108 16.55 35.51 -8.67
CA PRO B 108 17.48 35.39 -7.54
C PRO B 108 17.59 36.70 -6.78
N ILE B 109 17.48 36.65 -5.46
CA ILE B 109 17.50 37.86 -4.64
C ILE B 109 18.83 38.03 -3.92
N ALA B 110 19.17 37.05 -3.08
CA ALA B 110 20.38 37.17 -2.28
C ALA B 110 21.02 35.82 -1.98
N VAL B 111 22.28 35.87 -1.55
CA VAL B 111 23.04 34.67 -1.23
C VAL B 111 23.20 34.55 0.28
N GLU B 112 22.66 33.47 0.83
CA GLU B 112 22.70 33.19 2.26
C GLU B 112 23.65 32.05 2.60
N ALA B 113 24.54 32.28 3.56
CA ALA B 113 25.42 31.25 4.07
C ALA B 113 25.63 31.43 5.57
N LEU B 114 25.74 30.32 6.28
CA LEU B 114 25.96 30.35 7.72
C LEU B 114 27.40 30.72 8.05
N SER B 115 27.57 31.51 9.11
CA SER B 115 28.89 31.90 9.56
C SER B 115 28.99 31.72 11.08
N LEU B 116 30.20 31.59 11.58
CA LEU B 116 30.38 31.48 13.03
C LEU B 116 30.35 32.88 13.64
N ILE B 117 29.36 33.11 14.50
CA ILE B 117 29.24 34.38 15.18
C ILE B 117 29.70 34.25 16.63
N TYR B 118 30.60 35.14 17.05
CA TYR B 118 31.18 35.04 18.39
C TYR B 118 31.15 36.38 19.12
N ASN B 119 31.05 36.32 20.45
CA ASN B 119 31.20 37.50 21.28
C ASN B 119 32.68 37.84 21.44
N LYS B 120 33.08 38.98 20.91
CA LYS B 120 34.48 39.39 20.97
C LYS B 120 34.95 39.51 22.42
N ASP B 121 34.06 39.97 23.29
CA ASP B 121 34.39 40.14 24.70
C ASP B 121 34.72 38.82 25.39
N LEU B 122 33.85 37.83 25.23
CA LEU B 122 34.08 36.51 25.79
C LEU B 122 35.15 35.74 24.99
N LEU B 123 35.08 35.85 23.66
CA LEU B 123 36.03 35.19 22.77
C LEU B 123 36.88 36.20 22.02
N PRO B 124 38.06 36.52 22.56
CA PRO B 124 38.97 37.36 21.78
C PRO B 124 39.37 36.64 20.50
N ASN B 125 39.64 35.35 20.63
CA ASN B 125 40.02 34.50 19.51
C ASN B 125 39.06 33.34 19.33
N PRO B 126 38.17 33.42 18.33
CA PRO B 126 37.28 32.27 18.13
C PRO B 126 38.06 31.03 17.71
N PRO B 127 37.59 29.85 18.11
CA PRO B 127 38.28 28.60 17.75
C PRO B 127 38.27 28.36 16.25
N LYS B 128 39.35 27.79 15.72
CA LYS B 128 39.41 27.48 14.30
C LYS B 128 38.97 26.05 14.03
N THR B 129 38.77 25.27 15.09
CA THR B 129 38.35 23.89 14.95
C THR B 129 37.28 23.52 15.97
N TRP B 130 36.45 22.55 15.61
CA TRP B 130 35.39 22.07 16.51
C TRP B 130 36.00 21.37 17.72
N GLU B 131 37.10 20.67 17.51
CA GLU B 131 37.69 19.84 18.55
C GLU B 131 38.14 20.64 19.77
N GLU B 132 38.33 21.94 19.60
CA GLU B 132 38.73 22.83 20.69
C GLU B 132 37.60 23.05 21.68
N ILE B 133 36.39 23.10 21.16
CA ILE B 133 35.23 23.60 21.89
C ILE B 133 34.88 22.87 23.19
N PRO B 134 35.19 21.59 23.27
CA PRO B 134 34.92 20.88 24.52
C PRO B 134 35.74 21.49 25.63
N ALA B 135 37.00 21.76 25.35
CA ALA B 135 37.90 22.40 26.31
C ALA B 135 37.49 23.82 26.62
N LEU B 136 37.13 24.56 25.57
CA LEU B 136 36.68 25.92 25.72
C LEU B 136 35.40 26.02 26.52
N ASP B 137 34.48 25.09 26.24
CA ASP B 137 33.22 25.02 26.95
C ASP B 137 33.49 24.72 28.40
N LYS B 138 34.47 23.87 28.60
CA LYS B 138 34.81 23.43 29.93
C LYS B 138 35.24 24.65 30.71
N GLU B 139 36.01 25.51 30.06
CA GLU B 139 36.48 26.74 30.70
C GLU B 139 35.34 27.69 31.00
N LEU B 140 34.44 27.84 30.06
CA LEU B 140 33.37 28.82 30.14
C LEU B 140 32.34 28.47 31.20
N LYS B 141 32.07 27.18 31.32
CA LYS B 141 31.15 26.67 32.33
C LYS B 141 31.60 27.13 33.72
N ALA B 142 32.92 27.19 33.90
CA ALA B 142 33.50 27.64 35.16
C ALA B 142 33.18 29.11 35.42
N LYS B 143 32.87 29.85 34.36
CA LYS B 143 32.57 31.28 34.50
C LYS B 143 31.08 31.60 34.31
N GLY B 144 30.23 30.56 34.36
CA GLY B 144 28.80 30.72 34.24
C GLY B 144 28.33 31.01 32.82
N LYS B 145 29.14 30.61 31.84
CA LYS B 145 28.81 30.83 30.44
C LYS B 145 28.88 29.50 29.68
N SER B 146 28.42 29.50 28.43
CA SER B 146 28.55 28.33 27.58
C SER B 146 29.29 28.73 26.30
N ALA B 147 29.97 27.77 25.69
CA ALA B 147 30.78 28.05 24.52
C ALA B 147 29.94 28.26 23.26
N LEU B 148 28.96 27.38 23.05
CA LEU B 148 28.22 27.37 21.80
C LEU B 148 26.75 27.01 21.98
N MET B 149 25.88 27.69 21.22
CA MET B 149 24.47 27.35 21.14
C MET B 149 23.92 27.76 19.78
N PHE B 150 23.29 26.82 19.09
CA PHE B 150 22.65 27.11 17.81
C PHE B 150 21.48 26.15 17.56
N ASN B 151 20.65 26.48 16.58
CA ASN B 151 19.44 25.71 16.29
C ASN B 151 19.72 24.25 15.95
N LEU B 152 19.26 23.34 16.80
CA LEU B 152 19.47 21.90 16.57
C LEU B 152 18.20 21.23 16.04
N GLN B 153 17.18 22.02 15.75
CA GLN B 153 15.91 21.48 15.28
C GLN B 153 15.83 21.47 13.76
N GLU B 154 16.64 22.31 13.13
CA GLU B 154 16.73 22.35 11.68
C GLU B 154 18.11 21.86 11.24
N PRO B 155 18.14 20.86 10.33
CA PRO B 155 19.40 20.29 9.85
C PRO B 155 20.26 21.30 9.10
N TYR B 156 19.65 22.42 8.70
CA TYR B 156 20.35 23.44 7.94
C TYR B 156 21.57 23.94 8.72
N PHE B 157 21.48 23.89 10.04
CA PHE B 157 22.51 24.44 10.90
C PHE B 157 23.58 23.43 11.26
N THR B 158 23.25 22.14 11.21
CA THR B 158 24.19 21.09 11.53
C THR B 158 24.80 20.45 10.29
N TRP B 159 24.29 20.82 9.12
CA TRP B 159 24.76 20.22 7.87
C TRP B 159 26.22 20.57 7.57
N PRO B 160 26.65 21.79 7.92
CA PRO B 160 28.05 22.15 7.70
C PRO B 160 29.01 21.14 8.33
N LEU B 161 28.74 20.79 9.58
CA LEU B 161 29.57 19.83 10.31
C LEU B 161 29.44 18.44 9.71
N ILE B 162 28.21 18.07 9.37
CA ILE B 162 27.94 16.75 8.81
C ILE B 162 28.64 16.56 7.46
N ALA B 163 28.84 17.64 6.73
CA ALA B 163 29.43 17.57 5.39
C ALA B 163 30.94 17.74 5.40
N ALA B 164 31.45 18.34 6.46
CA ALA B 164 32.88 18.65 6.57
C ALA B 164 33.78 17.49 6.18
N ASP B 165 33.51 16.31 6.74
CA ASP B 165 34.41 15.17 6.55
C ASP B 165 33.98 14.22 5.43
N GLY B 166 32.99 14.63 4.63
CA GLY B 166 32.60 13.84 3.47
C GLY B 166 31.11 13.62 3.28
N GLY B 167 30.29 14.10 4.21
CA GLY B 167 28.86 14.01 4.05
C GLY B 167 28.39 14.79 2.83
N TYR B 168 27.35 14.29 2.17
CA TYR B 168 26.75 14.98 1.03
C TYR B 168 25.31 14.54 0.81
N ALA B 169 24.54 15.38 0.12
CA ALA B 169 23.14 15.08 -0.14
C ALA B 169 23.03 14.10 -1.31
N PHE B 170 23.28 14.58 -2.52
CA PHE B 170 23.20 13.74 -3.70
C PHE B 170 24.48 13.81 -4.52
N LYS B 171 25.04 12.64 -4.85
CA LYS B 171 26.24 12.59 -5.67
C LYS B 171 25.95 13.29 -7.00
N TYR B 172 27.00 13.88 -7.56
CA TYR B 172 26.85 14.66 -8.79
C TYR B 172 27.60 13.94 -9.91
N GLU B 173 26.94 13.70 -11.03
CA GLU B 173 27.47 12.81 -12.06
C GLU B 173 27.49 13.44 -13.44
N ASN B 174 28.57 14.15 -13.73
CA ASN B 174 28.78 14.74 -15.05
C ASN B 174 27.59 15.58 -15.52
N GLY B 175 27.08 16.40 -14.62
CA GLY B 175 26.06 17.37 -14.96
C GLY B 175 24.68 17.05 -14.45
N LYS B 176 24.51 15.88 -13.83
CA LYS B 176 23.21 15.53 -13.28
C LYS B 176 23.29 14.84 -11.93
N TYR B 177 22.49 15.34 -10.99
CA TYR B 177 22.44 14.79 -9.64
C TYR B 177 21.81 13.40 -9.64
N ASP B 178 22.58 12.42 -9.15
CA ASP B 178 22.07 11.07 -9.00
C ASP B 178 21.30 10.95 -7.69
N ILE B 179 19.99 10.79 -7.78
CA ILE B 179 19.13 10.82 -6.60
C ILE B 179 19.15 9.50 -5.87
N LYS B 180 19.88 8.53 -6.41
CA LYS B 180 20.04 7.23 -5.77
C LYS B 180 21.29 7.23 -4.88
N ASP B 181 22.29 8.01 -5.29
CA ASP B 181 23.56 8.04 -4.58
C ASP B 181 23.51 9.12 -3.50
N VAL B 182 22.93 8.77 -2.36
CA VAL B 182 22.85 9.69 -1.24
C VAL B 182 24.03 9.44 -0.29
N GLY B 183 24.52 10.51 0.34
CA GLY B 183 25.69 10.41 1.18
C GLY B 183 25.50 10.94 2.59
N VAL B 184 24.36 10.67 3.20
CA VAL B 184 24.13 11.09 4.57
C VAL B 184 24.54 9.97 5.53
N ASP B 185 24.99 8.86 4.96
CA ASP B 185 25.36 7.71 5.76
C ASP B 185 26.84 7.36 5.64
N ASN B 186 27.58 8.12 4.85
CA ASN B 186 29.01 7.87 4.69
C ASN B 186 29.80 8.23 5.95
N ALA B 187 31.03 7.73 6.01
CA ALA B 187 31.85 7.82 7.21
C ALA B 187 32.01 9.25 7.70
N GLY B 188 32.13 10.18 6.76
CA GLY B 188 32.27 11.58 7.09
C GLY B 188 31.05 12.15 7.79
N ALA B 189 29.87 11.81 7.27
CA ALA B 189 28.62 12.25 7.87
C ALA B 189 28.46 11.65 9.27
N LYS B 190 28.79 10.37 9.39
CA LYS B 190 28.76 9.70 10.68
C LYS B 190 29.66 10.41 11.68
N ALA B 191 30.83 10.83 11.23
CA ALA B 191 31.82 11.46 12.09
C ALA B 191 31.35 12.82 12.61
N GLY B 192 30.82 13.66 11.72
CA GLY B 192 30.33 14.96 12.10
C GLY B 192 29.19 14.88 13.11
N LEU B 193 28.19 14.09 12.77
CA LEU B 193 27.05 13.92 13.66
C LEU B 193 27.45 13.28 14.98
N THR B 194 28.44 12.39 14.93
CA THR B 194 28.90 11.70 16.14
C THR B 194 29.58 12.69 17.07
N PHE B 195 30.30 13.64 16.49
CA PHE B 195 30.96 14.68 17.25
C PHE B 195 29.92 15.52 17.98
N LEU B 196 28.90 15.95 17.23
CA LEU B 196 27.80 16.72 17.82
C LEU B 196 27.15 15.97 18.98
N VAL B 197 26.87 14.68 18.77
CA VAL B 197 26.18 13.89 19.77
C VAL B 197 27.05 13.74 21.01
N ASP B 198 28.35 13.68 20.81
CA ASP B 198 29.28 13.57 21.93
C ASP B 198 29.32 14.88 22.71
N LEU B 199 29.02 15.98 22.10
CA LEU B 199 28.96 17.18 22.85
C LEU B 199 27.88 17.09 23.83
N ILE B 200 26.78 16.60 23.39
CA ILE B 200 25.66 16.51 24.26
C ILE B 200 25.77 15.57 25.40
N LYS B 201 26.42 14.48 25.14
CA LYS B 201 26.68 13.52 26.14
C LYS B 201 27.51 14.16 27.20
N ASN B 202 28.41 15.01 26.78
CA ASN B 202 29.32 15.69 27.64
C ASN B 202 28.85 17.03 28.06
N LYS B 203 27.63 17.36 27.74
CA LYS B 203 26.95 18.47 28.38
C LYS B 203 27.43 19.82 27.91
N HIS B 204 28.18 19.83 26.84
CA HIS B 204 28.44 21.04 26.11
C HIS B 204 27.32 21.56 25.33
N MET B 205 26.40 20.70 24.98
CA MET B 205 25.26 21.12 24.21
C MET B 205 24.01 20.43 24.62
N ASN B 206 22.89 21.03 24.28
CA ASN B 206 21.61 20.55 24.69
C ASN B 206 20.66 20.28 23.56
N ALA B 207 20.25 19.05 23.37
CA ALA B 207 19.52 18.65 22.16
C ALA B 207 18.20 19.41 22.02
N ASP B 208 17.66 19.88 23.13
CA ASP B 208 16.38 20.57 23.10
C ASP B 208 16.49 21.94 22.46
N THR B 209 17.73 22.40 22.27
CA THR B 209 17.97 23.78 21.86
C THR B 209 17.19 24.14 20.59
N ASP B 210 16.74 25.39 20.55
CA ASP B 210 15.84 25.90 19.52
C ASP B 210 16.54 27.06 18.83
N TYR B 211 15.98 27.54 17.72
CA TYR B 211 16.50 28.75 17.09
C TYR B 211 16.42 29.93 18.07
N SER B 212 15.24 30.11 18.66
CA SER B 212 15.01 31.22 19.59
C SER B 212 15.89 31.11 20.83
N ILE B 213 16.08 29.89 21.32
CA ILE B 213 16.81 29.66 22.56
C ILE B 213 18.29 30.01 22.41
N ALA B 214 18.85 29.63 21.27
CA ALA B 214 20.25 29.95 20.97
C ALA B 214 20.40 31.45 20.74
N GLU B 215 19.45 32.03 20.02
CA GLU B 215 19.51 33.45 19.71
C GLU B 215 19.46 34.28 20.98
N ALA B 216 18.65 33.86 21.94
CA ALA B 216 18.52 34.57 23.20
C ALA B 216 19.80 34.41 24.00
N ALA B 217 20.33 33.19 23.99
CA ALA B 217 21.55 32.88 24.70
C ALA B 217 22.72 33.76 24.29
N PHE B 218 22.87 33.96 22.98
CA PHE B 218 23.99 34.73 22.47
C PHE B 218 23.75 36.22 22.58
N ASN B 219 22.50 36.63 22.36
CA ASN B 219 22.14 38.03 22.47
C ASN B 219 22.05 38.48 23.93
N LYS B 220 21.92 37.50 24.82
CA LYS B 220 21.93 37.78 26.25
C LYS B 220 23.34 37.68 26.80
N GLY B 221 24.28 37.34 25.93
CA GLY B 221 25.68 37.22 26.34
C GLY B 221 25.94 36.01 27.24
N GLU B 222 25.00 35.06 27.24
CA GLU B 222 25.14 33.85 28.06
C GLU B 222 26.04 32.82 27.39
N THR B 223 25.99 32.78 26.06
CA THR B 223 26.85 31.86 25.32
C THR B 223 27.85 32.64 24.48
N ALA B 224 28.99 32.01 24.23
CA ALA B 224 30.11 32.66 23.58
C ALA B 224 29.96 32.70 22.07
N MET B 225 29.35 31.66 21.51
CA MET B 225 29.19 31.58 20.06
C MET B 225 27.80 31.13 19.65
N THR B 226 27.52 31.27 18.36
CA THR B 226 26.29 30.76 17.75
C THR B 226 26.57 30.59 16.27
N ILE B 227 25.64 29.97 15.56
CA ILE B 227 25.78 29.79 14.11
C ILE B 227 24.50 30.24 13.43
N ASN B 228 24.64 31.14 12.45
CA ASN B 228 23.48 31.74 11.82
C ASN B 228 23.81 32.53 10.56
N GLY B 229 22.77 32.94 9.84
CA GLY B 229 22.93 33.69 8.61
C GLY B 229 22.73 35.17 8.82
N PRO B 230 23.01 35.97 7.78
CA PRO B 230 22.99 37.43 7.81
C PRO B 230 21.74 38.03 8.46
N TRP B 231 20.58 37.39 8.25
CA TRP B 231 19.34 37.91 8.79
C TRP B 231 19.39 38.12 10.30
N ALA B 232 20.13 37.28 10.99
CA ALA B 232 20.21 37.33 12.45
C ALA B 232 20.82 38.63 12.96
N TRP B 233 21.74 39.19 12.17
CA TRP B 233 22.56 40.32 12.59
C TRP B 233 21.77 41.47 13.21
N SER B 234 20.72 41.92 12.53
CA SER B 234 19.99 43.12 12.95
C SER B 234 19.58 43.06 14.42
N ASN B 235 19.11 41.89 14.86
CA ASN B 235 18.73 41.72 16.26
C ASN B 235 19.95 41.78 17.20
N ILE B 236 21.10 41.30 16.71
CA ILE B 236 22.31 41.31 17.49
C ILE B 236 22.86 42.73 17.63
N ASP B 237 22.68 43.54 16.59
CA ASP B 237 23.06 44.94 16.65
C ASP B 237 22.31 45.62 17.78
N THR B 238 21.04 45.26 17.92
CA THR B 238 20.17 45.85 18.94
C THR B 238 20.54 45.37 20.35
N SER B 239 21.06 44.16 20.46
CA SER B 239 21.41 43.59 21.76
C SER B 239 22.69 44.19 22.32
N LYS B 240 23.34 45.04 21.52
CA LYS B 240 24.57 45.71 21.94
C LYS B 240 25.61 44.72 22.48
N VAL B 241 25.72 43.59 21.80
CA VAL B 241 26.78 42.63 22.09
C VAL B 241 27.87 42.82 21.05
N ASN B 242 29.12 42.92 21.48
CA ASN B 242 30.17 43.08 20.50
C ASN B 242 30.38 41.71 19.92
N TYR B 243 29.97 41.56 18.66
CA TYR B 243 30.13 40.33 17.91
C TYR B 243 30.84 40.44 16.59
N GLY B 244 31.51 39.38 16.24
CA GLY B 244 32.14 39.29 14.96
C GLY B 244 31.56 38.11 14.24
N VAL B 245 31.55 38.22 12.92
CA VAL B 245 31.24 37.14 12.04
C VAL B 245 32.45 36.63 11.36
N THR B 246 32.61 35.36 11.37
CA THR B 246 33.85 34.76 10.89
C THR B 246 33.64 33.38 10.30
N VAL B 247 34.71 32.78 9.79
CA VAL B 247 34.65 31.48 9.16
C VAL B 247 34.31 30.40 10.20
N LEU B 248 33.58 29.39 9.74
CA LEU B 248 33.18 28.28 10.60
C LEU B 248 34.39 27.44 10.99
N PRO B 249 34.33 26.76 12.13
CA PRO B 249 35.43 25.89 12.59
C PRO B 249 35.63 24.68 11.67
N THR B 250 36.85 24.17 11.59
CA THR B 250 37.13 22.99 10.79
C THR B 250 36.90 21.73 11.61
N PHE B 251 36.47 20.67 10.94
CA PHE B 251 36.29 19.37 11.59
C PHE B 251 37.25 18.36 10.98
N LYS B 252 38.03 17.71 11.84
CA LYS B 252 39.04 16.75 11.41
C LYS B 252 39.92 17.33 10.31
N GLY B 253 40.24 18.61 10.44
CA GLY B 253 41.15 19.27 9.53
C GLY B 253 40.46 19.93 8.34
N GLN B 254 39.32 19.38 7.95
CA GLN B 254 38.58 19.91 6.80
C GLN B 254 37.60 20.98 7.27
N PRO B 255 37.24 21.90 6.35
CA PRO B 255 36.38 23.04 6.67
C PRO B 255 34.90 22.71 6.67
N SER B 256 34.12 23.40 7.49
CA SER B 256 32.67 23.22 7.51
C SER B 256 32.09 23.63 6.15
N LYS B 257 31.18 22.82 5.64
CA LYS B 257 30.64 23.06 4.31
C LYS B 257 29.15 23.31 4.33
N PRO B 258 28.77 24.54 4.63
CA PRO B 258 27.35 24.87 4.68
C PRO B 258 26.68 24.64 3.34
N PHE B 259 25.39 24.37 3.35
CA PHE B 259 24.61 24.33 2.12
C PHE B 259 24.13 25.75 1.85
N VAL B 260 24.76 26.42 0.90
CA VAL B 260 24.40 27.79 0.58
C VAL B 260 23.05 27.85 -0.11
N GLY B 261 22.25 28.83 0.27
CA GLY B 261 20.94 29.01 -0.32
C GLY B 261 20.91 30.32 -1.07
N VAL B 262 20.01 30.46 -2.03
CA VAL B 262 19.88 31.72 -2.74
C VAL B 262 18.46 32.20 -2.58
N LEU B 263 18.27 33.19 -1.72
CA LEU B 263 16.94 33.72 -1.49
C LEU B 263 16.40 34.18 -2.82
N SER B 264 15.28 33.58 -3.22
CA SER B 264 14.72 33.78 -4.55
C SER B 264 13.22 34.04 -4.44
N ALA B 265 12.69 34.74 -5.44
CA ALA B 265 11.27 35.07 -5.48
C ALA B 265 10.65 34.46 -6.72
N GLY B 266 9.58 33.70 -6.51
CA GLY B 266 8.88 33.05 -7.60
C GLY B 266 7.48 33.61 -7.78
N ILE B 267 6.93 33.41 -8.97
CA ILE B 267 5.60 33.88 -9.30
C ILE B 267 4.62 32.73 -9.41
N ASN B 268 3.55 32.79 -8.63
CA ASN B 268 2.54 31.75 -8.61
C ASN B 268 1.92 31.57 -9.99
N ALA B 269 1.91 30.33 -10.48
CA ALA B 269 1.35 30.02 -11.79
C ALA B 269 -0.15 30.33 -11.84
N ALA B 270 -0.79 30.30 -10.68
CA ALA B 270 -2.22 30.58 -10.57
C ALA B 270 -2.49 32.04 -10.22
N SER B 271 -1.53 32.91 -10.54
CA SER B 271 -1.67 34.33 -10.24
C SER B 271 -2.19 35.08 -11.45
N PRO B 272 -3.29 35.82 -11.27
CA PRO B 272 -3.81 36.70 -12.32
C PRO B 272 -2.82 37.79 -12.70
N ASN B 273 -2.00 38.21 -11.72
CA ASN B 273 -1.10 39.37 -11.84
C ASN B 273 0.38 39.16 -12.21
N LYS B 274 0.70 38.25 -13.15
CA LYS B 274 2.10 37.90 -13.39
C LYS B 274 3.02 39.00 -13.85
N GLU B 275 2.54 39.83 -14.74
CA GLU B 275 3.35 40.90 -15.24
C GLU B 275 3.47 41.92 -14.18
N LEU B 276 2.47 42.00 -13.37
CA LEU B 276 2.60 43.00 -12.40
C LEU B 276 3.81 42.61 -11.67
N ALA B 277 3.91 41.32 -11.45
CA ALA B 277 5.06 40.77 -10.81
C ALA B 277 6.38 40.94 -11.54
N LYS B 278 6.47 40.79 -12.85
CA LYS B 278 7.81 40.94 -13.38
C LYS B 278 8.21 42.32 -12.92
N GLU B 279 7.26 43.23 -13.03
CA GLU B 279 7.58 44.59 -12.70
C GLU B 279 8.00 44.81 -11.28
N PHE B 280 7.27 44.30 -10.31
CA PHE B 280 7.55 44.73 -8.99
C PHE B 280 8.95 44.34 -8.60
N LEU B 281 9.25 43.11 -8.84
CA LEU B 281 10.57 42.56 -8.54
C LEU B 281 11.66 43.22 -9.38
N GLU B 282 11.38 43.37 -10.66
CA GLU B 282 12.40 43.84 -11.60
C GLU B 282 12.85 45.28 -11.31
N ASN B 283 11.91 46.19 -11.15
CA ASN B 283 12.25 47.61 -11.07
C ASN B 283 12.11 48.26 -9.70
N TYR B 284 11.78 47.46 -8.68
CA TYR B 284 11.58 48.02 -7.34
C TYR B 284 12.36 47.26 -6.28
N LEU B 285 12.14 45.96 -6.19
CA LEU B 285 12.92 45.15 -5.28
C LEU B 285 14.35 45.03 -5.80
N LEU B 286 14.49 44.58 -7.04
CA LEU B 286 15.82 44.43 -7.63
C LEU B 286 16.39 45.77 -8.09
N THR B 287 16.42 46.73 -7.17
CA THR B 287 17.10 48.01 -7.37
C THR B 287 17.88 48.30 -6.10
N ASP B 288 18.86 49.18 -6.18
CA ASP B 288 19.67 49.52 -5.01
C ASP B 288 18.81 49.92 -3.81
N GLU B 289 17.80 50.75 -4.07
CA GLU B 289 17.00 51.30 -3.00
C GLU B 289 16.15 50.23 -2.33
N GLY B 290 15.58 49.33 -3.12
CA GLY B 290 14.73 48.28 -2.59
C GLY B 290 15.47 47.34 -1.66
N LEU B 291 16.61 46.84 -2.13
CA LEU B 291 17.41 45.92 -1.35
C LEU B 291 17.92 46.61 -0.10
N GLU B 292 18.24 47.89 -0.22
CA GLU B 292 18.68 48.67 0.93
C GLU B 292 17.53 48.73 1.93
N ALA B 293 16.32 48.94 1.44
CA ALA B 293 15.14 49.06 2.28
C ALA B 293 14.91 47.77 3.08
N VAL B 294 15.06 46.64 2.40
CA VAL B 294 14.89 45.34 3.02
C VAL B 294 16.06 44.98 3.92
N ASN B 295 17.24 45.46 3.54
CA ASN B 295 18.46 45.03 4.20
C ASN B 295 18.68 45.78 5.52
N LYS B 296 18.15 47.00 5.60
CA LYS B 296 18.13 47.75 6.83
C LYS B 296 17.28 47.04 7.88
N ASP B 297 16.15 46.48 7.44
CA ASP B 297 15.29 45.69 8.32
C ASP B 297 16.01 44.44 8.80
N LYS B 298 16.42 43.60 7.86
CA LYS B 298 17.19 42.39 8.18
C LYS B 298 18.14 42.09 7.04
N PRO B 299 19.46 42.08 7.34
CA PRO B 299 20.44 41.85 6.28
C PRO B 299 20.14 40.64 5.40
N LEU B 300 20.33 40.79 4.10
CA LEU B 300 20.07 39.73 3.13
C LEU B 300 21.30 38.88 2.91
N GLY B 301 22.47 39.45 3.25
CA GLY B 301 23.74 38.80 2.98
C GLY B 301 24.37 39.38 1.73
N ALA B 302 24.79 38.50 0.82
CA ALA B 302 25.42 38.93 -0.42
C ALA B 302 24.39 38.93 -1.55
N VAL B 303 23.85 40.11 -1.84
CA VAL B 303 22.81 40.25 -2.86
C VAL B 303 23.30 39.83 -4.25
N ALA B 304 22.35 39.61 -5.14
CA ALA B 304 22.65 39.16 -6.49
C ALA B 304 22.72 40.33 -7.47
N LEU B 305 22.33 41.51 -7.01
CA LEU B 305 22.38 42.71 -7.86
C LEU B 305 23.77 43.31 -7.81
N LYS B 306 24.52 43.13 -8.89
CA LYS B 306 25.91 43.58 -8.97
C LYS B 306 26.12 44.95 -8.32
N SER B 307 25.34 45.94 -8.74
CA SER B 307 25.53 47.31 -8.29
C SER B 307 25.57 47.42 -6.77
N TYR B 308 24.56 46.87 -6.09
CA TYR B 308 24.45 46.98 -4.63
C TYR B 308 25.43 46.06 -3.92
N GLU B 309 25.75 44.92 -4.53
CA GLU B 309 26.68 43.98 -3.94
C GLU B 309 28.08 44.59 -3.81
N GLU B 310 28.51 45.29 -4.85
CA GLU B 310 29.81 45.94 -4.82
C GLU B 310 29.88 46.86 -3.61
N GLU B 311 28.76 47.52 -3.33
CA GLU B 311 28.66 48.47 -2.23
C GLU B 311 28.67 47.75 -0.88
N LEU B 312 28.11 46.55 -0.84
CA LEU B 312 28.08 45.76 0.39
C LEU B 312 29.26 44.80 0.55
N ALA B 313 30.09 44.69 -0.49
CA ALA B 313 31.22 43.77 -0.45
C ALA B 313 32.30 44.23 0.55
N LYS B 314 32.28 45.51 0.88
CA LYS B 314 33.28 46.09 1.79
C LYS B 314 33.11 45.50 3.19
N ASP B 315 31.86 45.24 3.57
CA ASP B 315 31.54 44.75 4.91
C ASP B 315 32.27 43.45 5.21
N PRO B 316 33.10 43.44 6.27
CA PRO B 316 33.83 42.23 6.64
C PRO B 316 32.90 41.07 6.98
N ARG B 317 31.69 41.36 7.43
CA ARG B 317 30.72 40.32 7.73
C ARG B 317 30.32 39.59 6.45
N ILE B 318 30.10 40.34 5.38
CA ILE B 318 29.77 39.78 4.08
C ILE B 318 30.94 38.98 3.51
N ALA B 319 32.15 39.43 3.81
CA ALA B 319 33.35 38.72 3.38
C ALA B 319 33.36 37.33 4.00
N ALA B 320 33.20 37.28 5.32
CA ALA B 320 33.18 36.00 6.03
C ALA B 320 32.01 35.15 5.55
N THR B 321 30.91 35.80 5.21
CA THR B 321 29.73 35.09 4.71
C THR B 321 30.09 34.38 3.41
N MET B 322 30.83 35.06 2.54
CA MET B 322 31.19 34.51 1.24
C MET B 322 32.31 33.47 1.36
N GLU B 323 33.16 33.60 2.37
CA GLU B 323 34.22 32.62 2.59
C GLU B 323 33.57 31.28 2.98
N ASN B 324 32.66 31.34 3.94
CA ASN B 324 31.88 30.16 4.32
C ASN B 324 31.08 29.65 3.14
N ALA B 325 30.57 30.57 2.32
CA ALA B 325 29.80 30.19 1.14
C ALA B 325 30.63 29.41 0.13
N GLN B 326 31.89 29.78 -0.04
CA GLN B 326 32.77 29.12 -1.01
C GLN B 326 33.19 27.74 -0.53
N LYS B 327 33.51 27.66 0.73
CA LYS B 327 33.97 26.46 1.30
C LYS B 327 32.91 25.42 1.24
N GLY B 328 31.70 25.87 1.32
CA GLY B 328 30.54 25.00 1.20
C GLY B 328 30.03 24.93 -0.23
N GLU B 329 29.01 24.11 -0.46
CA GLU B 329 28.44 23.98 -1.79
C GLU B 329 27.08 24.68 -1.88
N ILE B 330 26.69 25.05 -3.09
CA ILE B 330 25.38 25.63 -3.32
C ILE B 330 24.32 24.53 -3.42
N MET B 331 23.19 24.73 -2.74
CA MET B 331 22.15 23.71 -2.66
C MET B 331 21.61 23.32 -4.04
N PRO B 332 21.40 22.02 -4.25
CA PRO B 332 20.68 21.62 -5.46
C PRO B 332 19.26 22.16 -5.38
N ASN B 333 18.60 22.32 -6.52
CA ASN B 333 17.22 22.81 -6.53
C ASN B 333 16.24 21.72 -6.95
N ILE B 334 16.74 20.51 -7.17
CA ILE B 334 15.89 19.40 -7.61
C ILE B 334 14.77 19.13 -6.60
N PRO B 335 13.71 18.45 -7.05
CA PRO B 335 12.52 18.24 -6.22
C PRO B 335 12.78 17.36 -5.00
N GLN B 336 13.82 16.53 -5.06
CA GLN B 336 14.13 15.60 -3.98
C GLN B 336 14.63 16.30 -2.72
N MET B 337 15.16 17.52 -2.87
CA MET B 337 15.74 18.26 -1.75
C MET B 337 14.86 18.26 -0.50
N SER B 338 13.57 18.53 -0.65
CA SER B 338 12.67 18.56 0.49
C SER B 338 12.69 17.23 1.26
N ALA B 339 12.73 16.12 0.52
CA ALA B 339 12.73 14.80 1.14
C ALA B 339 14.03 14.58 1.91
N PHE B 340 15.13 14.95 1.27
CA PHE B 340 16.44 14.92 1.91
C PHE B 340 16.43 15.67 3.24
N TRP B 341 16.02 16.93 3.21
CA TRP B 341 16.04 17.77 4.41
C TRP B 341 15.26 17.14 5.56
N TYR B 342 14.12 16.55 5.24
CA TYR B 342 13.27 15.93 6.24
C TYR B 342 13.96 14.70 6.84
N ALA B 343 14.51 13.86 5.98
CA ALA B 343 15.26 12.69 6.44
C ALA B 343 16.32 13.13 7.44
N VAL B 344 17.13 14.10 7.05
CA VAL B 344 18.25 14.55 7.86
C VAL B 344 17.78 15.18 9.17
N ARG B 345 16.71 15.97 9.10
CA ARG B 345 16.15 16.61 10.29
C ARG B 345 15.78 15.56 11.34
N THR B 346 15.09 14.51 10.91
CA THR B 346 14.68 13.44 11.80
C THR B 346 15.89 12.73 12.38
N ALA B 347 16.91 12.52 11.56
CA ALA B 347 18.12 11.83 11.97
C ALA B 347 18.84 12.60 13.07
N VAL B 348 19.09 13.89 12.81
CA VAL B 348 19.79 14.75 13.76
C VAL B 348 19.08 14.78 15.10
N ILE B 349 17.80 15.13 15.09
CA ILE B 349 17.01 15.19 16.31
C ILE B 349 17.06 13.88 17.09
N ASN B 350 16.76 12.78 16.40
CA ASN B 350 16.75 11.47 17.04
C ASN B 350 18.12 11.08 17.59
N ALA B 351 19.18 11.45 16.87
CA ALA B 351 20.54 11.13 17.30
C ALA B 351 20.95 12.01 18.47
N ALA B 352 20.42 13.23 18.50
CA ALA B 352 20.79 14.20 19.52
C ALA B 352 20.00 13.98 20.81
N SER B 353 18.76 13.50 20.67
CA SER B 353 17.91 13.26 21.82
C SER B 353 18.20 11.89 22.44
N GLY B 354 18.87 11.03 21.69
CA GLY B 354 19.20 9.70 22.16
C GLY B 354 18.17 8.64 21.81
N ARG B 355 17.13 9.03 21.07
CA ARG B 355 16.13 8.07 20.60
C ARG B 355 16.80 7.00 19.75
N GLN B 356 17.74 7.44 18.92
CA GLN B 356 18.33 6.59 17.89
C GLN B 356 19.83 6.77 17.91
N THR B 357 20.56 5.67 17.69
CA THR B 357 22.00 5.75 17.59
C THR B 357 22.33 6.47 16.29
N VAL B 358 23.51 7.08 16.22
CA VAL B 358 23.90 7.82 15.02
C VAL B 358 23.78 6.96 13.77
N ASP B 359 24.29 5.74 13.83
CA ASP B 359 24.28 4.84 12.68
C ASP B 359 22.87 4.52 12.19
N ALA B 360 21.99 4.18 13.12
CA ALA B 360 20.62 3.86 12.79
C ALA B 360 19.87 5.05 12.22
N ALA B 361 20.04 6.21 12.86
CA ALA B 361 19.38 7.44 12.41
C ALA B 361 19.79 7.81 10.99
N LEU B 362 21.09 7.69 10.72
CA LEU B 362 21.63 8.10 9.42
C LEU B 362 21.34 7.06 8.35
N ALA B 363 21.15 5.81 8.76
CA ALA B 363 20.79 4.76 7.82
C ALA B 363 19.35 4.97 7.37
N ALA B 364 18.50 5.32 8.32
CA ALA B 364 17.11 5.59 8.03
C ALA B 364 16.99 6.85 7.19
N ALA B 365 17.87 7.82 7.46
CA ALA B 365 17.88 9.06 6.70
C ALA B 365 18.28 8.78 5.25
N GLN B 366 19.27 7.90 5.08
CA GLN B 366 19.75 7.52 3.76
C GLN B 366 18.63 6.87 2.95
N THR B 367 17.88 6.00 3.61
CA THR B 367 16.77 5.29 2.98
C THR B 367 15.58 6.21 2.68
N ASN B 368 15.26 7.09 3.61
CA ASN B 368 14.01 7.85 3.55
C ASN B 368 14.10 9.10 2.70
N ALA B 369 15.32 9.62 2.53
CA ALA B 369 15.52 10.77 1.67
C ALA B 369 15.17 10.42 0.23
N ALA B 370 15.18 9.12 -0.07
CA ALA B 370 14.80 8.65 -1.40
C ALA B 370 13.59 7.71 -1.30
N ALA B 371 12.59 8.11 -0.52
CA ALA B 371 11.36 7.34 -0.37
C ALA B 371 10.13 8.17 -0.72
N PRO B 372 9.82 8.29 -2.01
CA PRO B 372 8.74 9.11 -2.54
C PRO B 372 7.38 8.84 -1.89
N GLY B 373 7.08 7.58 -1.61
CA GLY B 373 5.81 7.23 -0.97
C GLY B 373 5.78 7.74 0.45
N LEU B 374 6.82 7.38 1.21
CA LEU B 374 6.94 7.83 2.58
C LEU B 374 6.81 9.34 2.64
N HIS B 375 7.46 10.02 1.69
CA HIS B 375 7.49 11.47 1.66
C HIS B 375 6.12 12.09 1.38
N ALA B 376 5.39 11.49 0.45
CA ALA B 376 4.07 11.98 0.09
C ALA B 376 3.09 11.86 1.26
N ILE B 377 3.20 10.78 2.03
CA ILE B 377 2.39 10.63 3.24
C ILE B 377 2.86 11.61 4.32
N TYR B 378 4.17 11.80 4.42
CA TYR B 378 4.73 12.70 5.42
C TYR B 378 4.26 14.12 5.15
N GLY B 379 4.04 14.44 3.87
CA GLY B 379 3.53 15.75 3.50
C GLY B 379 2.21 16.00 4.21
N GLU B 380 1.29 15.07 4.07
CA GLU B 380 -0.03 15.19 4.67
C GLU B 380 0.13 15.30 6.18
N CYS B 381 0.97 14.44 6.75
CA CYS B 381 1.18 14.41 8.19
C CYS B 381 1.71 15.74 8.70
N ARG B 382 2.47 16.44 7.86
CA ARG B 382 2.99 17.75 8.23
C ARG B 382 1.92 18.84 8.05
N ARG B 383 1.03 18.64 7.09
CA ARG B 383 -0.11 19.55 6.91
C ARG B 383 -0.97 19.54 8.17
N LEU B 384 -1.26 18.35 8.68
CA LEU B 384 -2.12 18.23 9.86
C LEU B 384 -1.39 18.56 11.15
N TYR B 385 -0.10 18.25 11.21
CA TYR B 385 0.65 18.38 12.45
C TYR B 385 1.93 19.17 12.27
N PRO B 386 1.80 20.47 11.93
CA PRO B 386 2.91 21.43 11.85
C PRO B 386 3.64 21.54 13.17
N ASP B 387 2.88 21.34 14.25
CA ASP B 387 3.42 21.42 15.60
C ASP B 387 4.45 20.34 15.92
N GLN B 388 4.30 19.14 15.37
CA GLN B 388 5.15 18.01 15.75
C GLN B 388 5.89 17.40 14.55
N PRO B 389 7.02 17.99 14.17
CA PRO B 389 7.86 17.53 13.05
C PRO B 389 8.43 16.12 13.20
N ASN B 390 8.79 15.72 14.42
CA ASN B 390 9.30 14.37 14.64
C ASN B 390 8.64 13.72 15.84
N PRO B 391 7.38 13.29 15.66
CA PRO B 391 6.60 12.59 16.68
C PRO B 391 7.28 11.28 17.06
N LEU B 392 6.94 10.73 18.23
CA LEU B 392 7.40 9.40 18.61
C LEU B 392 6.96 8.37 17.57
N GLN B 393 7.91 7.58 17.07
CA GLN B 393 7.65 6.70 15.93
C GLN B 393 8.24 5.30 16.15
N VAL B 394 7.37 4.29 16.09
CA VAL B 394 7.82 2.91 16.24
C VAL B 394 8.34 2.39 14.91
N THR B 395 9.58 1.95 14.90
CA THR B 395 10.21 1.43 13.69
C THR B 395 10.39 -0.07 13.80
N ALA B 396 9.96 -0.79 12.76
CA ALA B 396 10.26 -2.21 12.65
C ALA B 396 11.73 -2.35 12.27
N ILE B 397 12.52 -2.89 13.19
CA ILE B 397 13.97 -2.93 13.02
C ILE B 397 14.40 -4.04 12.06
N VAL B 398 13.67 -5.15 12.07
CA VAL B 398 13.88 -6.19 11.07
C VAL B 398 12.82 -6.02 9.97
N LYS B 399 13.22 -5.41 8.86
CA LYS B 399 12.27 -5.06 7.80
C LYS B 399 11.57 -6.27 7.20
N TYR B 400 10.29 -6.09 6.92
CA TYR B 400 9.42 -7.17 6.44
C TYR B 400 9.98 -7.89 5.23
N TRP B 401 10.58 -7.14 4.31
CA TRP B 401 11.09 -7.72 3.07
C TRP B 401 12.42 -8.47 3.28
N LEU B 402 12.87 -8.55 4.52
CA LEU B 402 14.07 -9.33 4.84
C LEU B 402 13.70 -10.50 5.73
N GLY B 403 12.40 -10.80 5.80
CA GLY B 403 11.91 -11.93 6.59
C GLY B 403 11.23 -11.49 7.87
N GLY B 404 11.20 -10.19 8.12
CA GLY B 404 10.64 -9.67 9.35
C GLY B 404 9.16 -9.99 9.50
N PRO B 405 8.69 -10.11 10.76
CA PRO B 405 7.29 -10.41 11.07
C PRO B 405 6.37 -9.20 10.94
N ASP B 406 6.89 -8.01 11.22
CA ASP B 406 6.10 -6.79 11.20
C ASP B 406 6.12 -6.13 9.82
N PRO B 407 4.99 -6.19 9.09
CA PRO B 407 4.91 -5.60 7.75
C PRO B 407 4.85 -4.07 7.73
N LEU B 408 4.50 -3.45 8.85
CA LEU B 408 4.47 -1.98 8.91
C LEU B 408 5.83 -1.44 9.29
N ASP B 409 6.51 -0.83 8.32
CA ASP B 409 7.86 -0.31 8.53
C ASP B 409 7.86 0.72 9.65
N TYR B 410 6.90 1.63 9.63
CA TYR B 410 6.80 2.66 10.65
C TYR B 410 5.37 2.87 11.13
N VAL B 411 5.23 3.28 12.38
CA VAL B 411 3.94 3.75 12.90
C VAL B 411 4.19 5.03 13.69
N SER B 412 3.67 6.14 13.19
CA SER B 412 3.87 7.43 13.86
C SER B 412 2.74 7.72 14.83
N MET B 413 3.08 8.26 16.00
CA MET B 413 2.08 8.56 17.02
C MET B 413 2.04 10.05 17.37
N TYR B 414 0.93 10.68 17.03
CA TYR B 414 0.80 12.12 17.14
C TYR B 414 -0.04 12.48 18.35
N ARG B 415 0.04 13.74 18.73
CA ARG B 415 -0.87 14.34 19.71
C ARG B 415 -1.90 15.16 18.95
N ASN B 416 -3.18 14.80 19.11
CA ASN B 416 -4.25 15.62 18.55
C ASN B 416 -5.07 16.22 19.68
N VAL B 417 -4.99 17.53 19.83
CA VAL B 417 -5.68 18.23 20.91
C VAL B 417 -7.19 18.28 20.69
N GLY B 418 -7.64 17.83 19.53
CA GLY B 418 -9.05 17.69 19.31
C GLY B 418 -9.67 19.05 19.17
N SER B 419 -10.98 19.09 19.27
CA SER B 419 -11.73 20.33 19.22
C SER B 419 -12.57 20.46 20.48
N PRO B 420 -12.35 21.54 21.23
CA PRO B 420 -13.23 21.86 22.36
C PRO B 420 -14.58 22.35 21.85
N SER B 421 -14.57 23.10 20.75
CA SER B 421 -15.80 23.64 20.19
C SER B 421 -16.70 22.50 19.73
N ALA B 422 -16.08 21.48 19.14
CA ALA B 422 -16.80 20.36 18.58
C ALA B 422 -17.06 19.31 19.65
N ASN B 423 -16.49 19.51 20.83
CA ASN B 423 -16.73 18.56 21.90
C ASN B 423 -15.72 17.45 21.79
N ILE B 424 -14.94 17.48 20.73
CA ILE B 424 -14.01 16.39 20.45
C ILE B 424 -12.82 16.47 21.41
N PRO B 425 -12.51 15.34 22.07
CA PRO B 425 -11.49 15.33 23.12
C PRO B 425 -10.07 15.18 22.59
N GLU B 426 -9.09 15.24 23.49
CA GLU B 426 -7.70 15.14 23.08
C GLU B 426 -7.28 13.68 23.04
N HIS B 427 -6.59 13.27 21.98
CA HIS B 427 -6.24 11.87 21.76
C HIS B 427 -4.92 11.69 21.02
N TRP B 428 -4.53 10.43 20.89
CA TRP B 428 -3.36 10.05 20.10
C TRP B 428 -3.78 9.60 18.72
N HIS B 429 -3.03 10.03 17.71
CA HIS B 429 -3.33 9.68 16.32
C HIS B 429 -2.23 8.82 15.72
N TYR B 430 -2.54 7.56 15.48
CA TYR B 430 -1.58 6.62 14.94
C TYR B 430 -1.77 6.51 13.44
N ILE B 431 -0.66 6.62 12.70
CA ILE B 431 -0.66 6.43 11.26
C ILE B 431 0.39 5.38 10.90
N SER B 432 0.06 4.49 9.97
CA SER B 432 0.96 3.39 9.64
C SER B 432 1.71 3.67 8.34
N PHE B 433 2.83 2.97 8.15
CA PHE B 433 3.62 3.09 6.93
C PHE B 433 4.16 1.75 6.50
N GLY B 434 3.65 1.24 5.38
CA GLY B 434 4.12 -0.04 4.85
C GLY B 434 3.10 -0.74 3.97
N LEU B 435 1.83 -0.45 4.19
CA LEU B 435 0.75 -1.08 3.42
C LEU B 435 0.71 -0.49 2.02
N SER B 436 1.40 0.62 1.83
CA SER B 436 1.44 1.26 0.52
C SER B 436 2.86 1.28 0.00
N ASP B 437 3.04 1.74 -1.24
CA ASP B 437 4.37 1.77 -1.83
C ASP B 437 5.12 2.97 -1.28
N LEU B 438 6.01 2.71 -0.33
CA LEU B 438 6.82 3.76 0.27
C LEU B 438 8.04 4.07 -0.59
N TYR B 439 8.67 3.03 -1.13
CA TYR B 439 9.95 3.19 -1.82
C TYR B 439 9.84 3.05 -3.34
N GLY B 440 8.96 2.17 -3.81
CA GLY B 440 8.68 2.06 -5.23
C GLY B 440 9.66 1.23 -6.01
N ASP B 441 10.39 0.34 -5.33
CA ASP B 441 11.39 -0.48 -6.01
C ASP B 441 11.09 -1.98 -5.93
N ASN B 442 9.82 -2.33 -5.77
CA ASN B 442 9.38 -3.73 -5.82
C ASN B 442 9.94 -4.63 -4.72
N ARG B 443 10.50 -4.04 -3.68
CA ARG B 443 11.00 -4.82 -2.56
C ARG B 443 9.86 -5.48 -1.80
N VAL B 444 8.73 -4.79 -1.70
CA VAL B 444 7.54 -5.35 -1.07
C VAL B 444 6.29 -5.20 -1.96
N HIS B 445 6.21 -4.13 -2.72
CA HIS B 445 5.03 -3.86 -3.55
C HIS B 445 5.36 -3.75 -5.04
N GLU B 446 4.55 -4.41 -5.86
CA GLU B 446 4.73 -4.37 -7.30
C GLU B 446 4.41 -2.96 -7.79
N PHE B 447 5.36 -2.31 -8.45
CA PHE B 447 5.13 -0.92 -8.83
C PHE B 447 4.13 -0.84 -9.97
N THR B 448 3.10 -0.05 -9.80
CA THR B 448 2.01 -0.04 -10.76
C THR B 448 1.90 1.28 -11.48
N GLY B 449 2.77 2.24 -11.16
CA GLY B 449 2.69 3.55 -11.76
C GLY B 449 1.77 4.47 -10.98
N THR B 450 1.66 5.71 -11.47
CA THR B 450 0.93 6.78 -10.80
C THR B 450 -0.56 6.54 -10.75
N ASP B 451 -1.12 6.05 -11.85
CA ASP B 451 -2.52 5.67 -11.88
C ASP B 451 -2.73 4.44 -11.02
N GLY B 452 -3.89 4.35 -10.39
CA GLY B 452 -4.20 3.24 -9.52
C GLY B 452 -3.65 3.38 -8.12
N PRO B 453 -3.92 2.37 -7.28
CA PRO B 453 -3.54 2.37 -5.87
C PRO B 453 -2.10 1.96 -5.59
N SER B 454 -1.44 2.71 -4.71
CA SER B 454 -0.13 2.36 -4.19
C SER B 454 -0.24 1.22 -3.17
N GLY B 455 0.39 0.09 -3.46
CA GLY B 455 0.27 -1.07 -2.60
C GLY B 455 -1.19 -1.46 -2.44
N PHE B 456 -1.59 -1.81 -1.22
CA PHE B 456 -2.98 -2.15 -0.95
C PHE B 456 -3.89 -0.93 -1.12
N GLY B 457 -3.30 0.23 -1.34
CA GLY B 457 -4.07 1.42 -1.66
C GLY B 457 -4.38 2.31 -0.48
N PHE B 458 -4.02 1.85 0.72
CA PHE B 458 -4.37 2.58 1.94
C PHE B 458 -3.34 2.40 3.05
N GLU B 459 -3.49 3.18 4.11
CA GLU B 459 -2.71 3.01 5.32
C GLU B 459 -3.66 3.06 6.52
N LEU B 460 -3.29 2.40 7.60
CA LEU B 460 -4.14 2.36 8.78
C LEU B 460 -3.92 3.57 9.68
N THR B 461 -4.98 4.00 10.33
CA THR B 461 -4.88 5.03 11.35
C THR B 461 -5.69 4.61 12.57
N PHE B 462 -5.51 5.31 13.69
CA PHE B 462 -6.23 4.98 14.91
C PHE B 462 -6.30 6.16 15.86
N ARG B 463 -7.46 6.39 16.47
CA ARG B 463 -7.58 7.49 17.42
C ARG B 463 -7.91 6.97 18.82
N LEU B 464 -6.96 7.15 19.73
CA LEU B 464 -7.09 6.65 21.09
C LEU B 464 -7.25 7.80 22.09
N LYS B 465 -8.43 7.93 22.68
CA LYS B 465 -8.67 8.99 23.66
C LYS B 465 -7.52 9.09 24.64
N ARG B 466 -6.94 10.28 24.75
CA ARG B 466 -5.86 10.51 25.70
C ARG B 466 -6.46 10.54 27.10
N GLU B 467 -5.97 9.65 27.96
CA GLU B 467 -6.39 9.61 29.36
C GLU B 467 -5.59 10.61 30.20
N THR B 468 -6.09 10.89 31.40
CA THR B 468 -5.49 11.89 32.26
C THR B 468 -4.07 11.48 32.65
N GLY B 469 -3.17 12.45 32.68
CA GLY B 469 -1.79 12.20 33.09
C GLY B 469 -1.00 11.33 32.13
N GLU B 470 -1.37 11.34 30.86
CA GLU B 470 -0.63 10.61 29.83
C GLU B 470 0.29 11.57 29.09
N SER B 471 1.57 11.54 29.45
CA SER B 471 2.56 12.40 28.82
C SER B 471 2.85 11.95 27.39
N ALA B 472 2.80 10.65 27.16
CA ALA B 472 3.18 10.07 25.89
C ALA B 472 2.11 9.12 25.38
N PRO B 473 2.07 8.90 24.06
CA PRO B 473 1.15 7.92 23.49
C PRO B 473 1.58 6.49 23.78
N PRO B 474 0.65 5.63 24.20
CA PRO B 474 0.97 4.22 24.40
C PRO B 474 1.27 3.52 23.07
N THR B 475 2.10 2.49 23.11
CA THR B 475 2.63 1.89 21.89
C THR B 475 1.86 0.65 21.43
N TRP B 476 0.90 0.19 22.23
CA TRP B 476 0.18 -1.04 21.90
C TRP B 476 -0.61 -0.93 20.59
N PRO B 477 -1.17 0.26 20.30
CA PRO B 477 -1.90 0.40 19.04
C PRO B 477 -1.04 0.10 17.83
N ALA B 478 0.28 0.27 17.96
CA ALA B 478 1.20 -0.03 16.88
C ALA B 478 1.19 -1.53 16.57
N GLU B 479 1.34 -2.34 17.61
CA GLU B 479 1.33 -3.80 17.42
C GLU B 479 -0.02 -4.27 16.91
N LEU B 480 -1.10 -3.63 17.34
CA LEU B 480 -2.43 -3.98 16.83
C LEU B 480 -2.49 -3.73 15.33
N MET B 481 -1.95 -2.61 14.90
CA MET B 481 -1.96 -2.25 13.49
C MET B 481 -1.14 -3.22 12.68
N GLN B 482 -0.03 -3.69 13.25
CA GLN B 482 0.79 -4.70 12.62
C GLN B 482 0.01 -5.99 12.42
N GLY B 483 -0.70 -6.40 13.47
CA GLY B 483 -1.51 -7.61 13.42
C GLY B 483 -2.46 -7.54 12.24
N LEU B 484 -3.24 -6.46 12.20
CA LEU B 484 -4.15 -6.23 11.09
C LEU B 484 -3.41 -6.29 9.76
N ALA B 485 -2.24 -5.66 9.70
CA ALA B 485 -1.49 -5.53 8.46
C ALA B 485 -1.06 -6.88 7.89
N ARG B 486 -0.70 -7.81 8.77
CA ARG B 486 -0.29 -9.13 8.34
C ARG B 486 -1.46 -9.83 7.67
N TYR B 487 -2.63 -9.77 8.30
CA TYR B 487 -3.81 -10.35 7.68
C TYR B 487 -3.95 -9.84 6.26
N VAL B 488 -3.67 -8.55 6.08
CA VAL B 488 -3.90 -7.91 4.80
C VAL B 488 -2.95 -8.42 3.73
N PHE B 489 -1.68 -8.55 4.08
CA PHE B 489 -0.68 -9.03 3.15
C PHE B 489 -0.97 -10.46 2.68
N GLN B 490 -1.26 -11.35 3.62
CA GLN B 490 -1.46 -12.75 3.29
C GLN B 490 -2.75 -12.97 2.49
N SER B 491 -3.86 -12.46 2.96
CA SER B 491 -5.06 -12.62 2.18
C SER B 491 -4.87 -11.90 0.86
N GLU B 492 -4.24 -10.74 0.90
CA GLU B 492 -4.12 -9.92 -0.31
C GLU B 492 -5.48 -9.37 -0.64
N ASN B 493 -6.32 -9.26 0.39
CA ASN B 493 -7.65 -8.69 0.25
C ASN B 493 -7.71 -7.38 0.97
N THR B 494 -7.99 -6.32 0.22
CA THR B 494 -8.13 -4.98 0.79
C THR B 494 -9.42 -4.72 1.55
N PHE B 495 -9.29 -3.95 2.62
CA PHE B 495 -10.41 -3.40 3.35
C PHE B 495 -11.00 -2.17 2.72
N CYS B 496 -12.23 -1.88 3.10
CA CYS B 496 -12.95 -0.72 2.61
C CYS B 496 -13.67 -0.07 3.78
N SER B 497 -14.00 1.21 3.67
CA SER B 497 -14.77 1.85 4.73
C SER B 497 -16.08 1.09 4.88
N GLY B 498 -16.40 0.71 6.12
CA GLY B 498 -17.64 0.00 6.40
C GLY B 498 -17.39 -1.43 6.81
N ASP B 499 -16.22 -1.95 6.44
CA ASP B 499 -15.84 -3.30 6.83
C ASP B 499 -15.76 -3.43 8.34
N HIS B 500 -15.82 -4.67 8.81
CA HIS B 500 -15.69 -4.97 10.22
C HIS B 500 -14.66 -6.06 10.40
N VAL B 501 -14.05 -6.10 11.58
CA VAL B 501 -13.10 -7.15 11.91
C VAL B 501 -13.44 -7.77 13.24
N SER B 502 -13.56 -9.09 13.28
CA SER B 502 -13.77 -9.79 14.53
C SER B 502 -12.41 -10.09 15.16
N TRP B 503 -12.10 -9.40 16.25
CA TRP B 503 -10.83 -9.60 16.93
C TRP B 503 -11.00 -10.59 18.07
N HIS B 504 -12.18 -10.57 18.69
CA HIS B 504 -12.52 -11.53 19.74
C HIS B 504 -11.63 -11.36 20.97
N SER B 505 -11.14 -10.15 21.17
CA SER B 505 -10.37 -9.82 22.35
C SER B 505 -10.47 -8.35 22.62
N PRO B 506 -10.13 -7.96 23.84
CA PRO B 506 -9.93 -6.55 24.11
C PRO B 506 -8.72 -6.12 23.31
N LEU B 507 -8.79 -4.93 22.72
CA LEU B 507 -7.76 -4.47 21.80
C LEU B 507 -6.41 -4.23 22.46
N ASP B 508 -6.43 -3.75 23.70
CA ASP B 508 -5.21 -3.39 24.41
C ASP B 508 -4.74 -4.46 25.38
N ASN B 509 -5.32 -5.65 25.27
CA ASN B 509 -4.95 -6.75 26.17
C ASN B 509 -5.26 -6.38 27.60
N SER B 510 -6.26 -5.54 27.74
CA SER B 510 -6.79 -5.13 29.01
C SER B 510 -8.21 -5.58 28.95
N GLU B 511 -8.71 -6.28 29.95
CA GLU B 511 -10.05 -6.77 29.80
C GLU B 511 -10.83 -5.51 29.48
N SER B 512 -11.53 -5.51 28.35
CA SER B 512 -12.27 -4.34 27.94
C SER B 512 -13.43 -4.79 27.08
N ARG B 513 -14.52 -4.04 27.13
CA ARG B 513 -15.68 -4.36 26.32
C ARG B 513 -15.42 -3.99 24.87
N ILE B 514 -14.25 -3.43 24.61
CA ILE B 514 -13.87 -3.08 23.25
C ILE B 514 -12.98 -4.18 22.74
N GLN B 515 -13.59 -5.12 22.02
CA GLN B 515 -12.87 -6.31 21.60
C GLN B 515 -12.93 -6.52 20.09
N HIS B 516 -13.41 -5.53 19.35
CA HIS B 516 -13.52 -5.67 17.91
C HIS B 516 -13.26 -4.35 17.21
N MET B 517 -13.29 -4.37 15.88
CA MET B 517 -12.96 -3.19 15.10
C MET B 517 -13.88 -2.98 13.91
N LEU B 518 -14.20 -1.73 13.65
CA LEU B 518 -14.86 -1.32 12.42
C LEU B 518 -13.88 -0.41 11.69
N LEU B 519 -14.05 -0.24 10.39
CA LEU B 519 -13.14 0.58 9.62
C LEU B 519 -13.89 1.71 8.93
N THR B 520 -13.29 2.89 8.93
CA THR B 520 -13.92 4.04 8.31
C THR B 520 -12.90 5.00 7.72
N GLU B 521 -13.38 5.97 6.94
CA GLU B 521 -12.51 6.99 6.39
C GLU B 521 -11.89 7.80 7.52
N ASP B 522 -10.64 8.19 7.38
CA ASP B 522 -10.03 9.08 8.35
C ASP B 522 -10.70 10.44 8.25
N PRO B 523 -11.33 10.89 9.35
CA PRO B 523 -12.11 12.13 9.36
C PRO B 523 -11.33 13.34 8.91
N GLN B 524 -10.00 13.29 9.03
CA GLN B 524 -9.17 14.45 8.75
C GLN B 524 -8.21 14.25 7.58
N MET B 525 -7.46 13.15 7.59
CA MET B 525 -6.43 12.91 6.59
C MET B 525 -7.01 12.73 5.19
N GLN B 526 -6.50 13.48 4.23
CA GLN B 526 -6.99 13.41 2.86
C GLN B 526 -6.10 12.49 2.03
N PRO B 527 -6.73 11.70 1.15
CA PRO B 527 -5.93 10.82 0.28
C PRO B 527 -4.88 11.59 -0.50
N VAL B 528 -3.76 10.92 -0.80
CA VAL B 528 -2.62 11.56 -1.41
C VAL B 528 -2.27 10.92 -2.74
N GLN B 529 -1.70 11.72 -3.64
CA GLN B 529 -1.25 11.23 -4.92
C GLN B 529 0.24 10.98 -4.82
N THR B 530 0.66 9.80 -5.23
CA THR B 530 2.05 9.38 -5.10
C THR B 530 2.57 8.93 -6.45
N PRO B 531 3.87 9.08 -6.72
CA PRO B 531 4.36 8.57 -8.00
C PRO B 531 4.06 7.10 -8.19
N PHE B 532 3.66 6.45 -7.10
CA PHE B 532 3.42 5.03 -7.11
C PHE B 532 1.94 4.65 -6.98
N GLY B 533 1.06 5.64 -6.84
CA GLY B 533 -0.36 5.36 -6.77
C GLY B 533 -1.12 6.28 -5.81
N VAL B 534 -2.36 5.92 -5.53
CA VAL B 534 -3.19 6.72 -4.63
C VAL B 534 -3.31 6.06 -3.27
N VAL B 535 -3.15 6.86 -2.21
CA VAL B 535 -3.21 6.36 -0.85
C VAL B 535 -4.36 6.98 -0.08
N THR B 536 -5.19 6.15 0.53
CA THR B 536 -6.27 6.63 1.36
C THR B 536 -5.99 6.15 2.78
N PHE B 537 -6.72 6.65 3.76
CA PHE B 537 -6.42 6.28 5.14
C PHE B 537 -7.65 5.72 5.86
N LEU B 538 -7.55 4.45 6.25
CA LEU B 538 -8.63 3.77 6.96
C LEU B 538 -8.38 3.79 8.45
N GLN B 539 -9.21 4.53 9.16
CA GLN B 539 -9.12 4.58 10.61
C GLN B 539 -9.79 3.36 11.23
N ILE B 540 -9.23 2.92 12.34
CA ILE B 540 -9.75 1.80 13.12
C ILE B 540 -10.64 2.37 14.21
N VAL B 541 -11.78 1.72 14.45
CA VAL B 541 -12.70 2.15 15.48
C VAL B 541 -13.05 0.97 16.39
N GLY B 542 -12.60 1.02 17.64
CA GLY B 542 -12.86 -0.05 18.57
C GLY B 542 -14.33 -0.13 18.91
N VAL B 543 -14.86 -1.35 18.97
CA VAL B 543 -16.28 -1.52 19.27
C VAL B 543 -16.53 -2.72 20.18
N CYS B 544 -17.74 -2.79 20.71
CA CYS B 544 -18.15 -3.91 21.56
C CYS B 544 -18.70 -5.05 20.72
N THR B 545 -18.73 -6.24 21.31
CA THR B 545 -19.21 -7.42 20.60
C THR B 545 -20.62 -7.16 20.08
N GLU B 546 -21.41 -6.42 20.84
CA GLU B 546 -22.80 -6.14 20.49
C GLU B 546 -22.89 -5.22 19.29
N GLU B 547 -22.02 -4.21 19.27
CA GLU B 547 -21.98 -3.25 18.19
C GLU B 547 -21.52 -3.93 16.92
N LEU B 548 -20.58 -4.84 17.06
CA LEU B 548 -20.10 -5.62 15.92
C LEU B 548 -21.20 -6.49 15.34
N HIS B 549 -21.96 -7.15 16.20
CA HIS B 549 -23.02 -8.02 15.73
C HIS B 549 -24.04 -7.21 14.97
N SER B 550 -24.32 -6.03 15.51
CA SER B 550 -25.33 -5.17 14.94
C SER B 550 -24.88 -4.75 13.57
N ALA B 551 -23.57 -4.55 13.47
CA ALA B 551 -22.95 -4.15 12.24
C ALA B 551 -23.12 -5.24 11.21
N GLN B 552 -22.86 -6.49 11.56
CA GLN B 552 -23.00 -7.46 10.50
C GLN B 552 -24.43 -7.26 10.09
N GLN B 553 -25.29 -7.38 11.08
CA GLN B 553 -26.67 -7.71 10.87
C GLN B 553 -27.27 -6.71 9.95
N TRP B 554 -26.80 -5.48 10.03
CA TRP B 554 -27.39 -4.44 9.24
C TRP B 554 -26.35 -3.98 8.23
N ASN B 555 -25.50 -3.05 8.64
CA ASN B 555 -24.31 -2.72 7.86
C ASN B 555 -23.39 -1.80 8.63
N GLY B 556 -22.13 -1.76 8.23
CA GLY B 556 -21.13 -1.10 9.04
C GLY B 556 -21.27 0.40 9.02
N GLN B 557 -21.70 0.92 7.88
CA GLN B 557 -21.85 2.34 7.71
C GLN B 557 -22.84 2.90 8.72
N GLY B 558 -23.96 2.21 8.90
CA GLY B 558 -24.98 2.65 9.83
C GLY B 558 -24.49 2.72 11.27
N ILE B 559 -23.72 1.72 11.66
CA ILE B 559 -23.22 1.66 13.01
C ILE B 559 -22.17 2.73 13.22
N LEU B 560 -21.45 3.09 12.16
CA LEU B 560 -20.43 4.11 12.28
C LEU B 560 -21.16 5.42 12.52
N GLU B 561 -22.30 5.56 11.83
CA GLU B 561 -23.11 6.74 12.01
C GLU B 561 -23.56 6.85 13.43
N LEU B 562 -23.97 5.73 14.01
CA LEU B 562 -24.56 5.81 15.32
C LEU B 562 -23.47 6.04 16.34
N LEU B 563 -22.26 5.63 16.01
CA LEU B 563 -21.14 5.81 16.92
C LEU B 563 -20.69 7.25 16.87
N ARG B 564 -21.00 7.93 15.76
CA ARG B 564 -20.70 9.34 15.64
C ARG B 564 -21.61 10.18 16.51
N THR B 565 -22.88 9.77 16.57
CA THR B 565 -23.88 10.46 17.39
C THR B 565 -23.54 10.38 18.86
N VAL B 566 -23.01 9.26 19.30
CA VAL B 566 -22.69 9.11 20.70
C VAL B 566 -21.24 9.46 20.92
N PRO B 567 -20.98 10.64 21.47
CA PRO B 567 -19.61 11.11 21.59
C PRO B 567 -18.73 10.20 22.43
N ILE B 568 -19.29 9.65 23.51
CA ILE B 568 -18.48 8.88 24.43
C ILE B 568 -18.00 7.60 23.77
N ALA B 569 -18.78 7.11 22.82
CA ALA B 569 -18.45 5.88 22.12
C ALA B 569 -17.64 6.12 20.85
N GLY B 570 -17.36 7.38 20.53
CA GLY B 570 -16.68 7.71 19.30
C GLY B 570 -16.80 9.18 18.93
N GLY B 571 -18.03 9.63 18.64
CA GLY B 571 -18.24 11.02 18.26
C GLY B 571 -17.87 11.26 16.81
N PRO B 572 -17.81 12.52 16.40
CA PRO B 572 -17.64 12.83 14.98
C PRO B 572 -16.38 12.23 14.38
N TRP B 573 -15.33 12.16 15.18
CA TRP B 573 -14.09 11.57 14.73
C TRP B 573 -13.94 10.14 15.17
N LEU B 574 -14.94 9.61 15.83
CA LEU B 574 -14.91 8.20 16.15
C LEU B 574 -13.61 7.87 16.84
N ILE B 575 -13.30 8.65 17.86
CA ILE B 575 -12.19 8.34 18.73
C ILE B 575 -12.55 7.11 19.53
N THR B 576 -11.55 6.33 19.89
CA THR B 576 -11.81 5.08 20.54
C THR B 576 -11.39 5.17 21.98
N ASP B 577 -12.34 4.94 22.88
CA ASP B 577 -12.00 4.91 24.29
C ASP B 577 -12.02 3.48 24.75
N MET B 578 -10.87 3.01 25.22
CA MET B 578 -10.72 1.63 25.64
C MET B 578 -11.31 1.37 27.03
N ARG B 579 -11.66 2.44 27.74
CA ARG B 579 -12.23 2.29 29.08
C ARG B 579 -13.76 2.39 29.06
N ARG B 580 -14.34 2.53 27.88
CA ARG B 580 -15.80 2.59 27.75
C ARG B 580 -16.42 1.30 28.27
N GLY B 581 -17.48 1.45 29.07
CA GLY B 581 -18.09 0.32 29.74
C GLY B 581 -19.43 -0.09 29.16
N GLU B 582 -20.10 0.85 28.49
CA GLU B 582 -21.44 0.60 27.99
C GLU B 582 -21.47 0.61 26.46
N THR B 583 -22.37 -0.16 25.88
CA THR B 583 -22.59 -0.13 24.44
C THR B 583 -23.43 1.10 24.13
N ILE B 584 -23.46 1.49 22.87
CA ILE B 584 -24.25 2.64 22.45
C ILE B 584 -25.75 2.38 22.62
N PHE B 585 -26.12 1.12 22.85
CA PHE B 585 -27.52 0.76 23.04
C PHE B 585 -27.94 0.85 24.50
N GLU B 586 -26.99 0.60 25.40
CA GLU B 586 -27.23 0.78 26.83
C GLU B 586 -27.23 2.26 27.18
N ILE B 587 -26.50 3.04 26.38
CA ILE B 587 -26.41 4.48 26.57
C ILE B 587 -27.67 5.17 26.04
N ASP B 588 -28.16 4.68 24.91
CA ASP B 588 -29.37 5.22 24.30
C ASP B 588 -30.19 4.11 23.67
N PRO B 589 -31.04 3.44 24.48
CA PRO B 589 -31.85 2.31 24.00
C PRO B 589 -32.63 2.61 22.72
N HIS B 590 -33.10 3.84 22.58
CA HIS B 590 -33.85 4.27 21.39
C HIS B 590 -33.02 4.15 20.11
N LEU B 591 -31.74 3.86 20.23
CA LEU B 591 -30.89 3.65 19.06
C LEU B 591 -31.18 2.31 18.39
N GLN B 592 -31.50 1.30 19.18
CA GLN B 592 -31.79 -0.03 18.63
C GLN B 592 -32.83 0.10 17.52
N GLU B 593 -33.88 0.86 17.81
CA GLU B 593 -34.94 1.12 16.83
C GLU B 593 -34.34 1.60 15.51
N ARG B 594 -33.34 2.48 15.59
CA ARG B 594 -32.73 3.04 14.39
C ARG B 594 -32.11 1.94 13.53
N VAL B 595 -31.60 0.90 14.19
CA VAL B 595 -30.99 -0.23 13.50
C VAL B 595 -32.07 -1.08 12.84
N ASP B 596 -33.05 -1.50 13.63
CA ASP B 596 -34.15 -2.33 13.15
C ASP B 596 -34.79 -1.75 11.89
N LYS B 597 -35.12 -0.46 11.94
CA LYS B 597 -35.69 0.23 10.78
C LYS B 597 -34.72 0.17 9.62
N GLY B 598 -33.47 0.54 9.87
CA GLY B 598 -32.43 0.45 8.86
C GLY B 598 -32.46 -0.90 8.17
N ILE B 599 -32.40 -1.96 8.97
CA ILE B 599 -32.44 -3.32 8.44
C ILE B 599 -33.65 -3.53 7.54
N GLU B 600 -34.76 -2.89 7.91
CA GLU B 600 -36.01 -3.05 7.18
C GLU B 600 -35.92 -2.42 5.79
N THR B 601 -35.18 -1.33 5.69
CA THR B 601 -35.16 -0.53 4.46
C THR B 601 -33.88 -0.72 3.64
N ASP B 602 -32.84 -1.25 4.28
CA ASP B 602 -31.57 -1.48 3.61
C ASP B 602 -31.35 -2.97 3.36
N GLY B 603 -32.02 -3.81 4.15
CA GLY B 603 -31.80 -5.24 4.09
C GLY B 603 -30.61 -5.61 4.97
N SER B 604 -30.50 -6.90 5.29
CA SER B 604 -29.47 -7.36 6.22
C SER B 604 -28.26 -7.88 5.47
N ASN B 605 -27.06 -7.62 5.99
CA ASN B 605 -25.83 -8.15 5.42
C ASN B 605 -25.55 -9.57 5.89
N LEU B 606 -26.36 -10.08 6.81
CA LEU B 606 -26.10 -11.37 7.45
C LEU B 606 -26.71 -12.53 6.68
N SER B 607 -25.90 -13.18 5.84
CA SER B 607 -26.40 -14.23 4.96
C SER B 607 -26.76 -15.50 5.72
N GLY B 608 -26.29 -15.62 6.95
CA GLY B 608 -26.53 -16.84 7.70
C GLY B 608 -25.97 -16.78 9.12
N VAL B 609 -26.14 -17.86 9.86
CA VAL B 609 -25.66 -17.93 11.23
C VAL B 609 -25.41 -19.37 11.65
N SER B 610 -24.61 -19.54 12.70
CA SER B 610 -24.43 -20.85 13.32
C SER B 610 -25.19 -20.81 14.63
N ALA B 611 -26.12 -21.75 14.81
CA ALA B 611 -27.04 -21.70 15.94
C ALA B 611 -27.61 -23.06 16.31
N LYS B 612 -28.19 -23.12 17.51
CA LYS B 612 -28.86 -24.31 17.99
C LYS B 612 -30.23 -24.41 17.37
N CYS B 613 -30.40 -25.37 16.47
CA CYS B 613 -31.67 -25.54 15.77
C CYS B 613 -31.78 -26.95 15.22
N ALA B 614 -32.98 -27.29 14.74
CA ALA B 614 -33.24 -28.62 14.21
C ALA B 614 -34.57 -28.65 13.47
N TRP B 615 -34.77 -29.67 12.66
CA TRP B 615 -36.05 -29.87 11.99
C TRP B 615 -36.38 -31.36 11.90
N ASP B 616 -37.60 -31.69 11.52
CA ASP B 616 -38.08 -33.08 11.59
C ASP B 616 -37.56 -33.98 10.46
N ASP B 617 -36.27 -34.32 10.52
CA ASP B 617 -35.59 -35.18 9.55
C ASP B 617 -35.77 -36.64 9.95
N LEU B 618 -34.92 -37.53 9.44
CA LEU B 618 -34.87 -38.95 9.79
C LEU B 618 -34.01 -39.70 8.79
N PRO B 625 -27.35 -43.33 -0.08
CA PRO B 625 -27.65 -42.52 -1.26
C PRO B 625 -28.61 -41.38 -0.93
N ILE B 626 -28.10 -40.32 -0.31
CA ILE B 626 -28.93 -39.18 0.04
C ILE B 626 -29.82 -38.84 -1.13
N ARG B 627 -31.04 -38.44 -0.81
CA ARG B 627 -32.11 -38.32 -1.78
C ARG B 627 -32.81 -36.99 -1.56
N THR B 628 -33.02 -36.22 -2.63
CA THR B 628 -33.78 -34.99 -2.48
C THR B 628 -35.26 -35.35 -2.47
N ARG B 629 -35.91 -34.97 -1.37
CA ARG B 629 -37.28 -35.36 -1.12
C ARG B 629 -38.16 -34.15 -0.81
N GLN B 630 -39.46 -34.34 -1.00
CA GLN B 630 -40.38 -33.24 -0.78
C GLN B 630 -41.21 -33.52 0.46
N LEU B 631 -41.45 -32.48 1.25
CA LEU B 631 -42.11 -32.63 2.54
C LEU B 631 -43.43 -31.88 2.56
N GLU B 632 -44.45 -32.51 3.11
CA GLU B 632 -45.76 -31.88 3.24
C GLU B 632 -45.80 -31.01 4.49
N SER B 633 -45.12 -31.47 5.54
CA SER B 633 -45.07 -30.74 6.79
C SER B 633 -43.63 -30.47 7.21
N VAL B 634 -43.45 -29.43 8.01
CA VAL B 634 -42.15 -29.10 8.56
C VAL B 634 -42.29 -28.51 9.95
N HIS B 635 -41.43 -28.93 10.87
CA HIS B 635 -41.44 -28.40 12.22
C HIS B 635 -40.02 -27.95 12.56
N LEU B 636 -39.84 -26.66 12.72
CA LEU B 636 -38.53 -26.10 13.04
C LEU B 636 -38.40 -25.87 14.54
N LYS B 637 -37.21 -26.09 15.08
CA LYS B 637 -36.96 -25.81 16.49
C LYS B 637 -35.71 -24.96 16.64
N PHE B 638 -35.78 -23.99 17.56
CA PHE B 638 -34.70 -23.06 17.76
C PHE B 638 -34.47 -22.83 19.25
N ASN B 639 -33.30 -22.33 19.61
CA ASN B 639 -33.08 -21.79 20.96
C ASN B 639 -33.43 -20.32 20.92
N GLN B 640 -33.46 -19.67 22.07
CA GLN B 640 -33.84 -18.26 22.15
C GLN B 640 -32.95 -17.38 21.27
N GLU B 641 -31.64 -17.63 21.31
CA GLU B 641 -30.68 -16.79 20.61
C GLU B 641 -30.87 -16.89 19.10
N SER B 642 -31.19 -18.08 18.61
CA SER B 642 -31.38 -18.27 17.19
C SER B 642 -32.80 -17.88 16.80
N GLY B 643 -33.74 -18.10 17.71
CA GLY B 643 -35.12 -17.75 17.46
C GLY B 643 -35.26 -16.24 17.32
N ALA B 644 -34.44 -15.52 18.06
CA ALA B 644 -34.49 -14.06 18.09
C ALA B 644 -34.03 -13.47 16.78
N LEU B 645 -33.50 -14.33 15.91
CA LEU B 645 -33.03 -13.91 14.60
C LEU B 645 -34.07 -14.12 13.50
N ILE B 646 -35.16 -14.80 13.81
CA ILE B 646 -36.17 -15.10 12.79
C ILE B 646 -36.71 -13.82 12.14
N PRO B 647 -37.03 -12.80 12.94
CA PRO B 647 -37.46 -11.54 12.34
C PRO B 647 -36.41 -10.97 11.39
N LEU B 648 -35.13 -11.09 11.76
CA LEU B 648 -34.06 -10.64 10.89
C LEU B 648 -34.05 -11.48 9.62
N CYS B 649 -34.28 -12.78 9.78
CA CYS B 649 -34.32 -13.70 8.65
C CYS B 649 -35.43 -13.30 7.68
N LEU B 650 -36.63 -13.08 8.21
CA LEU B 650 -37.77 -12.77 7.35
C LEU B 650 -37.74 -11.34 6.85
N ARG B 651 -37.77 -10.38 7.78
CA ARG B 651 -37.80 -8.97 7.42
C ARG B 651 -36.50 -8.53 6.78
N GLY B 652 -35.39 -9.05 7.30
CA GLY B 652 -34.06 -8.63 6.87
C GLY B 652 -33.60 -9.19 5.54
N ARG B 653 -34.11 -10.35 5.14
CA ARG B 653 -33.61 -11.01 3.94
C ARG B 653 -34.68 -11.53 2.98
N LEU B 654 -35.60 -12.36 3.46
CA LEU B 654 -36.64 -12.88 2.58
C LEU B 654 -37.40 -11.76 1.87
N LEU B 655 -37.70 -10.69 2.62
CA LEU B 655 -38.42 -9.55 2.04
C LEU B 655 -37.57 -8.77 1.04
N HIS B 656 -36.26 -9.03 1.05
CA HIS B 656 -35.36 -8.42 0.09
C HIS B 656 -34.87 -9.45 -0.93
N GLY B 657 -35.61 -10.54 -1.09
CA GLY B 657 -35.28 -11.53 -2.10
C GLY B 657 -33.97 -12.27 -1.81
N ARG B 658 -33.59 -12.34 -0.55
CA ARG B 658 -32.36 -13.00 -0.14
C ARG B 658 -32.67 -14.24 0.70
N HIS B 659 -31.68 -15.12 0.84
CA HIS B 659 -31.84 -16.34 1.62
C HIS B 659 -31.29 -16.15 3.02
N PHE B 660 -31.50 -17.14 3.87
CA PHE B 660 -30.86 -17.16 5.18
C PHE B 660 -30.72 -18.61 5.65
N THR B 661 -29.55 -18.94 6.20
CA THR B 661 -29.27 -20.31 6.61
C THR B 661 -28.89 -20.43 8.08
N TYR B 662 -29.69 -21.20 8.83
CA TYR B 662 -29.32 -21.63 10.17
C TYR B 662 -28.54 -22.94 10.04
N LYS B 663 -27.34 -22.98 10.60
CA LYS B 663 -26.52 -24.19 10.57
C LYS B 663 -26.38 -24.75 11.97
N SER B 664 -26.85 -25.98 12.17
CA SER B 664 -26.78 -26.63 13.48
C SER B 664 -25.35 -26.79 13.98
N ILE B 665 -25.08 -26.26 15.15
CA ILE B 665 -23.82 -26.50 15.79
C ILE B 665 -23.67 -27.95 16.20
N THR B 666 -24.72 -28.54 16.73
CA THR B 666 -24.60 -29.86 17.33
C THR B 666 -25.09 -30.97 16.47
N GLY B 667 -25.59 -30.63 15.31
CA GLY B 667 -26.02 -31.64 14.37
C GLY B 667 -25.30 -31.47 13.06
N ASP B 668 -25.85 -32.08 12.03
CA ASP B 668 -25.45 -31.75 10.70
C ASP B 668 -26.60 -31.22 9.88
N MET B 669 -27.59 -30.71 10.58
CA MET B 669 -28.81 -30.18 10.01
C MET B 669 -28.59 -28.75 9.57
N ALA B 670 -29.42 -28.30 8.64
CA ALA B 670 -29.43 -26.92 8.21
C ALA B 670 -30.84 -26.54 7.79
N ILE B 671 -31.17 -25.27 7.95
CA ILE B 671 -32.48 -24.77 7.56
C ILE B 671 -32.26 -23.50 6.78
N THR B 672 -32.54 -23.53 5.49
CA THR B 672 -32.34 -22.33 4.69
C THR B 672 -33.67 -21.76 4.21
N PHE B 673 -34.03 -20.61 4.78
CA PHE B 673 -35.20 -19.89 4.34
C PHE B 673 -34.91 -19.25 3.00
N VAL B 674 -35.82 -19.47 2.06
CA VAL B 674 -35.67 -18.98 0.69
C VAL B 674 -36.89 -18.18 0.28
N SER B 675 -36.67 -16.96 -0.18
CA SER B 675 -37.74 -16.14 -0.73
C SER B 675 -37.95 -16.43 -2.20
N THR B 676 -39.05 -15.97 -2.76
CA THR B 676 -39.24 -16.00 -4.20
C THR B 676 -38.20 -15.05 -4.76
N GLY B 677 -37.60 -15.40 -5.90
CA GLY B 677 -36.54 -14.58 -6.43
C GLY B 677 -35.15 -15.02 -6.01
N VAL B 678 -35.00 -16.16 -5.35
CA VAL B 678 -33.64 -16.63 -5.14
C VAL B 678 -33.40 -17.82 -6.03
N GLU B 679 -32.16 -18.01 -6.43
CA GLU B 679 -31.82 -19.01 -7.43
C GLU B 679 -31.09 -20.20 -6.83
N GLY B 680 -31.21 -21.36 -7.48
CA GLY B 680 -30.44 -22.52 -7.09
C GLY B 680 -31.05 -23.35 -5.97
N ALA B 681 -32.24 -22.98 -5.54
CA ALA B 681 -32.93 -23.72 -4.50
C ALA B 681 -33.70 -24.88 -5.08
N PHE B 682 -33.78 -25.98 -4.35
CA PHE B 682 -34.59 -27.10 -4.77
C PHE B 682 -35.98 -27.05 -4.13
N ALA B 683 -36.20 -26.02 -3.33
CA ALA B 683 -37.53 -25.72 -2.82
C ALA B 683 -38.19 -24.78 -3.81
N THR B 684 -39.30 -25.22 -4.38
CA THR B 684 -40.02 -24.41 -5.36
C THR B 684 -41.39 -24.02 -4.82
N GLU B 685 -42.03 -23.08 -5.49
CA GLU B 685 -43.35 -22.62 -5.09
C GLU B 685 -44.29 -23.81 -5.17
N GLU B 686 -44.06 -24.67 -6.15
CA GLU B 686 -44.89 -25.84 -6.34
C GLU B 686 -44.74 -26.68 -5.08
N HIS B 687 -43.53 -26.78 -4.57
CA HIS B 687 -43.29 -27.36 -3.26
C HIS B 687 -42.37 -26.48 -2.43
N PRO B 688 -42.95 -25.82 -1.43
CA PRO B 688 -42.17 -24.98 -0.53
C PRO B 688 -41.15 -25.74 0.27
N TYR B 689 -41.51 -26.93 0.73
CA TYR B 689 -40.68 -27.66 1.67
C TYR B 689 -39.97 -28.83 1.02
N ALA B 690 -38.64 -28.77 0.97
CA ALA B 690 -37.85 -29.86 0.43
C ALA B 690 -36.58 -30.03 1.26
N ALA B 691 -35.98 -31.20 1.19
CA ALA B 691 -34.73 -31.45 1.91
C ALA B 691 -33.82 -32.38 1.13
N HIS B 692 -32.53 -32.04 1.12
CA HIS B 692 -31.51 -32.95 0.63
C HIS B 692 -30.67 -33.43 1.81
N GLY B 693 -30.92 -34.66 2.23
CA GLY B 693 -30.35 -35.17 3.45
C GLY B 693 -30.89 -34.36 4.60
N PRO B 694 -29.99 -33.84 5.43
CA PRO B 694 -30.36 -33.07 6.61
C PRO B 694 -30.44 -31.60 6.31
N TRP B 695 -30.24 -31.22 5.06
CA TRP B 695 -30.31 -29.82 4.73
C TRP B 695 -31.69 -29.50 4.20
N LEU B 696 -32.36 -28.58 4.87
CA LEU B 696 -33.73 -28.30 4.52
C LEU B 696 -33.86 -26.91 3.96
N GLN B 697 -34.50 -26.84 2.81
CA GLN B 697 -34.83 -25.55 2.22
C GLN B 697 -36.34 -25.37 2.22
N ILE B 698 -36.80 -24.25 2.76
CA ILE B 698 -38.22 -23.91 2.72
C ILE B 698 -38.41 -22.56 2.05
N LEU B 699 -39.34 -22.51 1.10
CA LEU B 699 -39.63 -21.28 0.37
C LEU B 699 -40.90 -20.65 0.93
N LEU B 700 -40.83 -19.35 1.25
CA LEU B 700 -41.99 -18.65 1.77
C LEU B 700 -42.36 -17.48 0.87
N THR B 701 -43.62 -17.07 0.91
CA THR B 701 -44.11 -16.05 -0.01
C THR B 701 -44.27 -14.72 0.70
N GLU B 702 -44.07 -13.64 -0.03
CA GLU B 702 -44.07 -12.33 0.61
C GLU B 702 -45.27 -12.19 1.54
N GLU B 703 -46.44 -12.60 1.07
CA GLU B 703 -47.64 -12.53 1.91
C GLU B 703 -47.48 -13.33 3.20
N PHE B 704 -47.14 -14.60 3.06
CA PHE B 704 -47.09 -15.47 4.22
C PHE B 704 -46.04 -15.02 5.21
N VAL B 705 -44.94 -14.49 4.69
CA VAL B 705 -43.88 -14.00 5.55
C VAL B 705 -44.40 -12.87 6.41
N GLU B 706 -45.22 -12.00 5.82
CA GLU B 706 -45.76 -10.86 6.53
C GLU B 706 -46.66 -11.29 7.67
N LYS B 707 -47.49 -12.28 7.39
CA LYS B 707 -48.41 -12.82 8.38
C LYS B 707 -47.63 -13.42 9.52
N MET B 708 -46.58 -14.11 9.14
CA MET B 708 -45.75 -14.81 10.06
C MET B 708 -45.10 -13.82 10.98
N LEU B 709 -44.67 -12.71 10.44
CA LEU B 709 -44.09 -11.67 11.25
C LEU B 709 -45.09 -11.12 12.24
N GLU B 710 -46.32 -11.00 11.81
CA GLU B 710 -47.32 -10.44 12.67
C GLU B 710 -47.45 -11.28 13.89
N ASP B 711 -47.52 -12.57 13.65
CA ASP B 711 -47.63 -13.54 14.69
C ASP B 711 -46.45 -13.64 15.60
N LEU B 712 -45.26 -13.48 15.11
CA LEU B 712 -44.15 -13.70 16.01
C LEU B 712 -44.08 -12.69 17.12
N GLU B 713 -43.72 -11.47 16.81
CA GLU B 713 -43.61 -10.52 17.88
C GLU B 713 -43.02 -11.39 18.97
N ASP B 714 -41.84 -11.91 18.71
CA ASP B 714 -41.20 -12.70 19.72
C ASP B 714 -40.96 -11.80 20.88
N LEU B 715 -40.42 -10.63 20.61
CA LEU B 715 -39.96 -9.74 21.65
C LEU B 715 -39.68 -8.38 21.06
N LEU B 723 -40.80 -19.33 27.61
CA LEU B 723 -40.52 -20.51 26.80
C LEU B 723 -41.04 -21.76 27.49
N PRO B 724 -41.39 -22.79 26.71
CA PRO B 724 -41.35 -22.82 25.24
C PRO B 724 -42.45 -22.02 24.57
N LYS B 725 -42.09 -21.18 23.59
CA LYS B 725 -43.09 -20.60 22.71
C LYS B 725 -43.29 -21.58 21.56
N GLU B 726 -44.54 -21.96 21.31
CA GLU B 726 -44.83 -22.87 20.20
C GLU B 726 -45.84 -22.24 19.24
N TYR B 727 -45.55 -22.34 17.93
CA TYR B 727 -46.36 -21.72 16.89
C TYR B 727 -46.82 -22.77 15.89
N SER B 728 -47.97 -22.53 15.28
CA SER B 728 -48.56 -23.47 14.34
C SER B 728 -49.24 -22.73 13.19
N TRP B 729 -49.36 -23.41 12.06
CA TRP B 729 -49.98 -22.85 10.87
C TRP B 729 -50.60 -23.98 10.07
N PRO B 730 -51.39 -23.65 9.04
CA PRO B 730 -51.90 -24.70 8.15
C PRO B 730 -50.81 -25.61 7.59
N GLU B 731 -49.59 -25.14 7.42
CA GLU B 731 -48.51 -25.97 6.87
C GLU B 731 -47.36 -26.29 7.81
N LYS B 732 -47.01 -25.35 8.68
CA LYS B 732 -45.71 -25.30 9.30
C LYS B 732 -45.80 -25.09 10.80
N LYS B 733 -44.90 -25.70 11.54
CA LYS B 733 -44.84 -25.49 12.97
C LYS B 733 -43.50 -24.94 13.33
N LEU B 734 -43.43 -24.24 14.44
CA LEU B 734 -42.19 -23.61 14.83
C LEU B 734 -42.10 -23.46 16.34
N LYS B 735 -41.13 -24.13 16.94
CA LYS B 735 -40.94 -24.08 18.39
C LYS B 735 -39.70 -23.27 18.76
N VAL B 736 -39.78 -22.61 19.91
CA VAL B 736 -38.63 -21.97 20.52
C VAL B 736 -38.41 -22.55 21.92
N SER B 737 -37.18 -22.94 22.20
CA SER B 737 -36.84 -23.90 23.23
C SER B 737 -35.60 -23.47 24.01
N ILE B 738 -35.17 -24.22 25.00
CA ILE B 738 -34.04 -23.84 25.84
C ILE B 738 -32.90 -24.87 25.99
N LEU B 739 -33.21 -25.94 26.71
CA LEU B 739 -32.24 -27.00 27.02
C LEU B 739 -32.43 -28.36 26.37
N PRO B 740 -33.44 -28.55 25.53
CA PRO B 740 -33.48 -29.80 24.80
C PRO B 740 -32.28 -29.92 23.93
N ASP B 741 -31.83 -28.83 23.33
CA ASP B 741 -30.70 -28.93 22.43
C ASP B 741 -29.44 -29.40 23.16
N VAL B 742 -29.09 -28.74 24.26
CA VAL B 742 -27.83 -29.07 24.95
C VAL B 742 -27.80 -30.42 25.66
N VAL B 743 -28.89 -30.82 26.26
CA VAL B 743 -28.92 -32.05 27.04
C VAL B 743 -30.03 -32.97 26.62
N PHE B 744 -29.82 -33.67 25.52
CA PHE B 744 -30.86 -34.54 25.00
C PHE B 744 -31.19 -35.60 26.04
N ASP B 745 -32.47 -35.92 26.17
CA ASP B 745 -32.89 -37.01 27.06
C ASP B 745 -32.29 -38.32 26.56
N SER B 746 -32.30 -38.51 25.25
CA SER B 746 -31.71 -39.70 24.67
C SER B 746 -30.45 -39.34 23.90
N THR C 3 -20.92 7.02 -3.70
CA THR C 3 -21.94 8.07 -3.73
C THR C 3 -21.72 9.07 -2.59
N GLU C 4 -22.21 10.30 -2.78
CA GLU C 4 -22.13 11.32 -1.75
C GLU C 4 -23.53 11.74 -1.29
N GLU C 5 -23.68 12.08 -0.02
CA GLU C 5 -24.98 12.23 0.62
C GLU C 5 -25.34 13.70 0.88
N GLY C 6 -26.53 14.11 0.44
CA GLY C 6 -26.93 15.51 0.47
C GLY C 6 -26.98 16.02 -0.96
N LYS C 7 -26.28 15.30 -1.82
CA LYS C 7 -26.23 15.61 -3.24
C LYS C 7 -27.02 14.56 -4.02
N LEU C 8 -27.24 14.81 -5.31
CA LEU C 8 -27.91 13.84 -6.17
C LEU C 8 -27.10 13.69 -7.46
N VAL C 9 -26.74 12.45 -7.80
CA VAL C 9 -25.98 12.18 -9.01
C VAL C 9 -26.75 11.27 -9.94
N ILE C 10 -26.80 11.64 -11.22
CA ILE C 10 -27.62 10.94 -12.20
C ILE C 10 -26.80 10.54 -13.41
N TRP C 11 -27.05 9.33 -13.90
CA TRP C 11 -26.39 8.83 -15.11
C TRP C 11 -27.40 8.63 -16.23
N ILE C 12 -27.11 9.17 -17.40
CA ILE C 12 -27.94 8.96 -18.58
C ILE C 12 -27.06 8.92 -19.82
N ASN C 13 -27.42 8.10 -20.80
CA ASN C 13 -26.57 7.87 -21.97
C ASN C 13 -26.35 9.13 -22.79
N GLY C 14 -25.16 9.27 -23.34
CA GLY C 14 -24.74 10.49 -24.01
C GLY C 14 -25.53 10.87 -25.25
N ASP C 15 -26.32 9.94 -25.77
CA ASP C 15 -27.15 10.24 -26.93
C ASP C 15 -28.50 10.82 -26.52
N LYS C 16 -28.79 10.80 -25.22
CA LYS C 16 -30.01 11.39 -24.68
C LYS C 16 -29.81 12.87 -24.36
N GLY C 17 -30.89 13.54 -23.96
CA GLY C 17 -30.81 14.95 -23.65
C GLY C 17 -30.43 15.21 -22.21
N TYR C 18 -29.15 15.06 -21.90
CA TYR C 18 -28.68 15.23 -20.53
C TYR C 18 -28.66 16.69 -20.11
N ASN C 19 -28.61 17.60 -21.09
CA ASN C 19 -28.61 19.03 -20.78
C ASN C 19 -29.97 19.53 -20.31
N GLY C 20 -31.03 19.04 -20.93
CA GLY C 20 -32.36 19.33 -20.46
C GLY C 20 -32.53 18.76 -19.06
N LEU C 21 -32.12 17.51 -18.89
CA LEU C 21 -32.16 16.89 -17.58
C LEU C 21 -31.39 17.75 -16.59
N ALA C 22 -30.28 18.33 -17.05
CA ALA C 22 -29.45 19.15 -16.18
C ALA C 22 -30.23 20.38 -15.75
N GLU C 23 -31.00 20.94 -16.67
CA GLU C 23 -31.82 22.11 -16.36
C GLU C 23 -32.83 21.76 -15.27
N VAL C 24 -33.49 20.61 -15.39
CA VAL C 24 -34.40 20.17 -14.33
C VAL C 24 -33.67 20.04 -13.01
N GLY C 25 -32.42 19.59 -13.07
CA GLY C 25 -31.58 19.49 -11.89
C GLY C 25 -31.32 20.85 -11.27
N LYS C 26 -31.14 21.87 -12.11
CA LYS C 26 -30.88 23.21 -11.63
C LYS C 26 -32.11 23.71 -10.88
N LYS C 27 -33.27 23.45 -11.44
CA LYS C 27 -34.52 23.86 -10.83
C LYS C 27 -34.77 23.14 -9.50
N PHE C 28 -34.34 21.89 -9.42
CA PHE C 28 -34.48 21.13 -8.18
C PHE C 28 -33.57 21.73 -7.13
N GLU C 29 -32.39 22.16 -7.58
CA GLU C 29 -31.40 22.78 -6.71
C GLU C 29 -31.95 24.10 -6.20
N LYS C 30 -32.66 24.81 -7.06
CA LYS C 30 -33.19 26.13 -6.74
C LYS C 30 -34.30 26.05 -5.70
N ASP C 31 -35.24 25.14 -5.92
CA ASP C 31 -36.40 25.00 -5.05
C ASP C 31 -36.05 24.29 -3.74
N THR C 32 -35.07 23.41 -3.78
CA THR C 32 -34.77 22.57 -2.62
C THR C 32 -33.38 22.81 -2.04
N GLY C 33 -32.47 23.36 -2.83
CA GLY C 33 -31.11 23.63 -2.37
C GLY C 33 -30.16 22.45 -2.56
N ILE C 34 -30.68 21.32 -3.00
CA ILE C 34 -29.87 20.14 -3.25
C ILE C 34 -29.25 20.17 -4.65
N LYS C 35 -27.95 19.98 -4.72
CA LYS C 35 -27.24 20.04 -6.00
C LYS C 35 -27.44 18.77 -6.82
N VAL C 36 -27.81 18.96 -8.08
CA VAL C 36 -28.08 17.83 -8.96
C VAL C 36 -27.04 17.75 -10.08
N THR C 37 -26.21 16.71 -10.04
CA THR C 37 -25.17 16.52 -11.04
C THR C 37 -25.58 15.42 -12.03
N VAL C 38 -25.46 15.73 -13.31
CA VAL C 38 -25.85 14.80 -14.36
C VAL C 38 -24.65 14.41 -15.20
N GLU C 39 -24.33 13.13 -15.24
CA GLU C 39 -23.19 12.64 -15.99
C GLU C 39 -23.61 11.65 -17.07
N HIS C 40 -22.79 11.54 -18.12
CA HIS C 40 -23.03 10.62 -19.21
C HIS C 40 -21.80 9.86 -19.57
N PRO C 41 -21.40 8.91 -18.73
CA PRO C 41 -20.19 8.13 -18.98
C PRO C 41 -20.38 7.13 -20.11
N ASP C 42 -19.28 6.71 -20.73
CA ASP C 42 -19.35 5.75 -21.81
C ASP C 42 -19.71 4.38 -21.28
N LYS C 43 -20.38 3.61 -22.13
CA LYS C 43 -20.67 2.23 -21.83
C LYS C 43 -21.32 2.27 -20.48
N LEU C 44 -22.30 3.15 -20.37
CA LEU C 44 -22.95 3.40 -19.10
C LEU C 44 -23.63 2.15 -18.60
N GLU C 45 -24.19 1.36 -19.52
CA GLU C 45 -24.91 0.18 -19.11
C GLU C 45 -23.94 -0.78 -18.42
N GLU C 46 -22.78 -1.01 -19.03
CA GLU C 46 -21.78 -1.91 -18.45
C GLU C 46 -21.30 -1.34 -17.13
N LYS C 47 -21.16 -0.02 -17.12
CA LYS C 47 -20.60 0.69 -15.98
C LYS C 47 -21.47 0.58 -14.76
N PHE C 48 -22.78 0.63 -14.91
CA PHE C 48 -23.56 0.76 -13.69
C PHE C 48 -23.41 -0.46 -12.80
N PRO C 49 -23.48 -1.65 -13.41
CA PRO C 49 -23.36 -2.92 -12.70
C PRO C 49 -22.01 -3.13 -12.04
N GLN C 50 -20.95 -2.63 -12.66
CA GLN C 50 -19.60 -2.71 -12.09
C GLN C 50 -19.50 -1.92 -10.80
N VAL C 51 -19.70 -0.61 -10.88
CA VAL C 51 -19.52 0.26 -9.72
C VAL C 51 -20.57 0.01 -8.66
N ALA C 52 -21.77 -0.34 -9.09
CA ALA C 52 -22.86 -0.59 -8.17
C ALA C 52 -22.57 -1.83 -7.34
N ALA C 53 -21.82 -2.76 -7.92
CA ALA C 53 -21.49 -4.00 -7.22
C ALA C 53 -20.76 -3.74 -5.90
N THR C 54 -20.09 -2.59 -5.80
CA THR C 54 -19.34 -2.29 -4.59
C THR C 54 -19.99 -1.25 -3.69
N GLY C 55 -21.21 -0.82 -4.05
CA GLY C 55 -21.91 0.17 -3.27
C GLY C 55 -21.58 1.58 -3.74
N ASP C 56 -21.02 1.69 -4.94
CA ASP C 56 -20.77 2.98 -5.55
C ASP C 56 -21.77 3.20 -6.67
N GLY C 57 -21.60 4.30 -7.40
CA GLY C 57 -22.45 4.58 -8.54
C GLY C 57 -23.40 5.73 -8.28
N PRO C 58 -24.20 6.07 -9.30
CA PRO C 58 -25.15 7.19 -9.23
C PRO C 58 -26.27 6.87 -8.25
N ASP C 59 -26.97 7.92 -7.82
CA ASP C 59 -28.18 7.75 -7.05
C ASP C 59 -29.31 7.28 -7.96
N ILE C 60 -29.30 7.79 -9.19
CA ILE C 60 -30.30 7.45 -10.19
C ILE C 60 -29.61 7.08 -11.50
N ILE C 61 -30.08 6.00 -12.13
CA ILE C 61 -29.53 5.57 -13.41
C ILE C 61 -30.62 5.46 -14.47
N PHE C 62 -30.37 6.03 -15.64
CA PHE C 62 -31.32 5.97 -16.73
C PHE C 62 -30.86 4.92 -17.75
N TRP C 63 -31.80 4.09 -18.19
CA TRP C 63 -31.55 3.18 -19.32
C TRP C 63 -32.85 2.47 -19.71
N ALA C 64 -32.88 1.90 -20.91
CA ALA C 64 -34.04 1.10 -21.33
C ALA C 64 -34.29 0.00 -20.31
N HIS C 65 -35.55 -0.43 -20.19
CA HIS C 65 -35.95 -1.36 -19.13
C HIS C 65 -35.30 -2.75 -19.26
N ASP C 66 -34.90 -3.13 -20.47
CA ASP C 66 -34.43 -4.51 -20.68
C ASP C 66 -33.32 -4.91 -19.70
N ARG C 67 -32.51 -3.95 -19.26
CA ARG C 67 -31.41 -4.21 -18.33
C ARG C 67 -31.86 -4.31 -16.87
N PHE C 68 -32.89 -3.54 -16.52
CA PHE C 68 -33.26 -3.33 -15.13
C PHE C 68 -33.58 -4.61 -14.38
N GLY C 69 -34.22 -5.57 -15.05
CA GLY C 69 -34.52 -6.83 -14.39
C GLY C 69 -33.24 -7.48 -13.88
N GLY C 70 -32.17 -7.38 -14.66
CA GLY C 70 -30.89 -7.91 -14.23
C GLY C 70 -30.38 -7.13 -13.04
N TYR C 71 -30.29 -5.81 -13.20
CA TYR C 71 -29.86 -4.94 -12.11
C TYR C 71 -30.59 -5.29 -10.84
N ALA C 72 -31.90 -5.50 -10.94
CA ALA C 72 -32.71 -5.80 -9.78
C ALA C 72 -32.30 -7.12 -9.15
N GLN C 73 -32.00 -8.11 -9.99
CA GLN C 73 -31.67 -9.43 -9.51
C GLN C 73 -30.31 -9.40 -8.85
N SER C 74 -29.44 -8.55 -9.37
CA SER C 74 -28.09 -8.41 -8.85
C SER C 74 -28.05 -7.60 -7.56
N GLY C 75 -29.19 -7.01 -7.20
CA GLY C 75 -29.28 -6.28 -5.95
C GLY C 75 -28.67 -4.90 -6.05
N LEU C 76 -28.94 -4.22 -7.17
CA LEU C 76 -28.44 -2.87 -7.38
C LEU C 76 -29.56 -1.83 -7.29
N LEU C 77 -30.80 -2.30 -7.19
CA LEU C 77 -31.94 -1.38 -7.24
C LEU C 77 -32.83 -1.43 -6.01
N ALA C 78 -33.34 -0.25 -5.65
CA ALA C 78 -34.32 -0.14 -4.58
C ALA C 78 -35.70 -0.20 -5.22
N GLU C 79 -36.66 -0.77 -4.49
CA GLU C 79 -38.04 -0.77 -4.95
C GLU C 79 -38.60 0.63 -4.86
N ILE C 80 -39.19 1.11 -5.93
CA ILE C 80 -39.81 2.42 -5.93
C ILE C 80 -41.17 2.29 -5.27
N THR C 81 -41.67 3.39 -4.71
CA THR C 81 -42.87 3.35 -3.90
C THR C 81 -43.91 4.42 -4.27
N PRO C 82 -44.21 4.56 -5.58
CA PRO C 82 -45.23 5.55 -5.94
C PRO C 82 -46.60 5.11 -5.44
N ASP C 83 -47.56 6.02 -5.40
CA ASP C 83 -48.90 5.68 -4.96
C ASP C 83 -49.83 5.72 -6.16
N LYS C 84 -51.05 5.23 -6.00
CA LYS C 84 -51.94 5.09 -7.15
C LYS C 84 -52.09 6.42 -7.88
N ALA C 85 -52.17 7.52 -7.12
CA ALA C 85 -52.35 8.82 -7.74
C ALA C 85 -51.25 9.06 -8.78
N PHE C 86 -50.03 8.68 -8.45
CA PHE C 86 -48.92 8.84 -9.38
C PHE C 86 -48.96 7.80 -10.51
N GLN C 87 -49.37 6.59 -10.17
CA GLN C 87 -49.38 5.50 -11.13
C GLN C 87 -50.42 5.70 -12.22
N ASP C 88 -51.44 6.50 -11.93
CA ASP C 88 -52.49 6.75 -12.91
C ASP C 88 -52.05 7.84 -13.88
N LYS C 89 -51.03 8.59 -13.51
CA LYS C 89 -50.49 9.62 -14.38
C LYS C 89 -49.71 8.99 -15.53
N LEU C 90 -49.26 7.75 -15.34
CA LEU C 90 -48.48 7.06 -16.37
C LEU C 90 -49.23 5.86 -16.96
N TYR C 91 -49.00 5.60 -18.24
CA TYR C 91 -49.65 4.48 -18.92
C TYR C 91 -49.31 3.17 -18.21
N PRO C 92 -50.29 2.28 -18.06
CA PRO C 92 -50.10 1.00 -17.37
C PRO C 92 -49.03 0.09 -17.98
N PHE C 93 -48.91 0.05 -19.31
CA PHE C 93 -47.96 -0.85 -19.95
C PHE C 93 -46.51 -0.42 -19.71
N THR C 94 -46.30 0.88 -19.47
CA THR C 94 -44.96 1.37 -19.15
C THR C 94 -44.56 0.93 -17.74
N TRP C 95 -45.54 0.83 -16.84
CA TRP C 95 -45.30 0.29 -15.50
C TRP C 95 -44.98 -1.21 -15.61
N ASP C 96 -45.70 -1.89 -16.49
CA ASP C 96 -45.45 -3.30 -16.72
C ASP C 96 -43.97 -3.51 -17.02
N ALA C 97 -43.42 -2.68 -17.90
CA ALA C 97 -42.05 -2.86 -18.37
C ALA C 97 -41.01 -2.80 -17.26
N VAL C 98 -41.34 -2.08 -16.18
CA VAL C 98 -40.39 -1.95 -15.07
C VAL C 98 -40.83 -2.78 -13.87
N ARG C 99 -41.76 -3.70 -14.07
CA ARG C 99 -42.16 -4.59 -13.00
C ARG C 99 -41.36 -5.88 -13.11
N TYR C 100 -40.59 -6.19 -12.07
CA TYR C 100 -39.79 -7.41 -12.03
C TYR C 100 -40.07 -8.22 -10.77
N ASN C 101 -40.51 -9.47 -10.96
CA ASN C 101 -40.90 -10.32 -9.84
C ASN C 101 -41.87 -9.63 -8.90
N GLY C 102 -42.90 -9.00 -9.46
CA GLY C 102 -43.99 -8.48 -8.66
C GLY C 102 -43.79 -7.06 -8.15
N LYS C 103 -42.55 -6.58 -8.15
CA LYS C 103 -42.24 -5.26 -7.63
C LYS C 103 -41.84 -4.27 -8.71
N LEU C 104 -42.21 -3.01 -8.53
CA LEU C 104 -41.77 -1.95 -9.43
C LEU C 104 -40.34 -1.54 -9.06
N ILE C 105 -39.46 -1.50 -10.05
CA ILE C 105 -38.04 -1.28 -9.80
C ILE C 105 -37.48 -0.07 -10.56
N ALA C 106 -38.36 0.73 -11.16
CA ALA C 106 -37.93 1.93 -11.86
C ALA C 106 -39.11 2.75 -12.33
N TYR C 107 -38.89 4.04 -12.50
CA TYR C 107 -39.91 4.91 -13.05
C TYR C 107 -39.83 4.86 -14.56
N PRO C 108 -40.90 4.43 -15.23
CA PRO C 108 -40.88 4.52 -16.69
C PRO C 108 -40.85 5.98 -17.10
N ILE C 109 -40.04 6.30 -18.11
CA ILE C 109 -39.93 7.68 -18.58
C ILE C 109 -40.50 7.84 -19.99
N ALA C 110 -39.99 7.07 -20.96
CA ALA C 110 -40.41 7.24 -22.34
C ALA C 110 -40.30 5.97 -23.19
N VAL C 111 -41.03 5.95 -24.30
CA VAL C 111 -41.08 4.78 -25.16
C VAL C 111 -40.30 5.00 -26.44
N GLU C 112 -39.20 4.26 -26.57
CA GLU C 112 -38.30 4.37 -27.71
C GLU C 112 -38.56 3.27 -28.74
N ALA C 113 -38.62 3.66 -30.02
CA ALA C 113 -38.66 2.70 -31.11
C ALA C 113 -37.94 3.26 -32.36
N LEU C 114 -37.23 2.37 -33.05
CA LEU C 114 -36.50 2.77 -34.25
C LEU C 114 -37.44 3.01 -35.42
N SER C 115 -37.13 4.01 -36.23
CA SER C 115 -37.93 4.30 -37.41
C SER C 115 -36.99 4.43 -38.59
N LEU C 116 -37.54 4.42 -39.80
CA LEU C 116 -36.77 4.71 -40.99
C LEU C 116 -36.77 6.21 -41.23
N ILE C 117 -35.59 6.83 -41.16
CA ILE C 117 -35.48 8.26 -41.41
C ILE C 117 -34.92 8.48 -42.82
N TYR C 118 -35.61 9.27 -43.64
CA TYR C 118 -35.20 9.46 -45.02
C TYR C 118 -35.14 10.93 -45.42
N ASN C 119 -34.26 11.23 -46.38
CA ASN C 119 -34.09 12.58 -46.90
C ASN C 119 -35.08 12.85 -48.04
N LYS C 120 -36.08 13.67 -47.76
CA LYS C 120 -37.17 13.90 -48.72
C LYS C 120 -36.68 14.41 -50.08
N ASP C 121 -35.59 15.18 -50.08
CA ASP C 121 -35.03 15.72 -51.32
C ASP C 121 -34.44 14.62 -52.19
N LEU C 122 -33.60 13.77 -51.60
CA LEU C 122 -32.96 12.68 -52.33
C LEU C 122 -33.93 11.54 -52.63
N LEU C 123 -34.97 11.40 -51.81
CA LEU C 123 -35.81 10.22 -51.86
C LEU C 123 -37.26 10.53 -51.46
N PRO C 124 -38.00 11.18 -52.37
CA PRO C 124 -39.39 11.60 -52.16
C PRO C 124 -40.30 10.46 -51.70
N ASN C 125 -40.13 9.28 -52.29
CA ASN C 125 -40.89 8.11 -51.88
C ASN C 125 -39.98 7.02 -51.34
N PRO C 126 -39.86 6.93 -50.01
CA PRO C 126 -38.99 5.88 -49.43
C PRO C 126 -39.48 4.49 -49.80
N PRO C 127 -38.56 3.51 -49.88
CA PRO C 127 -38.91 2.12 -50.20
C PRO C 127 -39.71 1.45 -49.10
N LYS C 128 -40.72 0.67 -49.47
CA LYS C 128 -41.55 -0.03 -48.49
C LYS C 128 -40.93 -1.38 -48.11
N THR C 129 -39.91 -1.82 -48.87
CA THR C 129 -39.30 -3.12 -48.63
C THR C 129 -37.76 -3.08 -48.75
N TRP C 130 -37.09 -3.94 -47.99
CA TRP C 130 -35.63 -4.01 -47.99
C TRP C 130 -35.09 -4.43 -49.34
N GLU C 131 -35.83 -5.29 -50.02
CA GLU C 131 -35.36 -5.88 -51.27
C GLU C 131 -35.07 -4.83 -52.34
N GLU C 132 -35.78 -3.70 -52.28
CA GLU C 132 -35.62 -2.63 -53.27
C GLU C 132 -34.26 -1.94 -53.17
N ILE C 133 -33.69 -1.97 -51.97
CA ILE C 133 -32.58 -1.08 -51.62
C ILE C 133 -31.30 -1.22 -52.45
N PRO C 134 -30.90 -2.45 -52.79
CA PRO C 134 -29.69 -2.65 -53.60
C PRO C 134 -29.78 -1.93 -54.94
N ALA C 135 -30.90 -2.06 -55.64
CA ALA C 135 -31.12 -1.31 -56.87
C ALA C 135 -31.09 0.19 -56.58
N LEU C 136 -31.73 0.59 -55.49
CA LEU C 136 -31.81 2.00 -55.13
C LEU C 136 -30.42 2.57 -54.86
N ASP C 137 -29.57 1.78 -54.21
CA ASP C 137 -28.23 2.25 -53.92
C ASP C 137 -27.43 2.40 -55.21
N LYS C 138 -27.69 1.52 -56.17
CA LYS C 138 -27.02 1.59 -57.45
C LYS C 138 -27.33 2.90 -58.16
N GLU C 139 -28.58 3.34 -58.09
CA GLU C 139 -28.97 4.62 -58.66
C GLU C 139 -28.26 5.76 -57.96
N LEU C 140 -28.39 5.81 -56.64
CA LEU C 140 -27.84 6.92 -55.87
C LEU C 140 -26.32 6.96 -55.99
N LYS C 141 -25.69 5.80 -56.13
CA LYS C 141 -24.24 5.75 -56.30
C LYS C 141 -23.83 6.44 -57.60
N ALA C 142 -24.69 6.31 -58.61
CA ALA C 142 -24.48 7.00 -59.87
C ALA C 142 -24.50 8.50 -59.67
N LYS C 143 -25.16 8.95 -58.61
CA LYS C 143 -25.23 10.37 -58.29
C LYS C 143 -24.26 10.75 -57.18
N GLY C 144 -23.37 9.85 -56.81
CA GLY C 144 -22.42 10.10 -55.74
C GLY C 144 -23.07 10.11 -54.37
N LYS C 145 -24.09 9.27 -54.20
CA LYS C 145 -24.79 9.13 -52.93
C LYS C 145 -24.97 7.65 -52.61
N SER C 146 -25.36 7.36 -51.36
CA SER C 146 -25.66 6.00 -50.96
C SER C 146 -27.10 5.94 -50.49
N ALA C 147 -27.68 4.74 -50.47
CA ALA C 147 -29.07 4.58 -50.10
C ALA C 147 -29.25 4.54 -48.59
N LEU C 148 -28.44 3.75 -47.90
CA LEU C 148 -28.67 3.46 -46.49
C LEU C 148 -27.41 3.32 -45.65
N MET C 149 -27.38 4.01 -44.51
CA MET C 149 -26.30 3.87 -43.54
C MET C 149 -26.84 3.96 -42.12
N PHE C 150 -26.53 2.95 -41.31
CA PHE C 150 -26.92 2.98 -39.90
C PHE C 150 -25.88 2.23 -39.05
N ASN C 151 -26.04 2.29 -37.74
CA ASN C 151 -25.08 1.70 -36.82
C ASN C 151 -25.09 0.18 -36.86
N LEU C 152 -24.00 -0.39 -37.36
CA LEU C 152 -23.86 -1.84 -37.48
C LEU C 152 -23.03 -2.42 -36.34
N GLN C 153 -22.73 -1.61 -35.34
CA GLN C 153 -21.92 -2.07 -34.22
C GLN C 153 -22.79 -2.44 -33.02
N GLU C 154 -24.07 -2.07 -33.07
CA GLU C 154 -25.01 -2.42 -32.01
C GLU C 154 -26.20 -3.20 -32.56
N PRO C 155 -26.40 -4.43 -32.06
CA PRO C 155 -27.41 -5.31 -32.63
C PRO C 155 -28.81 -4.70 -32.59
N TYR C 156 -28.97 -3.67 -31.77
CA TYR C 156 -30.26 -3.02 -31.60
C TYR C 156 -30.80 -2.59 -32.95
N PHE C 157 -29.91 -2.14 -33.82
CA PHE C 157 -30.29 -1.51 -35.08
C PHE C 157 -30.56 -2.53 -36.18
N THR C 158 -30.00 -3.74 -36.05
CA THR C 158 -30.21 -4.77 -37.05
C THR C 158 -31.25 -5.79 -36.59
N TRP C 159 -31.65 -5.70 -35.33
CA TRP C 159 -32.62 -6.67 -34.80
C TRP C 159 -33.97 -6.60 -35.53
N PRO C 160 -34.38 -5.41 -35.97
CA PRO C 160 -35.66 -5.28 -36.69
C PRO C 160 -35.73 -6.15 -37.94
N LEU C 161 -34.60 -6.25 -38.63
CA LEU C 161 -34.49 -7.06 -39.84
C LEU C 161 -34.34 -8.54 -39.51
N ILE C 162 -33.61 -8.82 -38.43
CA ILE C 162 -33.39 -10.20 -38.00
C ILE C 162 -34.70 -10.83 -37.50
N ALA C 163 -35.60 -9.98 -36.99
CA ALA C 163 -36.84 -10.48 -36.39
C ALA C 163 -37.99 -10.51 -37.39
N ALA C 164 -37.86 -9.73 -38.47
CA ALA C 164 -38.90 -9.61 -39.48
C ALA C 164 -39.48 -10.95 -39.95
N ASP C 165 -38.61 -11.94 -40.18
CA ASP C 165 -39.05 -13.21 -40.76
C ASP C 165 -39.07 -14.39 -39.78
N GLY C 166 -38.99 -14.09 -38.48
CA GLY C 166 -39.19 -15.12 -37.47
C GLY C 166 -38.14 -15.17 -36.38
N GLY C 167 -37.17 -14.26 -36.42
CA GLY C 167 -36.18 -14.21 -35.36
C GLY C 167 -36.82 -13.72 -34.08
N TYR C 168 -36.40 -14.28 -32.96
CA TYR C 168 -36.87 -13.78 -31.68
C TYR C 168 -35.84 -14.06 -30.60
N ALA C 169 -35.94 -13.40 -29.46
CA ALA C 169 -34.94 -13.59 -28.41
C ALA C 169 -35.32 -14.67 -27.40
N PHE C 170 -36.50 -14.56 -26.81
CA PHE C 170 -37.04 -15.59 -25.93
C PHE C 170 -38.53 -15.66 -26.19
N LYS C 171 -39.10 -16.85 -26.10
CA LYS C 171 -40.49 -17.01 -26.43
C LYS C 171 -41.36 -16.79 -25.22
N TYR C 172 -42.32 -15.90 -25.36
CA TYR C 172 -43.27 -15.64 -24.29
C TYR C 172 -44.52 -16.51 -24.47
N GLU C 173 -44.70 -17.48 -23.57
CA GLU C 173 -45.89 -18.32 -23.61
C GLU C 173 -46.41 -18.59 -22.20
N ASN C 174 -47.72 -18.64 -22.08
CA ASN C 174 -48.36 -18.88 -20.80
C ASN C 174 -47.88 -17.91 -19.74
N GLY C 175 -47.72 -16.65 -20.15
CA GLY C 175 -47.47 -15.57 -19.21
C GLY C 175 -46.02 -15.25 -18.90
N LYS C 176 -45.09 -16.10 -19.33
CA LYS C 176 -43.67 -15.90 -18.99
C LYS C 176 -42.74 -16.21 -20.15
N TYR C 177 -41.54 -15.64 -20.10
CA TYR C 177 -40.50 -15.93 -21.09
C TYR C 177 -39.82 -17.26 -20.76
N ASP C 178 -39.66 -18.10 -21.77
CA ASP C 178 -39.02 -19.40 -21.65
C ASP C 178 -37.59 -19.35 -22.15
N ILE C 179 -36.64 -19.26 -21.22
CA ILE C 179 -35.24 -19.03 -21.59
C ILE C 179 -34.64 -20.19 -22.36
N LYS C 180 -35.30 -21.35 -22.33
CA LYS C 180 -34.87 -22.51 -23.09
C LYS C 180 -35.25 -22.41 -24.57
N ASP C 181 -36.17 -21.51 -24.89
CA ASP C 181 -36.62 -21.30 -26.27
C ASP C 181 -36.07 -20.01 -26.87
N VAL C 182 -34.90 -20.11 -27.49
CA VAL C 182 -34.25 -18.93 -28.07
C VAL C 182 -34.41 -19.01 -29.57
N GLY C 183 -34.60 -17.87 -30.23
CA GLY C 183 -34.86 -17.85 -31.65
C GLY C 183 -33.93 -16.96 -32.44
N VAL C 184 -32.63 -17.02 -32.16
CA VAL C 184 -31.66 -16.28 -32.94
C VAL C 184 -31.00 -17.19 -33.97
N ASP C 185 -31.37 -18.46 -33.92
CA ASP C 185 -30.73 -19.48 -34.75
C ASP C 185 -31.63 -19.94 -35.90
N ASN C 186 -32.89 -19.51 -35.87
CA ASN C 186 -33.88 -20.03 -36.80
C ASN C 186 -33.82 -19.43 -38.20
N ALA C 187 -34.57 -20.04 -39.12
CA ALA C 187 -34.51 -19.68 -40.53
C ALA C 187 -34.75 -18.19 -40.74
N GLY C 188 -35.68 -17.62 -39.98
CA GLY C 188 -35.98 -16.22 -40.11
C GLY C 188 -34.78 -15.40 -39.73
N ALA C 189 -34.24 -15.67 -38.55
CA ALA C 189 -33.08 -14.94 -38.07
C ALA C 189 -31.98 -15.01 -39.11
N LYS C 190 -31.78 -16.19 -39.67
CA LYS C 190 -30.75 -16.38 -40.67
C LYS C 190 -31.04 -15.58 -41.92
N ALA C 191 -32.31 -15.49 -42.32
CA ALA C 191 -32.65 -14.80 -43.54
C ALA C 191 -32.28 -13.33 -43.41
N GLY C 192 -32.68 -12.74 -42.28
CA GLY C 192 -32.43 -11.34 -42.03
C GLY C 192 -30.95 -11.02 -42.00
N LEU C 193 -30.21 -11.72 -41.15
CA LEU C 193 -28.79 -11.42 -41.02
C LEU C 193 -28.06 -11.68 -42.32
N THR C 194 -28.53 -12.66 -43.07
CA THR C 194 -27.92 -12.98 -44.34
C THR C 194 -28.13 -11.83 -45.31
N PHE C 195 -29.32 -11.22 -45.26
CA PHE C 195 -29.61 -10.13 -46.16
C PHE C 195 -28.73 -8.93 -45.86
N LEU C 196 -28.55 -8.63 -44.58
CA LEU C 196 -27.65 -7.57 -44.17
C LEU C 196 -26.24 -7.85 -44.72
N VAL C 197 -25.79 -9.08 -44.53
CA VAL C 197 -24.45 -9.47 -44.93
C VAL C 197 -24.26 -9.39 -46.44
N ASP C 198 -25.32 -9.64 -47.18
CA ASP C 198 -25.25 -9.54 -48.64
C ASP C 198 -25.16 -8.08 -49.04
N LEU C 199 -25.88 -7.20 -48.35
CA LEU C 199 -25.80 -5.77 -48.59
C LEU C 199 -24.36 -5.31 -48.45
N ILE C 200 -23.68 -5.80 -47.41
CA ILE C 200 -22.28 -5.46 -47.20
C ILE C 200 -21.36 -6.05 -48.27
N LYS C 201 -21.61 -7.30 -48.66
CA LYS C 201 -20.77 -7.95 -49.64
C LYS C 201 -20.84 -7.21 -50.97
N ASN C 202 -22.06 -6.88 -51.38
CA ASN C 202 -22.28 -6.21 -52.66
C ASN C 202 -22.02 -4.70 -52.60
N LYS C 203 -21.46 -4.25 -51.48
CA LYS C 203 -20.99 -2.87 -51.33
C LYS C 203 -22.10 -1.82 -51.37
N HIS C 204 -23.26 -2.17 -50.81
CA HIS C 204 -24.33 -1.21 -50.62
C HIS C 204 -24.25 -0.66 -49.21
N MET C 205 -23.48 -1.36 -48.36
CA MET C 205 -23.28 -0.95 -46.98
C MET C 205 -21.89 -1.36 -46.50
N ASN C 206 -21.49 -0.85 -45.34
CA ASN C 206 -20.13 -1.01 -44.87
C ASN C 206 -20.07 -1.44 -43.41
N ALA C 207 -19.39 -2.56 -43.16
CA ALA C 207 -19.37 -3.19 -41.83
C ALA C 207 -18.78 -2.30 -40.74
N ASP C 208 -17.81 -1.48 -41.11
CA ASP C 208 -17.20 -0.58 -40.14
C ASP C 208 -18.19 0.44 -39.60
N THR C 209 -19.25 0.72 -40.36
CA THR C 209 -20.14 1.84 -40.05
C THR C 209 -20.68 1.76 -38.62
N ASP C 210 -20.51 2.85 -37.88
CA ASP C 210 -20.98 2.92 -36.51
C ASP C 210 -21.98 4.06 -36.37
N TYR C 211 -22.42 4.33 -35.15
CA TYR C 211 -23.45 5.33 -34.93
C TYR C 211 -23.04 6.72 -35.42
N SER C 212 -21.85 7.17 -35.04
CA SER C 212 -21.41 8.52 -35.41
C SER C 212 -21.16 8.67 -36.91
N ILE C 213 -20.63 7.63 -37.55
CA ILE C 213 -20.38 7.67 -38.99
C ILE C 213 -21.70 7.80 -39.75
N ALA C 214 -22.69 6.99 -39.38
CA ALA C 214 -23.99 7.00 -40.05
C ALA C 214 -24.68 8.34 -39.86
N GLU C 215 -24.64 8.85 -38.63
CA GLU C 215 -25.31 10.11 -38.32
C GLU C 215 -24.71 11.25 -39.12
N ALA C 216 -23.39 11.25 -39.23
CA ALA C 216 -22.70 12.28 -39.98
C ALA C 216 -23.12 12.20 -41.46
N ALA C 217 -23.15 10.97 -41.97
CA ALA C 217 -23.45 10.76 -43.38
C ALA C 217 -24.83 11.31 -43.75
N PHE C 218 -25.84 10.93 -42.97
CA PHE C 218 -27.21 11.32 -43.28
C PHE C 218 -27.45 12.80 -43.04
N ASN C 219 -26.81 13.34 -42.01
CA ASN C 219 -26.97 14.75 -41.69
C ASN C 219 -26.24 15.66 -42.67
N LYS C 220 -25.21 15.13 -43.32
CA LYS C 220 -24.48 15.90 -44.33
C LYS C 220 -25.15 15.75 -45.70
N GLY C 221 -26.12 14.85 -45.79
CA GLY C 221 -26.85 14.62 -47.02
C GLY C 221 -26.15 13.66 -47.96
N GLU C 222 -25.26 12.84 -47.41
CA GLU C 222 -24.45 11.91 -48.21
C GLU C 222 -25.17 10.60 -48.48
N THR C 223 -26.07 10.23 -47.58
CA THR C 223 -26.85 9.00 -47.74
C THR C 223 -28.33 9.34 -47.65
N ALA C 224 -29.15 8.55 -48.34
CA ALA C 224 -30.56 8.86 -48.49
C ALA C 224 -31.36 8.46 -47.25
N MET C 225 -30.90 7.45 -46.54
CA MET C 225 -31.65 6.95 -45.39
C MET C 225 -30.76 6.55 -44.22
N THR C 226 -31.40 6.43 -43.06
CA THR C 226 -30.73 5.94 -41.86
C THR C 226 -31.79 5.32 -40.97
N ILE C 227 -31.36 4.66 -39.90
CA ILE C 227 -32.29 4.04 -38.95
C ILE C 227 -31.91 4.47 -37.55
N ASN C 228 -32.85 5.05 -36.83
CA ASN C 228 -32.55 5.63 -35.53
C ASN C 228 -33.79 5.97 -34.74
N GLY C 229 -33.60 6.30 -33.46
CA GLY C 229 -34.69 6.68 -32.59
C GLY C 229 -34.88 8.18 -32.50
N PRO C 230 -35.92 8.62 -31.79
CA PRO C 230 -36.29 10.02 -31.62
C PRO C 230 -35.14 10.93 -31.22
N TRP C 231 -34.28 10.48 -30.31
CA TRP C 231 -33.17 11.29 -29.81
C TRP C 231 -32.37 11.95 -30.94
N ALA C 232 -32.24 11.26 -32.08
CA ALA C 232 -31.43 11.75 -33.18
C ALA C 232 -32.04 13.00 -33.85
N TRP C 233 -33.36 13.04 -33.91
CA TRP C 233 -34.09 14.10 -34.61
C TRP C 233 -33.51 15.48 -34.38
N SER C 234 -33.28 15.81 -33.11
CA SER C 234 -32.68 17.08 -32.74
C SER C 234 -31.52 17.43 -33.68
N ASN C 235 -30.53 16.55 -33.78
CA ASN C 235 -29.34 16.84 -34.55
C ASN C 235 -29.66 16.99 -36.03
N ILE C 236 -30.72 16.32 -36.46
CA ILE C 236 -31.11 16.38 -37.86
C ILE C 236 -31.82 17.70 -38.13
N ASP C 237 -32.41 18.28 -37.08
CA ASP C 237 -33.07 19.57 -37.20
C ASP C 237 -32.03 20.65 -37.47
N THR C 238 -30.87 20.51 -36.82
CA THR C 238 -29.78 21.47 -36.94
C THR C 238 -29.10 21.36 -38.29
N SER C 239 -29.02 20.15 -38.84
CA SER C 239 -28.36 19.94 -40.13
C SER C 239 -29.18 20.54 -41.27
N LYS C 240 -30.41 20.93 -40.97
CA LYS C 240 -31.28 21.55 -41.97
C LYS C 240 -31.60 20.61 -43.13
N VAL C 241 -31.34 19.32 -42.95
CA VAL C 241 -31.76 18.32 -43.95
C VAL C 241 -33.27 18.19 -43.91
N ASN C 242 -33.90 18.12 -45.09
CA ASN C 242 -35.35 17.95 -45.16
C ASN C 242 -35.73 16.49 -45.02
N TYR C 243 -36.14 16.09 -43.82
CA TYR C 243 -36.28 14.68 -43.50
C TYR C 243 -37.69 14.28 -43.09
N GLY C 244 -37.96 12.99 -43.19
CA GLY C 244 -39.23 12.44 -42.75
C GLY C 244 -39.00 11.16 -41.96
N VAL C 245 -39.89 10.90 -41.01
CA VAL C 245 -39.83 9.69 -40.20
C VAL C 245 -40.99 8.78 -40.60
N THR C 246 -40.69 7.54 -40.95
CA THR C 246 -41.71 6.62 -41.45
C THR C 246 -41.42 5.16 -41.12
N VAL C 247 -42.38 4.30 -41.42
CA VAL C 247 -42.30 2.88 -41.10
C VAL C 247 -41.10 2.20 -41.73
N LEU C 248 -40.50 1.27 -41.00
CA LEU C 248 -39.34 0.53 -41.48
C LEU C 248 -39.73 -0.33 -42.67
N PRO C 249 -38.75 -0.69 -43.50
CA PRO C 249 -39.02 -1.52 -44.69
C PRO C 249 -39.37 -2.95 -44.34
N THR C 250 -40.21 -3.60 -45.14
CA THR C 250 -40.56 -4.99 -44.90
C THR C 250 -39.50 -5.90 -45.49
N PHE C 251 -39.34 -7.08 -44.90
CA PHE C 251 -38.43 -8.09 -45.43
C PHE C 251 -39.23 -9.37 -45.68
N LYS C 252 -39.28 -9.81 -46.94
CA LYS C 252 -40.03 -11.00 -47.31
C LYS C 252 -41.52 -10.81 -47.08
N GLY C 253 -41.97 -9.56 -47.20
CA GLY C 253 -43.39 -9.26 -47.09
C GLY C 253 -43.84 -9.01 -45.67
N GLN C 254 -42.97 -9.29 -44.71
CA GLN C 254 -43.31 -9.14 -43.31
C GLN C 254 -42.61 -7.90 -42.76
N PRO C 255 -43.27 -7.16 -41.88
CA PRO C 255 -42.72 -5.89 -41.38
C PRO C 255 -41.47 -6.08 -40.54
N SER C 256 -40.63 -5.06 -40.47
CA SER C 256 -39.49 -5.09 -39.55
C SER C 256 -40.01 -4.97 -38.12
N LYS C 257 -39.35 -5.66 -37.20
CA LYS C 257 -39.85 -5.78 -35.84
C LYS C 257 -38.83 -5.31 -34.82
N PRO C 258 -38.70 -3.98 -34.66
CA PRO C 258 -37.74 -3.43 -33.72
C PRO C 258 -38.07 -3.78 -32.29
N PHE C 259 -37.07 -4.14 -31.51
CA PHE C 259 -37.25 -4.28 -30.07
C PHE C 259 -37.52 -2.89 -29.51
N VAL C 260 -38.60 -2.76 -28.74
CA VAL C 260 -39.01 -1.47 -28.22
C VAL C 260 -38.53 -1.32 -26.79
N GLY C 261 -37.88 -0.19 -26.52
CA GLY C 261 -37.34 0.04 -25.21
C GLY C 261 -38.22 1.01 -24.47
N VAL C 262 -38.13 1.01 -23.14
CA VAL C 262 -38.77 2.02 -22.33
C VAL C 262 -37.71 2.66 -21.47
N LEU C 263 -37.32 3.88 -21.84
CA LEU C 263 -36.36 4.64 -21.06
C LEU C 263 -36.89 4.78 -19.65
N SER C 264 -36.13 4.26 -18.69
CA SER C 264 -36.58 4.17 -17.30
C SER C 264 -35.50 4.65 -16.33
N ALA C 265 -35.95 5.16 -15.17
CA ALA C 265 -35.03 5.68 -14.14
C ALA C 265 -35.14 4.86 -12.86
N GLY C 266 -34.02 4.26 -12.44
CA GLY C 266 -34.01 3.41 -11.27
C GLY C 266 -33.12 3.97 -10.19
N ILE C 267 -33.41 3.62 -8.94
CA ILE C 267 -32.67 4.19 -7.83
C ILE C 267 -31.68 3.19 -7.23
N ASN C 268 -30.43 3.60 -7.15
CA ASN C 268 -29.36 2.76 -6.65
C ASN C 268 -29.63 2.33 -5.23
N ALA C 269 -29.44 1.04 -4.96
CA ALA C 269 -29.68 0.50 -3.63
C ALA C 269 -28.71 1.07 -2.62
N ALA C 270 -27.64 1.67 -3.12
CA ALA C 270 -26.62 2.24 -2.25
C ALA C 270 -26.82 3.73 -1.99
N SER C 271 -27.81 4.34 -2.65
CA SER C 271 -28.05 5.76 -2.43
C SER C 271 -28.53 6.00 -1.00
N PRO C 272 -27.90 6.97 -0.32
CA PRO C 272 -28.45 7.45 0.95
C PRO C 272 -29.45 8.57 0.69
N ASN C 273 -29.79 8.77 -0.58
CA ASN C 273 -30.66 9.86 -1.00
C ASN C 273 -31.87 9.35 -1.75
N LYS C 274 -32.40 8.21 -1.32
CA LYS C 274 -33.51 7.58 -2.02
C LYS C 274 -34.75 8.46 -2.04
N GLU C 275 -35.06 9.05 -0.88
CA GLU C 275 -36.22 9.92 -0.79
C GLU C 275 -36.03 11.16 -1.66
N LEU C 276 -34.82 11.71 -1.65
CA LEU C 276 -34.51 12.82 -2.54
C LEU C 276 -34.68 12.41 -4.00
N ALA C 277 -34.17 11.23 -4.33
CA ALA C 277 -34.27 10.72 -5.69
C ALA C 277 -35.74 10.64 -6.09
N LYS C 278 -36.58 10.24 -5.14
CA LYS C 278 -38.01 10.09 -5.40
C LYS C 278 -38.67 11.43 -5.65
N GLU C 279 -38.32 12.42 -4.84
CA GLU C 279 -38.90 13.74 -5.00
C GLU C 279 -38.56 14.28 -6.38
N PHE C 280 -37.32 14.11 -6.80
CA PHE C 280 -36.88 14.62 -8.10
C PHE C 280 -37.64 13.96 -9.24
N LEU C 281 -37.65 12.64 -9.25
CA LEU C 281 -38.22 11.89 -10.35
C LEU C 281 -39.71 12.11 -10.46
N GLU C 282 -40.39 12.16 -9.31
CA GLU C 282 -41.84 12.13 -9.26
C GLU C 282 -42.45 13.51 -9.38
N ASN C 283 -41.78 14.52 -8.84
CA ASN C 283 -42.36 15.86 -8.79
C ASN C 283 -41.65 16.90 -9.63
N TYR C 284 -40.57 16.50 -10.31
CA TYR C 284 -39.85 17.42 -11.17
C TYR C 284 -39.71 16.92 -12.59
N LEU C 285 -39.15 15.72 -12.75
CA LEU C 285 -38.94 15.15 -14.07
C LEU C 285 -40.25 14.72 -14.72
N LEU C 286 -40.99 13.85 -14.06
CA LEU C 286 -42.25 13.33 -14.61
C LEU C 286 -43.37 14.35 -14.43
N THR C 287 -43.18 15.51 -15.07
CA THR C 287 -44.21 16.54 -15.16
C THR C 287 -44.08 17.16 -16.55
N ASP C 288 -45.12 17.85 -16.99
CA ASP C 288 -45.10 18.46 -18.31
C ASP C 288 -43.83 19.30 -18.50
N GLU C 289 -43.46 20.07 -17.48
CA GLU C 289 -42.34 21.01 -17.59
C GLU C 289 -41.01 20.29 -17.69
N GLY C 290 -40.79 19.30 -16.82
CA GLY C 290 -39.56 18.56 -16.81
C GLY C 290 -39.34 17.76 -18.09
N LEU C 291 -40.30 16.90 -18.42
CA LEU C 291 -40.21 16.11 -19.63
C LEU C 291 -39.96 17.02 -20.84
N GLU C 292 -40.71 18.11 -20.94
CA GLU C 292 -40.59 19.01 -22.08
C GLU C 292 -39.18 19.56 -22.15
N ALA C 293 -38.60 19.90 -21.01
CA ALA C 293 -37.23 20.39 -20.96
C ALA C 293 -36.29 19.37 -21.59
N VAL C 294 -36.38 18.13 -21.15
CA VAL C 294 -35.55 17.06 -21.68
C VAL C 294 -35.78 16.88 -23.18
N ASN C 295 -37.04 16.99 -23.59
CA ASN C 295 -37.45 16.66 -24.96
C ASN C 295 -36.95 17.71 -25.94
N LYS C 296 -36.78 18.93 -25.46
CA LYS C 296 -36.22 20.01 -26.27
C LYS C 296 -34.78 19.70 -26.66
N ASP C 297 -33.99 19.31 -25.66
CA ASP C 297 -32.61 18.94 -25.91
C ASP C 297 -32.63 17.78 -26.89
N LYS C 298 -33.20 16.66 -26.45
CA LYS C 298 -33.26 15.46 -27.27
C LYS C 298 -34.63 14.82 -27.11
N PRO C 299 -35.40 14.75 -28.21
CA PRO C 299 -36.74 14.16 -28.15
C PRO C 299 -36.73 12.78 -27.49
N LEU C 300 -37.65 12.55 -26.54
CA LEU C 300 -37.70 11.28 -25.83
C LEU C 300 -38.51 10.22 -26.57
N GLY C 301 -39.25 10.64 -27.58
CA GLY C 301 -40.14 9.75 -28.27
C GLY C 301 -41.51 9.87 -27.63
N ALA C 302 -42.15 8.73 -27.37
CA ALA C 302 -43.49 8.75 -26.80
C ALA C 302 -43.42 8.59 -25.29
N VAL C 303 -43.58 9.71 -24.57
CA VAL C 303 -43.44 9.70 -23.12
C VAL C 303 -44.52 8.88 -22.42
N ALA C 304 -44.25 8.54 -21.15
CA ALA C 304 -45.13 7.67 -20.37
C ALA C 304 -46.08 8.48 -19.49
N LEU C 305 -45.94 9.80 -19.53
CA LEU C 305 -46.85 10.68 -18.81
C LEU C 305 -48.01 11.07 -19.72
N LYS C 306 -49.20 10.57 -19.41
CA LYS C 306 -50.38 10.77 -20.24
C LYS C 306 -50.56 12.22 -20.69
N SER C 307 -50.46 13.15 -19.74
CA SER C 307 -50.74 14.55 -20.04
C SER C 307 -49.85 15.10 -21.14
N TYR C 308 -48.55 14.83 -21.07
CA TYR C 308 -47.61 15.35 -22.05
C TYR C 308 -47.66 14.55 -23.36
N GLU C 309 -47.98 13.27 -23.26
CA GLU C 309 -48.05 12.41 -24.43
C GLU C 309 -49.16 12.85 -25.39
N GLU C 310 -50.31 13.19 -24.83
CA GLU C 310 -51.44 13.65 -25.64
C GLU C 310 -51.03 14.88 -26.44
N GLU C 311 -50.20 15.72 -25.83
CA GLU C 311 -49.60 16.88 -26.49
C GLU C 311 -48.64 16.48 -27.61
N LEU C 312 -47.84 15.44 -27.36
CA LEU C 312 -46.83 15.00 -28.33
C LEU C 312 -47.32 13.94 -29.30
N ALA C 313 -48.60 13.56 -29.21
CA ALA C 313 -49.15 12.54 -30.09
C ALA C 313 -49.49 13.12 -31.46
N LYS C 314 -49.61 14.45 -31.53
CA LYS C 314 -49.97 15.11 -32.77
C LYS C 314 -48.84 14.99 -33.80
N ASP C 315 -47.61 15.02 -33.30
CA ASP C 315 -46.41 14.95 -34.12
C ASP C 315 -46.39 13.69 -34.99
N PRO C 316 -46.39 13.87 -36.33
CA PRO C 316 -46.35 12.72 -37.23
C PRO C 316 -45.12 11.82 -37.00
N ARG C 317 -44.03 12.40 -36.53
CA ARG C 317 -42.83 11.61 -36.23
C ARG C 317 -43.15 10.63 -35.10
N ILE C 318 -43.83 11.11 -34.07
CA ILE C 318 -44.21 10.25 -32.96
C ILE C 318 -45.18 9.17 -33.43
N ALA C 319 -46.04 9.51 -34.37
CA ALA C 319 -46.97 8.54 -34.91
C ALA C 319 -46.21 7.38 -35.55
N ALA C 320 -45.28 7.70 -36.44
CA ALA C 320 -44.48 6.69 -37.11
C ALA C 320 -43.67 5.90 -36.10
N THR C 321 -43.20 6.59 -35.06
CA THR C 321 -42.46 5.94 -34.01
C THR C 321 -43.33 4.85 -33.42
N MET C 322 -44.59 5.19 -33.15
CA MET C 322 -45.48 4.26 -32.49
C MET C 322 -45.91 3.15 -33.43
N GLU C 323 -45.96 3.44 -34.74
CA GLU C 323 -46.34 2.42 -35.71
C GLU C 323 -45.27 1.33 -35.77
N ASN C 324 -44.01 1.73 -35.90
CA ASN C 324 -42.92 0.77 -35.83
C ASN C 324 -42.93 0.04 -34.50
N ALA C 325 -43.19 0.76 -33.43
CA ALA C 325 -43.22 0.16 -32.10
C ALA C 325 -44.24 -0.96 -32.05
N GLN C 326 -45.41 -0.71 -32.64
CA GLN C 326 -46.48 -1.68 -32.65
C GLN C 326 -46.04 -2.89 -33.45
N LYS C 327 -45.48 -2.65 -34.63
CA LYS C 327 -45.10 -3.75 -35.50
C LYS C 327 -43.98 -4.54 -34.84
N GLY C 328 -43.25 -3.88 -33.96
CA GLY C 328 -42.22 -4.53 -33.17
C GLY C 328 -42.78 -5.05 -31.86
N GLU C 329 -41.88 -5.25 -30.90
CA GLU C 329 -42.21 -5.87 -29.62
C GLU C 329 -41.59 -5.04 -28.51
N ILE C 330 -42.14 -5.13 -27.30
CA ILE C 330 -41.51 -4.52 -26.15
C ILE C 330 -40.59 -5.53 -25.47
N MET C 331 -39.36 -5.11 -25.20
CA MET C 331 -38.31 -6.01 -24.75
C MET C 331 -38.66 -6.64 -23.41
N PRO C 332 -38.18 -7.86 -23.18
CA PRO C 332 -38.26 -8.43 -21.84
C PRO C 332 -37.38 -7.62 -20.91
N ASN C 333 -37.61 -7.69 -19.60
CA ASN C 333 -36.70 -7.06 -18.65
C ASN C 333 -35.87 -8.10 -17.91
N ILE C 334 -36.08 -9.37 -18.26
CA ILE C 334 -35.41 -10.45 -17.55
C ILE C 334 -33.89 -10.29 -17.58
N PRO C 335 -33.19 -10.91 -16.62
CA PRO C 335 -31.74 -10.74 -16.49
C PRO C 335 -30.95 -11.27 -17.70
N GLN C 336 -31.50 -12.25 -18.40
CA GLN C 336 -30.80 -12.87 -19.53
C GLN C 336 -30.55 -11.89 -20.67
N MET C 337 -31.36 -10.83 -20.73
CA MET C 337 -31.29 -9.87 -21.83
C MET C 337 -29.87 -9.43 -22.16
N SER C 338 -29.07 -9.09 -21.16
CA SER C 338 -27.71 -8.62 -21.42
C SER C 338 -26.87 -9.68 -22.12
N ALA C 339 -27.09 -10.94 -21.77
CA ALA C 339 -26.37 -12.03 -22.40
C ALA C 339 -26.81 -12.15 -23.85
N PHE C 340 -28.13 -12.15 -24.06
CA PHE C 340 -28.71 -12.16 -25.39
C PHE C 340 -28.10 -11.07 -26.24
N TRP C 341 -28.15 -9.83 -25.77
CA TRP C 341 -27.57 -8.73 -26.53
C TRP C 341 -26.08 -8.95 -26.80
N TYR C 342 -25.38 -9.47 -25.81
CA TYR C 342 -23.95 -9.71 -25.96
C TYR C 342 -23.70 -10.74 -27.06
N ALA C 343 -24.48 -11.81 -27.03
CA ALA C 343 -24.35 -12.84 -28.03
C ALA C 343 -24.65 -12.28 -29.43
N VAL C 344 -25.82 -11.68 -29.59
CA VAL C 344 -26.25 -11.19 -30.89
C VAL C 344 -25.29 -10.15 -31.46
N ARG C 345 -24.71 -9.33 -30.58
CA ARG C 345 -23.78 -8.30 -31.05
C ARG C 345 -22.54 -8.95 -31.66
N THR C 346 -22.03 -9.97 -30.97
CA THR C 346 -20.89 -10.70 -31.46
C THR C 346 -21.20 -11.31 -32.82
N ALA C 347 -22.40 -11.87 -32.94
CA ALA C 347 -22.81 -12.53 -34.17
C ALA C 347 -22.86 -11.56 -35.35
N VAL C 348 -23.57 -10.45 -35.19
CA VAL C 348 -23.70 -9.48 -36.26
C VAL C 348 -22.32 -9.02 -36.72
N ILE C 349 -21.54 -8.51 -35.79
CA ILE C 349 -20.23 -7.97 -36.12
C ILE C 349 -19.39 -9.00 -36.86
N ASN C 350 -19.30 -10.20 -36.29
CA ASN C 350 -18.55 -11.27 -36.91
C ASN C 350 -19.05 -11.57 -38.31
N ALA C 351 -20.34 -11.84 -38.41
CA ALA C 351 -20.93 -12.15 -39.70
C ALA C 351 -20.72 -11.04 -40.72
N ALA C 352 -20.81 -9.79 -40.28
CA ALA C 352 -20.70 -8.67 -41.20
C ALA C 352 -19.26 -8.35 -41.54
N SER C 353 -18.33 -8.95 -40.79
CA SER C 353 -16.91 -8.70 -41.04
C SER C 353 -16.30 -9.81 -41.87
N GLY C 354 -17.10 -10.83 -42.14
CA GLY C 354 -16.63 -11.99 -42.89
C GLY C 354 -15.85 -12.95 -42.01
N ARG C 355 -15.60 -12.57 -40.77
CA ARG C 355 -14.88 -13.41 -39.83
C ARG C 355 -15.55 -14.77 -39.71
N GLN C 356 -16.84 -14.83 -40.02
CA GLN C 356 -17.64 -16.00 -39.69
C GLN C 356 -18.94 -16.01 -40.51
N THR C 357 -19.41 -17.21 -40.84
CA THR C 357 -20.66 -17.34 -41.60
C THR C 357 -21.84 -16.92 -40.75
N VAL C 358 -22.96 -16.62 -41.40
CA VAL C 358 -24.19 -16.32 -40.69
C VAL C 358 -24.59 -17.50 -39.82
N ASP C 359 -24.54 -18.69 -40.40
CA ASP C 359 -24.93 -19.90 -39.68
C ASP C 359 -24.10 -20.13 -38.42
N ALA C 360 -22.79 -20.00 -38.55
CA ALA C 360 -21.89 -20.24 -37.42
C ALA C 360 -22.02 -19.16 -36.34
N ALA C 361 -22.19 -17.91 -36.78
CA ALA C 361 -22.30 -16.80 -35.83
C ALA C 361 -23.60 -16.86 -35.03
N LEU C 362 -24.68 -17.27 -35.68
CA LEU C 362 -25.99 -17.32 -35.04
C LEU C 362 -26.12 -18.58 -34.20
N ALA C 363 -25.41 -19.63 -34.60
CA ALA C 363 -25.39 -20.85 -33.81
C ALA C 363 -24.70 -20.55 -32.49
N ALA C 364 -23.59 -19.83 -32.58
CA ALA C 364 -22.84 -19.46 -31.39
C ALA C 364 -23.69 -18.57 -30.48
N ALA C 365 -24.34 -17.57 -31.07
CA ALA C 365 -25.14 -16.64 -30.28
C ALA C 365 -26.28 -17.38 -29.59
N GLN C 366 -26.86 -18.34 -30.31
CA GLN C 366 -27.98 -19.10 -29.78
C GLN C 366 -27.54 -19.80 -28.51
N THR C 367 -26.40 -20.46 -28.57
CA THR C 367 -25.90 -21.24 -27.45
C THR C 367 -25.69 -20.34 -26.24
N ASN C 368 -25.23 -19.12 -26.47
CA ASN C 368 -24.83 -18.25 -25.37
C ASN C 368 -25.87 -17.21 -24.98
N ALA C 369 -27.04 -17.27 -25.61
CA ALA C 369 -28.04 -16.22 -25.42
C ALA C 369 -28.55 -16.13 -23.98
N ALA C 370 -28.61 -17.25 -23.27
CA ALA C 370 -29.21 -17.27 -21.94
C ALA C 370 -28.19 -17.42 -20.81
N ALA C 371 -27.25 -18.35 -20.95
CA ALA C 371 -26.33 -18.68 -19.86
C ALA C 371 -24.88 -18.68 -20.32
N PRO C 372 -24.39 -17.52 -20.76
CA PRO C 372 -23.03 -17.40 -21.29
C PRO C 372 -21.96 -17.91 -20.33
N GLY C 373 -22.22 -17.81 -19.02
CA GLY C 373 -21.23 -18.18 -18.03
C GLY C 373 -20.98 -19.67 -17.99
N LEU C 374 -22.06 -20.44 -17.94
CA LEU C 374 -21.96 -21.90 -17.98
C LEU C 374 -21.60 -22.36 -19.38
N HIS C 375 -22.19 -21.74 -20.39
CA HIS C 375 -22.10 -22.26 -21.73
C HIS C 375 -20.80 -21.95 -22.44
N ALA C 376 -20.08 -20.93 -21.97
CA ALA C 376 -18.75 -20.63 -22.47
C ALA C 376 -17.80 -21.80 -22.17
N ILE C 377 -17.90 -22.27 -20.93
CA ILE C 377 -17.17 -23.45 -20.51
C ILE C 377 -17.68 -24.70 -21.24
N TYR C 378 -18.97 -24.90 -21.33
CA TYR C 378 -19.52 -26.08 -21.93
C TYR C 378 -19.09 -26.08 -23.34
N GLY C 379 -19.02 -24.88 -23.91
CA GLY C 379 -18.61 -24.75 -25.31
C GLY C 379 -17.17 -25.22 -25.50
N GLU C 380 -16.30 -24.87 -24.57
CA GLU C 380 -14.90 -25.27 -24.65
C GLU C 380 -14.75 -26.78 -24.57
N CYS C 381 -15.53 -27.39 -23.67
CA CYS C 381 -15.48 -28.84 -23.50
C CYS C 381 -15.95 -29.55 -24.76
N ARG C 382 -16.97 -29.00 -25.39
CA ARG C 382 -17.53 -29.61 -26.56
C ARG C 382 -16.66 -29.54 -27.77
N ARG C 383 -15.97 -28.47 -27.94
CA ARG C 383 -15.04 -28.33 -29.00
C ARG C 383 -13.93 -29.28 -28.90
N LEU C 384 -13.49 -29.50 -27.71
CA LEU C 384 -12.51 -30.54 -27.42
C LEU C 384 -13.08 -31.95 -27.45
N TYR C 385 -14.34 -32.13 -27.03
CA TYR C 385 -14.96 -33.44 -27.01
C TYR C 385 -16.34 -33.46 -27.65
N PRO C 386 -16.39 -33.38 -28.98
CA PRO C 386 -17.65 -33.37 -29.72
C PRO C 386 -18.43 -34.67 -29.59
N ASP C 387 -17.81 -35.73 -29.06
CA ASP C 387 -18.50 -37.01 -28.92
C ASP C 387 -19.13 -37.21 -27.54
N GLN C 388 -19.04 -36.20 -26.68
CA GLN C 388 -19.58 -36.34 -25.33
C GLN C 388 -20.37 -35.08 -24.96
N PRO C 389 -21.57 -34.99 -25.50
CA PRO C 389 -22.48 -33.88 -25.25
C PRO C 389 -22.89 -33.84 -23.81
N ASN C 390 -23.12 -35.00 -23.22
CA ASN C 390 -23.37 -35.10 -21.80
C ASN C 390 -22.33 -35.95 -21.10
N PRO C 391 -21.34 -35.31 -20.51
CA PRO C 391 -20.34 -36.04 -19.73
C PRO C 391 -20.94 -36.48 -18.41
N LEU C 392 -20.30 -37.38 -17.69
CA LEU C 392 -20.73 -37.59 -16.33
C LEU C 392 -20.37 -36.34 -15.53
N GLN C 393 -21.29 -35.87 -14.71
CA GLN C 393 -21.07 -34.64 -14.00
C GLN C 393 -21.32 -34.80 -12.55
N VAL C 394 -20.45 -34.23 -11.75
CA VAL C 394 -20.69 -34.13 -10.31
C VAL C 394 -21.29 -32.77 -9.95
N THR C 395 -22.52 -32.79 -9.44
CA THR C 395 -23.26 -31.56 -9.17
C THR C 395 -23.39 -31.28 -7.67
N ALA C 396 -23.01 -30.07 -7.26
CA ALA C 396 -23.23 -29.64 -5.89
C ALA C 396 -24.71 -29.36 -5.68
N ILE C 397 -25.36 -30.26 -4.96
CA ILE C 397 -26.81 -30.19 -4.78
C ILE C 397 -27.22 -29.02 -3.89
N VAL C 398 -26.49 -28.80 -2.81
CA VAL C 398 -26.65 -27.59 -1.99
C VAL C 398 -25.69 -26.54 -2.51
N LYS C 399 -26.22 -25.58 -3.26
CA LYS C 399 -25.37 -24.58 -3.92
C LYS C 399 -24.63 -23.71 -2.91
N TYR C 400 -23.42 -23.32 -3.30
CA TYR C 400 -22.48 -22.60 -2.44
C TYR C 400 -23.07 -21.31 -1.89
N TRP C 401 -23.80 -20.59 -2.75
CA TRP C 401 -24.35 -19.29 -2.37
C TRP C 401 -25.54 -19.42 -1.41
N LEU C 402 -25.97 -20.65 -1.14
CA LEU C 402 -27.05 -20.87 -0.19
C LEU C 402 -26.53 -21.47 1.12
N GLY C 403 -25.22 -21.39 1.33
CA GLY C 403 -24.59 -21.89 2.53
C GLY C 403 -23.84 -23.19 2.32
N GLY C 404 -23.92 -23.73 1.09
CA GLY C 404 -23.31 -25.01 0.79
C GLY C 404 -21.81 -25.05 0.97
N PRO C 405 -21.26 -26.24 1.22
CA PRO C 405 -19.84 -26.48 1.44
C PRO C 405 -18.99 -26.44 0.17
N ASP C 406 -19.56 -26.83 -0.96
CA ASP C 406 -18.80 -26.94 -2.20
C ASP C 406 -19.00 -25.75 -3.11
N PRO C 407 -17.93 -24.97 -3.35
CA PRO C 407 -18.05 -23.79 -4.20
C PRO C 407 -18.09 -24.10 -5.69
N LEU C 408 -17.71 -25.31 -6.07
CA LEU C 408 -17.79 -25.73 -7.46
C LEU C 408 -19.16 -26.33 -7.76
N ASP C 409 -19.97 -25.60 -8.51
CA ASP C 409 -21.33 -26.00 -8.78
C ASP C 409 -21.35 -27.33 -9.54
N TYR C 410 -20.47 -27.42 -10.53
CA TYR C 410 -20.37 -28.62 -11.35
C TYR C 410 -18.92 -28.99 -11.60
N VAL C 411 -18.65 -30.29 -11.75
CA VAL C 411 -17.37 -30.75 -12.26
C VAL C 411 -17.62 -31.80 -13.33
N SER C 412 -17.40 -31.43 -14.58
CA SER C 412 -17.62 -32.33 -15.70
C SER C 412 -16.43 -33.27 -15.91
N MET C 413 -16.74 -34.51 -16.31
CA MET C 413 -15.71 -35.53 -16.43
C MET C 413 -15.70 -36.22 -17.79
N TYR C 414 -14.65 -35.99 -18.57
CA TYR C 414 -14.57 -36.45 -19.93
C TYR C 414 -13.54 -37.56 -20.12
N ARG C 415 -13.70 -38.33 -21.19
CA ARG C 415 -12.66 -39.27 -21.60
C ARG C 415 -11.84 -38.65 -22.73
N ASN C 416 -10.54 -38.54 -22.51
CA ASN C 416 -9.63 -38.08 -23.55
C ASN C 416 -8.75 -39.24 -23.99
N VAL C 417 -8.95 -39.69 -25.23
CA VAL C 417 -8.25 -40.86 -25.75
C VAL C 417 -6.78 -40.58 -26.03
N GLY C 418 -6.40 -39.31 -25.92
CA GLY C 418 -5.01 -38.92 -26.11
C GLY C 418 -4.53 -39.13 -27.54
N SER C 419 -3.22 -39.03 -27.72
CA SER C 419 -2.64 -39.13 -29.06
C SER C 419 -1.54 -40.18 -29.07
N PRO C 420 -1.87 -41.38 -29.55
CA PRO C 420 -0.93 -42.51 -29.56
C PRO C 420 0.29 -42.27 -30.44
N SER C 421 0.12 -41.42 -31.47
CA SER C 421 1.23 -41.03 -32.32
C SER C 421 2.24 -40.22 -31.50
N ALA C 422 1.71 -39.38 -30.61
CA ALA C 422 2.56 -38.56 -29.74
C ALA C 422 2.93 -39.30 -28.45
N ASN C 423 2.51 -40.56 -28.35
CA ASN C 423 2.76 -41.35 -27.15
C ASN C 423 2.13 -40.68 -25.94
N ILE C 424 0.93 -40.13 -26.14
CA ILE C 424 0.14 -39.54 -25.07
C ILE C 424 -0.97 -40.50 -24.70
N PRO C 425 -0.97 -40.98 -23.45
CA PRO C 425 -1.90 -42.02 -23.01
C PRO C 425 -3.34 -41.53 -22.89
N GLU C 426 -4.26 -42.47 -22.78
CA GLU C 426 -5.67 -42.18 -22.59
C GLU C 426 -5.87 -41.75 -21.13
N HIS C 427 -6.74 -40.77 -20.91
CA HIS C 427 -6.94 -40.22 -19.57
C HIS C 427 -8.30 -39.55 -19.41
N TRP C 428 -8.63 -39.19 -18.17
CA TRP C 428 -9.87 -38.50 -17.85
C TRP C 428 -9.58 -37.02 -17.61
N HIS C 429 -10.42 -36.16 -18.18
CA HIS C 429 -10.22 -34.72 -18.10
C HIS C 429 -11.34 -34.08 -17.29
N TYR C 430 -11.01 -33.60 -16.11
CA TYR C 430 -11.98 -32.95 -15.24
C TYR C 430 -11.93 -31.45 -15.45
N ILE C 431 -13.10 -30.82 -15.53
CA ILE C 431 -13.22 -29.38 -15.66
C ILE C 431 -14.29 -28.88 -14.69
N SER C 432 -14.10 -27.70 -14.12
CA SER C 432 -14.96 -27.22 -13.06
C SER C 432 -15.80 -26.01 -13.46
N PHE C 433 -16.84 -25.74 -12.66
CA PHE C 433 -17.68 -24.56 -12.81
C PHE C 433 -17.94 -23.91 -11.46
N GLY C 434 -17.44 -22.70 -11.26
CA GLY C 434 -17.64 -22.01 -9.98
C GLY C 434 -16.60 -20.95 -9.68
N LEU C 435 -15.36 -21.19 -10.08
CA LEU C 435 -14.31 -20.24 -9.80
C LEU C 435 -14.46 -18.99 -10.67
N SER C 436 -15.08 -19.17 -11.83
CA SER C 436 -15.42 -18.03 -12.68
C SER C 436 -16.78 -17.47 -12.29
N ASP C 437 -17.19 -16.42 -12.98
CA ASP C 437 -18.52 -15.86 -12.80
C ASP C 437 -19.47 -16.51 -13.78
N LEU C 438 -20.20 -17.52 -13.33
CA LEU C 438 -21.11 -18.26 -14.20
C LEU C 438 -22.40 -17.45 -14.44
N TYR C 439 -22.93 -16.84 -13.39
CA TYR C 439 -24.28 -16.31 -13.44
C TYR C 439 -24.30 -14.77 -13.56
N GLY C 440 -23.29 -14.12 -12.99
CA GLY C 440 -23.06 -12.71 -13.22
C GLY C 440 -23.97 -11.78 -12.44
N ASP C 441 -24.73 -12.34 -11.49
CA ASP C 441 -25.69 -11.53 -10.75
C ASP C 441 -25.26 -11.33 -9.29
N ASN C 442 -23.96 -11.41 -9.05
CA ASN C 442 -23.39 -11.15 -7.73
C ASN C 442 -23.75 -12.17 -6.64
N ARG C 443 -24.32 -13.30 -7.02
CA ARG C 443 -24.75 -14.29 -6.04
C ARG C 443 -23.56 -14.96 -5.39
N VAL C 444 -22.53 -15.17 -6.17
CA VAL C 444 -21.27 -15.60 -5.65
C VAL C 444 -20.07 -14.71 -5.90
N HIS C 445 -19.99 -14.05 -7.04
CA HIS C 445 -18.82 -13.30 -7.38
C HIS C 445 -19.21 -11.92 -7.68
N GLU C 446 -18.44 -10.97 -7.21
CA GLU C 446 -18.75 -9.60 -7.45
C GLU C 446 -18.55 -9.33 -8.92
N PHE C 447 -19.51 -8.70 -9.56
CA PHE C 447 -19.55 -8.57 -11.01
C PHE C 447 -18.53 -7.55 -11.49
N THR C 448 -17.76 -7.92 -12.52
CA THR C 448 -16.70 -7.06 -13.03
C THR C 448 -16.86 -6.69 -14.51
N GLY C 449 -17.61 -7.51 -15.26
CA GLY C 449 -17.84 -7.21 -16.67
C GLY C 449 -16.93 -7.97 -17.63
N THR C 450 -17.01 -7.62 -18.90
CA THR C 450 -16.31 -8.34 -19.96
C THR C 450 -14.78 -8.18 -19.92
N ASP C 451 -14.32 -6.96 -19.73
CA ASP C 451 -12.88 -6.69 -19.68
C ASP C 451 -12.34 -7.04 -18.31
N GLY C 452 -11.41 -8.00 -18.27
CA GLY C 452 -10.90 -8.51 -17.01
C GLY C 452 -11.40 -9.91 -16.70
N PRO C 453 -10.85 -10.53 -15.66
CA PRO C 453 -11.16 -11.92 -15.32
C PRO C 453 -12.59 -12.11 -14.84
N SER C 454 -13.21 -13.20 -15.27
CA SER C 454 -14.51 -13.60 -14.75
C SER C 454 -14.30 -14.26 -13.40
N GLY C 455 -14.91 -13.72 -12.36
CA GLY C 455 -14.70 -14.24 -11.02
C GLY C 455 -13.22 -14.25 -10.70
N PHE C 456 -12.69 -15.41 -10.31
CA PHE C 456 -11.25 -15.55 -10.05
C PHE C 456 -10.48 -15.62 -11.34
N GLY C 457 -11.19 -15.60 -12.46
CA GLY C 457 -10.55 -15.47 -13.76
C GLY C 457 -10.13 -16.79 -14.36
N PHE C 458 -10.45 -17.89 -13.70
CA PHE C 458 -10.07 -19.20 -14.21
C PHE C 458 -10.94 -20.33 -13.66
N GLU C 459 -10.86 -21.49 -14.31
CA GLU C 459 -11.48 -22.70 -13.80
C GLU C 459 -10.43 -23.78 -13.71
N LEU C 460 -10.61 -24.72 -12.78
CA LEU C 460 -9.65 -25.79 -12.59
C LEU C 460 -9.90 -26.93 -13.57
N THR C 461 -8.82 -27.57 -14.00
CA THR C 461 -8.92 -28.79 -14.80
C THR C 461 -7.92 -29.80 -14.26
N PHE C 462 -8.06 -31.06 -14.64
CA PHE C 462 -7.17 -32.10 -14.13
C PHE C 462 -7.12 -33.27 -15.11
N ARG C 463 -5.94 -33.86 -15.31
CA ARG C 463 -5.83 -35.01 -16.21
C ARG C 463 -5.29 -36.24 -15.50
N LEU C 464 -6.15 -37.25 -15.36
CA LEU C 464 -5.81 -38.45 -14.61
C LEU C 464 -5.65 -39.64 -15.55
N LYS C 465 -4.46 -40.21 -15.60
CA LYS C 465 -4.23 -41.37 -16.45
C LYS C 465 -5.30 -42.42 -16.22
N ARG C 466 -5.90 -42.91 -17.31
CA ARG C 466 -6.92 -43.95 -17.21
C ARG C 466 -6.27 -45.31 -16.94
N GLU C 467 -6.64 -45.91 -15.82
CA GLU C 467 -6.14 -47.24 -15.48
C GLU C 467 -6.84 -48.28 -16.35
N THR C 468 -6.35 -49.52 -16.30
CA THR C 468 -6.92 -50.59 -17.09
C THR C 468 -8.27 -51.01 -16.52
N GLY C 469 -9.21 -51.32 -17.42
CA GLY C 469 -10.52 -51.79 -17.00
C GLY C 469 -11.36 -50.73 -16.33
N GLU C 470 -10.95 -49.47 -16.45
CA GLU C 470 -11.74 -48.37 -15.90
C GLU C 470 -12.83 -47.96 -16.89
N SER C 471 -14.06 -48.31 -16.58
CA SER C 471 -15.18 -48.02 -17.46
C SER C 471 -15.55 -46.55 -17.39
N ALA C 472 -15.48 -45.98 -16.19
CA ALA C 472 -15.88 -44.61 -15.98
C ALA C 472 -14.84 -43.86 -15.15
N PRO C 473 -14.82 -42.52 -15.25
CA PRO C 473 -13.86 -41.68 -14.52
C PRO C 473 -14.14 -41.62 -13.02
N PRO C 474 -13.13 -41.92 -12.18
CA PRO C 474 -13.33 -41.82 -10.73
C PRO C 474 -13.74 -40.40 -10.36
N THR C 475 -14.39 -40.25 -9.19
CA THR C 475 -14.95 -38.98 -8.81
C THR C 475 -14.10 -38.19 -7.82
N TRP C 476 -13.08 -38.85 -7.24
CA TRP C 476 -12.30 -38.20 -6.20
C TRP C 476 -11.68 -36.88 -6.67
N PRO C 477 -11.22 -36.82 -7.92
CA PRO C 477 -10.64 -35.55 -8.38
C PRO C 477 -11.61 -34.37 -8.26
N ALA C 478 -12.91 -34.65 -8.24
CA ALA C 478 -13.90 -33.60 -8.06
C ALA C 478 -13.77 -33.05 -6.64
N GLU C 479 -13.65 -33.96 -5.66
CA GLU C 479 -13.51 -33.58 -4.27
C GLU C 479 -12.22 -32.79 -4.05
N LEU C 480 -11.15 -33.23 -4.69
CA LEU C 480 -9.87 -32.53 -4.62
C LEU C 480 -10.04 -31.11 -5.12
N MET C 481 -10.70 -30.97 -6.26
CA MET C 481 -10.96 -29.67 -6.85
C MET C 481 -11.81 -28.80 -5.92
N GLN C 482 -12.75 -29.44 -5.22
CA GLN C 482 -13.56 -28.70 -4.26
C GLN C 482 -12.66 -28.16 -3.15
N GLY C 483 -11.71 -28.97 -2.69
CA GLY C 483 -10.79 -28.54 -1.65
C GLY C 483 -10.02 -27.31 -2.08
N LEU C 484 -9.37 -27.39 -3.24
CA LEU C 484 -8.63 -26.26 -3.78
C LEU C 484 -9.52 -25.03 -3.91
N ALA C 485 -10.75 -25.24 -4.37
CA ALA C 485 -11.67 -24.15 -4.61
C ALA C 485 -11.92 -23.45 -3.29
N ARG C 486 -12.12 -24.23 -2.23
CA ARG C 486 -12.41 -23.66 -0.92
C ARG C 486 -11.24 -22.82 -0.48
N TYR C 487 -10.03 -23.30 -0.72
CA TYR C 487 -8.86 -22.53 -0.36
C TYR C 487 -8.90 -21.19 -1.07
N VAL C 488 -9.19 -21.22 -2.37
CA VAL C 488 -9.16 -20.02 -3.18
C VAL C 488 -10.15 -19.00 -2.68
N PHE C 489 -11.37 -19.45 -2.39
CA PHE C 489 -12.44 -18.55 -1.96
C PHE C 489 -12.13 -17.92 -0.61
N GLN C 490 -11.59 -18.73 0.30
CA GLN C 490 -11.32 -18.29 1.67
C GLN C 490 -10.18 -17.27 1.72
N SER C 491 -9.15 -17.49 0.91
CA SER C 491 -7.99 -16.61 0.90
C SER C 491 -8.17 -15.46 -0.09
N GLU C 492 -8.98 -15.68 -1.12
CA GLU C 492 -9.19 -14.68 -2.17
C GLU C 492 -7.92 -14.34 -2.95
N ASN C 493 -6.93 -15.22 -2.90
CA ASN C 493 -5.74 -15.05 -3.72
C ASN C 493 -5.85 -15.91 -4.98
N THR C 494 -5.68 -15.28 -6.14
CA THR C 494 -5.72 -16.00 -7.41
C THR C 494 -4.47 -16.83 -7.61
N PHE C 495 -4.60 -17.90 -8.39
CA PHE C 495 -3.45 -18.69 -8.79
C PHE C 495 -3.04 -18.33 -10.20
N CYS C 496 -1.77 -18.58 -10.51
CA CYS C 496 -1.23 -18.32 -11.84
C CYS C 496 -0.51 -19.57 -12.31
N SER C 497 -0.27 -19.67 -13.61
CA SER C 497 0.53 -20.77 -14.12
C SER C 497 1.91 -20.68 -13.51
N GLY C 498 2.33 -21.77 -12.87
CA GLY C 498 3.65 -21.82 -12.26
C GLY C 498 3.55 -21.97 -10.75
N ASP C 499 2.46 -21.52 -10.17
CA ASP C 499 2.28 -21.61 -8.73
C ASP C 499 2.26 -23.07 -8.28
N HIS C 500 2.64 -23.28 -7.03
CA HIS C 500 2.59 -24.60 -6.42
C HIS C 500 1.57 -24.63 -5.30
N VAL C 501 1.25 -25.83 -4.81
CA VAL C 501 0.29 -25.99 -3.72
C VAL C 501 0.70 -27.16 -2.82
N SER C 502 1.19 -26.85 -1.63
CA SER C 502 1.58 -27.88 -0.66
C SER C 502 0.34 -28.56 -0.08
N TRP C 503 0.15 -29.83 -0.43
CA TRP C 503 -1.01 -30.59 0.04
C TRP C 503 -0.58 -31.75 0.93
N HIS C 504 0.68 -32.14 0.85
CA HIS C 504 1.27 -33.13 1.73
C HIS C 504 0.25 -34.18 2.14
N SER C 505 -0.58 -34.59 1.20
CA SER C 505 -1.41 -35.77 1.37
C SER C 505 -1.60 -36.40 0.00
N PRO C 506 -1.57 -37.74 -0.07
CA PRO C 506 -1.85 -38.33 -1.38
C PRO C 506 -3.18 -37.79 -1.90
N LEU C 507 -3.18 -37.31 -3.14
CA LEU C 507 -4.32 -36.58 -3.68
C LEU C 507 -5.60 -37.41 -3.73
N ASP C 508 -5.44 -38.72 -3.94
CA ASP C 508 -6.58 -39.60 -4.11
C ASP C 508 -6.85 -40.45 -2.86
N ASN C 509 -6.28 -40.02 -1.74
CA ASN C 509 -6.46 -40.71 -0.45
C ASN C 509 -5.87 -42.11 -0.38
N SER C 510 -5.02 -42.43 -1.36
CA SER C 510 -4.34 -43.73 -1.38
C SER C 510 -3.02 -43.65 -0.60
N GLU C 511 -2.09 -44.54 -0.92
CA GLU C 511 -0.74 -44.45 -0.39
C GLU C 511 0.17 -43.78 -1.41
N SER C 512 -0.42 -43.13 -2.41
CA SER C 512 0.34 -42.59 -3.53
C SER C 512 1.41 -41.60 -3.09
N ARG C 513 2.48 -41.57 -3.87
CA ARG C 513 3.58 -40.65 -3.61
C ARG C 513 3.27 -39.26 -4.17
N ILE C 514 2.20 -39.18 -4.96
CA ILE C 514 1.74 -37.90 -5.51
C ILE C 514 0.93 -37.15 -4.45
N GLN C 515 1.61 -36.30 -3.69
CA GLN C 515 1.01 -35.68 -2.51
C GLN C 515 0.86 -34.17 -2.64
N HIS C 516 1.25 -33.60 -3.78
CA HIS C 516 1.25 -32.15 -3.94
C HIS C 516 0.78 -31.74 -5.34
N MET C 517 0.73 -30.44 -5.59
CA MET C 517 0.21 -29.94 -6.86
C MET C 517 0.97 -28.74 -7.42
N LEU C 518 1.17 -28.76 -8.73
CA LEU C 518 1.65 -27.60 -9.46
C LEU C 518 0.54 -27.17 -10.42
N LEU C 519 0.52 -25.89 -10.79
CA LEU C 519 -0.54 -25.38 -11.66
C LEU C 519 0.01 -24.82 -12.96
N THR C 520 -0.59 -25.25 -14.07
CA THR C 520 -0.14 -24.82 -15.38
C THR C 520 -1.34 -24.49 -16.28
N GLU C 521 -1.08 -23.84 -17.41
CA GLU C 521 -2.12 -23.58 -18.40
C GLU C 521 -2.56 -24.91 -19.00
N ASP C 522 -3.86 -25.11 -19.15
CA ASP C 522 -4.36 -26.33 -19.78
C ASP C 522 -3.79 -26.39 -21.20
N PRO C 523 -3.23 -27.54 -21.58
CA PRO C 523 -2.58 -27.68 -22.89
C PRO C 523 -3.54 -27.59 -24.08
N GLN C 524 -4.81 -27.90 -23.85
CA GLN C 524 -5.78 -27.94 -24.95
C GLN C 524 -6.84 -26.84 -24.84
N MET C 525 -7.38 -26.63 -23.64
CA MET C 525 -8.47 -25.67 -23.46
C MET C 525 -8.02 -24.23 -23.66
N GLN C 526 -8.70 -23.53 -24.54
CA GLN C 526 -8.38 -22.13 -24.83
C GLN C 526 -9.27 -21.22 -23.97
N PRO C 527 -8.70 -20.10 -23.51
CA PRO C 527 -9.52 -19.17 -22.71
C PRO C 527 -10.74 -18.70 -23.51
N VAL C 528 -11.78 -18.27 -22.80
CA VAL C 528 -13.05 -17.88 -23.43
C VAL C 528 -13.54 -16.52 -22.95
N GLN C 529 -14.28 -15.81 -23.76
CA GLN C 529 -14.78 -14.50 -23.39
C GLN C 529 -16.26 -14.49 -23.09
N THR C 530 -16.63 -14.01 -21.90
CA THR C 530 -18.01 -14.07 -21.45
C THR C 530 -18.45 -12.71 -20.93
N PRO C 531 -19.75 -12.42 -21.01
CA PRO C 531 -20.18 -11.09 -20.62
C PRO C 531 -19.71 -10.74 -19.25
N PHE C 532 -19.20 -11.72 -18.52
CA PHE C 532 -18.79 -11.51 -17.18
C PHE C 532 -17.31 -11.50 -16.98
N GLY C 533 -16.52 -11.55 -18.03
CA GLY C 533 -15.08 -11.47 -17.91
C GLY C 533 -14.38 -12.49 -18.78
N VAL C 534 -13.09 -12.70 -18.54
CA VAL C 534 -12.36 -13.69 -19.30
C VAL C 534 -12.08 -14.90 -18.40
N VAL C 535 -12.16 -16.09 -18.98
CA VAL C 535 -11.89 -17.29 -18.22
C VAL C 535 -10.78 -18.10 -18.87
N THR C 536 -9.69 -18.31 -18.12
CA THR C 536 -8.66 -19.23 -18.58
C THR C 536 -8.86 -20.55 -17.83
N PHE C 537 -8.02 -21.54 -18.15
CA PHE C 537 -8.15 -22.83 -17.49
C PHE C 537 -6.81 -23.28 -16.91
N LEU C 538 -6.76 -23.37 -15.59
CA LEU C 538 -5.57 -23.85 -14.88
C LEU C 538 -5.70 -25.32 -14.58
N GLN C 539 -4.84 -26.11 -15.20
CA GLN C 539 -4.77 -27.54 -14.94
C GLN C 539 -3.92 -27.82 -13.71
N ILE C 540 -4.30 -28.86 -12.98
CA ILE C 540 -3.60 -29.33 -11.80
C ILE C 540 -2.65 -30.45 -12.22
N VAL C 541 -1.46 -30.47 -11.64
CA VAL C 541 -0.49 -31.52 -11.94
C VAL C 541 0.03 -32.12 -10.64
N GLY C 542 -0.22 -33.40 -10.45
CA GLY C 542 0.19 -34.06 -9.22
C GLY C 542 1.69 -34.22 -9.23
N VAL C 543 2.33 -33.95 -8.09
CA VAL C 543 3.78 -34.08 -7.99
C VAL C 543 4.22 -34.66 -6.65
N CYS C 544 5.48 -35.10 -6.61
CA CYS C 544 6.07 -35.64 -5.39
C CYS C 544 6.67 -34.55 -4.53
N THR C 545 6.83 -34.84 -3.25
CA THR C 545 7.34 -33.85 -2.31
C THR C 545 8.65 -33.30 -2.84
N GLU C 546 9.44 -34.16 -3.47
CA GLU C 546 10.75 -33.77 -3.98
C GLU C 546 10.63 -32.76 -5.12
N GLU C 547 9.66 -33.00 -6.00
CA GLU C 547 9.38 -32.11 -7.13
C GLU C 547 8.84 -30.75 -6.66
N LEU C 548 7.97 -30.79 -5.66
CA LEU C 548 7.40 -29.58 -5.11
C LEU C 548 8.52 -28.71 -4.59
N HIS C 549 9.44 -29.35 -3.89
CA HIS C 549 10.55 -28.67 -3.29
C HIS C 549 11.42 -28.03 -4.35
N SER C 550 11.61 -28.73 -5.46
CA SER C 550 12.45 -28.22 -6.53
C SER C 550 11.83 -26.98 -7.12
N ALA C 551 10.52 -26.99 -7.22
CA ALA C 551 9.80 -25.86 -7.77
C ALA C 551 9.99 -24.67 -6.84
N GLN C 552 9.92 -24.92 -5.54
CA GLN C 552 10.07 -23.85 -4.58
C GLN C 552 11.46 -23.26 -4.65
N GLN C 553 12.43 -24.13 -4.88
CA GLN C 553 13.83 -23.72 -4.92
C GLN C 553 14.14 -22.94 -6.17
N TRP C 554 13.45 -23.28 -7.24
CA TRP C 554 13.83 -22.77 -8.54
C TRP C 554 12.66 -21.97 -9.05
N ASN C 555 11.78 -22.66 -9.77
CA ASN C 555 10.52 -22.06 -10.13
C ASN C 555 9.59 -23.12 -10.68
N GLY C 556 8.30 -22.78 -10.76
CA GLY C 556 7.29 -23.74 -11.21
C GLY C 556 7.42 -24.09 -12.67
N GLN C 557 7.68 -23.07 -13.50
CA GLN C 557 7.73 -23.26 -14.93
C GLN C 557 8.78 -24.30 -15.30
N GLY C 558 9.92 -24.22 -14.62
CA GLY C 558 11.03 -25.12 -14.89
C GLY C 558 10.64 -26.56 -14.62
N ILE C 559 10.10 -26.80 -13.43
CA ILE C 559 9.73 -28.15 -13.04
C ILE C 559 8.61 -28.68 -13.93
N LEU C 560 7.78 -27.79 -14.46
CA LEU C 560 6.75 -28.18 -15.39
C LEU C 560 7.37 -28.70 -16.70
N GLU C 561 8.34 -27.97 -17.25
CA GLU C 561 9.02 -28.41 -18.47
C GLU C 561 9.63 -29.80 -18.27
N LEU C 562 10.37 -29.95 -17.18
CA LEU C 562 10.97 -31.24 -16.88
C LEU C 562 9.89 -32.31 -16.90
N LEU C 563 8.77 -32.06 -16.21
CA LEU C 563 7.66 -33.00 -16.17
C LEU C 563 7.13 -33.32 -17.55
N ARG C 564 7.20 -32.37 -18.47
CA ARG C 564 6.79 -32.60 -19.85
C ARG C 564 7.76 -33.52 -20.57
N THR C 565 9.05 -33.41 -20.28
CA THR C 565 10.06 -34.25 -20.94
C THR C 565 10.05 -35.69 -20.44
N VAL C 566 9.43 -35.94 -19.30
CA VAL C 566 9.30 -37.30 -18.78
C VAL C 566 7.85 -37.75 -18.86
N PRO C 567 7.52 -38.56 -19.87
CA PRO C 567 6.13 -38.83 -20.25
C PRO C 567 5.33 -39.51 -19.16
N ILE C 568 5.92 -40.50 -18.50
CA ILE C 568 5.21 -41.24 -17.47
C ILE C 568 4.94 -40.32 -16.30
N ALA C 569 5.55 -39.14 -16.33
CA ALA C 569 5.48 -38.20 -15.23
C ALA C 569 4.52 -37.05 -15.55
N GLY C 570 4.00 -37.04 -16.76
CA GLY C 570 3.16 -35.95 -17.22
C GLY C 570 3.09 -35.93 -18.73
N GLY C 571 4.25 -35.72 -19.35
CA GLY C 571 4.32 -35.60 -20.79
C GLY C 571 3.83 -34.23 -21.21
N PRO C 572 3.70 -34.01 -22.53
CA PRO C 572 3.29 -32.72 -23.07
C PRO C 572 1.98 -32.18 -22.50
N TRP C 573 1.04 -33.05 -22.17
CA TRP C 573 -0.23 -32.61 -21.60
C TRP C 573 -0.20 -32.70 -20.08
N LEU C 574 0.89 -33.20 -19.52
CA LEU C 574 1.07 -33.24 -18.09
C LEU C 574 -0.07 -33.98 -17.41
N ILE C 575 -0.29 -35.22 -17.85
CA ILE C 575 -1.22 -36.12 -17.18
C ILE C 575 -0.63 -36.57 -15.85
N THR C 576 -1.46 -36.64 -14.83
CA THR C 576 -1.04 -37.12 -13.52
C THR C 576 -1.25 -38.62 -13.43
N ASP C 577 -0.20 -39.33 -13.03
CA ASP C 577 -0.33 -40.76 -12.74
C ASP C 577 -0.21 -40.97 -11.25
N MET C 578 -1.33 -41.23 -10.59
CA MET C 578 -1.34 -41.40 -9.15
C MET C 578 -0.47 -42.57 -8.70
N ARG C 579 -0.25 -43.53 -9.59
CA ARG C 579 0.49 -44.73 -9.23
C ARG C 579 1.99 -44.60 -9.46
N ARG C 580 2.42 -43.45 -9.97
CA ARG C 580 3.84 -43.24 -10.21
C ARG C 580 4.61 -43.36 -8.89
N GLY C 581 5.71 -44.10 -8.93
CA GLY C 581 6.46 -44.40 -7.72
C GLY C 581 7.82 -43.74 -7.65
N GLU C 582 8.30 -43.21 -8.78
CA GLU C 582 9.61 -42.59 -8.81
C GLU C 582 9.49 -41.10 -9.12
N THR C 583 10.41 -40.31 -8.57
CA THR C 583 10.48 -38.89 -8.90
C THR C 583 11.19 -38.75 -10.25
N ILE C 584 11.05 -37.60 -10.88
CA ILE C 584 11.66 -37.40 -12.18
C ILE C 584 13.18 -37.35 -12.06
N PHE C 585 13.68 -37.31 -10.83
CA PHE C 585 15.11 -37.30 -10.59
C PHE C 585 15.64 -38.72 -10.38
N GLU C 586 14.77 -39.60 -9.89
CA GLU C 586 15.09 -41.01 -9.77
C GLU C 586 15.00 -41.69 -11.14
N ILE C 587 14.18 -41.11 -12.02
CA ILE C 587 14.02 -41.63 -13.37
C ILE C 587 15.17 -41.18 -14.29
N ASP C 588 15.60 -39.93 -14.12
CA ASP C 588 16.74 -39.40 -14.86
C ASP C 588 17.55 -38.46 -13.96
N PRO C 589 18.66 -38.95 -13.40
CA PRO C 589 19.45 -38.16 -12.45
C PRO C 589 19.88 -36.81 -13.01
N HIS C 590 20.33 -36.81 -14.26
CA HIS C 590 20.87 -35.60 -14.89
C HIS C 590 19.90 -34.42 -14.80
N LEU C 591 18.60 -34.71 -14.72
CA LEU C 591 17.62 -33.63 -14.61
C LEU C 591 17.92 -32.70 -13.43
N GLN C 592 18.42 -33.27 -12.35
CA GLN C 592 18.72 -32.49 -11.17
C GLN C 592 19.76 -31.46 -11.60
N GLU C 593 20.66 -31.88 -12.47
CA GLU C 593 21.68 -30.98 -13.00
C GLU C 593 21.03 -29.79 -13.69
N ARG C 594 19.93 -30.00 -14.36
CA ARG C 594 19.23 -28.91 -14.98
C ARG C 594 18.67 -27.94 -14.07
N VAL C 595 18.13 -28.46 -13.02
CA VAL C 595 17.54 -27.60 -12.01
C VAL C 595 18.60 -26.70 -11.39
N ASP C 596 19.73 -27.27 -11.02
CA ASP C 596 20.81 -26.50 -10.43
C ASP C 596 21.25 -25.38 -11.37
N LYS C 597 21.37 -25.70 -12.65
CA LYS C 597 21.73 -24.70 -13.65
C LYS C 597 20.69 -23.59 -13.66
N GLY C 598 19.42 -23.98 -13.65
CA GLY C 598 18.33 -23.03 -13.68
C GLY C 598 18.36 -22.08 -12.51
N ILE C 599 18.57 -22.62 -11.32
CA ILE C 599 18.69 -21.80 -10.13
C ILE C 599 19.80 -20.77 -10.31
N GLU C 600 20.94 -21.22 -10.86
CA GLU C 600 22.09 -20.34 -11.01
C GLU C 600 21.79 -19.15 -11.92
N THR C 601 21.07 -19.41 -13.01
CA THR C 601 20.86 -18.38 -14.03
C THR C 601 19.53 -17.63 -13.85
N ASP C 602 18.57 -18.26 -13.16
CA ASP C 602 17.27 -17.63 -12.92
C ASP C 602 17.19 -17.05 -11.50
N GLY C 603 18.03 -17.55 -10.60
CA GLY C 603 17.91 -17.23 -9.20
C GLY C 603 16.90 -18.14 -8.53
N SER C 604 16.88 -18.15 -7.21
CA SER C 604 16.00 -19.04 -6.45
C SER C 604 14.75 -18.29 -5.98
N ASN C 605 13.62 -18.99 -5.96
CA ASN C 605 12.37 -18.42 -5.45
C ASN C 605 12.22 -18.61 -3.95
N LEU C 606 13.15 -19.32 -3.34
CA LEU C 606 13.06 -19.69 -1.92
C LEU C 606 13.66 -18.58 -1.06
N SER C 607 12.81 -17.80 -0.42
CA SER C 607 13.28 -16.64 0.36
C SER C 607 13.78 -17.03 1.75
N GLY C 608 13.53 -18.27 2.16
CA GLY C 608 13.96 -18.72 3.46
C GLY C 608 13.51 -20.13 3.78
N VAL C 609 13.93 -20.63 4.92
CA VAL C 609 13.55 -21.98 5.34
C VAL C 609 13.48 -22.06 6.86
N SER C 610 12.70 -23.00 7.37
CA SER C 610 12.69 -23.23 8.80
C SER C 610 13.44 -24.51 9.01
N ALA C 611 14.55 -24.43 9.74
CA ALA C 611 15.47 -25.54 9.83
C ALA C 611 16.18 -25.59 11.17
N LYS C 612 16.94 -26.66 11.38
CA LYS C 612 17.79 -26.77 12.55
C LYS C 612 19.05 -25.98 12.31
N CYS C 613 19.21 -24.90 13.07
CA CYS C 613 20.36 -24.04 12.91
C CYS C 613 20.49 -23.15 14.14
N ALA C 614 21.68 -22.61 14.35
CA ALA C 614 21.90 -21.64 15.42
C ALA C 614 23.14 -20.82 15.18
N TRP C 615 23.18 -19.63 15.74
CA TRP C 615 24.39 -18.83 15.66
C TRP C 615 24.89 -18.51 17.07
N ASP C 616 26.19 -18.33 17.18
CA ASP C 616 26.77 -18.01 18.47
C ASP C 616 26.18 -16.71 18.96
N ASP C 617 25.74 -16.67 20.21
CA ASP C 617 25.07 -15.48 20.75
C ASP C 617 25.40 -15.28 22.21
N ILE C 626 15.85 -4.56 23.82
CA ILE C 626 16.71 -5.20 22.83
C ILE C 626 17.56 -4.18 22.09
N ARG C 627 18.84 -4.50 21.93
CA ARG C 627 19.75 -3.65 21.19
C ARG C 627 20.11 -4.30 19.86
N THR C 628 20.90 -3.59 19.06
CA THR C 628 21.46 -4.17 17.84
C THR C 628 22.97 -4.29 18.02
N ARG C 629 23.41 -5.49 18.39
CA ARG C 629 24.82 -5.73 18.68
C ARG C 629 25.61 -5.83 17.39
N GLN C 630 26.86 -5.39 17.40
CA GLN C 630 27.73 -5.64 16.27
C GLN C 630 28.80 -6.70 16.57
N LEU C 631 29.02 -7.61 15.64
CA LEU C 631 29.95 -8.71 15.89
C LEU C 631 31.00 -8.84 14.80
N GLU C 632 32.21 -9.23 15.20
CA GLU C 632 33.28 -9.49 14.21
C GLU C 632 33.62 -10.96 14.26
N SER C 633 32.94 -11.70 15.12
CA SER C 633 33.04 -13.15 15.10
C SER C 633 31.64 -13.76 15.05
N VAL C 634 31.42 -14.63 14.07
CA VAL C 634 30.16 -15.35 13.99
C VAL C 634 30.43 -16.84 13.77
N HIS C 635 29.70 -17.66 14.50
CA HIS C 635 29.72 -19.08 14.27
C HIS C 635 28.34 -19.49 13.89
N LEU C 636 28.20 -20.10 12.72
CA LEU C 636 26.93 -20.65 12.30
C LEU C 636 26.96 -22.17 12.39
N LYS C 637 25.84 -22.74 12.83
CA LYS C 637 25.74 -24.18 12.99
C LYS C 637 24.48 -24.69 12.29
N PHE C 638 24.64 -25.75 11.49
CA PHE C 638 23.56 -26.25 10.64
C PHE C 638 23.39 -27.76 10.72
N ASN C 639 22.13 -28.20 10.63
CA ASN C 639 21.81 -29.59 10.35
C ASN C 639 22.33 -29.91 8.95
N GLN C 640 22.26 -31.18 8.55
CA GLN C 640 22.66 -31.56 7.21
C GLN C 640 21.66 -31.06 6.17
N GLU C 641 20.38 -31.12 6.48
CA GLU C 641 19.35 -30.61 5.57
C GLU C 641 19.54 -29.12 5.31
N SER C 642 19.68 -28.35 6.39
CA SER C 642 19.86 -26.90 6.29
C SER C 642 21.20 -26.55 5.67
N GLY C 643 22.22 -27.32 6.01
CA GLY C 643 23.54 -27.10 5.45
C GLY C 643 23.54 -27.31 3.95
N ALA C 644 22.75 -28.28 3.48
CA ALA C 644 22.69 -28.60 2.06
C ALA C 644 22.15 -27.44 1.23
N LEU C 645 21.50 -26.48 1.91
CA LEU C 645 20.87 -25.37 1.21
C LEU C 645 21.81 -24.18 1.05
N ILE C 646 22.94 -24.20 1.76
CA ILE C 646 23.86 -23.06 1.74
C ILE C 646 24.24 -22.66 0.31
N PRO C 647 24.54 -23.64 -0.56
CA PRO C 647 24.83 -23.29 -1.95
C PRO C 647 23.66 -22.55 -2.60
N LEU C 648 22.44 -23.02 -2.33
CA LEU C 648 21.26 -22.34 -2.85
C LEU C 648 21.23 -20.92 -2.32
N CYS C 649 21.50 -20.77 -1.03
CA CYS C 649 21.48 -19.46 -0.39
C CYS C 649 22.50 -18.51 -1.02
N LEU C 650 23.69 -19.00 -1.30
CA LEU C 650 24.75 -18.17 -1.83
C LEU C 650 24.56 -17.93 -3.34
N ARG C 651 24.58 -19.00 -4.12
CA ARG C 651 24.45 -18.90 -5.56
C ARG C 651 23.04 -18.50 -5.98
N GLY C 652 22.04 -19.03 -5.27
CA GLY C 652 20.65 -18.82 -5.62
C GLY C 652 20.17 -17.41 -5.33
N ARG C 653 20.59 -16.84 -4.21
CA ARG C 653 20.08 -15.56 -3.78
C ARG C 653 21.11 -14.44 -3.63
N LEU C 654 22.20 -14.69 -2.91
CA LEU C 654 23.20 -13.65 -2.69
C LEU C 654 23.78 -13.15 -4.01
N LEU C 655 24.03 -14.06 -4.94
CA LEU C 655 24.60 -13.68 -6.23
C LEU C 655 23.56 -12.95 -7.09
N HIS C 656 22.30 -13.02 -6.69
CA HIS C 656 21.23 -12.30 -7.38
C HIS C 656 20.70 -11.16 -6.52
N GLY C 657 21.55 -10.63 -5.65
CA GLY C 657 21.21 -9.46 -4.86
C GLY C 657 20.05 -9.68 -3.90
N ARG C 658 19.77 -10.94 -3.58
CA ARG C 658 18.65 -11.29 -2.74
C ARG C 658 19.10 -11.83 -1.38
N HIS C 659 18.24 -11.67 -0.37
CA HIS C 659 18.51 -12.13 1.00
C HIS C 659 18.03 -13.56 1.17
N PHE C 660 18.40 -14.20 2.28
CA PHE C 660 17.93 -15.54 2.63
C PHE C 660 17.97 -15.75 4.13
N THR C 661 16.90 -16.28 4.72
CA THR C 661 16.83 -16.42 6.17
C THR C 661 16.55 -17.85 6.65
N TYR C 662 17.49 -18.40 7.42
CA TYR C 662 17.26 -19.63 8.15
C TYR C 662 16.56 -19.30 9.47
N LYS C 663 15.48 -19.98 9.77
CA LYS C 663 14.76 -19.72 10.99
C LYS C 663 14.76 -20.97 11.85
N SER C 664 15.21 -20.82 13.08
CA SER C 664 15.30 -21.94 14.00
C SER C 664 13.93 -22.52 14.31
N ILE C 665 13.76 -23.79 14.06
CA ILE C 665 12.50 -24.42 14.36
C ILE C 665 12.27 -24.33 15.83
N THR C 666 13.33 -24.52 16.60
CA THR C 666 13.22 -24.45 18.04
C THR C 666 13.45 -23.07 18.64
N GLY C 667 14.51 -22.41 18.26
CA GLY C 667 14.91 -21.22 18.98
C GLY C 667 14.01 -20.12 18.51
N ASP C 668 14.30 -18.90 18.92
CA ASP C 668 13.77 -17.74 18.26
C ASP C 668 14.86 -17.22 17.34
N MET C 669 15.91 -18.00 17.25
CA MET C 669 17.11 -17.66 16.48
C MET C 669 16.81 -17.57 15.00
N ALA C 670 17.60 -16.75 14.30
CA ALA C 670 17.44 -16.55 12.87
C ALA C 670 18.75 -16.05 12.26
N ILE C 671 19.00 -16.44 11.02
CA ILE C 671 20.22 -16.09 10.33
C ILE C 671 19.87 -15.61 8.94
N THR C 672 20.05 -14.32 8.67
CA THR C 672 19.70 -13.76 7.37
C THR C 672 20.94 -13.37 6.57
N PHE C 673 21.29 -14.21 5.60
CA PHE C 673 22.35 -13.87 4.66
C PHE C 673 21.88 -12.75 3.76
N VAL C 674 22.73 -11.74 3.63
CA VAL C 674 22.39 -10.54 2.90
C VAL C 674 23.52 -10.24 1.92
N SER C 675 23.16 -9.88 0.70
CA SER C 675 24.15 -9.47 -0.28
C SER C 675 24.33 -7.96 -0.23
N THR C 676 25.38 -7.48 -0.86
CA THR C 676 25.53 -6.06 -1.03
C THR C 676 24.42 -5.57 -1.93
N GLY C 677 23.97 -4.35 -1.69
CA GLY C 677 22.88 -3.80 -2.49
C GLY C 677 21.51 -4.08 -1.94
N VAL C 678 21.46 -4.74 -0.79
CA VAL C 678 20.18 -4.90 -0.08
C VAL C 678 19.73 -3.60 0.54
N GLU C 679 18.48 -3.56 0.96
CA GLU C 679 17.92 -2.39 1.60
C GLU C 679 17.33 -2.76 2.95
N GLY C 680 17.52 -1.89 3.93
CA GLY C 680 16.91 -2.09 5.24
C GLY C 680 17.67 -2.96 6.21
N ALA C 681 18.82 -3.47 5.79
CA ALA C 681 19.64 -4.30 6.66
C ALA C 681 20.25 -3.48 7.79
N PHE C 682 20.47 -4.10 8.94
CA PHE C 682 21.19 -3.45 10.00
C PHE C 682 22.65 -3.93 10.02
N ALA C 683 22.92 -4.92 9.19
CA ALA C 683 24.28 -5.36 8.93
C ALA C 683 24.83 -4.55 7.77
N THR C 684 26.08 -4.12 7.90
CA THR C 684 26.72 -3.31 6.88
C THR C 684 28.08 -3.87 6.54
N GLU C 685 28.57 -3.47 5.37
CA GLU C 685 29.82 -3.98 4.84
C GLU C 685 30.94 -3.64 5.82
N GLU C 686 30.86 -2.43 6.38
CA GLU C 686 31.82 -2.01 7.39
C GLU C 686 31.68 -2.91 8.61
N HIS C 687 30.43 -3.24 8.95
CA HIS C 687 30.15 -4.13 10.05
C HIS C 687 29.26 -5.27 9.57
N PRO C 688 29.87 -6.24 8.86
CA PRO C 688 29.11 -7.30 8.17
C PRO C 688 28.23 -8.13 9.09
N TYR C 689 28.71 -8.45 10.29
CA TYR C 689 27.93 -9.27 11.20
C TYR C 689 27.28 -8.41 12.26
N ALA C 690 25.96 -8.51 12.35
CA ALA C 690 25.21 -7.80 13.38
C ALA C 690 24.03 -8.65 13.80
N ALA C 691 23.58 -8.49 15.04
CA ALA C 691 22.43 -9.22 15.53
C ALA C 691 21.47 -8.30 16.28
N HIS C 692 20.18 -8.41 16.00
CA HIS C 692 19.18 -7.72 16.77
C HIS C 692 18.31 -8.77 17.45
N GLY C 693 18.35 -8.79 18.77
CA GLY C 693 17.76 -9.89 19.50
C GLY C 693 18.45 -11.16 19.08
N PRO C 694 17.67 -12.19 18.77
CA PRO C 694 18.16 -13.49 18.32
C PRO C 694 18.28 -13.56 16.81
N TRP C 695 17.92 -12.48 16.14
CA TRP C 695 17.97 -12.44 14.69
C TRP C 695 19.31 -11.90 14.25
N LEU C 696 19.97 -12.62 13.36
CA LEU C 696 21.29 -12.21 12.92
C LEU C 696 21.30 -11.93 11.43
N GLN C 697 21.88 -10.80 11.04
CA GLN C 697 22.11 -10.53 9.63
C GLN C 697 23.61 -10.54 9.39
N ILE C 698 24.06 -11.23 8.35
CA ILE C 698 25.46 -11.16 7.94
C ILE C 698 25.54 -10.82 6.47
N LEU C 699 26.37 -9.82 6.15
CA LEU C 699 26.51 -9.36 4.78
C LEU C 699 27.76 -9.97 4.17
N LEU C 700 27.62 -10.50 2.95
CA LEU C 700 28.75 -11.11 2.25
C LEU C 700 28.96 -10.49 0.87
N THR C 701 30.21 -10.12 0.60
CA THR C 701 30.55 -9.53 -0.67
C THR C 701 30.49 -10.62 -1.70
N GLU C 702 30.34 -10.24 -2.96
CA GLU C 702 30.20 -11.22 -4.02
C GLU C 702 31.45 -12.08 -4.13
N GLU C 703 32.60 -11.44 -3.98
CA GLU C 703 33.86 -12.13 -4.11
C GLU C 703 34.00 -13.18 -3.04
N PHE C 704 33.65 -12.80 -1.83
CA PHE C 704 33.76 -13.70 -0.72
C PHE C 704 32.79 -14.85 -0.91
N VAL C 705 31.64 -14.58 -1.46
CA VAL C 705 30.67 -15.59 -1.64
C VAL C 705 31.21 -16.62 -2.57
N GLU C 706 31.86 -16.15 -3.61
CA GLU C 706 32.30 -17.03 -4.65
C GLU C 706 33.32 -17.96 -4.09
N LYS C 707 34.19 -17.39 -3.28
CA LYS C 707 35.22 -18.12 -2.66
C LYS C 707 34.61 -19.12 -1.74
N MET C 708 33.58 -18.67 -1.07
CA MET C 708 32.98 -19.49 -0.06
C MET C 708 32.44 -20.69 -0.74
N LEU C 709 31.83 -20.49 -1.89
CA LEU C 709 31.28 -21.59 -2.64
C LEU C 709 32.30 -22.54 -3.10
N GLU C 710 33.45 -22.05 -3.51
CA GLU C 710 34.49 -22.94 -3.99
C GLU C 710 34.90 -23.83 -2.88
N ASP C 711 34.99 -23.24 -1.71
CA ASP C 711 35.46 -24.00 -0.59
C ASP C 711 34.45 -25.07 -0.33
N LEU C 712 33.20 -24.69 -0.43
CA LEU C 712 32.08 -25.57 -0.11
C LEU C 712 32.01 -26.71 -1.07
N GLU C 713 32.44 -26.50 -2.30
CA GLU C 713 32.35 -27.53 -3.31
C GLU C 713 31.34 -28.56 -2.87
N LYS C 722 30.55 -35.93 4.63
CA LYS C 722 30.90 -36.36 5.98
C LYS C 722 30.27 -35.48 7.00
N LEU C 723 30.00 -36.05 8.16
CA LEU C 723 29.59 -35.27 9.30
C LEU C 723 30.47 -35.74 10.44
N PRO C 724 31.02 -34.79 11.19
CA PRO C 724 30.81 -33.36 10.95
C PRO C 724 31.64 -32.79 9.82
N LYS C 725 31.21 -31.64 9.30
CA LYS C 725 32.03 -30.86 8.38
C LYS C 725 32.24 -29.48 8.99
N GLU C 726 33.49 -29.02 8.98
CA GLU C 726 33.80 -27.76 9.63
C GLU C 726 34.54 -26.79 8.71
N TYR C 727 34.20 -25.51 8.83
CA TYR C 727 34.74 -24.48 7.95
C TYR C 727 35.20 -23.27 8.74
N SER C 728 36.28 -22.66 8.29
CA SER C 728 36.80 -21.44 8.89
C SER C 728 37.31 -20.44 7.84
N TRP C 729 37.21 -19.16 8.17
CA TRP C 729 37.76 -18.08 7.36
C TRP C 729 38.24 -17.00 8.32
N PRO C 730 39.08 -16.07 7.84
CA PRO C 730 39.58 -14.96 8.66
C PRO C 730 38.56 -14.39 9.65
N GLU C 731 37.28 -14.39 9.26
CA GLU C 731 36.25 -13.66 9.97
C GLU C 731 35.25 -14.53 10.73
N LYS C 732 35.06 -15.76 10.28
CA LYS C 732 33.89 -16.50 10.71
C LYS C 732 34.07 -18.01 10.59
N LYS C 733 33.29 -18.74 11.37
CA LYS C 733 33.29 -20.18 11.32
C LYS C 733 31.86 -20.65 11.19
N LEU C 734 31.66 -21.69 10.40
CA LEU C 734 30.36 -22.36 10.35
C LEU C 734 30.59 -23.86 10.27
N LYS C 735 29.80 -24.61 11.02
CA LYS C 735 29.96 -26.04 11.08
C LYS C 735 28.65 -26.77 10.81
N VAL C 736 28.73 -27.90 10.13
CA VAL C 736 27.57 -28.71 9.81
C VAL C 736 27.53 -29.97 10.69
N SER C 737 26.56 -30.03 11.60
CA SER C 737 26.51 -31.08 12.61
C SER C 737 25.26 -31.94 12.47
N ILE C 738 24.93 -32.73 13.50
CA ILE C 738 23.86 -33.71 13.35
C ILE C 738 22.83 -33.87 14.48
N LEU C 739 23.24 -34.26 15.67
CA LEU C 739 22.29 -34.43 16.78
C LEU C 739 22.48 -33.46 17.94
N PRO C 740 23.46 -32.54 17.83
CA PRO C 740 23.47 -31.47 18.83
C PRO C 740 22.18 -30.67 18.76
N ASP C 741 21.59 -30.57 17.58
CA ASP C 741 20.42 -29.77 17.35
C ASP C 741 19.18 -30.38 17.99
N VAL C 742 19.05 -31.69 17.99
CA VAL C 742 17.89 -32.30 18.64
C VAL C 742 18.02 -32.20 20.15
N LEU D 8 17.69 -35.01 83.61
CA LEU D 8 16.35 -34.96 83.01
C LEU D 8 16.06 -33.55 82.52
N VAL D 9 16.07 -33.36 81.20
CA VAL D 9 15.84 -32.07 80.58
C VAL D 9 14.57 -32.09 79.72
N ILE D 10 13.84 -30.98 79.71
CA ILE D 10 12.56 -30.92 79.01
C ILE D 10 12.43 -29.70 78.13
N TRP D 11 11.73 -29.85 77.01
CA TRP D 11 11.40 -28.72 76.14
C TRP D 11 9.88 -28.64 76.02
N ILE D 12 9.35 -27.43 76.10
CA ILE D 12 7.91 -27.22 75.91
C ILE D 12 7.71 -25.80 75.37
N ASN D 13 6.70 -25.62 74.52
CA ASN D 13 6.51 -24.33 73.86
C ASN D 13 6.29 -23.22 74.87
N GLY D 14 6.77 -22.03 74.55
CA GLY D 14 6.77 -20.91 75.49
C GLY D 14 5.38 -20.49 75.94
N ASP D 15 4.38 -20.69 75.09
CA ASP D 15 3.02 -20.29 75.45
C ASP D 15 2.36 -21.27 76.42
N LYS D 16 3.03 -22.39 76.68
CA LYS D 16 2.51 -23.39 77.61
C LYS D 16 3.01 -23.09 79.02
N GLY D 17 2.46 -23.79 80.01
CA GLY D 17 2.80 -23.56 81.39
C GLY D 17 4.11 -24.23 81.82
N TYR D 18 5.23 -23.64 81.41
CA TYR D 18 6.53 -24.22 81.69
C TYR D 18 6.99 -24.03 83.15
N ASN D 19 6.49 -22.99 83.80
CA ASN D 19 6.85 -22.75 85.19
C ASN D 19 6.19 -23.76 86.13
N GLY D 20 4.95 -24.10 85.85
CA GLY D 20 4.27 -25.15 86.60
C GLY D 20 5.01 -26.45 86.43
N LEU D 21 5.35 -26.75 85.18
CA LEU D 21 6.13 -27.95 84.86
C LEU D 21 7.47 -27.88 85.60
N ALA D 22 7.99 -26.67 85.77
CA ALA D 22 9.23 -26.47 86.51
C ALA D 22 9.04 -26.80 87.97
N GLU D 23 7.86 -26.47 88.51
CA GLU D 23 7.55 -26.78 89.91
C GLU D 23 7.48 -28.29 90.11
N VAL D 24 6.93 -28.99 89.13
CA VAL D 24 6.92 -30.46 89.17
C VAL D 24 8.34 -31.00 89.04
N GLY D 25 9.18 -30.28 88.29
CA GLY D 25 10.58 -30.63 88.17
C GLY D 25 11.32 -30.38 89.47
N LYS D 26 10.83 -29.40 90.24
CA LYS D 26 11.41 -29.10 91.55
C LYS D 26 11.08 -30.21 92.53
N LYS D 27 9.83 -30.66 92.53
CA LYS D 27 9.40 -31.74 93.41
C LYS D 27 10.16 -33.01 93.09
N PHE D 28 10.40 -33.25 91.80
CA PHE D 28 11.15 -34.40 91.35
C PHE D 28 12.61 -34.32 91.83
N GLU D 29 13.19 -33.13 91.74
CA GLU D 29 14.55 -32.91 92.20
C GLU D 29 14.66 -33.11 93.71
N LYS D 30 13.58 -32.80 94.42
CA LYS D 30 13.56 -32.96 95.87
C LYS D 30 13.51 -34.44 96.26
N ASP D 31 12.61 -35.19 95.63
CA ASP D 31 12.36 -36.58 96.00
C ASP D 31 13.44 -37.54 95.48
N THR D 32 14.10 -37.18 94.38
CA THR D 32 15.04 -38.07 93.74
C THR D 32 16.46 -37.52 93.68
N GLY D 33 16.59 -36.20 93.74
CA GLY D 33 17.90 -35.57 93.70
C GLY D 33 18.37 -35.23 92.31
N ILE D 34 17.62 -35.67 91.30
CA ILE D 34 17.95 -35.36 89.91
C ILE D 34 17.43 -33.99 89.52
N LYS D 35 18.30 -33.16 88.97
CA LYS D 35 17.92 -31.81 88.58
C LYS D 35 17.10 -31.82 87.30
N VAL D 36 15.99 -31.10 87.32
CA VAL D 36 15.10 -31.02 86.16
C VAL D 36 15.07 -29.61 85.59
N THR D 37 15.63 -29.45 84.39
CA THR D 37 15.65 -28.16 83.73
C THR D 37 14.60 -28.11 82.63
N VAL D 38 13.83 -27.03 82.62
CA VAL D 38 12.77 -26.86 81.63
C VAL D 38 13.05 -25.63 80.77
N GLU D 39 13.13 -25.85 79.46
CA GLU D 39 13.42 -24.77 78.53
C GLU D 39 12.28 -24.61 77.53
N HIS D 40 12.20 -23.43 76.93
CA HIS D 40 11.14 -23.13 75.97
C HIS D 40 11.67 -22.35 74.78
N PRO D 41 12.59 -22.96 74.02
CA PRO D 41 13.19 -22.28 72.87
C PRO D 41 12.19 -22.01 71.77
N ASP D 42 12.44 -20.97 70.97
CA ASP D 42 11.62 -20.73 69.79
C ASP D 42 11.75 -21.89 68.82
N LYS D 43 10.63 -22.28 68.22
CA LYS D 43 10.64 -23.29 67.17
C LYS D 43 11.27 -24.59 67.67
N LEU D 44 10.93 -24.99 68.89
CA LEU D 44 11.44 -26.23 69.43
C LEU D 44 10.92 -27.41 68.60
N GLU D 45 9.80 -27.21 67.93
CA GLU D 45 9.24 -28.25 67.07
C GLU D 45 10.13 -28.45 65.85
N GLU D 46 10.80 -27.38 65.44
CA GLU D 46 11.74 -27.44 64.32
C GLU D 46 13.15 -27.77 64.81
N LYS D 47 13.53 -27.24 65.97
CA LYS D 47 14.87 -27.45 66.50
C LYS D 47 15.10 -28.90 66.91
N PHE D 48 14.06 -29.55 67.43
CA PHE D 48 14.20 -30.92 67.92
C PHE D 48 14.82 -31.86 66.88
N PRO D 49 14.17 -31.99 65.70
CA PRO D 49 14.70 -32.92 64.68
C PRO D 49 16.06 -32.47 64.13
N GLN D 50 16.36 -31.19 64.28
CA GLN D 50 17.64 -30.64 63.83
C GLN D 50 18.79 -31.13 64.69
N VAL D 51 18.73 -30.85 65.99
CA VAL D 51 19.85 -31.21 66.86
C VAL D 51 19.76 -32.67 67.29
N ALA D 52 18.63 -33.31 67.00
CA ALA D 52 18.49 -34.71 67.32
C ALA D 52 19.53 -35.49 66.53
N ALA D 53 19.97 -34.92 65.41
CA ALA D 53 20.98 -35.55 64.58
C ALA D 53 22.26 -35.76 65.35
N THR D 54 22.65 -34.76 66.15
CA THR D 54 23.81 -34.92 67.03
C THR D 54 23.39 -35.19 68.46
N GLY D 55 22.09 -35.43 68.69
CA GLY D 55 21.62 -35.81 70.01
C GLY D 55 21.95 -34.82 71.11
N ASP D 56 21.79 -33.53 70.83
CA ASP D 56 22.01 -32.52 71.87
C ASP D 56 20.72 -31.88 72.41
N GLY D 57 19.58 -32.42 72.00
CA GLY D 57 18.29 -31.92 72.47
C GLY D 57 17.93 -32.47 73.83
N PRO D 58 16.67 -32.28 74.25
CA PRO D 58 16.21 -32.69 75.58
C PRO D 58 16.10 -34.20 75.73
N ASP D 59 15.88 -34.64 76.96
CA ASP D 59 15.48 -36.01 77.21
C ASP D 59 14.01 -36.17 76.85
N ILE D 60 13.26 -35.08 77.01
CA ILE D 60 11.83 -35.09 76.78
C ILE D 60 11.40 -33.87 75.98
N ILE D 61 10.53 -34.07 75.00
CA ILE D 61 10.02 -32.98 74.18
C ILE D 61 8.49 -32.95 74.15
N PHE D 62 7.91 -31.79 74.45
CA PHE D 62 6.46 -31.63 74.46
C PHE D 62 5.94 -30.95 73.19
N TRP D 63 4.93 -31.54 72.58
CA TRP D 63 4.26 -30.93 71.44
C TRP D 63 3.03 -31.74 71.01
N ALA D 64 2.16 -31.13 70.22
CA ALA D 64 0.99 -31.82 69.69
C ALA D 64 1.43 -33.06 68.92
N HIS D 65 0.59 -34.08 68.94
CA HIS D 65 0.95 -35.38 68.37
C HIS D 65 1.26 -35.32 66.87
N ASP D 66 0.65 -34.38 66.17
CA ASP D 66 0.75 -34.34 64.71
C ASP D 66 2.18 -34.41 64.19
N ARG D 67 3.14 -33.91 64.97
CA ARG D 67 4.55 -33.96 64.58
C ARG D 67 5.17 -35.33 64.86
N PHE D 68 4.80 -35.90 66.00
CA PHE D 68 5.49 -37.07 66.55
C PHE D 68 5.64 -38.25 65.59
N GLY D 69 4.65 -38.47 64.73
CA GLY D 69 4.74 -39.57 63.79
C GLY D 69 5.91 -39.39 62.84
N GLY D 70 6.15 -38.15 62.43
CA GLY D 70 7.26 -37.85 61.54
C GLY D 70 8.58 -37.96 62.30
N TYR D 71 8.55 -37.54 63.56
CA TYR D 71 9.69 -37.71 64.44
C TYR D 71 10.05 -39.19 64.57
N ALA D 72 9.02 -40.03 64.61
CA ALA D 72 9.20 -41.46 64.84
C ALA D 72 9.79 -42.17 63.62
N GLN D 73 9.35 -41.78 62.42
CA GLN D 73 9.86 -42.39 61.21
C GLN D 73 11.33 -41.96 61.01
N SER D 74 11.73 -40.95 61.75
CA SER D 74 13.11 -40.47 61.72
C SER D 74 13.94 -41.10 62.82
N GLY D 75 13.31 -41.96 63.62
CA GLY D 75 13.99 -42.67 64.69
C GLY D 75 14.55 -41.77 65.76
N LEU D 76 13.88 -40.67 66.04
CA LEU D 76 14.34 -39.80 67.12
C LEU D 76 13.68 -40.14 68.44
N LEU D 77 12.71 -41.05 68.41
CA LEU D 77 11.90 -41.31 69.59
C LEU D 77 11.99 -42.72 70.15
N ALA D 78 12.22 -42.82 71.46
CA ALA D 78 12.18 -44.11 72.15
C ALA D 78 10.75 -44.61 72.27
N GLU D 79 10.55 -45.92 72.14
CA GLU D 79 9.24 -46.49 72.40
C GLU D 79 8.92 -46.41 73.89
N ILE D 80 7.69 -46.01 74.18
CA ILE D 80 7.20 -45.87 75.55
C ILE D 80 6.72 -47.22 76.08
N THR D 81 6.86 -47.43 77.38
CA THR D 81 6.60 -48.72 78.01
C THR D 81 5.63 -48.61 79.19
N PRO D 82 4.35 -48.32 78.93
CA PRO D 82 3.30 -48.24 79.95
C PRO D 82 2.84 -49.61 80.41
N ASP D 83 2.66 -49.79 81.72
CA ASP D 83 1.95 -50.95 82.25
C ASP D 83 0.46 -50.81 81.96
N LYS D 84 -0.21 -51.95 81.78
CA LYS D 84 -1.65 -52.03 81.56
C LYS D 84 -2.44 -51.06 82.44
N ALA D 85 -2.13 -51.04 83.73
CA ALA D 85 -2.96 -50.24 84.61
C ALA D 85 -2.90 -48.81 84.10
N PHE D 86 -1.69 -48.40 83.73
CA PHE D 86 -1.44 -47.03 83.31
C PHE D 86 -2.19 -46.71 82.03
N GLN D 87 -2.21 -47.65 81.10
CA GLN D 87 -2.81 -47.39 79.82
C GLN D 87 -4.27 -47.03 80.05
N ASP D 88 -4.89 -47.70 81.01
CA ASP D 88 -6.30 -47.46 81.28
C ASP D 88 -6.50 -46.26 82.21
N LYS D 89 -5.44 -45.83 82.88
CA LYS D 89 -5.47 -44.57 83.61
C LYS D 89 -5.97 -43.46 82.71
N LEU D 90 -5.46 -43.46 81.48
CA LEU D 90 -5.77 -42.41 80.50
C LEU D 90 -6.94 -42.85 79.62
N TYR D 91 -7.48 -41.91 78.84
CA TYR D 91 -8.54 -42.23 77.90
C TYR D 91 -7.94 -42.95 76.70
N PRO D 92 -8.75 -43.73 75.98
CA PRO D 92 -8.24 -44.60 74.91
C PRO D 92 -7.71 -43.85 73.70
N PHE D 93 -8.50 -42.91 73.19
CA PHE D 93 -8.11 -42.18 71.98
C PHE D 93 -6.91 -41.28 72.19
N THR D 94 -6.68 -40.85 73.44
CA THR D 94 -5.47 -40.11 73.75
C THR D 94 -4.26 -40.95 73.35
N TRP D 95 -4.31 -42.24 73.67
CA TRP D 95 -3.27 -43.17 73.24
C TRP D 95 -3.28 -43.29 71.71
N ASP D 96 -4.47 -43.50 71.14
CA ASP D 96 -4.58 -43.63 69.69
C ASP D 96 -3.85 -42.51 68.96
N ALA D 97 -3.84 -41.33 69.55
CA ALA D 97 -3.18 -40.18 68.93
C ALA D 97 -1.66 -40.33 68.91
N VAL D 98 -1.13 -41.09 69.86
CA VAL D 98 0.32 -41.25 69.99
C VAL D 98 0.79 -42.64 69.57
N ARG D 99 -0.05 -43.36 68.84
CA ARG D 99 0.33 -44.67 68.32
C ARG D 99 0.76 -44.57 66.86
N TYR D 100 2.03 -44.85 66.60
CA TYR D 100 2.56 -44.80 65.24
C TYR D 100 3.14 -46.14 64.82
N ASN D 101 2.64 -46.67 63.71
CA ASN D 101 3.06 -47.98 63.20
C ASN D 101 3.03 -49.03 64.30
N GLY D 102 1.93 -49.06 65.05
CA GLY D 102 1.73 -50.09 66.07
C GLY D 102 2.25 -49.73 67.44
N LYS D 103 3.35 -48.98 67.49
CA LYS D 103 4.02 -48.69 68.77
C LYS D 103 3.62 -47.34 69.38
N LEU D 104 3.64 -47.30 70.70
CA LEU D 104 3.45 -46.05 71.44
C LEU D 104 4.76 -45.26 71.45
N ILE D 105 4.72 -44.06 70.88
CA ILE D 105 5.93 -43.25 70.75
C ILE D 105 5.96 -42.07 71.73
N ALA D 106 4.84 -41.80 72.37
CA ALA D 106 4.76 -40.67 73.29
C ALA D 106 3.60 -40.83 74.29
N TYR D 107 3.69 -40.15 75.42
CA TYR D 107 2.61 -40.13 76.40
C TYR D 107 1.74 -38.91 76.16
N PRO D 108 0.43 -39.10 75.99
CA PRO D 108 -0.43 -37.94 75.78
C PRO D 108 -0.73 -37.20 77.08
N ILE D 109 -0.56 -35.89 77.08
CA ILE D 109 -0.77 -35.09 78.27
C ILE D 109 -2.16 -34.47 78.30
N ALA D 110 -2.54 -33.80 77.20
CA ALA D 110 -3.80 -33.08 77.18
C ALA D 110 -4.38 -32.92 75.77
N VAL D 111 -5.66 -32.55 75.72
CA VAL D 111 -6.37 -32.33 74.47
C VAL D 111 -6.61 -30.85 74.24
N GLU D 112 -6.06 -30.33 73.13
CA GLU D 112 -6.18 -28.92 72.78
C GLU D 112 -7.10 -28.72 71.59
N ALA D 113 -8.03 -27.78 71.72
CA ALA D 113 -8.89 -27.37 70.62
C ALA D 113 -9.18 -25.88 70.70
N LEU D 114 -9.26 -25.23 69.54
CA LEU D 114 -9.54 -23.80 69.48
C LEU D 114 -11.01 -23.53 69.74
N SER D 115 -11.28 -22.44 70.45
CA SER D 115 -12.64 -22.02 70.73
C SER D 115 -12.78 -20.54 70.41
N LEU D 116 -14.02 -20.07 70.32
CA LEU D 116 -14.27 -18.64 70.13
C LEU D 116 -14.34 -17.97 71.49
N ILE D 117 -13.38 -17.08 71.75
CA ILE D 117 -13.33 -16.33 73.00
C ILE D 117 -13.86 -14.91 72.78
N TYR D 118 -14.90 -14.54 73.53
CA TYR D 118 -15.55 -13.25 73.33
C TYR D 118 -15.69 -12.42 74.60
N ASN D 119 -15.62 -11.10 74.43
CA ASN D 119 -15.77 -10.16 75.52
C ASN D 119 -17.25 -9.91 75.82
N LYS D 120 -17.72 -10.44 76.94
CA LYS D 120 -19.14 -10.38 77.30
C LYS D 120 -19.67 -8.94 77.40
N ASP D 121 -18.81 -8.01 77.82
CA ASP D 121 -19.22 -6.61 77.95
C ASP D 121 -19.46 -5.96 76.59
N LEU D 122 -18.56 -6.24 75.63
CA LEU D 122 -18.67 -5.67 74.29
C LEU D 122 -19.65 -6.46 73.43
N LEU D 123 -19.89 -7.71 73.79
CA LEU D 123 -20.64 -8.60 72.93
C LEU D 123 -21.37 -9.66 73.75
N PRO D 124 -22.51 -9.28 74.34
CA PRO D 124 -23.32 -10.16 75.19
C PRO D 124 -23.70 -11.47 74.49
N ASN D 125 -24.06 -11.38 73.22
CA ASN D 125 -24.41 -12.56 72.45
C ASN D 125 -23.49 -12.72 71.24
N PRO D 126 -22.48 -13.58 71.36
CA PRO D 126 -21.55 -13.82 70.26
C PRO D 126 -22.25 -14.39 69.02
N PRO D 127 -21.75 -14.06 67.83
CA PRO D 127 -22.36 -14.53 66.59
C PRO D 127 -22.25 -16.05 66.47
N LYS D 128 -23.26 -16.67 65.86
CA LYS D 128 -23.23 -18.11 65.64
C LYS D 128 -22.65 -18.43 64.27
N THR D 129 -22.49 -17.41 63.43
CA THR D 129 -21.98 -17.60 62.08
C THR D 129 -20.94 -16.54 61.71
N TRP D 130 -20.05 -16.89 60.80
CA TRP D 130 -19.02 -15.96 60.32
C TRP D 130 -19.64 -14.83 59.52
N GLU D 131 -20.71 -15.14 58.79
CA GLU D 131 -21.30 -14.19 57.85
C GLU D 131 -21.81 -12.92 58.54
N GLU D 132 -22.03 -13.00 59.85
CA GLU D 132 -22.52 -11.85 60.61
C GLU D 132 -21.39 -10.85 60.86
N ILE D 133 -20.18 -11.39 61.03
CA ILE D 133 -19.06 -10.62 61.56
C ILE D 133 -18.75 -9.33 60.80
N PRO D 134 -18.81 -9.36 59.47
CA PRO D 134 -18.60 -8.10 58.75
C PRO D 134 -19.49 -6.98 59.29
N ALA D 135 -20.80 -7.23 59.30
CA ALA D 135 -21.75 -6.25 59.82
C ALA D 135 -21.42 -5.90 61.26
N LEU D 136 -21.10 -6.91 62.05
CA LEU D 136 -20.81 -6.71 63.47
C LEU D 136 -19.59 -5.83 63.66
N ASP D 137 -18.55 -6.06 62.87
CA ASP D 137 -17.33 -5.28 62.97
C ASP D 137 -17.64 -3.81 62.72
N LYS D 138 -18.47 -3.57 61.71
CA LYS D 138 -18.80 -2.20 61.34
C LYS D 138 -19.46 -1.48 62.51
N GLU D 139 -20.39 -2.14 63.18
CA GLU D 139 -21.01 -1.58 64.38
C GLU D 139 -19.93 -1.22 65.41
N LEU D 140 -19.09 -2.19 65.74
CA LEU D 140 -18.04 -1.99 66.74
C LEU D 140 -17.03 -0.92 66.35
N LYS D 141 -16.75 -0.82 65.04
CA LYS D 141 -15.86 0.22 64.53
C LYS D 141 -16.42 1.61 64.79
N ALA D 142 -17.76 1.71 64.84
CA ALA D 142 -18.40 2.98 65.12
C ALA D 142 -17.92 3.54 66.46
N LYS D 143 -17.73 2.65 67.43
CA LYS D 143 -17.29 3.05 68.76
C LYS D 143 -15.85 2.62 69.06
N GLY D 144 -15.01 2.66 68.02
CA GLY D 144 -13.58 2.51 68.15
C GLY D 144 -13.09 1.10 68.49
N LYS D 145 -13.90 0.10 68.18
CA LYS D 145 -13.55 -1.28 68.48
C LYS D 145 -13.55 -2.12 67.21
N SER D 146 -13.02 -3.33 67.32
CA SER D 146 -13.05 -4.28 66.22
C SER D 146 -13.72 -5.57 66.66
N ALA D 147 -14.27 -6.31 65.71
CA ALA D 147 -15.04 -7.51 66.03
C ALA D 147 -14.15 -8.71 66.32
N LEU D 148 -13.11 -8.88 65.51
CA LEU D 148 -12.33 -10.11 65.57
C LEU D 148 -10.86 -9.91 65.24
N MET D 149 -10.00 -10.51 66.07
CA MET D 149 -8.56 -10.53 65.81
C MET D 149 -7.96 -11.83 66.31
N PHE D 150 -7.25 -12.52 65.42
CA PHE D 150 -6.58 -13.75 65.79
C PHE D 150 -5.38 -13.99 64.90
N ASN D 151 -4.48 -14.86 65.35
CA ASN D 151 -3.22 -15.10 64.67
C ASN D 151 -3.40 -15.59 63.24
N LEU D 152 -2.99 -14.77 62.28
CA LEU D 152 -3.11 -15.13 60.88
C LEU D 152 -1.79 -15.65 60.29
N GLN D 153 -0.78 -15.81 61.14
CA GLN D 153 0.53 -16.25 60.68
C GLN D 153 0.69 -17.77 60.79
N GLU D 154 -0.18 -18.39 61.58
CA GLU D 154 -0.18 -19.85 61.70
C GLU D 154 -1.47 -20.41 61.17
N PRO D 155 -1.38 -21.36 60.23
CA PRO D 155 -2.58 -21.93 59.61
C PRO D 155 -3.47 -22.67 60.62
N TYR D 156 -2.93 -22.91 61.81
CA TYR D 156 -3.63 -23.68 62.84
C TYR D 156 -4.91 -22.96 63.23
N PHE D 157 -4.89 -21.64 63.11
CA PHE D 157 -5.99 -20.81 63.57
C PHE D 157 -7.03 -20.55 62.47
N THR D 158 -6.61 -20.64 61.21
CA THR D 158 -7.53 -20.42 60.11
C THR D 158 -8.03 -21.72 59.50
N TRP D 159 -7.49 -22.85 59.97
CA TRP D 159 -7.87 -24.15 59.42
C TRP D 159 -9.33 -24.50 59.71
N PRO D 160 -9.85 -24.09 60.88
CA PRO D 160 -11.25 -24.36 61.20
C PRO D 160 -12.19 -23.83 60.13
N LEU D 161 -11.93 -22.62 59.66
CA LEU D 161 -12.75 -21.99 58.63
C LEU D 161 -12.51 -22.62 57.26
N ILE D 162 -11.26 -22.98 57.00
CA ILE D 162 -10.91 -23.57 55.72
C ILE D 162 -11.53 -24.97 55.57
N ALA D 163 -11.74 -25.64 56.70
CA ALA D 163 -12.25 -27.01 56.68
C ALA D 163 -13.77 -27.04 56.71
N ALA D 164 -14.36 -26.02 57.33
CA ALA D 164 -15.80 -25.97 57.55
C ALA D 164 -16.61 -26.46 56.36
N ASP D 165 -16.29 -25.98 55.16
CA ASP D 165 -17.12 -26.27 53.99
C ASP D 165 -16.57 -27.41 53.11
N GLY D 166 -15.63 -28.17 53.65
CA GLY D 166 -15.16 -29.36 52.95
C GLY D 166 -13.65 -29.49 52.79
N GLY D 167 -12.89 -28.54 53.30
CA GLY D 167 -11.45 -28.64 53.27
C GLY D 167 -10.93 -29.73 54.18
N TYR D 168 -9.85 -30.39 53.78
CA TYR D 168 -9.22 -31.44 54.59
C TYR D 168 -7.77 -31.63 54.18
N ALA D 169 -7.00 -32.27 55.05
CA ALA D 169 -5.59 -32.51 54.76
C ALA D 169 -5.42 -33.79 53.95
N PHE D 170 -5.83 -34.91 54.55
CA PHE D 170 -5.73 -36.21 53.90
C PHE D 170 -7.02 -36.98 54.11
N LYS D 171 -7.50 -37.64 53.06
CA LYS D 171 -8.74 -38.39 53.14
C LYS D 171 -8.48 -39.72 53.85
N TYR D 172 -9.21 -39.95 54.94
CA TYR D 172 -8.98 -41.12 55.76
C TYR D 172 -9.99 -42.23 55.47
N GLU D 173 -9.50 -43.37 54.99
CA GLU D 173 -10.34 -44.51 54.72
C GLU D 173 -9.71 -45.78 55.30
N ASN D 174 -10.46 -46.46 56.18
CA ASN D 174 -10.10 -47.81 56.60
C ASN D 174 -8.73 -47.93 57.26
N GLY D 175 -8.40 -46.99 58.14
CA GLY D 175 -7.19 -47.09 58.95
C GLY D 175 -5.94 -46.50 58.34
N LYS D 176 -6.07 -45.80 57.22
CA LYS D 176 -4.92 -45.12 56.63
C LYS D 176 -5.29 -43.77 56.06
N TYR D 177 -4.31 -42.89 56.00
CA TYR D 177 -4.45 -41.64 55.28
C TYR D 177 -3.81 -41.81 53.91
N ASP D 178 -4.57 -41.51 52.87
CA ASP D 178 -4.04 -41.53 51.51
C ASP D 178 -3.33 -40.23 51.19
N ILE D 179 -2.00 -40.24 51.30
CA ILE D 179 -1.20 -39.03 51.23
C ILE D 179 -1.22 -38.41 49.84
N LYS D 180 -1.65 -39.17 48.85
CA LYS D 180 -1.78 -38.64 47.50
C LYS D 180 -3.11 -37.93 47.31
N ASP D 181 -3.93 -37.94 48.35
CA ASP D 181 -5.24 -37.29 48.27
C ASP D 181 -5.33 -36.16 49.27
N VAL D 182 -5.02 -34.95 48.79
CA VAL D 182 -5.07 -33.77 49.65
C VAL D 182 -6.29 -32.94 49.28
N GLY D 183 -6.84 -32.23 50.26
CA GLY D 183 -8.08 -31.49 50.06
C GLY D 183 -7.98 -30.03 50.48
N VAL D 184 -6.84 -29.41 50.22
CA VAL D 184 -6.66 -27.99 50.49
C VAL D 184 -6.95 -27.20 49.23
N ASP D 185 -7.34 -27.90 48.17
CA ASP D 185 -7.54 -27.29 46.87
C ASP D 185 -9.00 -27.28 46.44
N ASN D 186 -9.86 -27.97 47.18
CA ASN D 186 -11.25 -28.12 46.79
C ASN D 186 -12.10 -26.87 47.05
N ALA D 187 -13.31 -26.89 46.53
CA ALA D 187 -14.22 -25.76 46.64
C ALA D 187 -14.36 -25.30 48.08
N GLY D 188 -14.43 -26.26 49.01
CA GLY D 188 -14.61 -25.94 50.42
C GLY D 188 -13.48 -25.08 50.93
N ALA D 189 -12.25 -25.57 50.77
CA ALA D 189 -11.07 -24.84 51.21
C ALA D 189 -11.08 -23.46 50.57
N LYS D 190 -11.40 -23.40 49.28
CA LYS D 190 -11.42 -22.13 48.56
C LYS D 190 -12.46 -21.18 49.16
N ALA D 191 -13.57 -21.73 49.62
CA ALA D 191 -14.66 -20.92 50.16
C ALA D 191 -14.22 -20.26 51.45
N GLY D 192 -13.72 -21.07 52.39
CA GLY D 192 -13.28 -20.57 53.67
C GLY D 192 -12.19 -19.52 53.54
N LEU D 193 -11.11 -19.89 52.86
CA LEU D 193 -9.97 -19.00 52.70
C LEU D 193 -10.40 -17.73 51.97
N THR D 194 -11.28 -17.85 50.98
CA THR D 194 -11.77 -16.69 50.26
C THR D 194 -12.49 -15.75 51.22
N PHE D 195 -13.27 -16.32 52.13
CA PHE D 195 -14.00 -15.52 53.10
C PHE D 195 -13.04 -14.73 53.98
N LEU D 196 -11.99 -15.39 54.46
CA LEU D 196 -10.95 -14.73 55.26
C LEU D 196 -10.33 -13.56 54.49
N VAL D 197 -10.02 -13.82 53.22
CA VAL D 197 -9.39 -12.82 52.37
C VAL D 197 -10.31 -11.62 52.19
N ASP D 198 -11.61 -11.88 52.08
CA ASP D 198 -12.58 -10.82 51.90
C ASP D 198 -12.69 -9.98 53.17
N LEU D 199 -12.63 -10.64 54.33
CA LEU D 199 -12.64 -9.92 55.59
C LEU D 199 -11.52 -8.90 55.56
N ILE D 200 -10.35 -9.35 55.14
CA ILE D 200 -9.19 -8.47 55.07
C ILE D 200 -9.37 -7.36 54.04
N LYS D 201 -9.98 -7.69 52.91
CA LYS D 201 -10.22 -6.73 51.83
C LYS D 201 -11.13 -5.60 52.26
N ASN D 202 -12.12 -5.93 53.05
CA ASN D 202 -13.08 -4.96 53.55
C ASN D 202 -12.64 -4.34 54.88
N LYS D 203 -11.39 -4.59 55.25
CA LYS D 203 -10.80 -3.96 56.43
C LYS D 203 -11.56 -4.31 57.71
N HIS D 204 -11.97 -5.57 57.83
CA HIS D 204 -12.52 -6.07 59.08
C HIS D 204 -11.43 -6.83 59.85
N MET D 205 -10.34 -7.13 59.15
CA MET D 205 -9.17 -7.76 59.74
C MET D 205 -7.93 -7.31 58.99
N ASN D 206 -6.77 -7.46 59.61
CA ASN D 206 -5.52 -7.07 58.99
C ASN D 206 -4.63 -8.29 58.71
N ALA D 207 -3.97 -8.31 57.57
CA ALA D 207 -3.13 -9.44 57.19
C ALA D 207 -1.97 -9.64 58.16
N ASP D 208 -1.49 -8.56 58.76
CA ASP D 208 -0.31 -8.60 59.62
C ASP D 208 -0.60 -9.24 60.98
N THR D 209 -1.86 -9.38 61.32
CA THR D 209 -2.22 -9.84 62.67
C THR D 209 -1.46 -11.12 63.00
N ASP D 210 -0.80 -11.13 64.14
CA ASP D 210 -0.03 -12.28 64.59
C ASP D 210 -0.51 -12.66 65.99
N TYR D 211 0.12 -13.68 66.59
CA TYR D 211 -0.32 -14.17 67.88
C TYR D 211 -0.28 -13.11 69.00
N SER D 212 0.86 -12.46 69.14
CA SER D 212 1.04 -11.49 70.21
C SER D 212 0.13 -10.25 70.04
N ILE D 213 -0.04 -9.81 68.80
CA ILE D 213 -0.88 -8.65 68.52
C ILE D 213 -2.33 -8.92 68.88
N ALA D 214 -2.83 -10.08 68.50
CA ALA D 214 -4.21 -10.44 68.74
C ALA D 214 -4.48 -10.59 70.24
N GLU D 215 -3.57 -11.28 70.93
CA GLU D 215 -3.73 -11.47 72.37
C GLU D 215 -3.77 -10.13 73.07
N ALA D 216 -2.90 -9.21 72.67
CA ALA D 216 -2.84 -7.89 73.28
C ALA D 216 -4.14 -7.13 73.04
N ALA D 217 -4.66 -7.22 71.82
CA ALA D 217 -5.87 -6.50 71.44
C ALA D 217 -7.06 -6.94 72.28
N PHE D 218 -7.28 -8.24 72.38
CA PHE D 218 -8.43 -8.76 73.10
C PHE D 218 -8.30 -8.57 74.61
N ASN D 219 -7.07 -8.70 75.11
CA ASN D 219 -6.83 -8.57 76.54
C ASN D 219 -6.90 -7.11 76.99
N LYS D 220 -6.69 -6.19 76.06
CA LYS D 220 -6.82 -4.76 76.36
C LYS D 220 -8.26 -4.28 76.16
N GLY D 221 -9.09 -5.13 75.59
CA GLY D 221 -10.48 -4.81 75.33
C GLY D 221 -10.68 -3.97 74.08
N GLU D 222 -9.75 -4.11 73.13
CA GLU D 222 -9.81 -3.36 71.87
C GLU D 222 -10.60 -4.12 70.79
N THR D 223 -10.65 -5.44 70.91
CA THR D 223 -11.43 -6.26 69.97
C THR D 223 -12.43 -7.12 70.74
N ALA D 224 -13.54 -7.43 70.10
CA ALA D 224 -14.66 -8.13 70.75
C ALA D 224 -14.43 -9.63 70.86
N MET D 225 -13.71 -10.19 69.90
CA MET D 225 -13.49 -11.64 69.86
C MET D 225 -12.06 -11.99 69.45
N THR D 226 -11.69 -13.24 69.74
CA THR D 226 -10.41 -13.79 69.32
C THR D 226 -10.56 -15.29 69.23
N ILE D 227 -9.59 -15.96 68.63
CA ILE D 227 -9.61 -17.42 68.53
C ILE D 227 -8.32 -17.99 69.11
N ASN D 228 -8.44 -18.82 70.14
CA ASN D 228 -7.27 -19.25 70.88
C ASN D 228 -7.44 -20.55 71.66
N GLY D 229 -6.31 -21.14 72.04
CA GLY D 229 -6.30 -22.33 72.87
C GLY D 229 -6.51 -21.98 74.33
N PRO D 230 -6.69 -23.01 75.18
CA PRO D 230 -6.93 -22.77 76.60
C PRO D 230 -5.78 -22.05 77.27
N TRP D 231 -4.58 -22.36 76.78
CA TRP D 231 -3.38 -21.86 77.41
C TRP D 231 -3.52 -20.37 77.57
N ALA D 232 -4.26 -19.74 76.66
CA ALA D 232 -4.40 -18.30 76.69
C ALA D 232 -5.21 -17.84 77.90
N TRP D 233 -6.23 -18.61 78.25
CA TRP D 233 -7.16 -18.26 79.31
C TRP D 233 -6.47 -17.56 80.48
N SER D 234 -5.40 -18.17 80.97
CA SER D 234 -4.62 -17.61 82.08
C SER D 234 -4.40 -16.11 81.91
N ASN D 235 -3.79 -15.71 80.80
CA ASN D 235 -3.46 -14.31 80.59
C ASN D 235 -4.68 -13.41 80.49
N ILE D 236 -5.82 -13.99 80.08
CA ILE D 236 -7.05 -13.25 79.98
C ILE D 236 -7.64 -13.08 81.38
N ASP D 237 -7.31 -14.00 82.28
CA ASP D 237 -7.77 -13.89 83.67
C ASP D 237 -7.13 -12.68 84.30
N THR D 238 -5.84 -12.48 84.01
CA THR D 238 -5.07 -11.39 84.58
C THR D 238 -5.52 -10.04 84.04
N SER D 239 -5.96 -10.02 82.79
CA SER D 239 -6.38 -8.77 82.15
C SER D 239 -7.70 -8.27 82.71
N LYS D 240 -8.35 -9.13 83.51
CA LYS D 240 -9.62 -8.78 84.14
C LYS D 240 -10.75 -8.50 83.13
N VAL D 241 -10.51 -8.83 81.87
CA VAL D 241 -11.55 -8.74 80.85
C VAL D 241 -12.61 -9.80 81.13
N ASN D 242 -13.87 -9.42 80.98
CA ASN D 242 -14.97 -10.36 81.19
C ASN D 242 -15.16 -11.19 79.94
N TYR D 243 -14.76 -12.46 80.00
CA TYR D 243 -14.76 -13.28 78.79
C TYR D 243 -15.50 -14.59 78.94
N GLY D 244 -15.97 -15.09 77.80
CA GLY D 244 -16.62 -16.38 77.72
C GLY D 244 -15.99 -17.21 76.60
N VAL D 245 -16.00 -18.51 76.79
CA VAL D 245 -15.50 -19.44 75.78
C VAL D 245 -16.67 -20.22 75.22
N THR D 246 -16.81 -20.22 73.90
CA THR D 246 -17.97 -20.85 73.27
C THR D 246 -17.61 -21.48 71.93
N VAL D 247 -18.60 -22.14 71.33
CA VAL D 247 -18.44 -22.79 70.03
C VAL D 247 -18.03 -21.79 68.95
N LEU D 248 -17.21 -22.25 68.02
CA LEU D 248 -16.78 -21.42 66.90
C LEU D 248 -17.97 -21.14 65.97
N PRO D 249 -17.92 -20.00 65.25
CA PRO D 249 -19.00 -19.65 64.31
C PRO D 249 -19.11 -20.64 63.16
N THR D 250 -20.31 -20.82 62.63
CA THR D 250 -20.50 -21.69 61.48
C THR D 250 -20.25 -20.95 60.18
N PHE D 251 -19.71 -21.64 59.18
CA PHE D 251 -19.49 -21.06 57.86
C PHE D 251 -20.34 -21.80 56.84
N LYS D 252 -21.14 -21.04 56.08
CA LYS D 252 -22.03 -21.64 55.10
C LYS D 252 -22.96 -22.63 55.78
N GLY D 253 -23.30 -22.31 57.03
CA GLY D 253 -24.25 -23.09 57.79
C GLY D 253 -23.61 -24.28 58.50
N GLN D 254 -22.30 -24.43 58.36
CA GLN D 254 -21.62 -25.62 58.85
C GLN D 254 -20.57 -25.26 59.87
N PRO D 255 -20.33 -26.14 60.83
CA PRO D 255 -19.50 -25.79 61.98
C PRO D 255 -18.05 -25.67 61.57
N SER D 256 -17.29 -24.91 62.34
CA SER D 256 -15.87 -24.79 62.09
C SER D 256 -15.17 -26.03 62.64
N LYS D 257 -14.41 -26.69 61.78
CA LYS D 257 -13.74 -27.92 62.17
C LYS D 257 -12.25 -27.69 62.46
N PRO D 258 -11.94 -27.28 63.70
CA PRO D 258 -10.53 -27.08 64.05
C PRO D 258 -9.76 -28.39 63.98
N PHE D 259 -8.45 -28.33 63.81
CA PHE D 259 -7.63 -29.52 63.88
C PHE D 259 -7.21 -29.73 65.33
N VAL D 260 -7.82 -30.71 65.98
CA VAL D 260 -7.55 -30.97 67.39
C VAL D 260 -6.17 -31.59 67.56
N GLY D 261 -5.43 -31.08 68.53
CA GLY D 261 -4.12 -31.61 68.84
C GLY D 261 -4.16 -32.31 70.17
N VAL D 262 -3.18 -33.15 70.42
CA VAL D 262 -3.05 -33.79 71.72
C VAL D 262 -1.65 -33.52 72.25
N LEU D 263 -1.56 -32.62 73.22
CA LEU D 263 -0.28 -32.28 73.81
C LEU D 263 0.33 -33.54 74.39
N SER D 264 1.48 -33.93 73.86
CA SER D 264 2.10 -35.20 74.20
C SER D 264 3.57 -34.99 74.56
N ALA D 265 4.12 -35.94 75.31
CA ALA D 265 5.52 -35.91 75.71
C ALA D 265 6.30 -37.05 75.09
N GLY D 266 7.50 -36.73 74.62
CA GLY D 266 8.33 -37.71 73.94
C GLY D 266 9.68 -37.81 74.61
N ILE D 267 10.34 -38.93 74.38
CA ILE D 267 11.63 -39.23 74.97
C ILE D 267 12.68 -39.24 73.88
N ASN D 268 13.73 -38.44 74.04
CA ASN D 268 14.81 -38.47 73.08
C ASN D 268 15.47 -39.84 73.12
N ALA D 269 15.74 -40.41 71.96
CA ALA D 269 16.37 -41.72 71.91
C ALA D 269 17.87 -41.61 72.07
N ALA D 270 18.38 -40.39 72.20
CA ALA D 270 19.78 -40.17 72.48
C ALA D 270 19.99 -39.92 73.98
N SER D 271 18.95 -40.19 74.76
CA SER D 271 18.95 -39.85 76.18
C SER D 271 19.52 -40.96 77.05
N PRO D 272 20.51 -40.61 77.89
CA PRO D 272 20.99 -41.50 78.95
C PRO D 272 19.91 -41.78 79.98
N ASN D 273 19.03 -40.81 80.16
CA ASN D 273 18.13 -40.78 81.31
C ASN D 273 16.72 -41.27 81.03
N LYS D 274 16.56 -42.18 80.08
CA LYS D 274 15.23 -42.66 79.70
C LYS D 274 14.38 -43.13 80.88
N GLU D 275 14.91 -44.02 81.71
CA GLU D 275 14.11 -44.62 82.78
C GLU D 275 13.66 -43.55 83.76
N LEU D 276 14.58 -42.63 84.09
CA LEU D 276 14.24 -41.49 84.93
C LEU D 276 13.06 -40.74 84.32
N ALA D 277 13.09 -40.57 83.00
CA ALA D 277 12.03 -39.86 82.30
C ALA D 277 10.69 -40.57 82.43
N LYS D 278 10.69 -41.89 82.32
CA LYS D 278 9.46 -42.66 82.52
C LYS D 278 8.96 -42.44 83.93
N GLU D 279 9.89 -42.31 84.86
CA GLU D 279 9.55 -42.07 86.26
C GLU D 279 8.87 -40.71 86.44
N PHE D 280 9.41 -39.69 85.78
CA PHE D 280 8.93 -38.32 85.92
C PHE D 280 7.53 -38.15 85.31
N LEU D 281 7.43 -38.51 84.03
CA LEU D 281 6.17 -38.42 83.30
C LEU D 281 5.08 -39.31 83.89
N GLU D 282 5.44 -40.53 84.28
CA GLU D 282 4.43 -41.49 84.71
C GLU D 282 3.97 -41.29 86.14
N ASN D 283 4.91 -41.22 87.07
CA ASN D 283 4.55 -41.25 88.48
C ASN D 283 4.42 -39.87 89.11
N TYR D 284 4.81 -38.82 88.39
CA TYR D 284 4.76 -37.48 88.93
C TYR D 284 3.94 -36.49 88.08
N LEU D 285 4.28 -36.37 86.81
CA LEU D 285 3.59 -35.40 85.95
C LEU D 285 2.16 -35.82 85.64
N LEU D 286 1.97 -37.05 85.19
CA LEU D 286 0.63 -37.54 84.88
C LEU D 286 -0.10 -37.99 86.13
N THR D 287 -0.17 -37.08 87.10
CA THR D 287 -0.93 -37.31 88.32
C THR D 287 -1.73 -36.04 88.59
N ASP D 288 -2.72 -36.13 89.48
CA ASP D 288 -3.55 -34.99 89.82
C ASP D 288 -2.70 -33.79 90.23
N GLU D 289 -1.65 -34.04 90.99
CA GLU D 289 -0.83 -32.97 91.55
C GLU D 289 0.02 -32.29 90.48
N GLY D 290 0.73 -33.08 89.69
CA GLY D 290 1.55 -32.55 88.62
C GLY D 290 0.73 -31.83 87.56
N LEU D 291 -0.26 -32.52 87.00
CA LEU D 291 -1.16 -31.93 86.01
C LEU D 291 -1.77 -30.64 86.51
N GLU D 292 -2.31 -30.68 87.73
CA GLU D 292 -2.97 -29.52 88.31
C GLU D 292 -2.02 -28.33 88.40
N ALA D 293 -0.79 -28.58 88.83
CA ALA D 293 0.21 -27.53 88.96
C ALA D 293 0.48 -26.82 87.63
N VAL D 294 0.87 -27.61 86.64
CA VAL D 294 1.13 -27.07 85.31
C VAL D 294 -0.05 -26.28 84.77
N ASN D 295 -1.25 -26.77 85.02
CA ASN D 295 -2.47 -26.12 84.60
C ASN D 295 -2.68 -24.80 85.32
N LYS D 296 -2.29 -24.75 86.59
CA LYS D 296 -2.47 -23.55 87.39
C LYS D 296 -1.70 -22.49 86.66
N ASP D 297 -0.48 -22.84 86.27
CA ASP D 297 0.35 -21.93 85.50
C ASP D 297 -0.41 -21.52 84.23
N LYS D 298 -0.77 -22.49 83.41
CA LYS D 298 -1.51 -22.24 82.18
C LYS D 298 -2.38 -23.44 81.82
N PRO D 299 -3.68 -23.21 81.62
CA PRO D 299 -4.61 -24.31 81.33
C PRO D 299 -4.16 -25.19 80.19
N LEU D 300 -4.43 -26.49 80.30
CA LEU D 300 -4.03 -27.45 79.27
C LEU D 300 -5.22 -27.87 78.42
N GLY D 301 -6.40 -27.36 78.75
CA GLY D 301 -7.62 -27.83 78.13
C GLY D 301 -8.09 -29.11 78.79
N ALA D 302 -8.82 -29.92 78.04
CA ALA D 302 -9.21 -31.23 78.54
C ALA D 302 -7.95 -32.08 78.69
N VAL D 303 -7.96 -33.02 79.63
CA VAL D 303 -6.76 -33.80 79.92
C VAL D 303 -7.01 -35.29 79.81
N ALA D 304 -5.94 -36.03 79.56
CA ALA D 304 -6.05 -37.46 79.28
C ALA D 304 -6.15 -38.29 80.56
N LEU D 305 -5.68 -37.75 81.67
CA LEU D 305 -5.76 -38.46 82.93
C LEU D 305 -7.20 -38.41 83.45
N LYS D 306 -7.91 -39.53 83.32
CA LYS D 306 -9.32 -39.59 83.67
C LYS D 306 -9.60 -38.94 85.02
N SER D 307 -8.69 -39.19 85.97
CA SER D 307 -8.84 -38.66 87.32
C SER D 307 -9.05 -37.15 87.37
N TYR D 308 -8.16 -36.41 86.72
CA TYR D 308 -8.22 -34.95 86.76
C TYR D 308 -9.30 -34.38 85.86
N GLU D 309 -9.63 -35.08 84.78
CA GLU D 309 -10.58 -34.57 83.81
C GLU D 309 -11.99 -34.46 84.38
N GLU D 310 -12.38 -35.38 85.26
CA GLU D 310 -13.72 -35.32 85.84
C GLU D 310 -13.92 -34.06 86.68
N GLU D 311 -12.86 -33.62 87.34
CA GLU D 311 -12.89 -32.35 88.04
C GLU D 311 -12.93 -31.20 87.04
N LEU D 312 -12.13 -31.32 85.98
CA LEU D 312 -12.00 -30.24 85.00
C LEU D 312 -12.99 -30.29 83.83
N ALA D 313 -13.77 -31.35 83.70
CA ALA D 313 -14.62 -31.51 82.53
C ALA D 313 -15.88 -30.66 82.64
N LYS D 314 -16.35 -30.50 83.88
CA LYS D 314 -17.56 -29.73 84.16
C LYS D 314 -17.43 -28.26 83.80
N ASP D 315 -16.24 -27.71 83.97
CA ASP D 315 -15.98 -26.30 83.67
C ASP D 315 -16.50 -25.94 82.28
N PRO D 316 -17.31 -24.87 82.20
CA PRO D 316 -17.96 -24.50 80.95
C PRO D 316 -16.98 -24.21 79.82
N ARG D 317 -15.82 -23.68 80.17
CA ARG D 317 -14.78 -23.40 79.18
C ARG D 317 -14.28 -24.71 78.57
N ILE D 318 -14.06 -25.71 79.42
CA ILE D 318 -13.62 -27.02 78.96
C ILE D 318 -14.70 -27.68 78.12
N ALA D 319 -15.95 -27.47 78.50
CA ALA D 319 -17.08 -28.01 77.76
C ALA D 319 -17.06 -27.48 76.33
N ALA D 320 -16.94 -26.16 76.20
CA ALA D 320 -16.90 -25.53 74.89
C ALA D 320 -15.65 -25.95 74.13
N THR D 321 -14.58 -26.22 74.87
CA THR D 321 -13.35 -26.71 74.28
C THR D 321 -13.60 -28.07 73.65
N MET D 322 -14.37 -28.90 74.34
CA MET D 322 -14.66 -30.25 73.87
C MET D 322 -15.74 -30.27 72.81
N GLU D 323 -16.59 -29.24 72.80
CA GLU D 323 -17.61 -29.12 71.77
C GLU D 323 -16.95 -28.81 70.44
N ASN D 324 -16.11 -27.78 70.43
CA ASN D 324 -15.32 -27.47 69.26
C ASN D 324 -14.47 -28.67 68.83
N ALA D 325 -13.81 -29.29 69.80
CA ALA D 325 -12.95 -30.44 69.52
C ALA D 325 -13.73 -31.57 68.89
N GLN D 326 -14.95 -31.77 69.35
CA GLN D 326 -15.79 -32.83 68.81
C GLN D 326 -16.18 -32.53 67.37
N LYS D 327 -16.56 -31.29 67.09
CA LYS D 327 -17.04 -30.91 65.76
C LYS D 327 -15.92 -30.90 64.75
N GLY D 328 -14.69 -30.76 65.23
CA GLY D 328 -13.51 -30.83 64.39
C GLY D 328 -12.94 -32.24 64.44
N GLU D 329 -11.89 -32.48 63.65
CA GLU D 329 -11.25 -33.79 63.61
C GLU D 329 -9.94 -33.77 64.39
N ILE D 330 -9.50 -34.94 64.81
CA ILE D 330 -8.21 -35.07 65.47
C ILE D 330 -7.11 -35.16 64.42
N MET D 331 -6.03 -34.41 64.63
CA MET D 331 -4.95 -34.34 63.66
C MET D 331 -4.36 -35.72 63.37
N PRO D 332 -3.99 -35.96 62.12
CA PRO D 332 -3.19 -37.15 61.81
C PRO D 332 -1.80 -36.98 62.41
N ASN D 333 -1.11 -38.07 62.70
CA ASN D 333 0.23 -37.98 63.26
C ASN D 333 1.30 -38.34 62.24
N ILE D 334 0.87 -38.75 61.04
CA ILE D 334 1.78 -39.20 59.99
C ILE D 334 2.86 -38.15 59.73
N PRO D 335 3.97 -38.56 59.10
CA PRO D 335 5.12 -37.68 58.88
C PRO D 335 4.82 -36.52 57.93
N GLN D 336 3.85 -36.70 57.04
CA GLN D 336 3.55 -35.70 56.02
C GLN D 336 2.99 -34.41 56.61
N MET D 337 2.39 -34.52 57.80
CA MET D 337 1.71 -33.40 58.43
C MET D 337 2.54 -32.11 58.34
N SER D 338 3.79 -32.16 58.79
CA SER D 338 4.63 -30.98 58.78
C SER D 338 4.60 -30.28 57.41
N ALA D 339 4.71 -31.08 56.34
CA ALA D 339 4.74 -30.54 54.99
C ALA D 339 3.41 -29.84 54.70
N PHE D 340 2.32 -30.54 55.02
CA PHE D 340 0.99 -29.98 54.87
C PHE D 340 0.88 -28.61 55.53
N TRP D 341 1.19 -28.55 56.82
CA TRP D 341 1.10 -27.32 57.57
C TRP D 341 1.83 -26.17 56.88
N TYR D 342 3.01 -26.46 56.36
CA TYR D 342 3.85 -25.44 55.74
C TYR D 342 3.23 -24.95 54.43
N ALA D 343 2.74 -25.89 53.63
CA ALA D 343 2.04 -25.54 52.40
C ALA D 343 0.91 -24.58 52.72
N VAL D 344 0.08 -24.95 53.69
CA VAL D 344 -1.08 -24.16 54.06
C VAL D 344 -0.68 -22.82 54.65
N ARG D 345 0.37 -22.80 55.47
CA ARG D 345 0.81 -21.56 56.08
C ARG D 345 1.13 -20.54 55.00
N THR D 346 1.90 -20.97 54.02
CA THR D 346 2.31 -20.10 52.93
C THR D 346 1.09 -19.62 52.13
N ALA D 347 0.14 -20.53 51.91
CA ALA D 347 -1.05 -20.22 51.13
C ALA D 347 -1.86 -19.14 51.81
N VAL D 348 -2.14 -19.34 53.11
CA VAL D 348 -2.95 -18.39 53.86
C VAL D 348 -2.31 -17.01 53.87
N ILE D 349 -1.03 -16.96 54.21
CA ILE D 349 -0.31 -15.69 54.23
C ILE D 349 -0.43 -15.02 52.87
N ASN D 350 0.06 -15.68 51.83
CA ASN D 350 0.05 -15.12 50.47
C ASN D 350 -1.34 -14.69 50.01
N ALA D 351 -2.36 -15.43 50.42
CA ALA D 351 -3.73 -15.12 50.02
C ALA D 351 -4.27 -13.93 50.80
N ALA D 352 -3.74 -13.75 52.01
CA ALA D 352 -4.20 -12.69 52.88
C ALA D 352 -3.49 -11.39 52.52
N SER D 353 -2.20 -11.50 52.23
CA SER D 353 -1.41 -10.36 51.81
C SER D 353 -1.90 -9.89 50.44
N GLY D 354 -2.42 -10.82 49.66
CA GLY D 354 -2.82 -10.54 48.31
C GLY D 354 -1.70 -10.81 47.32
N ARG D 355 -0.65 -11.46 47.77
CA ARG D 355 0.45 -11.85 46.90
C ARG D 355 -0.06 -12.76 45.79
N GLN D 356 -0.89 -13.72 46.16
CA GLN D 356 -1.48 -14.65 45.21
C GLN D 356 -2.98 -14.61 45.37
N THR D 357 -3.69 -15.07 44.33
CA THR D 357 -5.12 -15.29 44.45
C THR D 357 -5.33 -16.50 45.34
N VAL D 358 -6.54 -16.63 45.88
CA VAL D 358 -6.84 -17.74 46.78
C VAL D 358 -6.67 -19.05 46.04
N ASP D 359 -7.11 -19.10 44.79
CA ASP D 359 -7.05 -20.33 44.01
C ASP D 359 -5.61 -20.73 43.72
N ALA D 360 -4.80 -19.79 43.27
CA ALA D 360 -3.39 -20.09 42.97
C ALA D 360 -2.63 -20.51 44.22
N ALA D 361 -2.95 -19.91 45.35
CA ALA D 361 -2.27 -20.20 46.61
C ALA D 361 -2.57 -21.62 47.08
N LEU D 362 -3.85 -21.97 47.08
CA LEU D 362 -4.27 -23.28 47.55
C LEU D 362 -3.82 -24.38 46.59
N ALA D 363 -3.70 -24.03 45.31
CA ALA D 363 -3.20 -24.94 44.31
C ALA D 363 -1.74 -25.29 44.61
N ALA D 364 -0.93 -24.25 44.80
CA ALA D 364 0.48 -24.44 45.11
C ALA D 364 0.63 -25.19 46.44
N ALA D 365 -0.30 -24.95 47.35
CA ALA D 365 -0.26 -25.61 48.64
C ALA D 365 -0.43 -27.11 48.48
N GLN D 366 -1.41 -27.52 47.69
CA GLN D 366 -1.68 -28.95 47.50
C GLN D 366 -0.54 -29.64 46.77
N THR D 367 0.03 -28.94 45.78
CA THR D 367 1.18 -29.46 45.05
C THR D 367 2.39 -29.68 45.97
N ASN D 368 2.65 -28.71 46.84
CA ASN D 368 3.88 -28.74 47.65
C ASN D 368 3.76 -29.50 48.95
N ALA D 369 2.54 -29.72 49.41
CA ALA D 369 2.31 -30.45 50.64
C ALA D 369 2.73 -31.92 50.48
N ALA D 370 3.02 -32.32 49.26
CA ALA D 370 3.39 -33.70 48.97
C ALA D 370 4.70 -33.80 48.18
N ALA D 371 5.58 -32.82 48.36
CA ALA D 371 6.88 -32.81 47.67
C ALA D 371 8.03 -32.76 48.65
N PRO D 372 8.52 -33.93 49.06
CA PRO D 372 9.50 -34.07 50.15
C PRO D 372 10.85 -33.40 49.91
N GLY D 373 11.37 -33.47 48.69
CA GLY D 373 12.66 -32.85 48.40
C GLY D 373 12.58 -31.36 48.66
N LEU D 374 11.53 -30.76 48.09
CA LEU D 374 11.25 -29.36 48.33
C LEU D 374 11.19 -29.11 49.83
N HIS D 375 10.51 -30.00 50.55
CA HIS D 375 10.31 -29.82 51.99
C HIS D 375 11.60 -29.81 52.79
N ALA D 376 12.52 -30.72 52.48
CA ALA D 376 13.77 -30.80 53.21
C ALA D 376 14.64 -29.58 52.98
N ILE D 377 14.73 -29.16 51.71
CA ILE D 377 15.42 -27.92 51.41
C ILE D 377 14.77 -26.79 52.19
N TYR D 378 13.44 -26.80 52.26
CA TYR D 378 12.69 -25.77 52.98
C TYR D 378 13.05 -25.82 54.46
N GLY D 379 13.36 -27.02 54.94
CA GLY D 379 13.79 -27.17 56.31
C GLY D 379 15.05 -26.35 56.53
N GLU D 380 16.05 -26.59 55.71
CA GLU D 380 17.30 -25.84 55.80
C GLU D 380 17.05 -24.35 55.73
N CYS D 381 16.12 -23.98 54.86
CA CYS D 381 15.81 -22.58 54.64
C CYS D 381 15.24 -21.94 55.90
N ARG D 382 14.43 -22.70 56.63
CA ARG D 382 13.83 -22.21 57.86
C ARG D 382 14.88 -22.05 58.93
N ARG D 383 15.83 -22.98 58.96
CA ARG D 383 16.91 -22.92 59.93
C ARG D 383 17.64 -21.57 59.90
N LEU D 384 18.11 -21.16 58.72
CA LEU D 384 18.78 -19.86 58.57
C LEU D 384 17.86 -18.65 58.62
N TYR D 385 16.64 -18.80 58.13
CA TYR D 385 15.72 -17.65 58.03
C TYR D 385 14.37 -17.86 58.70
N PRO D 386 14.40 -18.20 60.00
CA PRO D 386 13.17 -18.37 60.77
C PRO D 386 12.34 -17.11 60.75
N ASP D 387 13.03 -15.99 60.56
CA ASP D 387 12.40 -14.68 60.48
C ASP D 387 11.60 -14.49 59.19
N GLN D 388 11.83 -15.37 58.21
CA GLN D 388 11.16 -15.24 56.93
C GLN D 388 10.55 -16.56 56.47
N PRO D 389 9.32 -16.85 56.93
CA PRO D 389 8.63 -18.07 56.51
C PRO D 389 8.24 -18.03 55.05
N ASN D 390 8.04 -16.84 54.51
CA ASN D 390 7.52 -16.71 53.16
C ASN D 390 8.19 -15.60 52.36
N PRO D 391 9.38 -15.88 51.83
CA PRO D 391 10.17 -14.95 51.02
C PRO D 391 9.51 -14.69 49.69
N LEU D 392 9.94 -13.65 48.99
CA LEU D 392 9.51 -13.44 47.62
C LEU D 392 10.03 -14.62 46.80
N GLN D 393 9.19 -15.16 45.95
CA GLN D 393 9.53 -16.40 45.26
C GLN D 393 9.07 -16.36 43.81
N VAL D 394 9.99 -16.61 42.89
CA VAL D 394 9.70 -16.70 41.47
C VAL D 394 9.29 -18.13 41.12
N THR D 395 8.17 -18.28 40.44
CA THR D 395 7.70 -19.60 40.03
C THR D 395 7.57 -19.71 38.51
N ALA D 396 8.04 -20.82 37.95
CA ALA D 396 7.83 -21.11 36.55
C ALA D 396 6.42 -21.66 36.35
N ILE D 397 5.56 -20.89 35.70
CA ILE D 397 4.16 -21.28 35.52
C ILE D 397 4.06 -22.49 34.59
N VAL D 398 4.93 -22.54 33.60
CA VAL D 398 5.00 -23.70 32.72
C VAL D 398 6.08 -24.65 33.23
N LYS D 399 5.65 -25.70 33.91
CA LYS D 399 6.57 -26.66 34.51
C LYS D 399 7.45 -27.35 33.48
N TYR D 400 8.70 -27.60 33.86
CA TYR D 400 9.71 -28.17 32.97
C TYR D 400 9.28 -29.52 32.41
N TRP D 401 8.77 -30.38 33.28
CA TRP D 401 8.43 -31.74 32.88
C TRP D 401 7.19 -31.79 31.99
N LEU D 402 6.57 -30.63 31.78
CA LEU D 402 5.45 -30.52 30.86
C LEU D 402 5.86 -29.77 29.62
N GLY D 403 7.18 -29.73 29.36
CA GLY D 403 7.71 -29.08 28.18
C GLY D 403 8.23 -27.69 28.43
N GLY D 404 8.11 -27.21 29.66
CA GLY D 404 8.52 -25.87 30.00
C GLY D 404 9.99 -25.62 29.70
N PRO D 405 10.36 -24.37 29.44
CA PRO D 405 11.75 -23.98 29.18
C PRO D 405 12.57 -23.85 30.47
N ASP D 406 11.93 -23.42 31.56
CA ASP D 406 12.64 -23.15 32.80
C ASP D 406 12.65 -24.39 33.70
N PRO D 407 13.83 -24.99 33.90
CA PRO D 407 13.95 -26.22 34.69
C PRO D 407 13.87 -25.98 36.20
N LEU D 408 14.11 -24.76 36.64
CA LEU D 408 13.98 -24.44 38.06
C LEU D 408 12.54 -24.09 38.41
N ASP D 409 11.88 -25.00 39.12
CA ASP D 409 10.50 -24.83 39.51
C ASP D 409 10.30 -23.57 40.34
N TYR D 410 11.16 -23.39 41.33
CA TYR D 410 11.08 -22.21 42.20
C TYR D 410 12.46 -21.59 42.44
N VAL D 411 12.47 -20.28 42.65
CA VAL D 411 13.67 -19.60 43.10
C VAL D 411 13.30 -18.62 44.21
N SER D 412 13.67 -18.97 45.44
CA SER D 412 13.32 -18.16 46.60
C SER D 412 14.34 -17.06 46.77
N MET D 413 13.89 -15.91 47.28
CA MET D 413 14.75 -14.74 47.38
C MET D 413 14.66 -14.11 48.77
N TYR D 414 15.78 -14.18 49.50
CA TYR D 414 15.82 -13.82 50.91
C TYR D 414 16.56 -12.53 51.16
N ARG D 415 16.23 -11.88 52.28
CA ARG D 415 17.01 -10.75 52.75
C ARG D 415 18.01 -11.23 53.79
N ASN D 416 19.30 -11.07 53.50
CA ASN D 416 20.33 -11.41 54.46
C ASN D 416 21.06 -10.14 54.90
N VAL D 417 20.83 -9.76 56.17
CA VAL D 417 21.37 -8.50 56.68
C VAL D 417 22.87 -8.58 56.95
N GLY D 418 23.44 -9.76 56.78
CA GLY D 418 24.86 -9.93 56.94
C GLY D 418 25.33 -9.59 58.33
N SER D 419 26.62 -9.26 58.43
CA SER D 419 27.24 -8.91 59.70
C SER D 419 28.35 -7.92 59.46
N PRO D 420 28.13 -6.66 59.85
CA PRO D 420 29.14 -5.63 59.61
C PRO D 420 30.46 -5.88 60.34
N SER D 421 30.43 -6.63 61.43
CA SER D 421 31.66 -6.96 62.15
C SER D 421 32.54 -7.88 61.33
N ALA D 422 31.93 -8.85 60.66
CA ALA D 422 32.67 -9.79 59.83
C ALA D 422 32.98 -9.16 58.47
N ASN D 423 32.54 -7.93 58.28
CA ASN D 423 32.71 -7.24 57.01
C ASN D 423 31.96 -7.97 55.89
N ILE D 424 30.70 -8.26 56.15
CA ILE D 424 29.80 -8.85 55.16
C ILE D 424 28.63 -7.92 54.88
N PRO D 425 28.53 -7.46 53.62
CA PRO D 425 27.49 -6.49 53.27
C PRO D 425 26.11 -7.11 53.37
N GLU D 426 25.09 -6.28 53.56
CA GLU D 426 23.70 -6.71 53.46
C GLU D 426 23.42 -7.11 52.02
N HIS D 427 22.76 -8.25 51.82
CA HIS D 427 22.57 -8.76 50.46
C HIS D 427 21.33 -9.66 50.31
N TRP D 428 21.02 -10.01 49.07
CA TRP D 428 19.91 -10.89 48.75
C TRP D 428 20.42 -12.29 48.47
N HIS D 429 19.77 -13.30 49.05
CA HIS D 429 20.21 -14.68 48.92
C HIS D 429 19.19 -15.48 48.09
N TYR D 430 19.57 -15.84 46.88
CA TYR D 430 18.72 -16.62 45.99
C TYR D 430 19.01 -18.10 46.16
N ILE D 431 17.96 -18.90 46.32
CA ILE D 431 18.07 -20.37 46.37
C ILE D 431 17.17 -20.98 45.31
N SER D 432 17.67 -22.01 44.63
CA SER D 432 16.92 -22.61 43.52
C SER D 432 16.31 -23.95 43.93
N PHE D 433 15.25 -24.35 43.21
CA PHE D 433 14.61 -25.63 43.45
C PHE D 433 14.23 -26.30 42.12
N GLY D 434 14.76 -27.49 41.89
CA GLY D 434 14.48 -28.21 40.67
C GLY D 434 15.62 -29.13 40.27
N LEU D 435 16.85 -28.63 40.38
CA LEU D 435 18.02 -29.43 40.08
C LEU D 435 18.03 -30.70 40.94
N SER D 436 17.77 -30.55 42.23
CA SER D 436 17.53 -31.70 43.10
C SER D 436 16.21 -32.35 42.75
N ASP D 437 16.02 -33.59 43.21
CA ASP D 437 14.77 -34.29 43.00
C ASP D 437 13.77 -33.83 44.05
N LEU D 438 12.85 -32.94 43.64
CA LEU D 438 11.89 -32.35 44.55
C LEU D 438 10.70 -33.28 44.86
N TYR D 439 10.22 -33.98 43.84
CA TYR D 439 8.99 -34.74 43.95
C TYR D 439 9.23 -36.26 44.01
N GLY D 440 10.35 -36.69 43.43
CA GLY D 440 10.77 -38.08 43.55
C GLY D 440 9.81 -39.08 42.93
N ASP D 441 9.29 -38.75 41.76
CA ASP D 441 8.38 -39.64 41.05
C ASP D 441 8.78 -39.79 39.58
N ASN D 442 10.06 -39.60 39.31
CA ASN D 442 10.60 -39.82 37.95
C ASN D 442 10.07 -38.82 36.92
N ARG D 443 9.37 -37.79 37.38
CA ARG D 443 8.82 -36.81 36.46
C ARG D 443 9.93 -35.97 35.81
N VAL D 444 10.98 -35.67 36.57
CA VAL D 444 12.13 -34.96 36.02
C VAL D 444 13.44 -35.68 36.31
N HIS D 445 13.56 -36.25 37.50
CA HIS D 445 14.80 -36.91 37.91
C HIS D 445 14.56 -38.37 38.22
N GLU D 446 15.44 -39.22 37.70
CA GLU D 446 15.34 -40.65 37.95
C GLU D 446 15.64 -40.95 39.41
N PHE D 447 14.67 -41.52 40.10
CA PHE D 447 14.85 -41.91 41.50
C PHE D 447 16.09 -42.80 41.65
N THR D 448 16.91 -42.48 42.65
CA THR D 448 18.12 -43.25 42.91
C THR D 448 18.16 -43.82 44.33
N GLY D 449 17.25 -43.35 45.18
CA GLY D 449 17.26 -43.74 46.58
C GLY D 449 17.93 -42.70 47.46
N THR D 450 17.85 -42.91 48.78
CA THR D 450 18.47 -41.98 49.72
C THR D 450 19.97 -41.90 49.45
N ASP D 451 20.66 -43.04 49.51
CA ASP D 451 22.08 -43.06 49.21
C ASP D 451 22.31 -42.54 47.79
N GLY D 452 23.36 -41.73 47.64
CA GLY D 452 23.64 -41.11 46.37
C GLY D 452 22.96 -39.76 46.25
N PRO D 453 23.33 -38.97 45.23
CA PRO D 453 22.84 -37.61 45.06
C PRO D 453 21.35 -37.56 44.70
N SER D 454 20.66 -36.55 45.22
CA SER D 454 19.28 -36.30 44.84
C SER D 454 19.28 -35.48 43.57
N GLY D 455 18.68 -36.03 42.51
CA GLY D 455 18.76 -35.40 41.21
C GLY D 455 20.21 -35.15 40.86
N PHE D 456 20.51 -33.92 40.48
CA PHE D 456 21.89 -33.55 40.24
C PHE D 456 22.63 -33.41 41.57
N GLY D 457 21.88 -33.53 42.66
CA GLY D 457 22.48 -33.62 43.98
C GLY D 457 22.86 -32.28 44.58
N PHE D 458 22.53 -31.20 43.89
CA PHE D 458 22.81 -29.88 44.43
C PHE D 458 21.76 -28.88 43.96
N GLU D 459 21.75 -27.70 44.59
CA GLU D 459 20.93 -26.59 44.12
C GLU D 459 21.79 -25.35 44.02
N LEU D 460 21.40 -24.41 43.17
CA LEU D 460 22.15 -23.17 43.01
C LEU D 460 21.73 -22.13 44.03
N THR D 461 22.69 -21.32 44.47
CA THR D 461 22.39 -20.16 45.29
C THR D 461 23.16 -18.98 44.74
N PHE D 462 22.84 -17.78 45.22
CA PHE D 462 23.51 -16.57 44.76
C PHE D 462 23.41 -15.49 45.83
N ARG D 463 24.43 -14.64 45.93
CA ARG D 463 24.39 -13.54 46.91
C ARG D 463 24.69 -12.19 46.27
N LEU D 464 23.64 -11.38 46.12
CA LEU D 464 23.77 -10.11 45.42
C LEU D 464 23.75 -8.93 46.39
N LYS D 465 24.87 -8.21 46.48
CA LYS D 465 24.96 -7.05 47.36
C LYS D 465 23.74 -6.14 47.19
N ARG D 466 23.07 -5.84 48.29
CA ARG D 466 21.90 -4.97 48.23
C ARG D 466 22.32 -3.53 48.00
N GLU D 467 21.77 -2.93 46.94
CA GLU D 467 22.03 -1.53 46.63
C GLU D 467 21.17 -0.63 47.52
N THR D 468 21.49 0.65 47.54
CA THR D 468 20.75 1.59 48.38
C THR D 468 19.34 1.76 47.84
N GLY D 469 18.39 1.90 48.75
CA GLY D 469 17.01 2.16 48.38
C GLY D 469 16.33 1.00 47.68
N GLU D 470 16.93 -0.18 47.76
CA GLU D 470 16.31 -1.39 47.23
C GLU D 470 15.36 -1.97 48.27
N SER D 471 14.07 -1.85 48.02
CA SER D 471 13.06 -2.37 48.94
C SER D 471 12.96 -3.88 48.84
N ALA D 472 13.11 -4.39 47.62
CA ALA D 472 12.94 -5.80 47.36
C ALA D 472 14.09 -6.31 46.50
N PRO D 473 14.30 -7.64 46.50
CA PRO D 473 15.35 -8.24 45.68
C PRO D 473 15.00 -8.25 44.19
N PRO D 474 15.94 -7.85 43.33
CA PRO D 474 15.72 -7.94 41.88
C PRO D 474 15.54 -9.38 41.42
N THR D 475 14.87 -9.59 40.28
CA THR D 475 14.53 -10.94 39.85
C THR D 475 15.48 -11.52 38.79
N TRP D 476 16.34 -10.69 38.23
CA TRP D 476 17.18 -11.15 37.13
C TRP D 476 18.07 -12.34 37.53
N PRO D 477 18.51 -12.40 38.79
CA PRO D 477 19.32 -13.55 39.20
C PRO D 477 18.59 -14.87 39.04
N ALA D 478 17.26 -14.83 39.08
CA ALA D 478 16.46 -16.03 38.88
C ALA D 478 16.60 -16.49 37.44
N GLU D 479 16.54 -15.55 36.51
CA GLU D 479 16.70 -15.85 35.09
C GLU D 479 18.09 -16.42 34.81
N LEU D 480 19.10 -15.81 35.42
CA LEU D 480 20.47 -16.30 35.31
C LEU D 480 20.54 -17.74 35.77
N MET D 481 19.94 -18.01 36.92
CA MET D 481 19.95 -19.36 37.47
C MET D 481 19.22 -20.34 36.56
N GLN D 482 18.17 -19.87 35.88
CA GLN D 482 17.47 -20.72 34.93
C GLN D 482 18.40 -21.11 33.80
N GLY D 483 19.16 -20.13 33.29
CA GLY D 483 20.11 -20.39 32.23
C GLY D 483 21.09 -21.47 32.62
N LEU D 484 21.79 -21.24 33.74
CA LEU D 484 22.75 -22.22 34.25
C LEU D 484 22.11 -23.58 34.43
N ALA D 485 20.87 -23.58 34.89
CA ALA D 485 20.15 -24.82 35.14
C ALA D 485 19.92 -25.56 33.82
N ARG D 486 19.62 -24.82 32.76
CA ARG D 486 19.37 -25.45 31.47
C ARG D 486 20.65 -26.13 31.01
N TYR D 487 21.74 -25.38 31.03
CA TYR D 487 23.05 -25.89 30.66
C TYR D 487 23.33 -27.20 31.39
N VAL D 488 23.05 -27.20 32.68
CA VAL D 488 23.27 -28.36 33.53
C VAL D 488 22.42 -29.56 33.07
N PHE D 489 21.17 -29.30 32.70
CA PHE D 489 20.29 -30.38 32.26
C PHE D 489 20.70 -30.93 30.90
N GLN D 490 21.29 -30.10 30.05
CA GLN D 490 21.78 -30.57 28.76
C GLN D 490 22.88 -31.60 28.92
N SER D 491 23.85 -31.27 29.77
CA SER D 491 25.10 -32.03 29.80
C SER D 491 25.08 -33.19 30.78
N GLU D 492 24.06 -33.29 31.62
CA GLU D 492 23.97 -34.48 32.44
C GLU D 492 25.23 -34.55 33.31
N ASN D 493 25.89 -33.41 33.46
CA ASN D 493 27.12 -33.32 34.22
C ASN D 493 26.96 -32.33 35.35
N THR D 494 27.36 -32.72 36.56
CA THR D 494 27.26 -31.85 37.71
C THR D 494 28.40 -30.85 37.75
N PHE D 495 28.20 -29.83 38.57
CA PHE D 495 29.23 -28.85 38.89
C PHE D 495 29.82 -29.20 40.24
N CYS D 496 31.04 -28.77 40.48
CA CYS D 496 31.71 -28.99 41.75
C CYS D 496 32.29 -27.68 42.22
N SER D 497 32.39 -27.52 43.53
CA SER D 497 33.04 -26.33 44.08
C SER D 497 34.40 -26.18 43.41
N GLY D 498 34.61 -25.03 42.79
CA GLY D 498 35.86 -24.75 42.11
C GLY D 498 35.68 -24.53 40.62
N ASP D 499 34.66 -25.17 40.05
CA ASP D 499 34.40 -25.03 38.62
C ASP D 499 34.13 -23.57 38.24
N HIS D 500 34.43 -23.24 36.99
CA HIS D 500 34.18 -21.92 36.45
C HIS D 500 33.15 -22.02 35.34
N VAL D 501 32.60 -20.89 34.94
CA VAL D 501 31.62 -20.86 33.86
C VAL D 501 31.77 -19.64 32.98
N SER D 502 32.28 -19.86 31.76
CA SER D 502 32.44 -18.77 30.80
C SER D 502 31.06 -18.30 30.33
N TRP D 503 30.77 -17.03 30.55
CA TRP D 503 29.46 -16.47 30.22
C TRP D 503 29.58 -15.37 29.15
N HIS D 504 30.73 -14.70 29.13
CA HIS D 504 31.02 -13.70 28.11
C HIS D 504 29.93 -12.65 28.01
N SER D 505 29.29 -12.34 29.13
CA SER D 505 28.23 -11.36 29.14
C SER D 505 27.91 -10.90 30.56
N PRO D 506 27.73 -9.59 30.75
CA PRO D 506 27.34 -9.05 32.06
C PRO D 506 26.13 -9.79 32.61
N LEU D 507 26.27 -10.34 33.80
CA LEU D 507 25.29 -11.28 34.34
C LEU D 507 23.88 -10.70 34.42
N ASP D 508 23.78 -9.39 34.66
CA ASP D 508 22.49 -8.75 34.86
C ASP D 508 22.05 -7.91 33.66
N ASN D 509 22.57 -8.24 32.48
CA ASN D 509 22.22 -7.50 31.27
C ASN D 509 22.52 -6.02 31.43
N SER D 510 23.60 -5.73 32.14
CA SER D 510 24.03 -4.36 32.37
C SER D 510 25.44 -4.18 31.79
N GLU D 511 26.03 -3.01 32.02
CA GLU D 511 27.39 -2.76 31.58
C GLU D 511 28.41 -3.17 32.64
N SER D 512 27.99 -3.98 33.61
CA SER D 512 28.91 -4.44 34.64
C SER D 512 30.11 -5.15 34.06
N ARG D 513 31.19 -5.16 34.85
CA ARG D 513 32.40 -5.85 34.48
C ARG D 513 32.35 -7.31 34.92
N ILE D 514 31.29 -7.65 35.64
CA ILE D 514 31.10 -9.00 36.14
C ILE D 514 30.39 -9.82 35.07
N GLN D 515 31.18 -10.49 34.22
CA GLN D 515 30.64 -11.17 33.04
C GLN D 515 30.81 -12.68 33.06
N HIS D 516 31.23 -13.22 34.20
CA HIS D 516 31.49 -14.65 34.31
C HIS D 516 31.12 -15.16 35.69
N MET D 517 31.35 -16.44 35.92
CA MET D 517 30.95 -17.05 37.18
C MET D 517 31.94 -18.11 37.67
N LEU D 518 32.11 -18.16 38.99
CA LEU D 518 32.83 -19.24 39.64
C LEU D 518 31.88 -19.90 40.61
N LEU D 519 32.13 -21.18 40.94
CA LEU D 519 31.22 -21.90 41.82
C LEU D 519 31.90 -22.37 43.10
N THR D 520 31.26 -22.09 44.24
CA THR D 520 31.78 -22.49 45.54
C THR D 520 30.65 -22.96 46.43
N GLU D 521 30.98 -23.68 47.50
CA GLU D 521 29.97 -24.12 48.46
C GLU D 521 29.34 -22.91 49.11
N ASP D 522 28.03 -22.94 49.29
CA ASP D 522 27.37 -21.86 49.99
C ASP D 522 27.94 -21.81 51.40
N PRO D 523 28.38 -20.63 51.83
CA PRO D 523 29.10 -20.51 53.11
C PRO D 523 28.27 -20.84 54.35
N GLN D 524 26.94 -20.73 54.25
CA GLN D 524 26.08 -20.94 55.40
C GLN D 524 25.30 -22.27 55.27
N MET D 525 24.78 -22.55 54.08
CA MET D 525 23.81 -23.62 53.91
C MET D 525 24.45 -24.98 54.03
N GLN D 526 24.00 -25.76 54.98
CA GLN D 526 24.54 -27.09 55.20
C GLN D 526 23.74 -28.09 54.38
N PRO D 527 24.44 -29.05 53.76
CA PRO D 527 23.77 -30.05 52.93
C PRO D 527 22.69 -30.83 53.68
N VAL D 528 21.66 -31.26 52.95
CA VAL D 528 20.50 -31.90 53.57
C VAL D 528 20.25 -33.32 53.08
N GLN D 529 19.64 -34.14 53.91
CA GLN D 529 19.33 -35.49 53.53
C GLN D 529 17.86 -35.67 53.21
N THR D 530 17.58 -36.19 52.03
CA THR D 530 16.19 -36.26 51.55
C THR D 530 15.85 -37.67 51.10
N PRO D 531 14.59 -38.05 51.24
CA PRO D 531 14.23 -39.41 50.93
C PRO D 531 14.72 -39.81 49.56
N PHE D 532 15.00 -38.84 48.71
CA PHE D 532 15.53 -39.11 47.40
C PHE D 532 16.97 -38.80 47.19
N GLY D 533 17.73 -38.57 48.24
CA GLY D 533 19.15 -38.32 48.07
C GLY D 533 19.71 -37.22 48.96
N VAL D 534 20.89 -36.73 48.60
CA VAL D 534 21.58 -35.71 49.36
C VAL D 534 21.77 -34.48 48.50
N VAL D 535 21.47 -33.31 49.07
CA VAL D 535 21.54 -32.06 48.33
C VAL D 535 22.52 -31.09 48.97
N THR D 536 23.55 -30.71 48.22
CA THR D 536 24.45 -29.65 48.66
C THR D 536 24.03 -28.36 47.95
N PHE D 537 24.71 -27.26 48.27
CA PHE D 537 24.34 -25.98 47.70
C PHE D 537 25.54 -25.24 47.12
N LEU D 538 25.52 -25.06 45.81
CA LEU D 538 26.60 -24.37 45.11
C LEU D 538 26.24 -22.93 44.87
N GLN D 539 26.95 -22.03 45.54
CA GLN D 539 26.78 -20.60 45.33
C GLN D 539 27.50 -20.12 44.06
N ILE D 540 26.87 -19.17 43.39
CA ILE D 540 27.42 -18.53 42.21
C ILE D 540 28.17 -17.28 42.65
N VAL D 541 29.34 -17.05 42.05
CA VAL D 541 30.13 -15.87 42.37
C VAL D 541 30.51 -15.13 41.10
N GLY D 542 30.06 -13.88 40.99
CA GLY D 542 30.31 -13.10 39.81
C GLY D 542 31.75 -12.65 39.78
N VAL D 543 32.39 -12.78 38.63
CA VAL D 543 33.79 -12.41 38.48
C VAL D 543 34.05 -11.69 37.15
N CYS D 544 35.22 -11.07 37.05
CA CYS D 544 35.62 -10.37 35.84
C CYS D 544 36.35 -11.31 34.91
N THR D 545 36.52 -10.90 33.65
CA THR D 545 37.12 -11.78 32.67
C THR D 545 38.51 -12.15 33.13
N GLU D 546 39.19 -11.19 33.73
CA GLU D 546 40.54 -11.38 34.21
C GLU D 546 40.62 -12.39 35.37
N GLU D 547 39.68 -12.29 36.30
CA GLU D 547 39.66 -13.21 37.43
C GLU D 547 39.31 -14.61 36.96
N LEU D 548 38.46 -14.69 35.94
CA LEU D 548 38.12 -15.96 35.32
C LEU D 548 39.34 -16.58 34.69
N HIS D 549 40.15 -15.73 34.07
CA HIS D 549 41.30 -16.20 33.35
C HIS D 549 42.29 -16.75 34.34
N SER D 550 42.36 -16.09 35.49
CA SER D 550 43.29 -16.51 36.51
C SER D 550 42.89 -17.86 37.02
N ALA D 551 41.58 -18.06 37.12
CA ALA D 551 41.05 -19.31 37.61
C ALA D 551 41.38 -20.43 36.65
N GLN D 552 41.34 -20.11 35.36
CA GLN D 552 41.64 -21.09 34.33
C GLN D 552 43.10 -21.48 34.35
N GLN D 553 43.94 -20.49 34.65
CA GLN D 553 45.39 -20.63 34.55
C GLN D 553 45.94 -21.30 35.79
N TRP D 554 45.36 -20.99 36.94
CA TRP D 554 45.76 -21.59 38.21
C TRP D 554 44.74 -22.63 38.64
N ASN D 555 43.74 -22.20 39.40
CA ASN D 555 42.58 -23.05 39.67
C ASN D 555 41.49 -22.27 40.41
N GLY D 556 40.30 -22.86 40.49
CA GLY D 556 39.15 -22.18 41.07
C GLY D 556 39.30 -21.86 42.55
N GLN D 557 39.70 -22.85 43.33
CA GLN D 557 39.79 -22.70 44.78
C GLN D 557 40.68 -21.53 45.16
N GLY D 558 41.78 -21.37 44.41
CA GLY D 558 42.73 -20.30 44.69
C GLY D 558 42.10 -18.94 44.51
N ILE D 559 41.49 -18.72 43.35
CA ILE D 559 40.88 -17.45 43.03
C ILE D 559 39.74 -17.17 43.99
N LEU D 560 39.09 -18.22 44.49
CA LEU D 560 38.01 -18.04 45.45
C LEU D 560 38.56 -17.46 46.76
N GLU D 561 39.66 -17.99 47.25
CA GLU D 561 40.24 -17.43 48.47
C GLU D 561 40.64 -16.01 48.27
N LEU D 562 41.32 -15.73 47.21
CA LEU D 562 41.68 -14.34 46.93
C LEU D 562 40.45 -13.45 46.99
N LEU D 563 39.35 -13.92 46.39
CA LEU D 563 38.11 -13.16 46.40
C LEU D 563 37.61 -12.97 47.84
N ARG D 564 37.87 -13.96 48.69
CA ARG D 564 37.47 -13.85 50.10
C ARG D 564 38.31 -12.84 50.86
N THR D 565 39.59 -12.74 50.51
CA THR D 565 40.46 -11.78 51.17
C THR D 565 40.08 -10.34 50.86
N VAL D 566 39.64 -10.09 49.63
CA VAL D 566 39.16 -8.77 49.26
C VAL D 566 37.66 -8.73 49.49
N PRO D 567 37.19 -7.72 50.21
CA PRO D 567 35.79 -7.68 50.62
C PRO D 567 34.85 -7.13 49.56
N ILE D 568 35.29 -6.08 48.87
CA ILE D 568 34.45 -5.43 47.89
C ILE D 568 34.24 -6.30 46.66
N ALA D 569 35.02 -7.37 46.56
CA ALA D 569 34.94 -8.29 45.42
C ALA D 569 34.25 -9.60 45.82
N GLY D 570 33.76 -9.67 47.06
CA GLY D 570 33.12 -10.87 47.54
C GLY D 570 33.13 -10.96 49.06
N GLY D 571 34.34 -10.99 49.62
CA GLY D 571 34.49 -11.13 51.06
C GLY D 571 34.32 -12.57 51.50
N PRO D 572 34.26 -12.81 52.82
CA PRO D 572 34.19 -14.17 53.34
C PRO D 572 33.00 -14.97 52.84
N TRP D 573 31.91 -14.28 52.52
CA TRP D 573 30.74 -14.96 52.02
C TRP D 573 30.60 -14.85 50.52
N LEU D 574 31.59 -14.21 49.89
CA LEU D 574 31.60 -14.13 48.44
C LEU D 574 30.31 -13.56 47.87
N ILE D 575 29.99 -12.35 48.30
CA ILE D 575 28.89 -11.60 47.74
C ILE D 575 29.27 -11.00 46.40
N THR D 576 28.37 -11.07 45.44
CA THR D 576 28.61 -10.46 44.13
C THR D 576 28.11 -9.02 44.11
N ASP D 577 29.00 -8.10 43.71
CA ASP D 577 28.63 -6.71 43.56
C ASP D 577 28.77 -6.29 42.10
N MET D 578 27.64 -6.18 41.42
CA MET D 578 27.64 -5.99 39.97
C MET D 578 28.28 -4.67 39.58
N ARG D 579 28.29 -3.71 40.51
CA ARG D 579 28.80 -2.38 40.24
C ARG D 579 30.31 -2.30 40.41
N ARG D 580 30.90 -3.39 40.87
CA ARG D 580 32.34 -3.44 41.04
C ARG D 580 33.03 -3.09 39.73
N GLY D 581 33.98 -2.17 39.79
CA GLY D 581 34.66 -1.66 38.61
C GLY D 581 36.12 -2.06 38.49
N GLU D 582 36.63 -2.74 39.51
CA GLU D 582 38.02 -3.15 39.51
C GLU D 582 38.17 -4.66 39.68
N THR D 583 39.22 -5.21 39.07
CA THR D 583 39.58 -6.61 39.32
C THR D 583 40.29 -6.64 40.66
N ILE D 584 40.38 -7.82 41.25
CA ILE D 584 41.08 -7.96 42.53
C ILE D 584 42.57 -7.67 42.37
N PHE D 585 43.03 -7.66 41.12
CA PHE D 585 44.44 -7.39 40.83
C PHE D 585 44.71 -5.90 40.69
N GLU D 586 43.74 -5.17 40.15
CA GLU D 586 43.84 -3.72 40.09
C GLU D 586 43.72 -3.16 41.50
N ILE D 587 43.02 -3.90 42.36
CA ILE D 587 42.86 -3.50 43.76
C ILE D 587 44.10 -3.86 44.58
N ASP D 588 44.79 -4.93 44.18
CA ASP D 588 45.97 -5.39 44.90
C ASP D 588 46.91 -6.24 44.04
N PRO D 589 47.99 -5.62 43.53
CA PRO D 589 48.95 -6.27 42.64
C PRO D 589 49.65 -7.47 43.28
N HIS D 590 49.90 -7.37 44.58
CA HIS D 590 50.62 -8.39 45.31
C HIS D 590 49.83 -9.65 45.14
N LEU D 591 48.52 -9.50 45.10
CA LEU D 591 47.64 -10.65 44.90
C LEU D 591 48.06 -11.38 43.64
N GLN D 592 48.31 -10.61 42.57
CA GLN D 592 48.80 -11.20 41.33
C GLN D 592 50.03 -12.02 41.65
N GLU D 593 50.99 -11.42 42.33
CA GLU D 593 52.18 -12.16 42.72
C GLU D 593 51.79 -13.50 43.35
N ARG D 594 50.82 -13.47 44.26
CA ARG D 594 50.38 -14.67 44.97
C ARG D 594 49.84 -15.74 44.02
N VAL D 595 49.14 -15.30 42.97
CA VAL D 595 48.65 -16.21 41.95
C VAL D 595 49.81 -16.90 41.26
N ASP D 596 50.83 -16.13 40.90
CA ASP D 596 52.03 -16.69 40.26
C ASP D 596 52.65 -17.79 41.10
N LYS D 597 52.87 -17.49 42.38
CA LYS D 597 53.44 -18.47 43.28
C LYS D 597 52.59 -19.74 43.32
N GLY D 598 51.28 -19.55 43.34
CA GLY D 598 50.35 -20.68 43.36
C GLY D 598 50.50 -21.59 42.16
N ILE D 599 50.57 -21.00 40.98
CA ILE D 599 50.77 -21.78 39.77
C ILE D 599 52.05 -22.56 39.93
N GLU D 600 53.07 -21.89 40.45
CA GLU D 600 54.40 -22.46 40.59
C GLU D 600 54.38 -23.71 41.44
N THR D 601 53.61 -23.67 42.54
CA THR D 601 53.57 -24.81 43.46
C THR D 601 52.44 -25.81 43.21
N ASP D 602 51.44 -25.42 42.42
CA ASP D 602 50.29 -26.28 42.19
C ASP D 602 50.23 -26.81 40.76
N GLY D 603 50.96 -26.16 39.86
CA GLY D 603 50.81 -26.45 38.44
C GLY D 603 49.64 -25.68 37.88
N SER D 604 49.40 -25.80 36.59
CA SER D 604 48.34 -25.04 35.94
C SER D 604 47.23 -26.00 35.50
N ASN D 605 45.99 -25.51 35.51
CA ASN D 605 44.87 -26.31 35.04
C ASN D 605 44.64 -26.11 33.54
N LEU D 606 45.42 -25.20 32.95
CA LEU D 606 45.24 -24.83 31.56
C LEU D 606 46.01 -25.79 30.65
N SER D 607 45.31 -26.71 30.00
CA SER D 607 45.97 -27.73 29.19
C SER D 607 46.42 -27.19 27.83
N GLY D 608 45.91 -26.04 27.44
CA GLY D 608 46.20 -25.50 26.12
C GLY D 608 45.45 -24.21 25.82
N VAL D 609 45.80 -23.59 24.70
CA VAL D 609 45.11 -22.39 24.27
C VAL D 609 45.08 -22.28 22.76
N SER D 610 44.04 -21.64 22.24
CA SER D 610 44.00 -21.27 20.83
C SER D 610 44.54 -19.87 20.69
N ALA D 611 45.55 -19.70 19.84
CA ALA D 611 46.14 -18.38 19.66
C ALA D 611 46.93 -18.30 18.36
N LYS D 612 47.38 -17.11 18.00
CA LYS D 612 48.09 -16.99 16.75
C LYS D 612 49.49 -17.48 16.98
N CYS D 613 49.81 -18.53 16.27
CA CYS D 613 51.11 -19.17 16.43
C CYS D 613 51.42 -20.03 15.21
N ALA D 614 52.68 -20.43 15.07
CA ALA D 614 53.11 -21.18 13.90
C ALA D 614 54.47 -21.82 14.10
N TRP D 615 54.72 -22.89 13.36
CA TRP D 615 56.02 -23.53 13.36
C TRP D 615 56.36 -23.97 11.95
N ASP D 616 57.61 -24.33 11.71
CA ASP D 616 58.09 -24.58 10.35
C ASP D 616 57.76 -25.99 9.84
N ASP D 617 56.82 -26.05 8.91
CA ASP D 617 56.30 -27.34 8.46
C ASP D 617 56.49 -27.49 6.95
N LEU D 618 56.47 -28.73 6.48
CA LEU D 618 56.75 -29.04 5.07
C LEU D 618 58.08 -28.44 4.66
N ILE D 626 49.99 -39.33 5.64
CA ILE D 626 50.71 -38.56 6.65
C ILE D 626 51.71 -39.43 7.40
N ARG D 627 52.94 -38.93 7.50
CA ARG D 627 53.99 -39.63 8.24
C ARG D 627 54.27 -38.92 9.56
N THR D 628 55.15 -39.50 10.36
CA THR D 628 55.65 -38.82 11.55
C THR D 628 57.09 -38.43 11.32
N ARG D 629 57.31 -37.17 10.95
CA ARG D 629 58.64 -36.69 10.65
C ARG D 629 59.41 -36.51 11.97
N GLN D 630 60.73 -36.60 11.90
CA GLN D 630 61.57 -36.23 13.03
C GLN D 630 62.47 -35.08 12.58
N LEU D 631 62.56 -34.06 13.42
CA LEU D 631 63.29 -32.85 13.07
C LEU D 631 64.38 -32.61 14.08
N GLU D 632 65.51 -32.05 13.64
CA GLU D 632 66.57 -31.70 14.57
C GLU D 632 66.58 -30.19 14.82
N SER D 633 65.94 -29.44 13.93
CA SER D 633 65.80 -28.01 14.13
C SER D 633 64.31 -27.66 14.13
N VAL D 634 63.94 -26.67 14.94
CA VAL D 634 62.56 -26.23 15.05
C VAL D 634 62.52 -24.74 15.31
N HIS D 635 61.64 -24.04 14.61
CA HIS D 635 61.48 -22.61 14.81
C HIS D 635 60.02 -22.32 15.10
N LEU D 636 59.75 -21.90 16.33
CA LEU D 636 58.38 -21.60 16.73
C LEU D 636 58.12 -20.11 16.57
N LYS D 637 56.89 -19.77 16.21
CA LYS D 637 56.51 -18.38 16.08
C LYS D 637 55.21 -18.06 16.81
N PHE D 638 55.19 -16.94 17.52
CA PHE D 638 54.04 -16.60 18.37
C PHE D 638 53.59 -15.15 18.23
N ASN D 639 52.36 -14.93 18.65
CA ASN D 639 51.75 -13.64 18.89
C ASN D 639 52.30 -13.13 20.23
N GLN D 640 52.13 -11.86 20.55
CA GLN D 640 52.52 -11.38 21.88
C GLN D 640 51.60 -11.99 22.93
N GLU D 641 50.33 -12.10 22.58
CA GLU D 641 49.33 -12.65 23.49
C GLU D 641 49.64 -14.11 23.82
N SER D 642 50.06 -14.86 22.80
CA SER D 642 50.36 -16.27 22.98
C SER D 642 51.76 -16.47 23.54
N GLY D 643 52.66 -15.56 23.20
CA GLY D 643 54.02 -15.60 23.69
C GLY D 643 54.05 -15.37 25.19
N ALA D 644 53.13 -14.55 25.68
CA ALA D 644 53.05 -14.26 27.11
C ALA D 644 52.69 -15.50 27.94
N LEU D 645 52.23 -16.55 27.27
CA LEU D 645 51.82 -17.77 27.97
C LEU D 645 52.94 -18.80 28.09
N ILE D 646 54.06 -18.55 27.42
CA ILE D 646 55.16 -19.51 27.43
C ILE D 646 55.65 -19.83 28.85
N PRO D 647 55.85 -18.80 29.68
CA PRO D 647 56.23 -19.08 31.07
C PRO D 647 55.21 -19.99 31.77
N LEU D 648 53.92 -19.75 31.54
CA LEU D 648 52.88 -20.60 32.12
C LEU D 648 53.05 -22.03 31.62
N CYS D 649 53.32 -22.16 30.32
CA CYS D 649 53.48 -23.46 29.70
C CYS D 649 54.63 -24.21 30.35
N LEU D 650 55.75 -23.51 30.52
CA LEU D 650 56.97 -24.13 31.04
C LEU D 650 56.88 -24.33 32.56
N ARG D 651 56.80 -23.24 33.30
CA ARG D 651 56.76 -23.32 34.76
C ARG D 651 55.45 -23.93 35.26
N GLY D 652 54.34 -23.55 34.64
CA GLY D 652 53.04 -23.99 35.08
C GLY D 652 52.69 -25.43 34.77
N ARG D 653 53.25 -25.98 33.70
CA ARG D 653 52.88 -27.33 33.29
C ARG D 653 54.04 -28.31 33.09
N LEU D 654 55.02 -27.95 32.26
CA LEU D 654 56.13 -28.86 32.00
C LEU D 654 56.84 -29.26 33.29
N LEU D 655 57.06 -28.28 34.17
CA LEU D 655 57.73 -28.54 35.44
C LEU D 655 56.90 -29.45 36.34
N HIS D 656 55.63 -29.60 36.00
CA HIS D 656 54.73 -30.48 36.76
C HIS D 656 54.40 -31.73 35.97
N GLY D 657 55.26 -32.07 35.01
CA GLY D 657 55.09 -33.27 34.24
C GLY D 657 53.84 -33.27 33.36
N ARG D 658 53.38 -32.07 32.99
CA ARG D 658 52.19 -31.92 32.18
C ARG D 658 52.53 -31.32 30.82
N HIS D 659 51.64 -31.53 29.85
CA HIS D 659 51.84 -31.05 28.49
C HIS D 659 51.22 -29.66 28.33
N PHE D 660 51.37 -29.08 27.15
CA PHE D 660 50.63 -27.86 26.82
C PHE D 660 50.57 -27.64 25.31
N THR D 661 49.36 -27.39 24.81
CA THR D 661 49.12 -27.32 23.36
C THR D 661 48.67 -25.95 22.91
N TYR D 662 49.46 -25.33 22.04
CA TYR D 662 49.03 -24.17 21.27
C TYR D 662 48.37 -24.64 19.99
N LYS D 663 47.16 -24.18 19.71
CA LYS D 663 46.50 -24.47 18.45
C LYS D 663 46.32 -23.22 17.62
N SER D 664 46.62 -23.34 16.34
CA SER D 664 46.58 -22.20 15.43
C SER D 664 45.15 -21.88 15.03
N ILE D 665 44.76 -20.65 15.25
CA ILE D 665 43.47 -20.21 14.86
C ILE D 665 43.32 -20.26 13.37
N THR D 666 44.38 -19.90 12.67
CA THR D 666 44.36 -19.66 11.24
C THR D 666 44.90 -20.84 10.49
N GLY D 667 45.01 -21.95 11.15
CA GLY D 667 45.72 -23.06 10.57
C GLY D 667 45.32 -24.41 11.08
N ASP D 668 45.96 -25.43 10.54
CA ASP D 668 45.86 -26.74 11.11
C ASP D 668 47.10 -27.02 11.95
N MET D 669 47.97 -26.04 12.12
CA MET D 669 49.19 -26.27 12.88
C MET D 669 48.91 -26.40 14.37
N ALA D 670 49.82 -27.07 15.07
CA ALA D 670 49.70 -27.23 16.51
C ALA D 670 51.08 -27.47 17.10
N ILE D 671 51.30 -26.99 18.31
CA ILE D 671 52.57 -27.13 18.98
C ILE D 671 52.30 -27.62 20.38
N THR D 672 52.76 -28.83 20.71
CA THR D 672 52.59 -29.31 22.06
C THR D 672 53.92 -29.51 22.76
N PHE D 673 54.12 -28.70 23.80
CA PHE D 673 55.25 -28.85 24.69
C PHE D 673 54.99 -30.04 25.59
N VAL D 674 55.98 -30.92 25.66
CA VAL D 674 55.87 -32.14 26.43
C VAL D 674 57.07 -32.22 27.37
N SER D 675 56.82 -32.58 28.61
CA SER D 675 57.85 -32.74 29.61
C SER D 675 58.35 -34.16 29.64
N THR D 676 59.47 -34.37 30.30
CA THR D 676 60.02 -35.71 30.42
C THR D 676 59.02 -36.60 31.15
N GLY D 677 58.90 -37.84 30.71
CA GLY D 677 58.03 -38.79 31.39
C GLY D 677 56.58 -38.80 30.96
N VAL D 678 56.21 -38.00 29.97
CA VAL D 678 54.84 -37.99 29.48
C VAL D 678 54.56 -39.25 28.71
N GLU D 679 53.30 -39.61 28.54
CA GLU D 679 52.99 -40.83 27.84
C GLU D 679 52.23 -40.52 26.55
N GLY D 680 52.42 -41.36 25.55
CA GLY D 680 51.67 -41.24 24.32
C GLY D 680 52.28 -40.29 23.29
N ALA D 681 53.27 -39.52 23.72
CA ALA D 681 53.95 -38.59 22.82
C ALA D 681 54.89 -39.33 21.88
N PHE D 682 54.98 -38.85 20.63
CA PHE D 682 55.91 -39.42 19.68
C PHE D 682 57.23 -38.63 19.68
N ALA D 683 57.38 -37.75 20.66
CA ALA D 683 58.63 -37.04 20.87
C ALA D 683 59.39 -37.73 21.99
N THR D 684 60.60 -38.16 21.68
CA THR D 684 61.39 -38.94 22.56
C THR D 684 62.58 -38.15 22.91
N GLU D 685 63.26 -38.52 23.99
CA GLU D 685 64.43 -37.76 24.45
C GLU D 685 65.46 -37.88 23.34
N GLU D 686 65.51 -39.08 22.76
CA GLU D 686 66.46 -39.41 21.71
C GLU D 686 66.20 -38.50 20.54
N HIS D 687 64.92 -38.21 20.30
CA HIS D 687 64.48 -37.28 19.26
C HIS D 687 63.42 -36.32 19.74
N PRO D 688 63.81 -35.24 20.42
CA PRO D 688 62.82 -34.39 21.07
C PRO D 688 61.81 -33.77 20.16
N TYR D 689 62.19 -33.38 18.97
CA TYR D 689 61.26 -32.71 18.07
C TYR D 689 60.76 -33.67 17.00
N ALA D 690 59.46 -33.89 16.98
CA ALA D 690 58.85 -34.71 15.95
C ALA D 690 57.48 -34.13 15.60
N ALA D 691 57.01 -34.38 14.39
CA ALA D 691 55.68 -33.90 14.01
C ALA D 691 54.90 -34.92 13.20
N HIS D 692 53.62 -35.08 13.54
CA HIS D 692 52.71 -35.89 12.73
C HIS D 692 51.81 -34.93 11.97
N GLY D 693 52.04 -34.82 10.67
CA GLY D 693 51.41 -33.77 9.91
C GLY D 693 51.85 -32.46 10.51
N PRO D 694 50.92 -31.52 10.58
CA PRO D 694 51.19 -30.16 11.05
C PRO D 694 51.22 -30.07 12.55
N TRP D 695 51.02 -31.21 13.21
CA TRP D 695 50.99 -31.22 14.65
C TRP D 695 52.36 -31.54 15.18
N LEU D 696 52.90 -30.63 15.98
CA LEU D 696 54.26 -30.78 16.42
C LEU D 696 54.33 -30.99 17.92
N GLN D 697 55.12 -31.99 18.30
CA GLN D 697 55.44 -32.22 19.70
C GLN D 697 56.93 -31.99 19.91
N ILE D 698 57.29 -31.20 20.92
CA ILE D 698 58.69 -31.02 21.30
C ILE D 698 58.88 -31.30 22.79
N LEU D 699 59.80 -32.21 23.09
CA LEU D 699 60.05 -32.63 24.46
C LEU D 699 61.21 -31.85 25.06
N LEU D 700 60.98 -31.25 26.22
CA LEU D 700 62.01 -30.46 26.89
C LEU D 700 62.38 -31.04 28.24
N THR D 701 63.68 -31.07 28.52
CA THR D 701 64.20 -31.46 29.81
C THR D 701 63.96 -30.36 30.82
N GLU D 702 63.89 -30.73 32.09
CA GLU D 702 63.60 -29.77 33.13
C GLU D 702 64.66 -28.68 33.20
N GLU D 703 65.91 -29.08 33.07
CA GLU D 703 67.03 -28.16 33.19
C GLU D 703 66.98 -27.08 32.12
N PHE D 704 66.71 -27.53 30.90
CA PHE D 704 66.63 -26.65 29.76
C PHE D 704 65.44 -25.74 29.89
N VAL D 705 64.39 -26.28 30.49
CA VAL D 705 63.17 -25.53 30.67
C VAL D 705 63.50 -24.37 31.56
N GLU D 706 64.33 -24.64 32.57
CA GLU D 706 64.74 -23.65 33.53
C GLU D 706 65.58 -22.56 32.88
N LYS D 707 66.44 -22.89 31.95
CA LYS D 707 67.18 -21.82 31.31
C LYS D 707 66.27 -20.90 30.56
N MET D 708 65.34 -21.55 29.90
CA MET D 708 64.50 -20.94 28.92
C MET D 708 63.72 -19.90 29.66
N LEU D 709 63.29 -20.27 30.84
CA LEU D 709 62.60 -19.35 31.67
C LEU D 709 63.50 -18.23 32.03
N GLU D 710 64.75 -18.57 32.23
CA GLU D 710 65.72 -17.56 32.64
C GLU D 710 65.85 -16.50 31.57
N ASP D 711 65.81 -16.93 30.32
CA ASP D 711 66.10 -16.05 29.21
C ASP D 711 64.94 -15.31 28.63
N LEU D 712 63.77 -15.45 29.23
CA LEU D 712 62.59 -14.81 28.70
C LEU D 712 62.04 -13.79 29.67
N GLU D 713 62.30 -12.53 29.40
CA GLU D 713 61.72 -11.47 30.21
C GLU D 713 60.71 -10.74 29.38
N ASP D 714 59.46 -10.73 29.84
CA ASP D 714 58.37 -10.12 29.11
C ASP D 714 57.17 -9.92 30.04
N LEU D 723 58.96 -6.11 20.10
CA LEU D 723 58.64 -6.94 18.93
C LEU D 723 59.10 -6.27 17.64
N PRO D 724 59.66 -7.08 16.73
CA PRO D 724 59.90 -8.52 16.89
C PRO D 724 60.88 -8.84 18.01
N LYS D 725 60.68 -9.97 18.67
CA LYS D 725 61.60 -10.45 19.71
C LYS D 725 62.16 -11.79 19.29
N GLU D 726 63.48 -11.95 19.38
CA GLU D 726 64.13 -13.16 18.90
C GLU D 726 64.86 -13.92 20.00
N TYR D 727 64.73 -15.25 19.98
CA TYR D 727 65.43 -16.10 20.91
C TYR D 727 66.06 -17.25 20.15
N SER D 728 67.24 -17.68 20.59
CA SER D 728 67.96 -18.75 19.92
C SER D 728 68.66 -19.66 20.93
N TRP D 729 68.80 -20.91 20.55
CA TRP D 729 69.53 -21.87 21.34
C TRP D 729 70.27 -22.75 20.35
N PRO D 730 71.21 -23.55 20.83
CA PRO D 730 71.90 -24.38 19.85
C PRO D 730 70.94 -25.21 19.04
N GLU D 731 69.95 -25.80 19.70
CA GLU D 731 68.91 -26.60 19.04
C GLU D 731 67.85 -25.82 18.26
N LYS D 732 67.35 -24.74 18.84
CA LYS D 732 66.05 -24.22 18.46
C LYS D 732 65.85 -22.71 18.55
N LYS D 733 65.02 -22.18 17.66
CA LYS D 733 64.76 -20.75 17.59
C LYS D 733 63.32 -20.42 17.90
N LEU D 734 63.11 -19.28 18.56
CA LEU D 734 61.76 -18.82 18.90
C LEU D 734 61.56 -17.35 18.51
N LYS D 735 60.37 -17.04 17.99
CA LYS D 735 60.07 -15.67 17.58
C LYS D 735 58.76 -15.21 18.20
N VAL D 736 58.71 -13.94 18.57
CA VAL D 736 57.49 -13.30 19.01
C VAL D 736 57.22 -12.15 18.05
N SER D 737 56.03 -12.14 17.45
CA SER D 737 55.74 -11.40 16.24
C SER D 737 54.38 -10.76 16.37
N ILE D 738 53.98 -9.95 15.38
CA ILE D 738 52.75 -9.17 15.51
C ILE D 738 51.61 -9.44 14.50
N LEU D 739 51.76 -9.03 13.25
CA LEU D 739 50.77 -9.31 12.21
C LEU D 739 51.22 -10.13 10.99
N PRO D 740 52.38 -10.75 11.01
CA PRO D 740 52.67 -11.65 9.92
C PRO D 740 51.61 -12.70 9.90
N ASP D 741 51.05 -12.99 11.05
CA ASP D 741 50.03 -14.01 11.14
C ASP D 741 48.75 -13.57 10.41
N VAL D 742 48.27 -12.36 10.69
CA VAL D 742 47.01 -11.88 10.10
C VAL D 742 47.04 -11.50 8.63
N VAL D 743 48.16 -10.95 8.18
CA VAL D 743 48.31 -10.49 6.81
C VAL D 743 49.61 -10.98 6.20
N PHE D 744 49.63 -12.21 5.73
CA PHE D 744 50.83 -12.75 5.11
C PHE D 744 51.15 -11.99 3.83
N ASP D 745 52.43 -11.75 3.56
CA ASP D 745 52.84 -11.12 2.32
C ASP D 745 52.40 -11.99 1.16
N SER D 746 52.57 -13.30 1.32
CA SER D 746 52.29 -14.21 0.24
C SER D 746 51.60 -15.46 0.77
#